data_5XVN
#
_entry.id   5XVN
#
_cell.length_a   160.711
_cell.length_b   160.711
_cell.length_c   187.965
_cell.angle_alpha   90.00
_cell.angle_beta   90.00
_cell.angle_gamma   90.00
#
_symmetry.space_group_name_H-M   'P 41'
#
loop_
_entity.id
_entity.type
_entity.pdbx_description
1 polymer 'CRISPR-associated endonuclease Cas1'
2 polymer 'CRISPR-associated endoribonuclease Cas2'
3 polymer 'DNA (28-MER)'
4 non-polymer 'MAGNESIUM ION'
5 water water
#
loop_
_entity_poly.entity_id
_entity_poly.type
_entity_poly.pdbx_seq_one_letter_code
_entity_poly.pdbx_strand_id
1 'polypeptide(L)'
;MGWRTVVVNKHSKLSYKNNHLVFKAIDHQELIHLSEIDVLLLETTDISLTTMLLKRLIDEKILVLFCDDKRLPIGKILPF
YGRHDSSLQLTRQLAWTEERKGQVWTAIIAQKITNQSLHLAQRDYGQKAAALLAMRAELRLFDPANREGHAARSYFNTLF
GNDFTREQENDINAGLNYGYTLLLSIFARELVQTGCFTQLGLKHANQFNDFNLASDLMEPFRPLVDQIIYENRKEAFPIM
KRKLFALFMNTYMYKKKQMFLTNIATDYTKHVVKVLNQEEEGVPEFGI
;
A,B,C,D,I,J,K,L
2 'polypeptide(L)'
;MSYRYMRLLLMFDMPTDTASDRKAYRKFRKFLINEGFIMHQFSVYSKILLNDTANKAMLARLKQNNPQRGLITLLNVTEK
QFSRMIYLHGEQDNRVANSDERIVFLGEE
;
E,F,M,N
3 'polydeoxyribonucleotide'
;(DT)(DT)(DC)(DG)(DT)(DA)(DG)(DC)(DT)(DG)(DA)(DG)(DG)(DC)(DC)(DT)(DC)(DA)(DG)(DC)
(DT)(DA)(DC)(DG)(DT)(DT)(DC)(DC)
;
G,H,O,P
#
loop_
_chem_comp.id
_chem_comp.type
_chem_comp.name
_chem_comp.formula
DA DNA linking 2'-DEOXYADENOSINE-5'-MONOPHOSPHATE 'C10 H14 N5 O6 P'
DC DNA linking 2'-DEOXYCYTIDINE-5'-MONOPHOSPHATE 'C9 H14 N3 O7 P'
DG DNA linking 2'-DEOXYGUANOSINE-5'-MONOPHOSPHATE 'C10 H14 N5 O7 P'
DT DNA linking THYMIDINE-5'-MONOPHOSPHATE 'C10 H15 N2 O8 P'
MG non-polymer 'MAGNESIUM ION' 'Mg 2'
#
# COMPACT_ATOMS: atom_id res chain seq x y z
N MET A 1 78.02 22.23 15.01
CA MET A 1 76.68 22.10 14.40
C MET A 1 76.43 23.20 13.40
N GLY A 2 75.87 22.73 12.32
CA GLY A 2 75.76 23.54 11.13
C GLY A 2 74.60 24.41 10.78
N TRP A 3 74.54 24.57 9.46
CA TRP A 3 73.66 25.53 8.79
C TRP A 3 72.90 25.01 7.58
N ARG A 4 73.48 24.04 6.88
CA ARG A 4 72.91 23.57 5.62
C ARG A 4 71.68 22.70 5.84
N THR A 5 70.64 22.98 5.07
CA THR A 5 69.51 22.09 4.95
C THR A 5 69.68 21.34 3.63
N VAL A 6 70.03 20.07 3.74
CA VAL A 6 70.36 19.25 2.57
C VAL A 6 69.16 18.47 2.11
N VAL A 7 68.59 18.84 0.99
CA VAL A 7 67.45 18.15 0.44
C VAL A 7 67.81 17.15 -0.67
N VAL A 8 67.36 15.92 -0.51
CA VAL A 8 67.62 14.86 -1.48
C VAL A 8 66.34 14.43 -2.19
N ASN A 9 66.33 14.42 -3.50
CA ASN A 9 65.15 13.92 -4.23
C ASN A 9 65.47 13.21 -5.56
N LYS A 10 66.75 12.93 -5.81
CA LYS A 10 67.16 12.09 -6.93
C LYS A 10 67.49 10.69 -6.47
N HIS A 11 67.15 9.71 -7.32
CA HIS A 11 67.55 8.32 -7.14
C HIS A 11 69.04 8.29 -6.81
N SER A 12 69.40 7.81 -5.64
CA SER A 12 70.75 8.02 -5.11
C SER A 12 71.13 7.09 -3.97
N LYS A 13 72.40 7.15 -3.58
CA LYS A 13 72.91 6.39 -2.46
C LYS A 13 73.74 7.22 -1.52
N LEU A 14 73.24 7.33 -0.29
CA LEU A 14 73.93 8.07 0.75
C LEU A 14 74.82 7.14 1.57
N SER A 15 76.03 7.59 1.86
CA SER A 15 76.98 6.83 2.69
C SER A 15 77.72 7.78 3.63
N TYR A 16 78.70 7.26 4.36
CA TYR A 16 79.55 8.08 5.21
C TYR A 16 81.01 7.77 4.95
N LYS A 17 81.82 8.82 4.96
CA LYS A 17 83.27 8.68 4.83
C LYS A 17 83.92 9.94 5.42
N ASN A 18 84.88 9.74 6.31
CA ASN A 18 85.69 10.85 6.87
C ASN A 18 84.90 12.09 7.22
N ASN A 19 84.02 11.98 8.19
CA ASN A 19 83.16 13.12 8.58
C ASN A 19 82.33 13.77 7.45
N HIS A 20 82.19 13.10 6.30
CA HIS A 20 81.34 13.62 5.25
C HIS A 20 80.16 12.71 4.96
N LEU A 21 79.06 13.34 4.63
CA LEU A 21 77.96 12.67 3.96
C LEU A 21 78.41 12.47 2.54
N VAL A 22 78.13 11.30 1.96
CA VAL A 22 78.52 11.01 0.59
C VAL A 22 77.29 10.72 -0.24
N PHE A 23 77.08 11.52 -1.26
CA PHE A 23 75.90 11.44 -2.10
C PHE A 23 76.32 10.97 -3.50
N LYS A 24 75.73 9.87 -3.98
CA LYS A 24 75.99 9.38 -5.33
C LYS A 24 74.62 9.03 -5.88
N ALA A 25 74.40 8.91 -7.18
CA ALA A 25 75.39 8.50 -8.15
C ALA A 25 75.11 9.07 -9.55
N ILE A 26 75.92 8.67 -10.53
CA ILE A 26 76.05 9.42 -11.80
C ILE A 26 74.65 9.60 -12.42
N ASP A 27 74.34 10.81 -12.91
CA ASP A 27 75.36 11.86 -13.30
C ASP A 27 76.21 12.44 -12.15
N HIS A 28 75.51 12.65 -11.04
CA HIS A 28 75.89 13.54 -9.94
C HIS A 28 76.58 12.82 -8.78
N GLN A 29 77.70 13.38 -8.27
CA GLN A 29 78.26 12.99 -6.98
C GLN A 29 78.62 14.21 -6.13
N GLU A 30 78.54 14.06 -4.81
CA GLU A 30 78.83 15.17 -3.88
C GLU A 30 79.26 14.72 -2.48
N LEU A 31 80.15 15.49 -1.89
CA LEU A 31 80.57 15.24 -0.49
C LEU A 31 80.23 16.47 0.29
N ILE A 32 79.69 16.28 1.48
CA ILE A 32 79.32 17.38 2.32
C ILE A 32 79.74 17.07 3.73
N HIS A 33 80.44 17.99 4.36
CA HIS A 33 80.95 17.77 5.70
C HIS A 33 79.84 17.88 6.76
N LEU A 34 79.70 16.86 7.60
CA LEU A 34 78.59 16.79 8.58
C LEU A 34 78.48 18.03 9.48
N SER A 35 79.60 18.56 9.92
CA SER A 35 79.62 19.82 10.70
C SER A 35 78.91 21.00 10.02
N GLU A 36 78.79 20.94 8.69
CA GLU A 36 78.02 21.97 7.95
C GLU A 36 76.51 21.72 7.88
N ILE A 37 76.08 20.53 8.26
CA ILE A 37 74.68 20.13 8.09
C ILE A 37 73.83 20.37 9.34
N ASP A 38 72.73 21.06 9.13
CA ASP A 38 71.73 21.31 10.18
C ASP A 38 70.61 20.29 10.06
N VAL A 39 70.18 20.07 8.81
CA VAL A 39 69.03 19.21 8.50
C VAL A 39 69.24 18.39 7.23
N LEU A 40 68.82 17.14 7.28
CA LEU A 40 68.82 16.26 6.12
C LEU A 40 67.41 15.82 5.83
N LEU A 41 66.86 16.25 4.70
CA LEU A 41 65.49 15.94 4.32
C LEU A 41 65.45 14.97 3.15
N LEU A 42 64.87 13.81 3.38
CA LEU A 42 64.81 12.73 2.39
C LEU A 42 63.42 12.76 1.75
N GLU A 43 63.35 13.52 0.67
CA GLU A 43 62.08 13.91 0.06
C GLU A 43 61.40 12.76 -0.67
N THR A 44 62.17 11.82 -1.19
CA THR A 44 61.62 10.80 -2.05
C THR A 44 61.87 9.36 -1.59
N THR A 45 61.22 8.45 -2.28
CA THR A 45 61.34 7.02 -2.05
C THR A 45 62.45 6.37 -2.90
N ASP A 46 63.13 7.18 -3.71
CA ASP A 46 64.25 6.78 -4.55
C ASP A 46 65.60 6.51 -3.88
N ILE A 47 65.75 7.05 -2.70
CA ILE A 47 67.03 7.09 -2.03
C ILE A 47 67.34 5.83 -1.25
N SER A 48 68.63 5.46 -1.22
CA SER A 48 69.11 4.40 -0.32
C SER A 48 70.24 4.91 0.58
N LEU A 49 70.23 4.49 1.84
CA LEU A 49 71.23 4.98 2.79
C LEU A 49 71.71 3.91 3.78
N THR A 50 72.80 4.18 4.50
CA THR A 50 73.46 3.20 5.36
C THR A 50 73.30 3.50 6.84
N THR A 51 73.22 2.45 7.66
CA THR A 51 73.12 2.61 9.12
C THR A 51 74.34 3.30 9.71
N MET A 52 75.48 3.16 9.02
CA MET A 52 76.70 3.84 9.43
C MET A 52 76.42 5.33 9.40
N LEU A 53 75.94 5.80 8.26
CA LEU A 53 75.65 7.22 8.08
C LEU A 53 74.65 7.68 9.13
N LEU A 54 73.59 6.91 9.33
CA LEU A 54 72.56 7.29 10.28
C LEU A 54 73.11 7.39 11.70
N LYS A 55 74.00 6.47 12.09
CA LYS A 55 74.66 6.57 13.40
C LYS A 55 75.31 7.95 13.53
N ARG A 56 76.06 8.31 12.49
CA ARG A 56 76.86 9.54 12.52
C ARG A 56 75.95 10.76 12.46
N LEU A 57 74.90 10.67 11.66
CA LEU A 57 73.91 11.71 11.65
C LEU A 57 73.29 11.93 13.01
N ILE A 58 73.27 10.90 13.85
CA ILE A 58 72.69 11.02 15.20
C ILE A 58 73.71 11.60 16.18
N ASP A 59 74.95 11.19 15.98
CA ASP A 59 76.05 11.70 16.79
C ASP A 59 76.09 13.20 16.70
N GLU A 60 76.23 13.73 15.47
CA GLU A 60 76.12 15.16 15.23
C GLU A 60 74.61 15.32 15.20
N LYS A 61 74.02 16.08 16.10
CA LYS A 61 72.56 15.94 16.33
C LYS A 61 71.74 16.55 15.20
N ILE A 62 71.86 15.91 14.03
CA ILE A 62 71.29 16.39 12.78
C ILE A 62 69.86 15.94 12.70
N LEU A 63 68.99 16.84 12.29
CA LEU A 63 67.60 16.50 12.10
C LEU A 63 67.44 15.75 10.79
N VAL A 64 66.90 14.53 10.88
CA VAL A 64 66.66 13.71 9.69
C VAL A 64 65.17 13.50 9.49
N LEU A 65 64.66 13.89 8.34
CA LEU A 65 63.24 13.79 8.03
C LEU A 65 62.97 12.83 6.88
N PHE A 66 61.92 12.03 7.02
CA PHE A 66 61.54 11.11 5.98
C PHE A 66 60.22 11.54 5.39
N CYS A 67 60.03 11.16 4.15
CA CYS A 67 58.81 11.51 3.46
C CYS A 67 58.21 10.30 2.77
N ASP A 68 56.94 10.48 2.44
CA ASP A 68 56.16 9.53 1.66
C ASP A 68 56.28 9.81 0.17
N ASP A 69 55.52 9.06 -0.64
CA ASP A 69 55.63 9.14 -2.09
C ASP A 69 55.02 10.41 -2.68
N LYS A 70 54.14 11.07 -1.93
CA LYS A 70 53.67 12.42 -2.29
C LYS A 70 54.61 13.54 -1.78
N ARG A 71 55.82 13.16 -1.34
CA ARG A 71 56.79 14.09 -0.77
C ARG A 71 56.28 14.92 0.42
N LEU A 72 55.44 14.32 1.25
CA LEU A 72 55.07 14.91 2.53
C LEU A 72 55.82 14.23 3.65
N PRO A 73 56.09 14.97 4.73
CA PRO A 73 56.90 14.39 5.79
C PRO A 73 56.02 13.47 6.60
N ILE A 74 56.56 12.33 7.01
CA ILE A 74 55.82 11.34 7.78
C ILE A 74 56.52 10.93 9.04
N GLY A 75 57.79 11.26 9.15
CA GLY A 75 58.51 11.05 10.41
C GLY A 75 59.92 11.59 10.45
N LYS A 76 60.57 11.40 11.59
CA LYS A 76 61.93 11.84 11.81
C LYS A 76 62.64 10.86 12.70
N ILE A 77 63.97 10.95 12.72
CA ILE A 77 64.75 10.17 13.67
C ILE A 77 64.67 10.84 15.02
N LEU A 78 64.41 10.06 16.05
CA LEU A 78 64.37 10.56 17.41
C LEU A 78 65.51 9.92 18.16
N PRO A 79 66.57 10.69 18.42
CA PRO A 79 67.63 10.15 19.23
C PRO A 79 67.20 9.99 20.70
N PHE A 80 67.82 9.05 21.39
CA PHE A 80 67.51 8.78 22.80
C PHE A 80 68.33 9.68 23.67
N TYR A 81 69.50 10.06 23.18
CA TYR A 81 70.47 10.86 23.94
C TYR A 81 70.65 12.16 23.20
N GLY A 82 70.31 13.30 23.77
CA GLY A 82 70.32 14.57 22.98
C GLY A 82 69.18 14.92 22.01
N ARG A 83 69.33 16.10 21.40
CA ARG A 83 68.22 16.82 20.82
C ARG A 83 68.69 17.86 19.82
N HIS A 84 68.06 17.96 18.66
CA HIS A 84 68.34 19.03 17.67
C HIS A 84 67.58 20.25 18.17
N ASP A 85 67.90 21.44 17.67
CA ASP A 85 67.28 22.65 18.21
C ASP A 85 65.85 22.91 17.76
N SER A 86 65.36 22.21 16.75
CA SER A 86 63.93 22.27 16.43
C SER A 86 62.99 21.84 17.58
N SER A 87 63.52 21.08 18.54
CA SER A 87 62.70 20.62 19.69
C SER A 87 62.09 21.76 20.50
N LEU A 88 62.86 22.84 20.56
CA LEU A 88 62.52 24.05 21.31
C LEU A 88 61.25 24.76 20.76
N GLN A 89 61.07 24.67 19.45
CA GLN A 89 59.94 25.28 18.74
C GLN A 89 58.61 24.68 19.14
N LEU A 90 58.62 23.42 19.51
CA LEU A 90 57.40 22.77 19.95
C LEU A 90 56.82 23.47 21.17
N THR A 91 57.66 23.68 22.19
CA THR A 91 57.19 24.31 23.43
C THR A 91 56.60 25.72 23.16
N ARG A 92 57.17 26.38 22.17
CA ARG A 92 56.70 27.69 21.73
C ARG A 92 55.39 27.66 20.98
N GLN A 93 55.21 26.64 20.16
CA GLN A 93 54.00 26.52 19.32
C GLN A 93 52.80 26.31 20.21
N LEU A 94 52.99 25.45 21.21
CA LEU A 94 51.98 25.19 22.23
C LEU A 94 51.63 26.45 23.00
N ALA A 95 52.57 27.39 23.07
CA ALA A 95 52.33 28.67 23.73
C ALA A 95 51.64 29.73 22.85
N TRP A 96 51.41 29.45 21.57
CA TRP A 96 50.87 30.46 20.61
C TRP A 96 49.52 30.99 21.07
N THR A 97 49.45 32.28 21.39
CA THR A 97 48.22 32.89 21.91
C THR A 97 47.11 32.88 20.87
N GLU A 98 45.87 32.68 21.32
CA GLU A 98 44.72 32.63 20.42
C GLU A 98 44.61 33.96 19.67
N GLU A 99 44.88 35.05 20.38
CA GLU A 99 44.80 36.38 19.79
C GLU A 99 45.79 36.51 18.64
N ARG A 100 47.00 36.00 18.84
CA ARG A 100 48.08 36.17 17.86
C ARG A 100 47.86 35.31 16.65
N LYS A 101 47.49 34.05 16.89
CA LYS A 101 47.10 33.16 15.80
C LYS A 101 46.11 33.90 14.89
N GLY A 102 45.15 34.58 15.52
CA GLY A 102 44.15 35.36 14.78
C GLY A 102 44.76 36.43 13.91
N GLN A 103 45.63 37.24 14.50
CA GLN A 103 46.27 38.34 13.76
C GLN A 103 46.98 37.80 12.53
N VAL A 104 47.75 36.73 12.73
CA VAL A 104 48.57 36.13 11.67
C VAL A 104 47.71 35.49 10.60
N TRP A 105 46.75 34.67 11.01
CA TRP A 105 45.88 33.99 10.05
C TRP A 105 45.17 34.98 9.15
N THR A 106 44.65 36.01 9.78
CA THR A 106 43.89 37.05 9.08
C THR A 106 44.79 37.83 8.13
N ALA A 107 45.99 38.16 8.63
CA ALA A 107 47.00 38.85 7.83
C ALA A 107 47.34 38.07 6.57
N ILE A 108 47.37 36.75 6.73
CA ILE A 108 47.73 35.82 5.65
C ILE A 108 46.60 35.69 4.67
N ILE A 109 45.39 35.48 5.18
CA ILE A 109 44.21 35.40 4.32
C ILE A 109 44.07 36.65 3.49
N ALA A 110 44.39 37.77 4.12
CA ALA A 110 44.34 39.06 3.47
C ALA A 110 45.29 39.13 2.28
N GLN A 111 46.49 38.58 2.44
CA GLN A 111 47.45 38.53 1.34
C GLN A 111 46.89 37.72 0.18
N LYS A 112 46.14 36.68 0.51
CA LYS A 112 45.56 35.83 -0.52
C LYS A 112 44.57 36.61 -1.37
N ILE A 113 43.67 37.29 -0.68
CA ILE A 113 42.61 38.02 -1.34
C ILE A 113 43.24 39.06 -2.24
N THR A 114 44.23 39.76 -1.70
CA THR A 114 45.01 40.74 -2.46
C THR A 114 45.52 40.10 -3.75
N ASN A 115 46.19 38.97 -3.60
CA ASN A 115 46.76 38.27 -4.77
C ASN A 115 45.71 37.76 -5.75
N GLN A 116 44.56 37.36 -5.23
CA GLN A 116 43.41 37.02 -6.08
C GLN A 116 43.00 38.23 -6.91
N SER A 117 42.93 39.39 -6.24
CA SER A 117 42.59 40.65 -6.89
C SER A 117 43.60 41.03 -7.97
N LEU A 118 44.88 40.96 -7.64
CA LEU A 118 45.95 41.29 -8.61
C LEU A 118 45.82 40.39 -9.82
N HIS A 119 45.48 39.13 -9.57
CA HIS A 119 45.30 38.17 -10.64
C HIS A 119 44.15 38.60 -11.54
N LEU A 120 43.03 39.02 -10.95
CA LEU A 120 41.89 39.48 -11.73
C LEU A 120 42.25 40.70 -12.57
N ALA A 121 42.97 41.63 -11.96
CA ALA A 121 43.39 42.87 -12.61
C ALA A 121 44.25 42.55 -13.83
N GLN A 122 45.17 41.62 -13.62
CA GLN A 122 46.04 41.10 -14.66
C GLN A 122 45.28 40.50 -15.87
N ARG A 123 44.03 40.07 -15.65
CA ARG A 123 43.16 39.57 -16.73
C ARG A 123 42.16 40.60 -17.23
N ASP A 124 42.39 41.86 -16.88
CA ASP A 124 41.58 43.01 -17.30
C ASP A 124 40.13 42.98 -16.77
N TYR A 125 40.02 42.58 -15.49
CA TYR A 125 38.78 42.76 -14.72
C TYR A 125 39.03 43.79 -13.64
N GLY A 126 39.53 44.97 -14.05
CA GLY A 126 39.79 46.08 -13.14
C GLY A 126 38.67 46.23 -12.10
N GLN A 127 37.42 46.01 -12.54
CA GLN A 127 36.20 46.18 -11.71
C GLN A 127 36.12 45.12 -10.59
N LYS A 128 35.99 43.85 -10.98
CA LYS A 128 35.79 42.76 -10.01
C LYS A 128 36.94 42.71 -9.02
N ALA A 129 38.14 42.94 -9.53
CA ALA A 129 39.36 43.04 -8.72
C ALA A 129 39.26 44.05 -7.57
N ALA A 130 38.89 45.28 -7.91
CA ALA A 130 38.71 46.33 -6.92
C ALA A 130 37.67 45.92 -5.85
N ALA A 131 36.65 45.16 -6.27
CA ALA A 131 35.61 44.66 -5.35
C ALA A 131 36.18 43.76 -4.26
N LEU A 132 37.19 42.97 -4.62
CA LEU A 132 37.85 42.05 -3.66
C LEU A 132 38.70 42.81 -2.66
N LEU A 133 39.27 43.94 -3.08
CA LEU A 133 40.00 44.79 -2.14
C LEU A 133 39.06 45.35 -1.09
N ALA A 134 37.83 45.65 -1.51
CA ALA A 134 36.80 46.13 -0.60
C ALA A 134 36.55 45.10 0.48
N MET A 135 36.44 43.85 0.06
CA MET A 135 36.21 42.74 0.97
C MET A 135 37.38 42.60 1.93
N ARG A 136 38.60 42.72 1.39
CA ARG A 136 39.81 42.64 2.22
C ARG A 136 39.76 43.67 3.35
N ALA A 137 39.40 44.89 3.01
CA ALA A 137 39.32 45.98 3.99
C ALA A 137 38.30 45.72 5.11
N GLU A 138 37.31 44.89 4.86
CA GLU A 138 36.28 44.56 5.86
C GLU A 138 36.55 43.27 6.66
N LEU A 139 37.79 42.80 6.62
CA LEU A 139 38.16 41.60 7.37
C LEU A 139 38.26 41.90 8.84
N ARG A 140 37.79 40.99 9.67
CA ARG A 140 38.03 41.08 11.11
C ARG A 140 38.74 39.81 11.54
N LEU A 141 39.25 39.81 12.77
CA LEU A 141 39.95 38.64 13.30
C LEU A 141 39.21 37.36 12.98
N PHE A 142 39.93 36.40 12.38
CA PHE A 142 39.39 35.07 12.04
C PHE A 142 38.21 35.10 11.06
N ASP A 143 38.04 36.22 10.36
CA ASP A 143 37.03 36.33 9.30
C ASP A 143 35.71 35.65 9.65
N PRO A 144 35.01 36.12 10.68
CA PRO A 144 33.74 35.49 11.03
C PRO A 144 32.65 35.76 9.98
N ALA A 145 32.76 36.86 9.24
CA ALA A 145 31.82 37.20 8.17
C ALA A 145 32.07 36.42 6.87
N ASN A 146 33.12 35.62 6.85
CA ASN A 146 33.49 34.85 5.68
C ASN A 146 33.66 35.65 4.38
N ARG A 147 34.37 36.76 4.47
CA ARG A 147 34.78 37.54 3.28
C ARG A 147 35.66 36.68 2.39
N GLU A 148 36.44 35.80 3.01
CA GLU A 148 37.35 34.89 2.29
C GLU A 148 36.58 34.15 1.21
N GLY A 149 35.47 33.55 1.62
CA GLY A 149 34.68 32.68 0.77
C GLY A 149 33.94 33.44 -0.30
N HIS A 150 33.54 34.66 0.04
CA HIS A 150 32.88 35.55 -0.92
C HIS A 150 33.82 36.02 -2.00
N ALA A 151 34.99 36.44 -1.55
CA ALA A 151 36.07 36.76 -2.44
C ALA A 151 36.33 35.57 -3.36
N ALA A 152 36.45 34.39 -2.76
CA ALA A 152 36.75 33.18 -3.50
C ALA A 152 35.69 32.90 -4.57
N ARG A 153 34.43 33.02 -4.21
CA ARG A 153 33.35 32.78 -5.16
C ARG A 153 33.45 33.72 -6.35
N SER A 154 33.41 35.02 -6.05
CA SER A 154 33.46 36.06 -7.06
C SER A 154 34.69 35.88 -7.96
N TYR A 155 35.83 35.64 -7.32
CA TYR A 155 37.11 35.41 -8.00
C TYR A 155 36.95 34.33 -9.07
N PHE A 156 36.52 33.15 -8.66
CA PHE A 156 36.44 32.03 -9.58
C PHE A 156 35.35 32.23 -10.62
N ASN A 157 34.26 32.88 -10.23
CA ASN A 157 33.18 33.19 -11.16
C ASN A 157 33.69 34.03 -12.31
N THR A 158 34.41 35.09 -11.97
CA THR A 158 34.93 36.01 -12.96
C THR A 158 35.94 35.32 -13.87
N LEU A 159 36.73 34.41 -13.32
CA LEU A 159 37.81 33.76 -14.07
C LEU A 159 37.27 32.66 -14.98
N PHE A 160 36.35 31.84 -14.47
CA PHE A 160 35.90 30.64 -15.21
C PHE A 160 34.39 30.62 -15.51
N GLY A 161 33.68 31.70 -15.20
CA GLY A 161 32.24 31.80 -15.52
C GLY A 161 31.32 31.64 -14.32
N ASN A 162 30.09 32.12 -14.44
CA ASN A 162 29.08 32.02 -13.35
C ASN A 162 28.56 30.59 -13.15
N ASP A 163 28.64 29.80 -14.22
CA ASP A 163 28.33 28.38 -14.18
C ASP A 163 29.34 27.58 -13.35
N PHE A 164 30.54 28.13 -13.18
CA PHE A 164 31.63 27.45 -12.49
C PHE A 164 31.49 27.47 -10.99
N THR A 165 31.67 26.31 -10.39
CA THR A 165 31.77 26.18 -8.95
C THR A 165 33.03 25.34 -8.72
N ARG A 166 33.63 25.47 -7.54
CA ARG A 166 34.86 24.70 -7.21
C ARG A 166 34.58 23.30 -6.74
N GLU A 167 33.32 23.00 -6.49
CA GLU A 167 32.86 21.66 -6.10
C GLU A 167 32.73 20.70 -7.29
N GLN A 168 32.50 21.26 -8.47
CA GLN A 168 32.11 20.49 -9.66
C GLN A 168 33.32 19.72 -10.27
N GLU A 169 33.07 18.55 -10.84
CA GLU A 169 34.13 17.62 -11.20
C GLU A 169 34.59 17.82 -12.63
N ASN A 170 35.52 18.75 -12.88
CA ASN A 170 36.02 18.99 -14.25
C ASN A 170 37.55 19.07 -14.32
N ASP A 171 38.10 19.24 -15.51
CA ASP A 171 39.56 19.32 -15.67
C ASP A 171 40.17 20.50 -14.92
N ILE A 172 39.48 21.64 -14.94
CA ILE A 172 40.01 22.85 -14.30
C ILE A 172 40.24 22.64 -12.80
N ASN A 173 39.23 22.11 -12.10
CA ASN A 173 39.37 21.84 -10.66
C ASN A 173 40.42 20.79 -10.39
N ALA A 174 40.47 19.75 -11.22
CA ALA A 174 41.44 18.67 -11.01
C ALA A 174 42.84 19.23 -10.98
N GLY A 175 43.13 20.15 -11.90
CA GLY A 175 44.44 20.80 -11.99
C GLY A 175 44.68 21.73 -10.82
N LEU A 176 43.68 22.54 -10.50
CA LEU A 176 43.74 23.44 -9.32
C LEU A 176 44.13 22.67 -8.07
N ASN A 177 43.47 21.53 -7.88
CA ASN A 177 43.72 20.68 -6.73
C ASN A 177 45.11 20.05 -6.75
N TYR A 178 45.52 19.57 -7.93
CA TYR A 178 46.87 19.03 -8.08
C TYR A 178 47.87 20.09 -7.64
N GLY A 179 47.73 21.29 -8.21
CA GLY A 179 48.61 22.41 -7.88
C GLY A 179 48.64 22.74 -6.41
N TYR A 180 47.46 22.83 -5.80
CA TYR A 180 47.38 23.11 -4.37
C TYR A 180 48.10 22.03 -3.54
N THR A 181 47.96 20.76 -3.91
CA THR A 181 48.65 19.67 -3.22
C THR A 181 50.15 19.82 -3.28
N LEU A 182 50.65 20.28 -4.43
CA LEU A 182 52.06 20.61 -4.57
C LEU A 182 52.48 21.72 -3.60
N LEU A 183 51.74 22.81 -3.59
CA LEU A 183 52.01 23.88 -2.62
C LEU A 183 51.95 23.35 -1.19
N LEU A 184 50.97 22.50 -0.90
CA LEU A 184 50.77 21.97 0.46
C LEU A 184 52.00 21.20 0.94
N SER A 185 52.46 20.29 0.10
CA SER A 185 53.61 19.46 0.46
C SER A 185 54.86 20.28 0.69
N ILE A 186 55.00 21.39 -0.02
CA ILE A 186 56.16 22.27 0.16
C ILE A 186 56.18 22.88 1.55
N PHE A 187 55.06 23.45 1.95
CA PHE A 187 54.98 24.16 3.21
C PHE A 187 54.93 23.20 4.37
N ALA A 188 54.35 22.04 4.12
CA ALA A 188 54.33 20.99 5.11
C ALA A 188 55.78 20.68 5.48
N ARG A 189 56.58 20.38 4.46
CA ARG A 189 58.04 20.17 4.60
C ARG A 189 58.70 21.26 5.45
N GLU A 190 58.50 22.52 5.05
CA GLU A 190 59.20 23.63 5.69
C GLU A 190 58.80 23.77 7.14
N LEU A 191 57.50 23.66 7.39
CA LEU A 191 56.99 23.76 8.76
C LEU A 191 57.61 22.74 9.69
N VAL A 192 57.70 21.50 9.24
CA VAL A 192 58.25 20.43 10.07
C VAL A 192 59.70 20.73 10.37
N GLN A 193 60.43 21.20 9.35
CA GLN A 193 61.83 21.60 9.51
C GLN A 193 62.01 22.61 10.63
N THR A 194 61.08 23.56 10.74
CA THR A 194 61.19 24.60 11.75
C THR A 194 60.95 24.08 13.14
N GLY A 195 60.45 22.84 13.25
CA GLY A 195 60.16 22.22 14.54
C GLY A 195 58.69 22.28 14.94
N CYS A 196 57.82 22.64 14.01
CA CYS A 196 56.38 22.73 14.26
C CYS A 196 55.66 21.44 13.90
N PHE A 197 54.42 21.31 14.38
CA PHE A 197 53.50 20.21 13.96
C PHE A 197 52.47 20.77 12.96
N THR A 198 52.32 20.10 11.82
CA THR A 198 51.48 20.62 10.74
C THR A 198 50.01 20.42 11.02
N GLN A 199 49.70 19.57 11.99
CA GLN A 199 48.33 19.04 12.19
C GLN A 199 47.22 20.03 12.61
N LEU A 200 47.58 21.12 13.28
CA LEU A 200 46.59 22.05 13.82
C LEU A 200 46.78 23.41 13.19
N GLY A 201 45.74 23.89 12.53
CA GLY A 201 45.80 25.15 11.83
C GLY A 201 45.67 26.28 12.83
N LEU A 202 45.86 27.49 12.35
CA LEU A 202 45.78 28.65 13.22
C LEU A 202 44.33 28.91 13.62
N LYS A 203 43.40 28.55 12.73
CA LYS A 203 41.95 28.76 12.92
C LYS A 203 41.09 27.49 13.18
N HIS A 204 41.13 26.96 14.39
CA HIS A 204 40.05 26.08 14.82
C HIS A 204 39.88 26.07 16.35
N PHE A 208 40.52 15.36 10.86
CA PHE A 208 40.23 16.53 10.02
C PHE A 208 41.22 16.51 8.84
N ASN A 209 42.27 17.35 8.89
CA ASN A 209 43.45 17.21 8.04
C ASN A 209 44.65 16.95 8.95
N ASP A 210 45.64 16.25 8.44
CA ASP A 210 46.93 16.19 9.12
C ASP A 210 47.84 17.39 8.78
N PHE A 211 47.40 18.29 7.91
CA PHE A 211 48.27 19.41 7.44
C PHE A 211 47.65 20.80 7.45
N ASN A 212 46.62 21.03 8.25
CA ASN A 212 46.01 22.35 8.31
C ASN A 212 46.92 23.55 8.33
N LEU A 213 48.03 23.44 9.06
CA LEU A 213 48.91 24.57 9.26
C LEU A 213 49.68 24.90 7.97
N ALA A 214 50.06 23.86 7.24
CA ALA A 214 50.61 24.04 5.89
C ALA A 214 49.55 24.66 4.99
N SER A 215 48.35 24.10 5.04
CA SER A 215 47.19 24.63 4.29
C SER A 215 47.02 26.14 4.56
N ASP A 216 47.21 26.57 5.81
CA ASP A 216 47.09 27.97 6.21
C ASP A 216 48.22 28.82 5.62
N LEU A 217 49.46 28.35 5.73
CA LEU A 217 50.63 29.13 5.26
C LEU A 217 50.70 29.31 3.76
N MET A 218 50.20 28.33 3.01
CA MET A 218 50.27 28.36 1.55
C MET A 218 49.18 29.22 0.93
N GLU A 219 48.28 29.76 1.73
CA GLU A 219 47.14 30.50 1.20
C GLU A 219 47.49 31.60 0.18
N PRO A 220 48.43 32.51 0.51
CA PRO A 220 48.75 33.55 -0.43
C PRO A 220 49.38 33.08 -1.74
N PHE A 221 49.85 31.85 -1.77
CA PHE A 221 50.55 31.32 -2.95
C PHE A 221 49.58 30.61 -3.90
N ARG A 222 48.33 30.46 -3.49
CA ARG A 222 47.35 29.76 -4.30
C ARG A 222 47.22 30.36 -5.69
N PRO A 223 47.14 31.69 -5.77
CA PRO A 223 47.00 32.28 -7.11
C PRO A 223 48.10 31.91 -8.09
N LEU A 224 49.29 31.54 -7.60
CA LEU A 224 50.35 31.06 -8.51
C LEU A 224 49.84 29.91 -9.35
N VAL A 225 49.09 29.00 -8.72
CA VAL A 225 48.48 27.87 -9.43
C VAL A 225 47.35 28.38 -10.30
N ASP A 226 46.52 29.24 -9.72
CA ASP A 226 45.35 29.80 -10.42
C ASP A 226 45.77 30.40 -11.76
N GLN A 227 46.88 31.13 -11.78
CA GLN A 227 47.43 31.73 -13.01
C GLN A 227 47.72 30.66 -14.06
N ILE A 228 48.50 29.66 -13.66
CA ILE A 228 48.92 28.61 -14.58
C ILE A 228 47.73 27.87 -15.14
N ILE A 229 46.77 27.57 -14.29
CA ILE A 229 45.61 26.80 -14.72
C ILE A 229 44.71 27.64 -15.60
N TYR A 230 44.48 28.89 -15.21
CA TYR A 230 43.72 29.81 -16.05
C TYR A 230 44.29 29.83 -17.47
N GLU A 231 45.60 30.06 -17.58
CA GLU A 231 46.29 30.12 -18.87
C GLU A 231 46.09 28.84 -19.69
N ASN A 232 46.01 27.71 -19.01
CA ASN A 232 45.83 26.41 -19.69
C ASN A 232 44.44 25.84 -19.45
N ARG A 233 43.46 26.70 -19.21
CA ARG A 233 42.09 26.25 -18.89
C ARG A 233 41.43 25.50 -20.06
N LYS A 234 41.95 25.75 -21.26
CA LYS A 234 41.46 25.14 -22.49
C LYS A 234 42.01 23.71 -22.66
N GLU A 235 43.11 23.40 -21.99
CA GLU A 235 43.86 22.17 -22.28
C GLU A 235 43.33 20.95 -21.52
N ALA A 236 43.81 19.78 -21.93
CA ALA A 236 43.53 18.54 -21.21
C ALA A 236 44.30 18.52 -19.88
N PHE A 237 43.84 17.70 -18.94
CA PHE A 237 44.45 17.63 -17.60
C PHE A 237 45.98 17.36 -17.62
N PRO A 238 46.43 16.35 -18.39
CA PRO A 238 47.86 16.06 -18.47
C PRO A 238 48.76 17.24 -18.84
N ILE A 239 48.23 18.17 -19.63
CA ILE A 239 49.00 19.34 -20.06
C ILE A 239 49.04 20.36 -18.91
N MET A 240 47.95 20.46 -18.13
CA MET A 240 47.94 21.35 -16.96
C MET A 240 48.96 20.86 -15.95
N LYS A 241 48.97 19.54 -15.74
CA LYS A 241 49.87 18.94 -14.79
C LYS A 241 51.31 19.32 -15.08
N ARG A 242 51.71 19.23 -16.36
CA ARG A 242 53.09 19.53 -16.75
C ARG A 242 53.38 21.02 -16.63
N LYS A 243 52.46 21.84 -17.11
CA LYS A 243 52.65 23.30 -17.04
C LYS A 243 52.76 23.79 -15.60
N LEU A 244 52.27 22.99 -14.67
CA LEU A 244 52.29 23.32 -13.24
C LEU A 244 53.67 23.14 -12.63
N PHE A 245 54.53 22.34 -13.27
CA PHE A 245 55.89 22.11 -12.76
C PHE A 245 56.72 23.40 -12.88
N ALA A 246 56.20 24.34 -13.66
CA ALA A 246 56.72 25.69 -13.71
C ALA A 246 57.03 26.29 -12.33
N LEU A 247 56.17 26.00 -11.36
CA LEU A 247 56.34 26.48 -9.99
C LEU A 247 57.75 26.18 -9.46
N PHE A 248 58.27 25.01 -9.81
CA PHE A 248 59.60 24.57 -9.33
C PHE A 248 60.75 25.13 -10.18
N MET A 249 60.44 25.65 -11.37
CA MET A 249 61.45 26.24 -12.27
C MET A 249 61.47 27.76 -12.25
N ASN A 250 60.29 28.35 -12.39
CA ASN A 250 60.17 29.80 -12.43
C ASN A 250 60.72 30.48 -11.21
N THR A 251 60.85 31.78 -11.35
CA THR A 251 61.30 32.63 -10.27
C THR A 251 60.24 33.71 -10.04
N TYR A 252 60.07 34.11 -8.77
CA TYR A 252 58.98 35.00 -8.36
C TYR A 252 59.50 36.14 -7.49
N MET A 253 58.92 37.33 -7.65
CA MET A 253 59.32 38.47 -6.85
C MET A 253 58.97 38.23 -5.37
N TYR A 254 59.99 38.35 -4.51
CA TYR A 254 59.79 38.19 -3.06
C TYR A 254 60.88 38.96 -2.30
N LYS A 255 60.49 39.76 -1.31
CA LYS A 255 61.44 40.62 -0.58
C LYS A 255 62.43 41.29 -1.50
N LYS A 256 61.91 41.84 -2.60
CA LYS A 256 62.66 42.68 -3.52
C LYS A 256 63.59 41.93 -4.47
N LYS A 257 63.68 40.62 -4.33
CA LYS A 257 64.60 39.80 -5.13
C LYS A 257 63.82 38.75 -5.87
N GLN A 258 64.26 38.42 -7.07
CA GLN A 258 63.69 37.28 -7.78
C GLN A 258 64.23 36.01 -7.12
N MET A 259 63.34 35.19 -6.54
CA MET A 259 63.74 33.93 -5.91
C MET A 259 62.92 32.74 -6.41
N PHE A 260 63.47 31.54 -6.20
CA PHE A 260 62.78 30.31 -6.55
C PHE A 260 61.73 29.99 -5.49
N LEU A 261 60.68 29.29 -5.89
CA LEU A 261 59.54 29.11 -5.01
C LEU A 261 59.89 28.47 -3.65
N THR A 262 60.66 27.39 -3.67
CA THR A 262 60.99 26.69 -2.42
C THR A 262 61.84 27.53 -1.49
N ASN A 263 62.69 28.37 -2.06
CA ASN A 263 63.51 29.28 -1.24
C ASN A 263 62.61 30.29 -0.55
N ILE A 264 61.61 30.75 -1.30
CA ILE A 264 60.64 31.70 -0.76
C ILE A 264 59.92 31.06 0.41
N ALA A 265 59.43 29.85 0.16
CA ALA A 265 58.64 29.11 1.12
C ALA A 265 59.40 28.94 2.41
N THR A 266 60.68 28.66 2.29
CA THR A 266 61.53 28.48 3.45
C THR A 266 61.59 29.76 4.26
N ASP A 267 61.90 30.86 3.58
CA ASP A 267 62.00 32.16 4.27
C ASP A 267 60.66 32.55 4.88
N TYR A 268 59.64 32.53 4.03
CA TYR A 268 58.28 32.88 4.43
C TYR A 268 57.84 32.10 5.68
N THR A 269 57.99 30.79 5.61
CA THR A 269 57.59 29.92 6.71
C THR A 269 58.37 30.25 7.98
N LYS A 270 59.69 30.22 7.90
CA LYS A 270 60.55 30.43 9.06
C LYS A 270 60.27 31.78 9.72
N HIS A 271 59.99 32.78 8.88
CA HIS A 271 59.70 34.12 9.33
C HIS A 271 58.28 34.19 9.95
N VAL A 272 57.28 33.59 9.30
CA VAL A 272 55.91 33.51 9.89
C VAL A 272 55.95 32.87 11.27
N VAL A 273 56.68 31.77 11.39
CA VAL A 273 56.82 31.07 12.66
C VAL A 273 57.40 32.01 13.72
N LYS A 274 58.38 32.84 13.33
CA LYS A 274 58.95 33.80 14.27
C LYS A 274 57.88 34.73 14.84
N VAL A 275 57.05 35.30 13.98
CA VAL A 275 56.02 36.27 14.44
C VAL A 275 54.90 35.59 15.23
N LEU A 276 54.75 34.30 15.04
CA LEU A 276 53.82 33.53 15.85
C LEU A 276 54.39 33.30 17.26
N ASN A 277 55.70 33.09 17.35
CA ASN A 277 56.39 32.95 18.65
C ASN A 277 56.54 34.28 19.38
N GLN A 278 56.30 35.38 18.65
CA GLN A 278 56.45 36.76 19.18
C GLN A 278 57.91 37.15 19.38
N GLU A 279 58.75 36.69 18.46
CA GLU A 279 60.16 37.07 18.41
C GLU A 279 60.29 38.19 17.38
N GLU A 280 59.20 38.47 16.70
CA GLU A 280 59.17 39.44 15.64
C GLU A 280 57.76 40.01 15.57
N GLU A 281 57.64 41.18 14.94
CA GLU A 281 56.34 41.74 14.64
C GLU A 281 56.32 41.75 13.12
N GLY A 282 55.13 41.74 12.53
CA GLY A 282 55.02 41.92 11.09
C GLY A 282 55.26 40.68 10.24
N VAL A 283 54.16 40.07 9.87
CA VAL A 283 54.11 38.93 8.94
C VAL A 283 54.83 39.26 7.62
N PRO A 284 55.61 38.31 7.08
CA PRO A 284 56.21 38.54 5.78
C PRO A 284 55.16 38.57 4.69
N GLU A 285 55.48 39.20 3.58
CA GLU A 285 54.49 39.35 2.52
C GLU A 285 54.85 38.70 1.22
N PHE A 286 53.88 37.97 0.67
CA PHE A 286 54.00 37.50 -0.70
C PHE A 286 52.93 38.13 -1.58
N GLY A 287 53.40 38.74 -2.66
CA GLY A 287 52.53 39.33 -3.68
C GLY A 287 52.85 38.71 -5.01
N ILE A 288 51.90 38.74 -5.93
CA ILE A 288 52.10 38.11 -7.23
C ILE A 288 52.29 39.18 -8.30
N MET B 1 49.18 -4.89 14.85
CA MET B 1 49.26 -5.94 13.81
C MET B 1 50.13 -7.13 14.24
N GLY B 2 51.44 -6.91 14.22
CA GLY B 2 52.38 -8.01 14.13
C GLY B 2 52.99 -8.57 15.40
N TRP B 3 53.90 -9.53 15.25
CA TRP B 3 54.51 -10.28 16.36
C TRP B 3 56.03 -10.47 16.30
N ARG B 4 56.61 -10.46 15.11
CA ARG B 4 58.05 -10.67 14.96
C ARG B 4 58.92 -9.52 15.42
N THR B 5 59.97 -9.82 16.19
CA THR B 5 61.05 -8.87 16.40
C THR B 5 62.22 -9.29 15.51
N VAL B 6 62.45 -8.52 14.44
CA VAL B 6 63.45 -8.86 13.43
C VAL B 6 64.74 -8.14 13.73
N VAL B 7 65.76 -8.87 14.17
CA VAL B 7 67.11 -8.32 14.39
C VAL B 7 68.08 -8.53 13.22
N VAL B 8 68.69 -7.44 12.76
CA VAL B 8 69.65 -7.49 11.64
C VAL B 8 71.04 -7.15 12.14
N ASN B 9 72.01 -8.00 11.85
CA ASN B 9 73.39 -7.65 12.21
C ASN B 9 74.46 -8.15 11.23
N LYS B 10 74.03 -8.64 10.06
CA LYS B 10 74.95 -9.02 9.00
C LYS B 10 74.97 -7.93 7.95
N HIS B 11 76.15 -7.70 7.40
CA HIS B 11 76.31 -6.80 6.26
C HIS B 11 75.25 -7.18 5.23
N SER B 12 74.39 -6.24 4.89
CA SER B 12 73.18 -6.57 4.13
C SER B 12 72.50 -5.36 3.50
N LYS B 13 71.49 -5.64 2.68
CA LYS B 13 70.72 -4.62 1.99
C LYS B 13 69.22 -4.88 2.12
N LEU B 14 68.54 -4.00 2.88
CA LEU B 14 67.11 -4.11 3.10
C LEU B 14 66.35 -3.32 2.02
N SER B 15 65.29 -3.92 1.49
CA SER B 15 64.45 -3.27 0.49
C SER B 15 62.98 -3.60 0.76
N TYR B 16 62.10 -3.20 -0.14
CA TYR B 16 60.70 -3.51 -0.04
C TYR B 16 60.20 -4.08 -1.36
N LYS B 17 59.36 -5.10 -1.27
CA LYS B 17 58.71 -5.69 -2.44
C LYS B 17 57.44 -6.42 -1.99
N ASN B 18 56.34 -6.13 -2.66
CA ASN B 18 55.06 -6.78 -2.39
C ASN B 18 54.77 -7.00 -0.91
N ASN B 19 54.58 -5.95 -0.15
CA ASN B 19 54.32 -6.08 1.30
C ASN B 19 55.33 -6.88 2.11
N HIS B 20 56.52 -7.12 1.54
CA HIS B 20 57.56 -7.80 2.28
C HIS B 20 58.75 -6.92 2.50
N LEU B 21 59.38 -7.11 3.65
CA LEU B 21 60.75 -6.67 3.87
C LEU B 21 61.62 -7.62 3.13
N VAL B 22 62.64 -7.10 2.45
CA VAL B 22 63.55 -7.94 1.69
C VAL B 22 64.96 -7.77 2.21
N PHE B 23 65.53 -8.86 2.69
CA PHE B 23 66.87 -8.84 3.27
C PHE B 23 67.81 -9.59 2.35
N LYS B 24 68.90 -8.95 1.95
CA LYS B 24 69.89 -9.59 1.06
C LYS B 24 71.30 -9.47 1.59
N ALA B 25 71.92 -10.62 1.84
CA ALA B 25 73.33 -10.68 2.19
C ALA B 25 73.98 -11.66 1.23
N ILE B 26 75.28 -11.84 1.34
CA ILE B 26 75.94 -12.57 0.27
C ILE B 26 75.54 -14.03 0.24
N ASP B 27 75.46 -14.62 1.40
CA ASP B 27 75.15 -16.03 1.46
C ASP B 27 73.71 -16.19 1.03
N HIS B 28 72.85 -15.31 1.51
CA HIS B 28 71.45 -15.64 1.52
C HIS B 28 70.58 -14.41 1.51
N GLN B 29 69.33 -14.72 1.25
CA GLN B 29 68.29 -13.76 1.12
C GLN B 29 67.07 -14.26 1.91
N GLU B 30 66.30 -13.33 2.44
CA GLU B 30 65.07 -13.63 3.15
C GLU B 30 63.98 -12.60 2.92
N LEU B 31 62.73 -13.07 2.77
CA LEU B 31 61.59 -12.19 2.64
C LEU B 31 60.69 -12.39 3.84
N ILE B 32 60.23 -11.29 4.42
CA ILE B 32 59.38 -11.35 5.61
C ILE B 32 58.23 -10.39 5.44
N HIS B 33 57.02 -10.87 5.67
CA HIS B 33 55.83 -10.08 5.38
C HIS B 33 55.63 -9.05 6.48
N LEU B 34 55.49 -7.78 6.10
CA LEU B 34 55.42 -6.68 7.06
C LEU B 34 54.35 -6.87 8.14
N SER B 35 53.19 -7.39 7.75
CA SER B 35 52.12 -7.67 8.71
C SER B 35 52.54 -8.59 9.84
N GLU B 36 53.61 -9.37 9.63
CA GLU B 36 54.14 -10.23 10.69
C GLU B 36 55.10 -9.51 11.64
N ILE B 37 55.54 -8.31 11.26
CA ILE B 37 56.62 -7.62 11.98
C ILE B 37 56.08 -6.64 13.02
N ASP B 38 56.57 -6.79 14.25
CA ASP B 38 56.26 -5.88 15.36
C ASP B 38 57.39 -4.87 15.52
N VAL B 39 58.64 -5.35 15.45
CA VAL B 39 59.84 -4.54 15.64
C VAL B 39 60.99 -4.89 14.69
N LEU B 40 61.67 -3.86 14.19
CA LEU B 40 62.85 -4.03 13.34
C LEU B 40 64.01 -3.37 14.02
N LEU B 41 64.98 -4.14 14.44
CA LEU B 41 66.15 -3.62 15.13
C LEU B 41 67.40 -3.73 14.28
N LEU B 42 67.97 -2.58 13.95
CA LEU B 42 69.18 -2.48 13.09
C LEU B 42 70.43 -2.36 13.95
N GLU B 43 70.97 -3.52 14.27
CA GLU B 43 71.97 -3.67 15.33
C GLU B 43 73.33 -3.12 14.90
N THR B 44 73.62 -3.15 13.62
CA THR B 44 74.97 -2.82 13.15
C THR B 44 75.02 -1.70 12.11
N THR B 45 76.25 -1.27 11.85
CA THR B 45 76.52 -0.16 10.94
C THR B 45 76.81 -0.64 9.52
N ASP B 46 76.74 -1.94 9.29
CA ASP B 46 77.04 -2.52 7.96
C ASP B 46 75.80 -2.71 7.09
N ILE B 47 74.66 -2.21 7.56
CA ILE B 47 73.38 -2.43 6.88
C ILE B 47 72.99 -1.24 6.03
N SER B 48 72.48 -1.53 4.86
CA SER B 48 72.00 -0.48 3.95
C SER B 48 70.50 -0.66 3.66
N LEU B 49 69.72 0.42 3.69
CA LEU B 49 68.26 0.31 3.47
C LEU B 49 67.69 1.45 2.62
N THR B 50 66.45 1.28 2.15
CA THR B 50 65.82 2.24 1.21
C THR B 50 64.68 3.06 1.85
N THR B 51 64.53 4.28 1.39
CA THR B 51 63.46 5.15 1.89
C THR B 51 62.06 4.60 1.59
N MET B 52 61.98 3.82 0.51
CA MET B 52 60.74 3.17 0.18
C MET B 52 60.36 2.29 1.34
N LEU B 53 61.30 1.45 1.76
CA LEU B 53 61.05 0.49 2.85
C LEU B 53 60.65 1.27 4.10
N LEU B 54 61.38 2.33 4.40
CA LEU B 54 61.13 3.10 5.63
C LEU B 54 59.74 3.73 5.61
N LYS B 55 59.30 4.24 4.46
CA LYS B 55 57.90 4.73 4.31
C LYS B 55 56.93 3.62 4.73
N ARG B 56 57.14 2.42 4.19
CA ARG B 56 56.22 1.31 4.42
C ARG B 56 56.30 0.84 5.87
N LEU B 57 57.51 0.83 6.43
CA LEU B 57 57.67 0.49 7.82
C LEU B 57 56.90 1.44 8.70
N ILE B 58 56.67 2.66 8.23
CA ILE B 58 55.97 3.65 9.04
C ILE B 58 54.47 3.45 8.87
N ASP B 59 54.09 3.10 7.65
CA ASP B 59 52.68 2.85 7.32
C ASP B 59 52.14 1.77 8.24
N GLU B 60 52.79 0.61 8.21
CA GLU B 60 52.50 -0.47 9.18
C GLU B 60 53.29 -0.04 10.38
N LYS B 61 52.66 0.17 11.51
CA LYS B 61 53.26 0.98 12.51
C LYS B 61 54.34 0.20 13.25
N ILE B 62 55.42 -0.06 12.52
CA ILE B 62 56.52 -0.87 13.00
C ILE B 62 57.56 -0.06 13.72
N LEU B 63 58.01 -0.57 14.85
CA LEU B 63 59.02 0.13 15.62
C LEU B 63 60.36 -0.14 14.98
N VAL B 64 61.04 0.92 14.58
CA VAL B 64 62.37 0.78 13.98
C VAL B 64 63.43 1.41 14.88
N LEU B 65 64.43 0.63 15.24
CA LEU B 65 65.49 1.06 16.15
C LEU B 65 66.84 1.07 15.46
N PHE B 66 67.63 2.12 15.71
CA PHE B 66 68.99 2.22 15.17
C PHE B 66 69.99 2.12 16.27
N CYS B 67 71.16 1.62 15.90
CA CYS B 67 72.20 1.39 16.89
C CYS B 67 73.49 1.99 16.42
N ASP B 68 74.37 2.16 17.40
CA ASP B 68 75.74 2.59 17.19
C ASP B 68 76.66 1.39 16.95
N ASP B 69 77.95 1.66 16.86
CA ASP B 69 78.93 0.62 16.49
C ASP B 69 79.22 -0.38 17.64
N LYS B 70 78.90 0.00 18.87
CA LYS B 70 78.92 -0.94 20.02
C LYS B 70 77.61 -1.70 20.15
N ARG B 71 76.76 -1.62 19.13
CA ARG B 71 75.41 -2.26 19.13
C ARG B 71 74.48 -1.84 20.26
N LEU B 72 74.57 -0.60 20.70
CA LEU B 72 73.60 -0.05 21.63
C LEU B 72 72.61 0.78 20.85
N PRO B 73 71.35 0.81 21.30
CA PRO B 73 70.37 1.65 20.63
C PRO B 73 70.61 3.14 20.90
N ILE B 74 70.46 3.97 19.86
CA ILE B 74 70.71 5.40 19.96
C ILE B 74 69.56 6.22 19.45
N GLY B 75 68.64 5.58 18.75
CA GLY B 75 67.41 6.26 18.32
C GLY B 75 66.39 5.38 17.63
N LYS B 76 65.26 6.01 17.29
CA LYS B 76 64.08 5.37 16.74
C LYS B 76 63.48 6.21 15.67
N ILE B 77 62.70 5.61 14.77
CA ILE B 77 61.85 6.41 13.90
C ILE B 77 60.63 6.86 14.65
N LEU B 78 60.34 8.16 14.55
CA LEU B 78 59.19 8.75 15.22
C LEU B 78 58.25 9.25 14.16
N PRO B 79 57.17 8.53 13.94
CA PRO B 79 56.23 9.01 12.96
C PRO B 79 55.55 10.25 13.51
N PHE B 80 55.13 11.13 12.61
CA PHE B 80 54.45 12.37 13.00
C PHE B 80 52.95 12.15 13.17
N TYR B 81 52.42 11.19 12.41
CA TYR B 81 50.99 11.03 12.28
C TYR B 81 50.54 9.63 12.48
N GLY B 82 49.54 9.41 13.31
CA GLY B 82 48.58 8.31 13.01
C GLY B 82 48.56 7.27 14.07
N ARG B 83 47.41 6.65 14.40
CA ARG B 83 46.07 6.71 13.65
C ARG B 83 45.58 8.10 13.20
N HIS B 84 45.08 8.23 11.97
CA HIS B 84 44.30 9.41 11.57
C HIS B 84 42.93 9.26 12.25
N ASP B 85 42.22 10.34 12.60
CA ASP B 85 42.78 11.72 12.71
C ASP B 85 43.20 11.94 14.16
N SER B 86 44.50 11.93 14.21
CA SER B 86 45.23 12.20 15.43
C SER B 86 44.95 13.59 15.98
N SER B 87 44.43 14.48 15.13
CA SER B 87 44.12 15.87 15.54
C SER B 87 43.20 15.93 16.73
N LEU B 88 42.26 14.99 16.75
CA LEU B 88 41.27 14.99 17.79
C LEU B 88 41.96 14.88 19.12
N GLN B 89 42.88 13.92 19.25
CA GLN B 89 43.55 13.65 20.54
C GLN B 89 44.53 14.75 20.92
N LEU B 90 45.11 15.40 19.91
CA LEU B 90 45.98 16.52 20.16
C LEU B 90 45.26 17.63 20.91
N THR B 91 44.09 18.05 20.42
CA THR B 91 43.37 19.16 21.05
C THR B 91 43.04 18.80 22.51
N ARG B 92 42.81 17.51 22.76
CA ARG B 92 42.50 17.01 24.09
C ARG B 92 43.68 16.97 25.01
N GLN B 93 44.84 16.67 24.45
CA GLN B 93 46.08 16.56 25.25
C GLN B 93 46.48 17.93 25.75
N LEU B 94 46.36 18.91 24.86
CA LEU B 94 46.59 20.28 25.22
C LEU B 94 45.64 20.75 26.32
N ALA B 95 44.48 20.13 26.41
CA ALA B 95 43.48 20.46 27.43
C ALA B 95 43.70 19.75 28.77
N TRP B 96 44.67 18.85 28.85
CA TRP B 96 44.88 18.07 30.08
C TRP B 96 45.11 18.97 31.30
N THR B 97 44.22 18.92 32.28
CA THR B 97 44.33 19.76 33.48
C THR B 97 45.58 19.42 34.30
N GLU B 98 46.19 20.43 34.91
CA GLU B 98 47.36 20.23 35.76
C GLU B 98 47.04 19.30 36.93
N GLU B 99 45.85 19.47 37.49
CA GLU B 99 45.42 18.63 38.61
C GLU B 99 45.35 17.16 38.20
N ARG B 100 44.81 16.90 37.02
CA ARG B 100 44.61 15.53 36.55
C ARG B 100 45.89 14.85 36.16
N LYS B 101 46.72 15.56 35.42
CA LYS B 101 48.06 15.08 35.14
C LYS B 101 48.72 14.59 36.44
N GLY B 102 48.58 15.39 37.49
CA GLY B 102 49.10 15.02 38.80
C GLY B 102 48.56 13.70 39.31
N GLN B 103 47.24 13.55 39.31
CA GLN B 103 46.60 12.34 39.82
C GLN B 103 47.14 11.14 39.09
N VAL B 104 47.19 11.24 37.77
CA VAL B 104 47.63 10.14 36.92
C VAL B 104 49.13 9.80 37.10
N TRP B 105 49.98 10.81 37.03
CA TRP B 105 51.42 10.60 37.19
C TRP B 105 51.72 9.92 38.51
N THR B 106 51.07 10.41 39.56
CA THR B 106 51.31 9.92 40.90
C THR B 106 50.79 8.48 41.04
N ALA B 107 49.59 8.25 40.48
CA ALA B 107 49.01 6.90 40.44
C ALA B 107 49.95 5.90 39.77
N ILE B 108 50.62 6.38 38.72
CA ILE B 108 51.55 5.57 37.93
C ILE B 108 52.86 5.33 38.69
N ILE B 109 53.46 6.40 39.23
CA ILE B 109 54.73 6.24 39.99
C ILE B 109 54.48 5.32 41.20
N ALA B 110 53.26 5.37 41.75
CA ALA B 110 52.85 4.45 42.83
C ALA B 110 52.84 2.98 42.41
N GLN B 111 52.35 2.70 41.21
CA GLN B 111 52.40 1.35 40.67
C GLN B 111 53.84 0.86 40.56
N LYS B 112 54.74 1.76 40.22
CA LYS B 112 56.16 1.41 40.05
C LYS B 112 56.73 0.97 41.37
N ILE B 113 56.50 1.77 42.39
CA ILE B 113 57.06 1.51 43.71
C ILE B 113 56.54 0.18 44.21
N THR B 114 55.23 0.00 44.05
CA THR B 114 54.59 -1.28 44.36
C THR B 114 55.35 -2.43 43.69
N ASN B 115 55.54 -2.33 42.38
CA ASN B 115 56.20 -3.38 41.62
C ASN B 115 57.67 -3.56 42.05
N GLN B 116 58.33 -2.47 42.44
CA GLN B 116 59.68 -2.55 42.99
C GLN B 116 59.64 -3.38 44.26
N SER B 117 58.64 -3.09 45.09
CA SER B 117 58.44 -3.83 46.34
C SER B 117 58.18 -5.33 46.10
N LEU B 118 57.27 -5.64 45.19
CA LEU B 118 56.95 -7.02 44.87
C LEU B 118 58.21 -7.74 44.41
N HIS B 119 59.02 -7.02 43.65
CA HIS B 119 60.27 -7.59 43.17
C HIS B 119 61.19 -7.93 44.32
N LEU B 120 61.30 -7.02 45.29
CA LEU B 120 62.13 -7.26 46.47
C LEU B 120 61.64 -8.47 47.25
N ALA B 121 60.32 -8.55 47.43
CA ALA B 121 59.69 -9.65 48.18
C ALA B 121 60.00 -10.98 47.52
N GLN B 122 59.87 -10.99 46.21
CA GLN B 122 60.21 -12.12 45.38
C GLN B 122 61.67 -12.61 45.56
N ARG B 123 62.56 -11.72 46.01
CA ARG B 123 63.96 -12.09 46.30
C ARG B 123 64.24 -12.31 47.79
N ASP B 124 63.17 -12.48 48.56
CA ASP B 124 63.22 -12.74 50.01
C ASP B 124 63.80 -11.61 50.83
N TYR B 125 63.43 -10.38 50.46
CA TYR B 125 63.66 -9.20 51.28
C TYR B 125 62.33 -8.70 51.80
N GLY B 126 61.55 -9.60 52.43
CA GLY B 126 60.23 -9.25 52.98
C GLY B 126 60.24 -7.89 53.67
N GLN B 127 61.36 -7.61 54.34
CA GLN B 127 61.50 -6.38 55.14
C GLN B 127 61.64 -5.12 54.32
N LYS B 128 62.70 -5.04 53.51
CA LYS B 128 62.97 -3.84 52.70
C LYS B 128 61.77 -3.54 51.82
N ALA B 129 61.17 -4.59 51.27
CA ALA B 129 59.96 -4.49 50.45
C ALA B 129 58.83 -3.75 51.17
N ALA B 130 58.50 -4.19 52.39
CA ALA B 130 57.45 -3.56 53.18
C ALA B 130 57.76 -2.07 53.43
N ALA B 131 59.05 -1.73 53.54
CA ALA B 131 59.48 -0.34 53.73
C ALA B 131 59.11 0.55 52.54
N LEU B 132 59.14 -0.01 51.32
CA LEU B 132 58.81 0.72 50.10
C LEU B 132 57.30 0.96 50.01
N LEU B 133 56.50 0.05 50.55
CA LEU B 133 55.04 0.27 50.63
C LEU B 133 54.72 1.44 51.54
N ALA B 134 55.51 1.57 52.61
CA ALA B 134 55.39 2.72 53.52
C ALA B 134 55.59 4.02 52.77
N MET B 135 56.65 4.05 51.94
CA MET B 135 56.96 5.22 51.11
C MET B 135 55.82 5.51 50.14
N ARG B 136 55.29 4.46 49.52
CA ARG B 136 54.17 4.61 48.60
C ARG B 136 53.01 5.33 49.29
N ALA B 137 52.69 4.90 50.50
CA ALA B 137 51.57 5.46 51.26
C ALA B 137 51.72 6.96 51.57
N GLU B 138 52.96 7.44 51.59
CA GLU B 138 53.25 8.85 51.88
C GLU B 138 53.41 9.73 50.64
N LEU B 139 52.97 9.21 49.49
CA LEU B 139 53.03 9.98 48.26
C LEU B 139 52.01 11.10 48.29
N ARG B 140 52.38 12.26 47.80
CA ARG B 140 51.41 13.31 47.51
C ARG B 140 51.50 13.68 46.04
N LEU B 141 50.53 14.47 45.56
CA LEU B 141 50.51 14.87 44.15
C LEU B 141 51.88 15.32 43.69
N PHE B 142 52.32 14.75 42.57
CA PHE B 142 53.62 15.06 41.94
C PHE B 142 54.84 14.79 42.83
N ASP B 143 54.66 13.98 43.87
CA ASP B 143 55.76 13.54 44.73
C ASP B 143 56.78 14.63 45.05
N PRO B 144 56.36 15.68 45.78
CA PRO B 144 57.31 16.75 46.07
C PRO B 144 58.36 16.32 47.10
N ALA B 145 58.03 15.32 47.92
CA ALA B 145 58.95 14.74 48.90
C ALA B 145 59.92 13.72 48.29
N ASN B 146 59.80 13.46 47.00
CA ASN B 146 60.71 12.56 46.26
C ASN B 146 60.82 11.18 46.89
N ARG B 147 59.67 10.62 47.28
CA ARG B 147 59.60 9.24 47.75
C ARG B 147 60.04 8.27 46.67
N GLU B 148 59.75 8.66 45.43
CA GLU B 148 60.16 7.89 44.24
C GLU B 148 61.65 7.56 44.28
N GLY B 149 62.46 8.60 44.51
CA GLY B 149 63.91 8.49 44.48
C GLY B 149 64.48 7.74 45.67
N HIS B 150 63.81 7.88 46.82
CA HIS B 150 64.19 7.17 48.05
C HIS B 150 63.90 5.68 47.94
N ALA B 151 62.71 5.39 47.45
CA ALA B 151 62.34 4.02 47.08
C ALA B 151 63.38 3.46 46.10
N ALA B 152 63.69 4.22 45.06
CA ALA B 152 64.65 3.79 44.04
C ALA B 152 66.01 3.46 44.63
N ARG B 153 66.51 4.32 45.50
CA ARG B 153 67.80 4.08 46.13
C ARG B 153 67.80 2.78 46.90
N SER B 154 66.88 2.68 47.86
CA SER B 154 66.77 1.52 48.75
C SER B 154 66.60 0.23 47.94
N TYR B 155 65.71 0.30 46.97
CA TYR B 155 65.44 -0.79 46.01
C TYR B 155 66.75 -1.32 45.41
N PHE B 156 67.50 -0.46 44.74
CA PHE B 156 68.71 -0.89 44.08
C PHE B 156 69.81 -1.29 45.04
N ASN B 157 69.87 -0.63 46.19
CA ASN B 157 70.83 -1.01 47.22
C ASN B 157 70.63 -2.43 47.68
N THR B 158 69.38 -2.77 47.97
CA THR B 158 69.04 -4.09 48.43
C THR B 158 69.32 -5.16 47.38
N LEU B 159 69.08 -4.82 46.12
CA LEU B 159 69.23 -5.77 45.03
C LEU B 159 70.69 -5.99 44.66
N PHE B 160 71.47 -4.92 44.59
CA PHE B 160 72.83 -5.04 44.07
C PHE B 160 73.91 -4.57 45.03
N GLY B 161 73.54 -4.26 46.28
CA GLY B 161 74.53 -3.88 47.30
C GLY B 161 74.56 -2.40 47.61
N ASN B 162 75.12 -2.04 48.77
CA ASN B 162 75.19 -0.64 49.21
C ASN B 162 76.23 0.18 48.43
N ASP B 163 77.23 -0.51 47.88
CA ASP B 163 78.20 0.10 46.96
C ASP B 163 77.58 0.56 45.64
N PHE B 164 76.47 -0.07 45.29
CA PHE B 164 75.84 0.15 43.99
C PHE B 164 75.07 1.46 43.91
N THR B 165 75.28 2.16 42.81
CA THR B 165 74.53 3.35 42.52
C THR B 165 74.12 3.24 41.05
N ARG B 166 73.06 3.92 40.64
CA ARG B 166 72.56 3.76 39.26
C ARG B 166 73.50 4.36 38.25
N GLU B 167 74.26 5.30 38.74
CA GLU B 167 75.46 5.73 38.14
C GLU B 167 76.44 4.76 38.75
N GLN B 168 77.40 4.25 38.03
CA GLN B 168 77.55 4.40 36.63
C GLN B 168 78.45 3.27 36.17
N GLU B 169 78.58 3.12 34.87
CA GLU B 169 79.74 2.45 34.30
C GLU B 169 80.03 1.06 34.88
N ASN B 170 79.00 0.22 35.02
CA ASN B 170 79.24 -1.21 35.08
C ASN B 170 78.30 -1.97 34.15
N ASP B 171 78.49 -3.29 34.06
CA ASP B 171 77.66 -4.12 33.20
C ASP B 171 76.18 -4.08 33.60
N ILE B 172 75.91 -4.07 34.90
CA ILE B 172 74.53 -4.12 35.40
C ILE B 172 73.74 -2.91 34.93
N ASN B 173 74.29 -1.72 35.09
CA ASN B 173 73.62 -0.50 34.63
C ASN B 173 73.47 -0.46 33.11
N ALA B 174 74.51 -0.90 32.40
CA ALA B 174 74.47 -0.89 30.93
C ALA B 174 73.27 -1.67 30.44
N GLY B 175 73.03 -2.82 31.06
CA GLY B 175 71.89 -3.66 30.73
C GLY B 175 70.56 -3.05 31.14
N LEU B 176 70.49 -2.56 32.37
CA LEU B 176 69.32 -1.84 32.85
C LEU B 176 68.88 -0.74 31.88
N ASN B 177 69.86 0.03 31.42
CA ASN B 177 69.61 1.13 30.50
C ASN B 177 69.17 0.65 29.13
N TYR B 178 69.81 -0.39 28.64
CA TYR B 178 69.41 -1.00 27.37
C TYR B 178 67.94 -1.38 27.46
N GLY B 179 67.61 -2.11 28.51
CA GLY B 179 66.25 -2.53 28.74
C GLY B 179 65.27 -1.38 28.79
N TYR B 180 65.60 -0.35 29.57
CA TYR B 180 64.70 0.82 29.70
C TYR B 180 64.47 1.49 28.35
N THR B 181 65.52 1.58 27.54
CA THR B 181 65.36 2.15 26.20
C THR B 181 64.38 1.36 25.34
N LEU B 182 64.43 0.03 25.47
CA LEU B 182 63.47 -0.84 24.80
C LEU B 182 62.06 -0.53 25.26
N LEU B 183 61.84 -0.46 26.57
CA LEU B 183 60.53 -0.09 27.10
C LEU B 183 60.12 1.28 26.58
N LEU B 184 61.05 2.22 26.56
CA LEU B 184 60.75 3.58 26.13
C LEU B 184 60.21 3.62 24.71
N SER B 185 60.94 2.96 23.81
CA SER B 185 60.56 2.97 22.40
C SER B 185 59.18 2.36 22.18
N ILE B 186 58.81 1.39 23.01
CA ILE B 186 57.50 0.72 22.90
C ILE B 186 56.37 1.70 23.20
N PHE B 187 56.50 2.40 24.32
CA PHE B 187 55.46 3.32 24.76
C PHE B 187 55.45 4.60 23.93
N ALA B 188 56.62 4.99 23.47
CA ALA B 188 56.73 6.12 22.57
C ALA B 188 55.84 5.84 21.36
N ARG B 189 56.07 4.69 20.73
CA ARG B 189 55.23 4.26 19.64
C ARG B 189 53.76 4.34 19.95
N GLU B 190 53.33 3.71 21.04
CA GLU B 190 51.89 3.56 21.34
C GLU B 190 51.28 4.91 21.54
N LEU B 191 52.00 5.76 22.25
CA LEU B 191 51.53 7.12 22.50
C LEU B 191 51.26 7.89 21.22
N VAL B 192 52.18 7.81 20.28
CA VAL B 192 52.03 8.51 19.02
C VAL B 192 50.81 7.99 18.29
N GLN B 193 50.62 6.67 18.31
CA GLN B 193 49.45 6.02 17.66
C GLN B 193 48.13 6.55 18.19
N THR B 194 48.07 6.80 19.49
CA THR B 194 46.86 7.34 20.08
C THR B 194 46.60 8.80 19.67
N GLY B 195 47.58 9.46 19.08
CA GLY B 195 47.45 10.85 18.63
C GLY B 195 48.05 11.86 19.61
N CYS B 196 48.83 11.37 20.56
CA CYS B 196 49.54 12.22 21.50
C CYS B 196 50.96 12.57 21.03
N PHE B 197 51.54 13.57 21.69
CA PHE B 197 52.93 13.89 21.50
C PHE B 197 53.70 13.31 22.65
N THR B 198 54.81 12.65 22.35
CA THR B 198 55.61 12.01 23.38
C THR B 198 56.52 13.03 24.12
N GLN B 199 56.64 14.23 23.58
CA GLN B 199 57.52 15.25 24.16
C GLN B 199 57.05 15.69 25.55
N LEU B 200 55.73 15.68 25.75
CA LEU B 200 55.14 16.33 26.93
C LEU B 200 54.86 15.43 28.13
N GLY B 201 55.82 15.34 29.06
CA GLY B 201 55.62 14.57 30.28
C GLY B 201 54.56 15.17 31.16
N LEU B 202 54.02 14.35 32.04
CA LEU B 202 52.92 14.79 32.88
C LEU B 202 53.42 15.74 33.96
N LYS B 203 54.67 15.55 34.36
CA LYS B 203 55.28 16.34 35.43
C LYS B 203 56.22 17.40 34.92
N HIS B 204 57.11 17.04 33.99
CA HIS B 204 58.15 17.95 33.45
C HIS B 204 57.97 18.33 32.01
N ALA B 205 56.85 17.98 31.42
CA ALA B 205 56.68 18.30 30.02
C ALA B 205 57.94 17.89 29.25
N ASN B 206 58.40 18.74 28.36
CA ASN B 206 59.55 18.36 27.52
C ASN B 206 60.84 19.06 27.91
N GLN B 207 60.96 19.44 29.18
CA GLN B 207 62.09 20.23 29.63
C GLN B 207 63.39 19.53 29.40
N PHE B 208 63.45 18.26 29.76
CA PHE B 208 64.69 17.51 29.71
C PHE B 208 64.87 16.67 28.42
N ASN B 209 63.78 16.26 27.79
CA ASN B 209 63.91 15.44 26.57
C ASN B 209 62.62 15.40 25.72
N ASP B 210 62.77 14.78 24.58
CA ASP B 210 61.69 14.69 23.61
C ASP B 210 60.77 13.48 23.79
N PHE B 211 60.98 12.68 24.84
CA PHE B 211 60.15 11.50 25.07
C PHE B 211 59.64 11.28 26.51
N ASN B 212 59.61 12.34 27.30
CA ASN B 212 59.21 12.22 28.71
C ASN B 212 57.92 11.49 28.93
N LEU B 213 56.95 11.65 28.04
CA LEU B 213 55.63 11.09 28.29
C LEU B 213 55.70 9.58 28.19
N ALA B 214 56.47 9.08 27.24
CA ALA B 214 56.77 7.64 27.16
C ALA B 214 57.51 7.20 28.40
N SER B 215 58.54 7.95 28.76
CA SER B 215 59.30 7.74 29.99
C SER B 215 58.37 7.65 31.22
N ASP B 216 57.33 8.49 31.26
CA ASP B 216 56.34 8.49 32.36
C ASP B 216 55.46 7.22 32.34
N LEU B 217 54.92 6.86 31.18
CA LEU B 217 54.00 5.71 31.07
C LEU B 217 54.67 4.36 31.33
N MET B 218 55.94 4.25 31.00
CA MET B 218 56.65 2.99 31.15
C MET B 218 57.12 2.72 32.56
N GLU B 219 56.90 3.66 33.44
CA GLU B 219 57.44 3.56 34.81
C GLU B 219 57.14 2.22 35.51
N PRO B 220 55.87 1.79 35.50
CA PRO B 220 55.55 0.58 36.25
C PRO B 220 56.13 -0.67 35.64
N PHE B 221 56.59 -0.58 34.40
CA PHE B 221 57.13 -1.74 33.69
C PHE B 221 58.62 -1.90 33.89
N ARG B 222 59.25 -0.92 34.55
CA ARG B 222 60.69 -0.95 34.73
C ARG B 222 61.13 -2.21 35.43
N PRO B 223 60.43 -2.62 36.50
CA PRO B 223 60.87 -3.84 37.20
C PRO B 223 60.95 -5.09 36.31
N LEU B 224 60.22 -5.13 35.20
CA LEU B 224 60.35 -6.23 34.27
C LEU B 224 61.79 -6.37 33.78
N VAL B 225 62.46 -5.24 33.49
CA VAL B 225 63.90 -5.28 33.13
C VAL B 225 64.72 -5.61 34.36
N ASP B 226 64.39 -4.98 35.48
CA ASP B 226 65.12 -5.17 36.72
C ASP B 226 65.24 -6.65 37.03
N GLN B 227 64.12 -7.38 36.87
CA GLN B 227 64.09 -8.84 37.15
C GLN B 227 65.10 -9.57 36.28
N ILE B 228 65.02 -9.32 34.97
CA ILE B 228 65.87 -10.00 33.99
C ILE B 228 67.33 -9.74 34.27
N ILE B 229 67.64 -8.49 34.57
CA ILE B 229 69.01 -8.12 34.81
C ILE B 229 69.53 -8.67 36.13
N TYR B 230 68.71 -8.57 37.17
CA TYR B 230 69.06 -9.17 38.45
C TYR B 230 69.45 -10.64 38.26
N GLU B 231 68.59 -11.39 37.59
CA GLU B 231 68.81 -12.82 37.34
C GLU B 231 70.09 -13.09 36.60
N ASN B 232 70.47 -12.18 35.71
CA ASN B 232 71.70 -12.31 34.95
C ASN B 232 72.77 -11.33 35.40
N ARG B 233 72.72 -10.90 36.67
CA ARG B 233 73.66 -9.89 37.17
C ARG B 233 75.12 -10.36 37.15
N LYS B 234 75.29 -11.68 37.15
CA LYS B 234 76.61 -12.30 37.11
C LYS B 234 77.22 -12.31 35.71
N GLU B 235 76.38 -12.17 34.68
CA GLU B 235 76.80 -12.45 33.29
C GLU B 235 77.45 -11.25 32.63
N ALA B 236 78.08 -11.50 31.48
CA ALA B 236 78.63 -10.43 30.65
C ALA B 236 77.49 -9.67 29.97
N PHE B 237 77.76 -8.43 29.56
CA PHE B 237 76.72 -7.58 28.98
C PHE B 237 75.99 -8.24 27.80
N PRO B 238 76.73 -8.87 26.86
CA PRO B 238 76.06 -9.48 25.68
C PRO B 238 75.01 -10.52 26.02
N ILE B 239 75.18 -11.19 27.15
CA ILE B 239 74.22 -12.21 27.59
C ILE B 239 72.99 -11.54 28.22
N MET B 240 73.19 -10.41 28.91
CA MET B 240 72.05 -9.64 29.43
C MET B 240 71.20 -9.12 28.28
N LYS B 241 71.87 -8.60 27.25
CA LYS B 241 71.20 -8.01 26.11
C LYS B 241 70.26 -9.02 25.51
N ARG B 242 70.73 -10.25 25.34
CA ARG B 242 69.90 -11.28 24.72
C ARG B 242 68.78 -11.71 25.62
N LYS B 243 69.09 -11.93 26.88
CA LYS B 243 68.08 -12.38 27.85
C LYS B 243 66.97 -11.34 28.00
N LEU B 244 67.26 -10.11 27.60
CA LEU B 244 66.30 -9.00 27.69
C LEU B 244 65.24 -9.07 26.58
N PHE B 245 65.55 -9.77 25.49
CA PHE B 245 64.58 -9.88 24.39
C PHE B 245 63.39 -10.71 24.85
N ALA B 246 63.54 -11.38 25.99
CA ALA B 246 62.46 -12.08 26.66
C ALA B 246 61.21 -11.22 26.76
N LEU B 247 61.40 -9.93 26.96
CA LEU B 247 60.28 -8.99 27.04
C LEU B 247 59.33 -9.10 25.84
N PHE B 248 59.91 -9.31 24.66
CA PHE B 248 59.13 -9.45 23.43
C PHE B 248 58.56 -10.87 23.20
N MET B 249 59.06 -11.87 23.94
CA MET B 249 58.56 -13.26 23.84
C MET B 249 57.64 -13.65 24.98
N ASN B 250 58.07 -13.36 26.20
CA ASN B 250 57.33 -13.76 27.38
C ASN B 250 55.94 -13.16 27.38
N THR B 251 55.14 -13.70 28.29
CA THR B 251 53.79 -13.25 28.51
C THR B 251 53.66 -12.86 29.97
N TYR B 252 52.86 -11.83 30.23
CA TYR B 252 52.77 -11.24 31.58
C TYR B 252 51.31 -11.05 32.01
N MET B 253 51.04 -11.25 33.30
CA MET B 253 49.68 -11.09 33.81
C MET B 253 49.23 -9.61 33.70
N TYR B 254 48.11 -9.40 33.03
CA TYR B 254 47.55 -8.06 32.88
C TYR B 254 46.04 -8.15 32.67
N LYS B 255 45.27 -7.37 33.43
CA LYS B 255 43.79 -7.45 33.39
C LYS B 255 43.26 -8.88 33.39
N LYS B 256 43.83 -9.71 34.26
CA LYS B 256 43.38 -11.07 34.47
C LYS B 256 43.73 -12.05 33.34
N LYS B 257 44.42 -11.60 32.29
CA LYS B 257 44.80 -12.46 31.18
C LYS B 257 46.31 -12.43 30.99
N GLN B 258 46.88 -13.55 30.59
CA GLN B 258 48.29 -13.58 30.18
C GLN B 258 48.38 -12.94 28.79
N MET B 259 49.11 -11.82 28.69
CA MET B 259 49.27 -11.11 27.41
C MET B 259 50.72 -10.82 27.10
N PHE B 260 50.99 -10.55 25.83
CA PHE B 260 52.34 -10.18 25.39
C PHE B 260 52.57 -8.72 25.71
N LEU B 261 53.83 -8.35 25.88
CA LEU B 261 54.16 -7.04 26.41
C LEU B 261 53.63 -5.89 25.55
N THR B 262 53.84 -5.95 24.25
CA THR B 262 53.38 -4.87 23.35
C THR B 262 51.86 -4.74 23.32
N ASN B 263 51.15 -5.84 23.46
CA ASN B 263 49.70 -5.78 23.53
C ASN B 263 49.26 -5.07 24.79
N ILE B 264 49.98 -5.36 25.89
CA ILE B 264 49.69 -4.74 27.18
C ILE B 264 49.87 -3.24 27.06
N ALA B 265 51.01 -2.88 26.48
CA ALA B 265 51.42 -1.49 26.31
C ALA B 265 50.40 -0.72 25.54
N THR B 266 49.87 -1.34 24.50
CA THR B 266 48.84 -0.72 23.70
C THR B 266 47.60 -0.44 24.55
N ASP B 267 47.11 -1.46 25.24
CA ASP B 267 45.90 -1.32 26.08
C ASP B 267 46.14 -0.28 27.16
N TYR B 268 47.22 -0.49 27.91
CA TYR B 268 47.61 0.38 29.02
C TYR B 268 47.66 1.84 28.59
N THR B 269 48.40 2.09 27.50
CA THR B 269 48.57 3.44 26.98
C THR B 269 47.23 4.03 26.61
N LYS B 270 46.49 3.34 25.74
CA LYS B 270 45.22 3.85 25.19
C LYS B 270 44.23 4.16 26.32
N HIS B 271 44.27 3.32 27.35
CA HIS B 271 43.41 3.46 28.52
C HIS B 271 43.88 4.61 29.42
N VAL B 272 45.19 4.71 29.68
CA VAL B 272 45.74 5.87 30.44
C VAL B 272 45.35 7.19 29.76
N VAL B 273 45.51 7.24 28.44
CA VAL B 273 45.18 8.43 27.67
C VAL B 273 43.70 8.78 27.89
N LYS B 274 42.82 7.77 27.95
CA LYS B 274 41.39 8.02 28.18
C LYS B 274 41.15 8.75 29.50
N VAL B 275 41.76 8.26 30.58
CA VAL B 275 41.56 8.88 31.90
C VAL B 275 42.24 10.26 32.02
N LEU B 276 43.21 10.52 31.16
CA LEU B 276 43.79 11.85 31.08
C LEU B 276 42.84 12.81 30.36
N ASN B 277 42.14 12.32 29.34
CA ASN B 277 41.10 13.11 28.63
C ASN B 277 39.83 13.29 29.46
N GLN B 278 39.70 12.51 30.53
CA GLN B 278 38.52 12.53 31.41
C GLN B 278 37.30 11.90 30.74
N GLU B 279 37.56 10.86 29.97
CA GLU B 279 36.51 10.04 29.38
C GLU B 279 36.29 8.84 30.28
N GLU B 280 37.14 8.71 31.29
CA GLU B 280 37.15 7.54 32.15
C GLU B 280 37.72 7.97 33.48
N GLU B 281 37.49 7.16 34.53
CA GLU B 281 38.04 7.48 35.87
C GLU B 281 39.07 6.69 36.62
N GLY B 282 39.56 5.57 36.13
CA GLY B 282 40.51 4.83 37.00
C GLY B 282 41.64 4.43 36.13
N VAL B 283 42.86 4.85 36.47
CA VAL B 283 44.08 4.44 35.77
C VAL B 283 44.18 2.90 35.71
N PRO B 284 44.59 2.34 34.56
CA PRO B 284 44.77 0.90 34.48
C PRO B 284 45.97 0.48 35.29
N GLU B 285 46.01 -0.76 35.69
CA GLU B 285 47.07 -1.21 36.58
C GLU B 285 47.95 -2.30 36.00
N PHE B 286 49.26 -2.11 36.14
CA PHE B 286 50.20 -3.18 35.86
C PHE B 286 50.94 -3.59 37.11
N GLY B 287 50.89 -4.88 37.38
CA GLY B 287 51.56 -5.47 38.53
C GLY B 287 52.44 -6.58 38.01
N ILE B 288 53.48 -6.92 38.77
CA ILE B 288 54.42 -7.92 38.33
C ILE B 288 54.22 -9.19 39.16
N MET C 1 22.18 -84.42 -5.29
CA MET C 1 20.94 -84.27 -6.11
C MET C 1 21.24 -84.15 -7.59
N GLY C 2 22.47 -84.40 -7.96
CA GLY C 2 22.92 -84.31 -9.34
C GLY C 2 24.18 -85.15 -9.42
N TRP C 3 24.83 -85.11 -10.57
CA TRP C 3 25.98 -85.99 -10.89
C TRP C 3 27.19 -85.28 -11.53
N ARG C 4 26.96 -84.21 -12.29
CA ARG C 4 28.05 -83.53 -13.01
C ARG C 4 28.96 -82.73 -12.08
N THR C 5 30.26 -82.87 -12.28
CA THR C 5 31.23 -81.94 -11.72
C THR C 5 31.64 -81.02 -12.85
N VAL C 6 31.18 -79.77 -12.77
CA VAL C 6 31.41 -78.78 -13.82
C VAL C 6 32.62 -77.92 -13.52
N VAL C 7 33.71 -78.10 -14.27
CA VAL C 7 34.93 -77.31 -14.09
C VAL C 7 35.02 -76.16 -15.08
N VAL C 8 35.23 -74.96 -14.56
CA VAL C 8 35.41 -73.78 -15.39
C VAL C 8 36.82 -73.24 -15.30
N ASN C 9 37.47 -73.01 -16.43
CA ASN C 9 38.80 -72.39 -16.41
C ASN C 9 39.10 -71.48 -17.60
N LYS C 10 38.09 -71.20 -18.41
CA LYS C 10 38.25 -70.23 -19.48
C LYS C 10 37.62 -68.90 -19.06
N HIS C 11 38.26 -67.80 -19.49
CA HIS C 11 37.73 -66.45 -19.34
C HIS C 11 36.26 -66.49 -19.81
N SER C 12 35.33 -66.20 -18.90
CA SER C 12 33.92 -66.48 -19.14
C SER C 12 32.95 -65.73 -18.23
N LYS C 13 31.66 -65.84 -18.55
CA LYS C 13 30.59 -65.27 -17.74
C LYS C 13 29.46 -66.24 -17.45
N LEU C 14 29.29 -66.54 -16.18
CA LEU C 14 28.26 -67.45 -15.73
C LEU C 14 27.00 -66.69 -15.34
N SER C 15 25.85 -67.21 -15.77
CA SER C 15 24.54 -66.61 -15.57
C SER C 15 23.56 -67.68 -15.14
N TYR C 16 22.31 -67.27 -14.93
CA TYR C 16 21.22 -68.22 -14.71
C TYR C 16 20.05 -67.90 -15.62
N LYS C 17 19.45 -68.94 -16.16
CA LYS C 17 18.24 -68.81 -16.98
C LYS C 17 17.49 -70.16 -16.97
N ASN C 18 16.19 -70.10 -16.68
CA ASN C 18 15.33 -71.28 -16.70
C ASN C 18 15.95 -72.55 -16.14
N ASN C 19 16.23 -72.57 -14.85
CA ASN C 19 16.88 -73.74 -14.22
C ASN C 19 18.18 -74.22 -14.85
N HIS C 20 18.81 -73.38 -15.68
CA HIS C 20 20.12 -73.72 -16.23
C HIS C 20 21.19 -72.78 -15.74
N LEU C 21 22.38 -73.34 -15.55
CA LEU C 21 23.58 -72.56 -15.52
C LEU C 21 23.87 -72.14 -16.96
N VAL C 22 24.30 -70.91 -17.17
CA VAL C 22 24.63 -70.42 -18.51
C VAL C 22 26.07 -69.97 -18.58
N PHE C 23 26.84 -70.61 -19.46
CA PHE C 23 28.27 -70.37 -19.61
C PHE C 23 28.54 -69.67 -20.93
N LYS C 24 29.21 -68.53 -20.90
CA LYS C 24 29.53 -67.78 -22.12
C LYS C 24 30.99 -67.35 -22.19
N ALA C 25 31.68 -67.82 -23.21
CA ALA C 25 33.04 -67.39 -23.51
C ALA C 25 33.08 -66.90 -24.96
N ILE C 26 34.26 -66.49 -25.46
CA ILE C 26 34.34 -65.61 -26.67
C ILE C 26 33.56 -66.19 -27.85
N ASP C 27 33.81 -67.47 -28.09
CA ASP C 27 33.09 -68.29 -29.06
C ASP C 27 32.12 -69.31 -28.39
N HIS C 28 32.69 -70.17 -27.56
CA HIS C 28 31.97 -71.22 -26.83
C HIS C 28 30.81 -70.65 -26.01
N GLN C 29 29.60 -71.20 -26.15
CA GLN C 29 28.52 -71.00 -25.19
C GLN C 29 27.94 -72.36 -24.80
N GLU C 30 27.41 -72.47 -23.58
CA GLU C 30 26.85 -73.75 -23.10
C GLU C 30 25.83 -73.59 -21.97
N LEU C 31 24.77 -74.39 -22.03
CA LEU C 31 23.73 -74.39 -21.00
C LEU C 31 23.75 -75.75 -20.31
N ILE C 32 23.63 -75.75 -18.99
CA ILE C 32 23.61 -76.98 -18.22
C ILE C 32 22.54 -76.90 -17.15
N HIS C 33 21.70 -77.91 -17.07
CA HIS C 33 20.58 -77.89 -16.16
C HIS C 33 21.05 -78.14 -14.72
N LEU C 34 20.67 -77.27 -13.80
CA LEU C 34 21.14 -77.33 -12.40
C LEU C 34 20.90 -78.68 -11.70
N SER C 35 19.75 -79.27 -11.94
CA SER C 35 19.45 -80.62 -11.42
C SER C 35 20.51 -81.68 -11.80
N GLU C 36 21.24 -81.46 -12.89
CA GLU C 36 22.32 -82.38 -13.29
C GLU C 36 23.65 -82.12 -12.57
N ILE C 37 23.75 -80.99 -11.88
CA ILE C 37 25.04 -80.54 -11.31
C ILE C 37 25.19 -80.95 -9.84
N ASP C 38 26.31 -81.62 -9.56
CA ASP C 38 26.69 -82.02 -8.21
C ASP C 38 27.65 -80.98 -7.63
N VAL C 39 28.61 -80.56 -8.46
CA VAL C 39 29.70 -79.65 -8.06
C VAL C 39 30.04 -78.64 -9.15
N LEU C 40 30.28 -77.41 -8.74
CA LEU C 40 30.76 -76.35 -9.64
C LEU C 40 32.11 -75.86 -9.13
N LEU C 41 33.16 -76.10 -9.90
CA LEU C 41 34.52 -75.71 -9.51
C LEU C 41 35.02 -74.58 -10.38
N LEU C 42 35.31 -73.46 -9.73
CA LEU C 42 35.78 -72.25 -10.40
C LEU C 42 37.30 -72.16 -10.28
N GLU C 43 37.96 -72.71 -11.28
CA GLU C 43 39.39 -73.00 -11.23
C GLU C 43 40.25 -71.75 -11.38
N THR C 44 39.73 -70.76 -12.09
CA THR C 44 40.53 -69.59 -12.41
C THR C 44 39.95 -68.25 -11.93
N THR C 45 40.79 -67.23 -12.07
CA THR C 45 40.45 -65.88 -11.65
C THR C 45 39.87 -65.04 -12.80
N ASP C 46 39.73 -65.64 -13.99
CA ASP C 46 39.20 -64.92 -15.17
C ASP C 46 37.68 -65.03 -15.35
N ILE C 47 36.99 -65.62 -14.37
CA ILE C 47 35.57 -65.93 -14.50
C ILE C 47 34.73 -64.89 -13.81
N SER C 48 33.61 -64.53 -14.43
CA SER C 48 32.65 -63.58 -13.86
C SER C 48 31.29 -64.24 -13.67
N LEU C 49 30.63 -64.04 -12.54
CA LEU C 49 29.34 -64.69 -12.27
C LEU C 49 28.34 -63.78 -11.55
N THR C 50 27.07 -64.18 -11.52
CA THR C 50 25.99 -63.35 -10.94
C THR C 50 25.43 -63.87 -9.62
N THR C 51 25.01 -62.96 -8.74
CA THR C 51 24.41 -63.33 -7.44
C THR C 51 23.11 -64.11 -7.61
N MET C 52 22.44 -63.88 -8.74
CA MET C 52 21.25 -64.65 -9.09
C MET C 52 21.63 -66.12 -9.18
N LEU C 53 22.65 -66.41 -9.98
CA LEU C 53 23.12 -67.77 -10.17
C LEU C 53 23.52 -68.38 -8.83
N LEU C 54 24.27 -67.63 -8.04
CA LEU C 54 24.74 -68.14 -6.75
C LEU C 54 23.59 -68.46 -5.79
N LYS C 55 22.54 -67.63 -5.77
CA LYS C 55 21.33 -67.95 -5.00
C LYS C 55 20.81 -69.33 -5.41
N ARG C 56 20.67 -69.53 -6.71
CA ARG C 56 20.09 -70.75 -7.25
C ARG C 56 21.01 -71.94 -7.01
N LEU C 57 22.31 -71.72 -7.18
CA LEU C 57 23.29 -72.74 -6.82
C LEU C 57 23.19 -73.16 -5.35
N ILE C 58 22.70 -72.27 -4.49
CA ILE C 58 22.56 -72.60 -3.07
C ILE C 58 21.23 -73.33 -2.82
N ASP C 59 20.20 -72.91 -3.55
CA ASP C 59 18.90 -73.55 -3.49
C ASP C 59 19.03 -75.04 -3.78
N GLU C 60 19.54 -75.36 -4.96
CA GLU C 60 19.90 -76.74 -5.30
C GLU C 60 21.25 -76.88 -4.60
N LYS C 61 21.39 -77.78 -3.63
CA LYS C 61 22.52 -77.67 -2.68
C LYS C 61 23.83 -78.08 -3.35
N ILE C 62 24.24 -77.26 -4.32
CA ILE C 62 25.40 -77.52 -5.15
C ILE C 62 26.65 -77.05 -4.45
N LEU C 63 27.69 -77.87 -4.48
CA LEU C 63 28.98 -77.50 -3.91
C LEU C 63 29.70 -76.57 -4.87
N VAL C 64 30.00 -75.37 -4.38
CA VAL C 64 30.70 -74.36 -5.18
C VAL C 64 32.08 -74.11 -4.58
N LEU C 65 33.12 -74.32 -5.38
CA LEU C 65 34.51 -74.17 -4.93
C LEU C 65 35.22 -73.03 -5.66
N PHE C 66 35.98 -72.24 -4.91
CA PHE C 66 36.76 -71.15 -5.50
C PHE C 66 38.22 -71.46 -5.39
N CYS C 67 38.96 -70.91 -6.32
CA CYS C 67 40.38 -71.16 -6.36
C CYS C 67 41.14 -69.87 -6.46
N ASP C 68 42.43 -69.99 -6.11
CA ASP C 68 43.41 -68.93 -6.27
C ASP C 68 44.07 -68.98 -7.67
N ASP C 69 45.06 -68.13 -7.88
CA ASP C 69 45.66 -67.95 -9.22
C ASP C 69 46.60 -69.09 -9.60
N LYS C 70 47.04 -69.87 -8.62
CA LYS C 70 47.75 -71.14 -8.89
C LYS C 70 46.76 -72.32 -9.08
N ARG C 71 45.48 -72.02 -9.22
CA ARG C 71 44.41 -73.04 -9.35
C ARG C 71 44.35 -74.05 -8.19
N LEU C 72 44.64 -73.61 -6.98
CA LEU C 72 44.38 -74.40 -5.79
C LEU C 72 43.11 -73.91 -5.11
N PRO C 73 42.41 -74.80 -4.43
CA PRO C 73 41.16 -74.40 -3.82
C PRO C 73 41.45 -73.64 -2.56
N ILE C 74 40.68 -72.59 -2.32
CA ILE C 74 40.87 -71.73 -1.14
C ILE C 74 39.61 -71.51 -0.34
N GLY C 75 38.46 -71.83 -0.92
CA GLY C 75 37.21 -71.79 -0.17
C GLY C 75 36.01 -72.31 -0.93
N LYS C 76 34.87 -72.32 -0.23
CA LYS C 76 33.62 -72.79 -0.78
C LYS C 76 32.48 -71.95 -0.26
N ILE C 77 31.32 -72.06 -0.91
CA ILE C 77 30.11 -71.46 -0.38
C ILE C 77 29.56 -72.34 0.73
N LEU C 78 29.22 -71.72 1.85
CA LEU C 78 28.64 -72.42 2.98
C LEU C 78 27.24 -71.93 3.15
N PRO C 79 26.26 -72.75 2.76
CA PRO C 79 24.88 -72.34 3.00
C PRO C 79 24.54 -72.39 4.48
N PHE C 80 23.59 -71.55 4.88
CA PHE C 80 23.16 -71.48 6.28
C PHE C 80 22.08 -72.52 6.55
N TYR C 81 21.33 -72.86 5.52
CA TYR C 81 20.14 -73.72 5.70
C TYR C 81 20.30 -75.23 5.49
N GLY C 82 20.90 -75.68 4.40
CA GLY C 82 21.15 -77.11 4.17
C GLY C 82 22.61 -77.48 3.96
N ARG C 83 22.86 -78.59 3.26
CA ARG C 83 24.16 -79.23 3.21
C ARG C 83 24.34 -80.07 1.96
N HIS C 84 25.49 -79.96 1.30
CA HIS C 84 25.85 -80.85 0.20
C HIS C 84 26.39 -82.13 0.86
N ASP C 85 26.44 -83.25 0.13
CA ASP C 85 26.82 -84.53 0.76
C ASP C 85 28.30 -84.70 1.06
N SER C 86 29.17 -83.86 0.50
CA SER C 86 30.58 -83.89 0.87
C SER C 86 30.82 -83.65 2.39
N SER C 87 29.83 -83.08 3.07
CA SER C 87 29.96 -82.81 4.53
C SER C 87 30.23 -84.09 5.35
N LEU C 88 29.65 -85.17 4.87
CA LEU C 88 29.72 -86.49 5.50
C LEU C 88 31.13 -87.12 5.52
N GLN C 89 31.88 -86.82 4.47
CA GLN C 89 33.25 -87.33 4.29
C GLN C 89 34.19 -86.82 5.37
N LEU C 90 33.92 -85.64 5.89
CA LEU C 90 34.76 -85.09 6.96
C LEU C 90 34.76 -86.01 8.20
N THR C 91 33.58 -86.40 8.66
CA THR C 91 33.47 -87.25 9.86
C THR C 91 34.20 -88.59 9.65
N ARG C 92 34.18 -89.07 8.41
CA ARG C 92 34.88 -90.30 8.03
C ARG C 92 36.42 -90.16 7.97
N GLN C 93 36.90 -89.00 7.53
CA GLN C 93 38.33 -88.76 7.40
C GLN C 93 38.97 -88.71 8.76
N LEU C 94 38.29 -88.05 9.70
CA LEU C 94 38.67 -88.00 11.11
C LEU C 94 38.72 -89.41 11.70
N ALA C 95 37.92 -90.32 11.17
CA ALA C 95 37.90 -91.72 11.62
C ALA C 95 38.96 -92.63 10.99
N TRP C 96 39.75 -92.11 10.04
CA TRP C 96 40.76 -92.94 9.34
C TRP C 96 41.76 -93.57 10.31
N THR C 97 41.77 -94.90 10.40
CA THR C 97 42.68 -95.62 11.32
C THR C 97 44.16 -95.43 10.94
N GLU C 98 45.02 -95.34 11.94
CA GLU C 98 46.47 -95.18 11.71
C GLU C 98 47.03 -96.36 10.92
N GLU C 99 46.53 -97.56 11.23
CA GLU C 99 46.95 -98.77 10.53
C GLU C 99 46.61 -98.70 9.04
N ARG C 100 45.42 -98.20 8.73
CA ARG C 100 44.96 -98.13 7.36
C ARG C 100 45.63 -97.07 6.53
N LYS C 101 45.74 -95.88 7.10
CA LYS C 101 46.54 -94.83 6.50
C LYS C 101 47.89 -95.40 6.06
N GLY C 102 48.52 -96.19 6.94
CA GLY C 102 49.79 -96.87 6.64
C GLY C 102 49.74 -97.76 5.41
N GLN C 103 48.75 -98.65 5.38
CA GLN C 103 48.58 -99.57 4.26
C GLN C 103 48.47 -98.80 2.95
N VAL C 104 47.62 -97.77 2.95
CA VAL C 104 47.35 -96.97 1.76
C VAL C 104 48.58 -96.15 1.32
N TRP C 105 49.17 -95.43 2.26
CA TRP C 105 50.35 -94.61 1.94
C TRP C 105 51.48 -95.45 1.33
N THR C 106 51.73 -96.60 1.95
CA THR C 106 52.80 -97.49 1.53
C THR C 106 52.49 -98.10 0.16
N ALA C 107 51.23 -98.48 -0.02
CA ALA C 107 50.75 -99.01 -1.30
C ALA C 107 50.99 -98.00 -2.41
N ILE C 108 50.78 -96.73 -2.08
CA ILE C 108 50.90 -95.63 -3.02
C ILE C 108 52.36 -95.35 -3.33
N ILE C 109 53.18 -95.25 -2.29
CA ILE C 109 54.62 -95.06 -2.47
C ILE C 109 55.23 -96.14 -3.33
N ALA C 110 54.74 -97.36 -3.12
CA ALA C 110 55.16 -98.51 -3.89
C ALA C 110 54.87 -98.32 -5.38
N GLN C 111 53.68 -97.79 -5.69
CA GLN C 111 53.34 -97.52 -7.10
C GLN C 111 54.29 -96.52 -7.72
N LYS C 112 54.74 -95.56 -6.91
CA LYS C 112 55.69 -94.56 -7.38
C LYS C 112 57.01 -95.18 -7.77
N ILE C 113 57.55 -96.01 -6.88
CA ILE C 113 58.83 -96.66 -7.10
C ILE C 113 58.76 -97.52 -8.36
N THR C 114 57.70 -98.29 -8.45
CA THR C 114 57.42 -99.07 -9.64
C THR C 114 57.51 -98.19 -10.88
N ASN C 115 56.78 -97.08 -10.88
CA ASN C 115 56.75 -96.19 -12.05
C ASN C 115 58.10 -95.53 -12.34
N GLN C 116 58.85 -95.25 -11.29
CA GLN C 116 60.24 -94.79 -11.43
C GLN C 116 61.07 -95.86 -12.18
N SER C 117 60.89 -97.11 -11.76
CA SER C 117 61.55 -98.24 -12.40
C SER C 117 61.18 -98.39 -13.87
N LEU C 118 59.87 -98.36 -14.15
CA LEU C 118 59.39 -98.48 -15.54
C LEU C 118 59.98 -97.36 -16.42
N HIS C 119 60.10 -96.18 -15.82
CA HIS C 119 60.70 -95.06 -16.51
C HIS C 119 62.16 -95.34 -16.84
N LEU C 120 62.90 -95.89 -15.87
CA LEU C 120 64.30 -96.22 -16.12
C LEU C 120 64.44 -97.26 -17.23
N ALA C 121 63.58 -98.28 -17.18
CA ALA C 121 63.57 -99.36 -18.17
C ALA C 121 63.34 -98.81 -19.58
N GLN C 122 62.38 -97.90 -19.66
CA GLN C 122 62.06 -97.18 -20.88
C GLN C 122 63.25 -96.40 -21.48
N ARG C 123 64.23 -96.04 -20.64
CA ARG C 123 65.46 -95.37 -21.09
C ARG C 123 66.65 -96.32 -21.27
N ASP C 124 66.35 -97.62 -21.31
CA ASP C 124 67.33 -98.70 -21.48
C ASP C 124 68.36 -98.80 -20.33
N TYR C 125 67.86 -98.66 -19.09
CA TYR C 125 68.61 -99.01 -17.88
C TYR C 125 67.96 -100.20 -17.23
N GLY C 126 67.77 -101.28 -18.02
CA GLY C 126 67.18 -102.54 -17.53
C GLY C 126 67.70 -102.92 -16.15
N GLN C 127 68.99 -102.64 -15.92
CA GLN C 127 69.67 -102.98 -14.67
C GLN C 127 69.23 -102.15 -13.47
N LYS C 128 69.47 -100.84 -13.55
CA LYS C 128 69.14 -99.95 -12.42
C LYS C 128 67.67 -100.05 -12.06
N ALA C 129 66.82 -100.16 -13.09
CA ALA C 129 65.38 -100.35 -12.95
C ALA C 129 65.02 -101.55 -12.08
N ALA C 130 65.58 -102.71 -12.40
CA ALA C 130 65.37 -103.91 -11.60
C ALA C 130 65.79 -103.73 -10.14
N ALA C 131 66.83 -102.93 -9.90
CA ALA C 131 67.31 -102.63 -8.55
C ALA C 131 66.26 -101.91 -7.71
N LEU C 132 65.47 -101.05 -8.35
CA LEU C 132 64.40 -100.32 -7.67
C LEU C 132 63.24 -101.22 -7.29
N LEU C 133 62.99 -102.25 -8.10
CA LEU C 133 61.97 -103.24 -7.75
C LEU C 133 62.37 -104.00 -6.50
N ALA C 134 63.66 -104.24 -6.35
CA ALA C 134 64.21 -104.88 -5.16
C ALA C 134 63.89 -104.05 -3.92
N MET C 135 64.10 -102.74 -4.04
CA MET C 135 63.78 -101.79 -2.97
C MET C 135 62.29 -101.79 -2.64
N ARG C 136 61.47 -101.80 -3.68
CA ARG C 136 60.01 -101.85 -3.47
C ARG C 136 59.63 -103.06 -2.62
N ALA C 137 60.20 -104.22 -2.96
CA ALA C 137 59.90 -105.47 -2.26
C ALA C 137 60.27 -105.43 -0.77
N GLU C 138 61.20 -104.58 -0.39
CA GLU C 138 61.62 -104.45 1.00
C GLU C 138 60.91 -103.34 1.78
N LEU C 139 59.79 -102.83 1.25
CA LEU C 139 59.00 -101.81 1.93
C LEU C 139 58.27 -102.40 3.12
N ARG C 140 58.22 -101.67 4.22
CA ARG C 140 57.30 -101.98 5.32
C ARG C 140 56.38 -100.79 5.57
N LEU C 141 55.36 -100.99 6.40
CA LEU C 141 54.42 -99.92 6.74
C LEU C 141 55.13 -98.61 7.03
N PHE C 142 54.71 -97.55 6.36
CA PHE C 142 55.26 -96.19 6.52
C PHE C 142 56.77 -96.09 6.24
N ASP C 143 57.33 -97.06 5.52
CA ASP C 143 58.72 -97.01 5.03
C ASP C 143 59.71 -96.44 6.04
N PRO C 144 59.91 -97.13 7.17
CA PRO C 144 60.83 -96.62 8.19
C PRO C 144 62.29 -96.74 7.74
N ALA C 145 62.58 -97.67 6.84
CA ALA C 145 63.91 -97.84 6.25
C ALA C 145 64.24 -96.85 5.10
N ASN C 146 63.27 -96.01 4.76
CA ASN C 146 63.46 -94.98 3.72
C ASN C 146 63.95 -95.51 2.39
N ARG C 147 63.35 -96.61 1.93
CA ARG C 147 63.61 -97.12 0.57
C ARG C 147 63.15 -96.15 -0.48
N GLU C 148 62.11 -95.38 -0.14
CA GLU C 148 61.59 -94.32 -1.01
C GLU C 148 62.72 -93.39 -1.47
N GLY C 149 63.48 -92.90 -0.49
CA GLY C 149 64.54 -91.94 -0.73
C GLY C 149 65.77 -92.52 -1.43
N HIS C 150 66.05 -93.79 -1.16
CA HIS C 150 67.12 -94.53 -1.82
C HIS C 150 66.80 -94.79 -3.29
N ALA C 151 65.58 -95.24 -3.53
CA ALA C 151 65.05 -95.37 -4.88
C ALA C 151 65.14 -94.03 -5.62
N ALA C 152 64.69 -92.96 -4.94
CA ALA C 152 64.72 -91.62 -5.50
C ALA C 152 66.13 -91.17 -5.89
N ARG C 153 67.10 -91.38 -5.01
CA ARG C 153 68.48 -91.03 -5.31
C ARG C 153 68.99 -91.75 -6.55
N SER C 154 68.97 -93.08 -6.51
CA SER C 154 69.44 -93.92 -7.61
C SER C 154 68.75 -93.56 -8.92
N TYR C 155 67.42 -93.41 -8.84
CA TYR C 155 66.56 -93.02 -9.98
C TYR C 155 67.09 -91.76 -10.65
N PHE C 156 67.21 -90.69 -9.89
CA PHE C 156 67.67 -89.42 -10.46
C PHE C 156 69.13 -89.47 -10.89
N ASN C 157 69.97 -90.20 -10.16
CA ASN C 157 71.37 -90.35 -10.55
C ASN C 157 71.47 -90.94 -11.94
N THR C 158 70.75 -92.02 -12.17
CA THR C 158 70.80 -92.75 -13.43
C THR C 158 70.28 -91.91 -14.57
N LEU C 159 69.27 -91.09 -14.28
CA LEU C 159 68.63 -90.25 -15.30
C LEU C 159 69.44 -89.01 -15.64
N PHE C 160 69.97 -88.32 -14.63
CA PHE C 160 70.65 -87.03 -14.83
C PHE C 160 72.13 -86.98 -14.40
N GLY C 161 72.70 -88.11 -14.00
CA GLY C 161 74.12 -88.17 -13.65
C GLY C 161 74.38 -88.24 -12.16
N ASN C 162 75.57 -88.71 -11.79
CA ASN C 162 75.94 -88.88 -10.38
C ASN C 162 76.21 -87.55 -9.68
N ASP C 163 76.62 -86.54 -10.45
CA ASP C 163 76.79 -85.16 -9.92
C ASP C 163 75.44 -84.54 -9.56
N PHE C 164 74.34 -85.08 -10.10
CA PHE C 164 73.00 -84.51 -9.88
C PHE C 164 72.43 -84.84 -8.51
N THR C 165 71.92 -83.82 -7.84
CA THR C 165 71.16 -83.96 -6.63
C THR C 165 69.88 -83.13 -6.86
N ARG C 166 68.82 -83.48 -6.14
CA ARG C 166 67.53 -82.76 -6.31
C ARG C 166 67.46 -81.48 -5.51
N GLU C 167 68.45 -81.26 -4.65
CA GLU C 167 68.59 -80.02 -3.88
C GLU C 167 69.31 -78.91 -4.64
N GLN C 168 69.96 -79.23 -5.76
CA GLN C 168 70.73 -78.20 -6.47
C GLN C 168 69.88 -77.29 -7.37
N GLU C 169 70.31 -76.05 -7.54
CA GLU C 169 69.52 -75.03 -8.16
C GLU C 169 69.81 -74.96 -9.65
N ASN C 170 69.16 -75.79 -10.47
CA ASN C 170 69.37 -75.76 -11.93
C ASN C 170 68.04 -75.78 -12.70
N ASP C 171 68.12 -75.72 -14.03
CA ASP C 171 66.91 -75.75 -14.86
C ASP C 171 66.11 -77.03 -14.71
N ILE C 172 66.80 -78.16 -14.60
CA ILE C 172 66.12 -79.46 -14.51
C ILE C 172 65.21 -79.55 -13.27
N ASN C 173 65.73 -79.17 -12.11
CA ASN C 173 64.92 -79.16 -10.87
C ASN C 173 63.79 -78.13 -10.92
N ALA C 174 64.06 -76.96 -11.46
CA ALA C 174 63.04 -75.91 -11.56
C ALA C 174 61.82 -76.44 -12.30
N GLY C 175 62.05 -77.14 -13.40
CA GLY C 175 60.98 -77.75 -14.20
C GLY C 175 60.28 -78.89 -13.46
N LEU C 176 61.07 -79.79 -12.87
CA LEU C 176 60.54 -80.87 -12.05
C LEU C 176 59.56 -80.35 -10.99
N ASN C 177 59.97 -79.28 -10.31
CA ASN C 177 59.15 -78.65 -9.27
C ASN C 177 57.90 -77.98 -9.82
N TYR C 178 58.04 -77.28 -10.95
CA TYR C 178 56.88 -76.69 -11.63
C TYR C 178 55.87 -77.78 -11.90
N GLY C 179 56.35 -78.84 -12.54
CA GLY C 179 55.51 -79.99 -12.87
C GLY C 179 54.81 -80.58 -11.66
N TYR C 180 55.58 -80.80 -10.59
CA TYR C 180 55.00 -81.35 -9.37
C TYR C 180 53.89 -80.43 -8.79
N THR C 181 54.12 -79.12 -8.84
CA THR C 181 53.10 -78.16 -8.39
C THR C 181 51.82 -78.27 -9.18
N LEU C 182 51.95 -78.48 -10.48
CA LEU C 182 50.80 -78.79 -11.34
C LEU C 182 50.04 -80.03 -10.87
N LEU C 183 50.77 -81.12 -10.69
CA LEU C 183 50.15 -82.35 -10.17
C LEU C 183 49.50 -82.08 -8.84
N LEU C 184 50.17 -81.32 -7.98
CA LEU C 184 49.66 -81.04 -6.64
C LEU C 184 48.31 -80.36 -6.68
N SER C 185 48.22 -79.31 -7.47
CA SER C 185 46.99 -78.52 -7.56
C SER C 185 45.82 -79.36 -8.09
N ILE C 186 46.11 -80.31 -8.97
CA ILE C 186 45.08 -81.20 -9.52
C ILE C 186 44.45 -82.06 -8.43
N PHE C 187 45.29 -82.70 -7.64
CA PHE C 187 44.84 -83.63 -6.59
C PHE C 187 44.27 -82.89 -5.40
N ALA C 188 44.83 -81.70 -5.14
CA ALA C 188 44.28 -80.82 -4.12
C ALA C 188 42.80 -80.53 -4.43
N ARG C 189 42.55 -80.06 -5.65
CA ARG C 189 41.21 -79.89 -6.20
C ARG C 189 40.31 -81.11 -5.96
N GLU C 190 40.74 -82.28 -6.43
CA GLU C 190 39.91 -83.47 -6.39
C GLU C 190 39.60 -83.88 -4.97
N LEU C 191 40.60 -83.82 -4.11
CA LEU C 191 40.43 -84.14 -2.70
C LEU C 191 39.36 -83.30 -2.02
N VAL C 192 39.39 -82.00 -2.26
CA VAL C 192 38.43 -81.09 -1.64
C VAL C 192 37.04 -81.42 -2.13
N GLN C 193 36.92 -81.71 -3.42
CA GLN C 193 35.64 -82.10 -4.02
C GLN C 193 35.03 -83.30 -3.32
N THR C 194 35.85 -84.27 -2.95
CA THR C 194 35.35 -85.46 -2.26
C THR C 194 34.88 -85.18 -0.85
N GLY C 195 35.19 -83.99 -0.31
CA GLY C 195 34.79 -83.60 1.04
C GLY C 195 35.90 -83.73 2.07
N CYS C 196 37.13 -83.95 1.60
CA CYS C 196 38.29 -84.10 2.49
C CYS C 196 39.00 -82.77 2.73
N PHE C 197 39.85 -82.75 3.75
CA PHE C 197 40.77 -81.62 3.99
C PHE C 197 42.20 -82.01 3.51
N THR C 198 42.81 -81.15 2.70
CA THR C 198 44.11 -81.47 2.11
C THR C 198 45.26 -81.33 3.09
N GLN C 199 45.01 -80.67 4.21
CA GLN C 199 46.09 -80.25 5.14
C GLN C 199 46.97 -81.32 5.78
N LEU C 200 46.41 -82.50 6.01
CA LEU C 200 47.09 -83.49 6.81
C LEU C 200 47.31 -84.75 6.00
N GLY C 201 48.57 -85.12 5.85
CA GLY C 201 48.96 -86.25 5.02
C GLY C 201 48.72 -87.56 5.76
N LEU C 202 48.86 -88.67 5.05
CA LEU C 202 48.62 -89.97 5.64
C LEU C 202 49.73 -90.34 6.61
N LYS C 203 50.93 -89.83 6.34
CA LYS C 203 52.13 -90.11 7.16
C LYS C 203 52.69 -88.93 7.99
N HIS C 204 52.06 -88.62 9.11
CA HIS C 204 52.75 -87.83 10.14
C HIS C 204 52.20 -88.10 11.55
N PHE C 208 53.01 -78.61 8.02
CA PHE C 208 53.79 -77.49 7.50
C PHE C 208 53.29 -77.03 6.13
N ASN C 209 52.70 -77.97 5.39
CA ASN C 209 52.12 -77.70 4.09
C ASN C 209 50.65 -77.62 4.34
N ASP C 210 49.97 -76.84 3.53
CA ASP C 210 48.52 -76.88 3.54
C ASP C 210 47.99 -78.01 2.66
N PHE C 211 48.85 -78.76 1.99
CA PHE C 211 48.41 -79.78 1.00
C PHE C 211 49.05 -81.15 1.07
N ASN C 212 49.61 -81.53 2.21
CA ASN C 212 50.25 -82.85 2.34
C ASN C 212 49.51 -84.04 1.75
N LEU C 213 48.19 -84.03 1.86
CA LEU C 213 47.39 -85.16 1.41
C LEU C 213 47.34 -85.24 -0.11
N ALA C 214 47.25 -84.09 -0.76
CA ALA C 214 47.42 -84.01 -2.21
C ALA C 214 48.81 -84.48 -2.60
N SER C 215 49.81 -83.95 -1.90
CA SER C 215 51.21 -84.37 -2.06
C SER C 215 51.36 -85.91 -2.01
N ASP C 216 50.63 -86.54 -1.08
CA ASP C 216 50.65 -88.02 -0.92
C ASP C 216 49.99 -88.75 -2.11
N LEU C 217 48.81 -88.28 -2.51
CA LEU C 217 48.06 -88.95 -3.59
C LEU C 217 48.72 -88.84 -4.95
N MET C 218 49.45 -87.77 -5.20
CA MET C 218 50.05 -87.53 -6.50
C MET C 218 51.36 -88.30 -6.71
N GLU C 219 51.81 -88.99 -5.68
CA GLU C 219 53.12 -89.63 -5.73
C GLU C 219 53.34 -90.49 -6.98
N PRO C 220 52.40 -91.39 -7.30
CA PRO C 220 52.66 -92.30 -8.42
C PRO C 220 52.65 -91.60 -9.77
N PHE C 221 52.18 -90.36 -9.80
CA PHE C 221 52.10 -89.61 -11.05
C PHE C 221 53.32 -88.74 -11.30
N ARG C 222 54.22 -88.69 -10.32
CA ARG C 222 55.43 -87.89 -10.45
C ARG C 222 56.24 -88.25 -11.71
N PRO C 223 56.47 -89.54 -11.96
CA PRO C 223 57.23 -89.88 -13.17
C PRO C 223 56.68 -89.31 -14.48
N LEU C 224 55.38 -88.99 -14.54
CA LEU C 224 54.83 -88.36 -15.73
C LEU C 224 55.57 -87.06 -16.03
N VAL C 225 55.88 -86.30 -14.97
CA VAL C 225 56.69 -85.08 -15.10
C VAL C 225 58.15 -85.43 -15.42
N ASP C 226 58.67 -86.40 -14.68
CA ASP C 226 60.05 -86.84 -14.85
C ASP C 226 60.33 -87.17 -16.33
N GLN C 227 59.39 -87.86 -16.98
CA GLN C 227 59.52 -88.20 -18.40
C GLN C 227 59.68 -86.96 -19.26
N ILE C 228 58.76 -86.03 -19.09
CA ILE C 228 58.73 -84.82 -19.91
C ILE C 228 60.00 -84.00 -19.70
N ILE C 229 60.44 -83.90 -18.46
CA ILE C 229 61.64 -83.14 -18.18
C ILE C 229 62.89 -83.81 -18.67
N TYR C 230 62.99 -85.11 -18.45
CA TYR C 230 64.09 -85.88 -19.00
C TYR C 230 64.24 -85.61 -20.50
N GLU C 231 63.14 -85.78 -21.23
CA GLU C 231 63.13 -85.57 -22.69
C GLU C 231 63.61 -84.18 -23.09
N ASN C 232 63.30 -83.19 -22.26
CA ASN C 232 63.70 -81.80 -22.52
C ASN C 232 64.78 -81.32 -21.56
N ARG C 233 65.60 -82.25 -21.06
CA ARG C 233 66.64 -81.89 -20.06
C ARG C 233 67.71 -80.97 -20.65
N LYS C 234 67.84 -80.98 -21.97
CA LYS C 234 68.77 -80.11 -22.68
C LYS C 234 68.27 -78.67 -22.81
N GLU C 235 66.96 -78.45 -22.69
CA GLU C 235 66.35 -77.17 -23.07
C GLU C 235 66.38 -76.13 -21.95
N ALA C 236 66.07 -74.89 -22.31
CA ALA C 236 65.91 -73.81 -21.33
C ALA C 236 64.61 -74.01 -20.56
N PHE C 237 64.53 -73.41 -19.37
CA PHE C 237 63.35 -73.58 -18.49
C PHE C 237 62.00 -73.27 -19.16
N PRO C 238 61.89 -72.11 -19.84
CA PRO C 238 60.64 -71.79 -20.56
C PRO C 238 60.11 -72.86 -21.51
N ILE C 239 61.01 -73.64 -22.12
CA ILE C 239 60.62 -74.70 -23.04
C ILE C 239 60.13 -75.93 -22.27
N MET C 240 60.71 -76.19 -21.10
CA MET C 240 60.23 -77.28 -20.23
C MET C 240 58.84 -76.96 -19.73
N LYS C 241 58.63 -75.70 -19.33
CA LYS C 241 57.35 -75.28 -18.81
C LYS C 241 56.24 -75.56 -19.83
N ARG C 242 56.47 -75.22 -21.10
CA ARG C 242 55.46 -75.45 -22.17
C ARG C 242 55.25 -76.91 -22.44
N LYS C 243 56.34 -77.65 -22.58
CA LYS C 243 56.26 -79.07 -22.87
C LYS C 243 55.54 -79.84 -21.75
N LEU C 244 55.48 -79.24 -20.56
CA LEU C 244 54.80 -79.84 -19.40
C LEU C 244 53.28 -79.75 -19.49
N PHE C 245 52.77 -78.81 -20.29
CA PHE C 245 51.32 -78.68 -20.47
C PHE C 245 50.75 -79.91 -21.19
N ALA C 246 51.64 -80.70 -21.78
CA ALA C 246 51.30 -82.01 -22.33
C ALA C 246 50.44 -82.86 -21.37
N LEU C 247 50.71 -82.77 -20.07
CA LEU C 247 49.94 -83.49 -19.06
C LEU C 247 48.43 -83.28 -19.19
N PHE C 248 48.05 -82.05 -19.54
CA PHE C 248 46.65 -81.70 -19.70
C PHE C 248 46.07 -82.11 -21.07
N MET C 249 46.94 -82.40 -22.03
CA MET C 249 46.49 -82.81 -23.38
C MET C 249 46.61 -84.29 -23.64
N ASN C 250 47.77 -84.85 -23.31
CA ASN C 250 48.03 -86.26 -23.56
C ASN C 250 46.99 -87.16 -22.87
N THR C 251 47.02 -88.42 -23.28
CA THR C 251 46.21 -89.49 -22.68
C THR C 251 47.13 -90.52 -22.11
N TYR C 252 46.70 -91.15 -21.02
CA TYR C 252 47.51 -92.14 -20.29
C TYR C 252 46.71 -93.41 -19.95
N MET C 253 47.36 -94.57 -20.03
CA MET C 253 46.70 -95.84 -19.75
C MET C 253 46.28 -95.89 -18.27
N TYR C 254 45.00 -96.13 -18.03
CA TYR C 254 44.47 -96.23 -16.67
C TYR C 254 43.20 -97.08 -16.69
N LYS C 255 43.05 -97.98 -15.72
CA LYS C 255 42.00 -98.98 -15.76
C LYS C 255 42.49 -99.64 -17.06
N LYS C 256 41.59 -99.94 -17.96
CA LYS C 256 42.03 -100.54 -19.25
C LYS C 256 41.96 -99.54 -20.41
N LYS C 257 41.77 -98.27 -20.08
CA LYS C 257 41.34 -97.31 -21.07
C LYS C 257 42.36 -96.18 -21.15
N GLN C 258 42.54 -95.62 -22.34
CA GLN C 258 43.28 -94.38 -22.48
C GLN C 258 42.42 -93.22 -21.97
N MET C 259 42.86 -92.55 -20.91
CA MET C 259 42.12 -91.43 -20.32
C MET C 259 42.98 -90.19 -20.17
N PHE C 260 42.31 -89.04 -20.05
CA PHE C 260 43.00 -87.77 -19.80
C PHE C 260 43.37 -87.69 -18.32
N LEU C 261 44.42 -86.94 -18.05
CA LEU C 261 45.00 -86.94 -16.72
C LEU C 261 44.01 -86.56 -15.61
N THR C 262 43.27 -85.47 -15.81
CA THR C 262 42.36 -85.00 -14.76
C THR C 262 41.23 -85.98 -14.50
N ASN C 263 40.80 -86.70 -15.54
CA ASN C 263 39.75 -87.72 -15.37
C ASN C 263 40.28 -88.87 -14.53
N ILE C 264 41.55 -89.21 -14.77
CA ILE C 264 42.21 -90.25 -13.99
C ILE C 264 42.29 -89.85 -12.53
N ALA C 265 42.76 -88.62 -12.32
CA ALA C 265 42.93 -88.06 -10.98
C ALA C 265 41.64 -88.10 -10.20
N THR C 266 40.54 -87.77 -10.87
CA THR C 266 39.23 -87.79 -10.24
C THR C 266 38.86 -89.19 -9.79
N ASP C 267 38.97 -90.16 -10.70
CA ASP C 267 38.68 -91.55 -10.36
C ASP C 267 39.60 -92.05 -9.25
N TYR C 268 40.90 -91.88 -9.50
CA TYR C 268 41.94 -92.32 -8.57
C TYR C 268 41.67 -91.81 -7.16
N THR C 269 41.47 -90.49 -7.06
CA THR C 269 41.25 -89.84 -5.78
C THR C 269 40.00 -90.39 -5.11
N LYS C 270 38.85 -90.34 -5.80
CA LYS C 270 37.57 -90.76 -5.16
C LYS C 270 37.68 -92.18 -4.67
N HIS C 271 38.36 -93.00 -5.48
CA HIS C 271 38.52 -94.42 -5.19
C HIS C 271 39.47 -94.62 -4.00
N VAL C 272 40.59 -93.90 -3.97
CA VAL C 272 41.52 -93.95 -2.80
C VAL C 272 40.80 -93.56 -1.52
N VAL C 273 40.02 -92.49 -1.59
CA VAL C 273 39.27 -92.02 -0.44
C VAL C 273 38.31 -93.11 0.06
N LYS C 274 37.68 -93.83 -0.88
CA LYS C 274 36.79 -94.93 -0.51
C LYS C 274 37.55 -95.96 0.35
N VAL C 275 38.74 -96.40 -0.09
CA VAL C 275 39.48 -97.47 0.63
C VAL C 275 40.07 -96.96 1.94
N LEU C 276 40.20 -95.64 2.06
CA LEU C 276 40.58 -95.01 3.32
C LEU C 276 39.40 -94.95 4.32
N ASN C 277 38.18 -94.76 3.81
CA ASN C 277 36.93 -94.92 4.62
C ASN C 277 36.52 -96.36 4.93
N GLN C 278 37.13 -97.33 4.24
CA GLN C 278 36.89 -98.78 4.44
C GLN C 278 35.56 -99.17 3.86
N GLU C 279 35.21 -98.50 2.76
CA GLU C 279 34.03 -98.85 1.97
C GLU C 279 34.47 -99.76 0.83
N GLU C 280 35.77 -99.94 0.70
CA GLU C 280 36.36 -100.72 -0.36
C GLU C 280 37.68 -101.28 0.15
N GLU C 281 38.16 -102.32 -0.51
CA GLU C 281 39.49 -102.83 -0.25
C GLU C 281 40.20 -102.56 -1.56
N GLY C 282 41.52 -102.47 -1.52
CA GLY C 282 42.31 -102.42 -2.73
C GLY C 282 42.42 -101.06 -3.38
N VAL C 283 43.54 -100.42 -3.08
CA VAL C 283 43.95 -99.14 -3.67
C VAL C 283 43.98 -99.22 -5.20
N PRO C 284 43.51 -98.16 -5.89
CA PRO C 284 43.55 -98.16 -7.35
C PRO C 284 44.96 -98.00 -7.82
N GLU C 285 45.24 -98.43 -9.05
CA GLU C 285 46.63 -98.44 -9.51
C GLU C 285 46.89 -97.58 -10.71
N PHE C 286 47.95 -96.78 -10.61
CA PHE C 286 48.44 -96.06 -11.77
C PHE C 286 49.84 -96.52 -12.12
N GLY C 287 49.98 -96.91 -13.38
CA GLY C 287 51.24 -97.32 -13.94
C GLY C 287 51.51 -96.46 -15.15
N ILE C 288 52.79 -96.34 -15.52
CA ILE C 288 53.16 -95.49 -16.64
C ILE C 288 53.55 -96.35 -17.84
N MET D 1 41.35 -56.46 10.65
CA MET D 1 41.02 -55.05 11.02
C MET D 1 40.66 -54.20 9.82
N GLY D 2 39.41 -54.30 9.41
CA GLY D 2 38.76 -53.31 8.57
C GLY D 2 37.55 -52.99 9.38
N TRP D 3 36.74 -52.05 8.90
CA TRP D 3 35.61 -51.48 9.64
C TRP D 3 34.31 -51.32 8.84
N ARG D 4 34.42 -51.13 7.53
CA ARG D 4 33.23 -50.88 6.71
C ARG D 4 32.39 -52.13 6.44
N THR D 5 31.08 -52.01 6.59
CA THR D 5 30.14 -52.99 6.09
C THR D 5 29.55 -52.45 4.80
N VAL D 6 29.95 -53.05 3.69
CA VAL D 6 29.57 -52.56 2.37
C VAL D 6 28.37 -53.32 1.87
N VAL D 7 27.21 -52.67 1.83
CA VAL D 7 25.99 -53.34 1.30
C VAL D 7 25.63 -52.91 -0.15
N VAL D 8 25.43 -53.89 -1.01
CA VAL D 8 25.17 -53.66 -2.43
C VAL D 8 23.72 -54.02 -2.76
N ASN D 9 22.98 -53.07 -3.36
CA ASN D 9 21.56 -53.21 -3.74
C ASN D 9 21.22 -52.97 -5.20
N LYS D 10 22.19 -52.45 -5.93
CA LYS D 10 21.94 -51.93 -7.26
C LYS D 10 22.56 -52.80 -8.32
N HIS D 11 21.85 -52.94 -9.43
CA HIS D 11 22.35 -53.66 -10.60
C HIS D 11 23.76 -53.13 -10.89
N SER D 12 24.75 -54.01 -10.84
CA SER D 12 26.15 -53.57 -10.84
C SER D 12 27.14 -54.66 -11.21
N LYS D 13 28.40 -54.25 -11.38
CA LYS D 13 29.51 -55.19 -11.56
C LYS D 13 30.67 -54.89 -10.66
N LEU D 14 30.98 -55.87 -9.82
CA LEU D 14 32.09 -55.76 -8.90
C LEU D 14 33.35 -56.36 -9.51
N SER D 15 34.47 -55.64 -9.35
CA SER D 15 35.76 -56.01 -9.89
C SER D 15 36.83 -55.85 -8.83
N TYR D 16 38.08 -56.13 -9.18
CA TYR D 16 39.23 -55.83 -8.34
C TYR D 16 40.31 -55.09 -9.13
N LYS D 17 40.88 -54.08 -8.50
CA LYS D 17 41.97 -53.30 -9.08
C LYS D 17 42.76 -52.61 -7.98
N ASN D 18 44.07 -52.80 -8.01
CA ASN D 18 44.98 -52.20 -7.05
C ASN D 18 44.47 -52.19 -5.62
N ASN D 19 44.33 -53.35 -5.01
CA ASN D 19 43.79 -53.44 -3.63
C ASN D 19 42.43 -52.78 -3.36
N HIS D 20 41.70 -52.46 -4.42
CA HIS D 20 40.38 -51.90 -4.23
C HIS D 20 39.31 -52.81 -4.76
N LEU D 21 38.17 -52.79 -4.09
CA LEU D 21 36.94 -53.27 -4.66
C LEU D 21 36.49 -52.21 -5.63
N VAL D 22 35.98 -52.64 -6.79
CA VAL D 22 35.51 -51.70 -7.80
C VAL D 22 34.05 -51.95 -8.09
N PHE D 23 33.24 -50.93 -7.85
CA PHE D 23 31.78 -51.00 -8.03
C PHE D 23 31.36 -50.16 -9.22
N LYS D 24 30.66 -50.75 -10.19
CA LYS D 24 30.19 -50.03 -11.38
C LYS D 24 28.73 -50.26 -11.67
N ALA D 25 27.96 -49.18 -11.66
CA ALA D 25 26.55 -49.18 -12.06
C ALA D 25 26.25 -48.02 -13.05
N ILE D 26 24.97 -47.75 -13.30
CA ILE D 26 24.50 -46.48 -13.93
C ILE D 26 24.16 -45.28 -12.99
N ASP D 27 24.79 -44.11 -13.17
CA ASP D 27 26.16 -43.99 -13.71
C ASP D 27 27.14 -43.93 -12.58
N HIS D 28 26.64 -44.29 -11.41
CA HIS D 28 27.43 -44.43 -10.18
C HIS D 28 28.64 -45.37 -10.41
N GLN D 29 29.85 -44.92 -10.09
CA GLN D 29 31.01 -45.78 -9.96
C GLN D 29 31.69 -45.49 -8.62
N GLU D 30 32.34 -46.49 -8.04
CA GLU D 30 32.95 -46.36 -6.72
C GLU D 30 34.10 -47.29 -6.44
N LEU D 31 35.17 -46.79 -5.85
CA LEU D 31 36.31 -47.61 -5.46
C LEU D 31 36.42 -47.60 -3.94
N ILE D 32 36.64 -48.76 -3.35
CA ILE D 32 36.80 -48.87 -1.91
C ILE D 32 37.97 -49.77 -1.59
N HIS D 33 38.86 -49.32 -0.71
CA HIS D 33 40.07 -50.06 -0.43
C HIS D 33 39.78 -51.25 0.49
N LEU D 34 40.22 -52.43 0.07
CA LEU D 34 39.89 -53.68 0.79
C LEU D 34 40.25 -53.64 2.29
N SER D 35 41.39 -53.06 2.63
CA SER D 35 41.79 -52.89 4.03
C SER D 35 40.76 -52.16 4.88
N GLU D 36 39.90 -51.35 4.26
CA GLU D 36 38.81 -50.67 5.00
C GLU D 36 37.57 -51.54 5.20
N ILE D 37 37.50 -52.67 4.50
CA ILE D 37 36.29 -53.50 4.47
C ILE D 37 36.31 -54.61 5.50
N ASP D 38 35.27 -54.65 6.32
CA ASP D 38 35.05 -55.73 7.30
C ASP D 38 34.10 -56.77 6.72
N VAL D 39 33.03 -56.29 6.07
CA VAL D 39 31.98 -57.16 5.53
C VAL D 39 31.48 -56.67 4.18
N LEU D 40 31.22 -57.61 3.28
CA LEU D 40 30.60 -57.33 2.00
C LEU D 40 29.29 -58.11 1.92
N LEU D 41 28.18 -57.40 1.89
CA LEU D 41 26.85 -58.02 1.81
C LEU D 41 26.19 -57.81 0.44
N LEU D 42 25.94 -58.91 -0.25
CA LEU D 42 25.38 -58.88 -1.60
C LEU D 42 23.88 -59.16 -1.51
N GLU D 43 23.14 -58.06 -1.40
CA GLU D 43 21.73 -58.10 -1.00
C GLU D 43 20.82 -58.59 -2.11
N THR D 44 21.21 -58.35 -3.36
CA THR D 44 20.32 -58.64 -4.48
C THR D 44 20.89 -59.59 -5.53
N THR D 45 20.01 -59.98 -6.45
CA THR D 45 20.34 -60.93 -7.49
C THR D 45 20.76 -60.25 -8.79
N ASP D 46 20.81 -58.92 -8.80
CA ASP D 46 21.19 -58.15 -10.02
C ASP D 46 22.68 -57.84 -10.11
N ILE D 47 23.47 -58.39 -9.19
CA ILE D 47 24.90 -58.06 -9.09
C ILE D 47 25.75 -59.11 -9.78
N SER D 48 26.79 -58.65 -10.46
CA SER D 48 27.76 -59.53 -11.11
C SER D 48 29.15 -59.29 -10.54
N LEU D 49 29.90 -60.35 -10.26
CA LEU D 49 31.26 -60.19 -9.69
C LEU D 49 32.28 -61.19 -10.24
N THR D 50 33.56 -60.95 -9.98
CA THR D 50 34.66 -61.75 -10.58
C THR D 50 35.37 -62.65 -9.56
N THR D 51 35.84 -63.81 -10.02
CA THR D 51 36.59 -64.74 -9.17
C THR D 51 37.91 -64.15 -8.68
N MET D 52 38.46 -63.22 -9.45
CA MET D 52 39.63 -62.45 -9.01
C MET D 52 39.29 -61.73 -7.71
N LEU D 53 38.20 -60.95 -7.73
CA LEU D 53 37.76 -60.19 -6.55
C LEU D 53 37.54 -61.12 -5.38
N LEU D 54 36.84 -62.23 -5.62
CA LEU D 54 36.55 -63.18 -4.55
C LEU D 54 37.82 -63.77 -3.93
N LYS D 55 38.82 -64.09 -4.75
CA LYS D 55 40.11 -64.56 -4.22
C LYS D 55 40.65 -63.54 -3.24
N ARG D 56 40.66 -62.27 -3.66
CA ARG D 56 41.23 -61.18 -2.87
C ARG D 56 40.38 -60.91 -1.62
N LEU D 57 39.06 -60.96 -1.77
CA LEU D 57 38.18 -60.90 -0.61
C LEU D 57 38.45 -61.99 0.42
N ILE D 58 38.96 -63.13 -0.02
CA ILE D 58 39.29 -64.23 0.90
C ILE D 58 40.65 -64.00 1.55
N ASP D 59 41.59 -63.46 0.75
CA ASP D 59 42.93 -63.14 1.22
C ASP D 59 42.84 -62.19 2.40
N GLU D 60 42.21 -61.04 2.20
CA GLU D 60 41.88 -60.12 3.30
C GLU D 60 40.62 -60.73 3.86
N LYS D 61 40.64 -61.11 5.12
CA LYS D 61 39.69 -62.07 5.57
C LYS D 61 38.31 -61.45 5.73
N ILE D 62 37.73 -61.06 4.60
CA ILE D 62 36.48 -60.33 4.55
C ILE D 62 35.29 -61.28 4.56
N LEU D 63 34.29 -60.96 5.36
CA LEU D 63 33.07 -61.74 5.37
C LEU D 63 32.20 -61.39 4.18
N VAL D 64 31.90 -62.37 3.35
CA VAL D 64 31.07 -62.17 2.16
C VAL D 64 29.76 -62.94 2.31
N LEU D 65 28.65 -62.22 2.23
CA LEU D 65 27.33 -62.82 2.41
C LEU D 65 26.52 -62.73 1.14
N PHE D 66 25.80 -63.82 0.82
CA PHE D 66 24.93 -63.85 -0.35
C PHE D 66 23.49 -63.91 0.09
N CYS D 67 22.62 -63.36 -0.75
CA CYS D 67 21.22 -63.33 -0.42
C CYS D 67 20.39 -63.87 -1.56
N ASP D 68 19.16 -64.22 -1.19
CA ASP D 68 18.12 -64.63 -2.14
C ASP D 68 17.34 -63.41 -2.65
N ASP D 69 16.29 -63.67 -3.44
CA ASP D 69 15.54 -62.60 -4.11
C ASP D 69 14.61 -61.81 -3.15
N LYS D 70 14.31 -62.38 -1.98
CA LYS D 70 13.64 -61.64 -0.90
C LYS D 70 14.64 -60.89 -0.02
N ARG D 71 15.89 -60.77 -0.47
CA ARG D 71 16.98 -60.13 0.29
C ARG D 71 17.24 -60.72 1.69
N LEU D 72 17.07 -62.03 1.84
CA LEU D 72 17.49 -62.71 3.07
C LEU D 72 18.81 -63.40 2.81
N PRO D 73 19.65 -63.52 3.84
CA PRO D 73 20.91 -64.20 3.67
C PRO D 73 20.71 -65.70 3.57
N ILE D 74 21.44 -66.34 2.66
CA ILE D 74 21.32 -67.78 2.44
C ILE D 74 22.65 -68.50 2.50
N GLY D 75 23.75 -67.75 2.44
CA GLY D 75 25.06 -68.32 2.63
C GLY D 75 26.19 -67.31 2.68
N LYS D 76 27.39 -67.83 2.91
CA LYS D 76 28.60 -67.04 2.98
C LYS D 76 29.76 -67.78 2.39
N ILE D 77 30.83 -67.08 2.11
CA ILE D 77 32.05 -67.74 1.67
C ILE D 77 32.76 -68.31 2.88
N LEU D 78 33.17 -69.56 2.76
CA LEU D 78 33.88 -70.25 3.84
C LEU D 78 35.26 -70.56 3.33
N PRO D 79 36.25 -69.81 3.78
CA PRO D 79 37.61 -70.14 3.38
C PRO D 79 38.04 -71.47 4.01
N PHE D 80 38.94 -72.19 3.34
CA PHE D 80 39.48 -73.46 3.86
C PHE D 80 40.66 -73.22 4.78
N TYR D 81 41.38 -72.14 4.54
CA TYR D 81 42.67 -71.92 5.17
C TYR D 81 42.64 -70.56 5.80
N GLY D 82 42.72 -70.44 7.12
CA GLY D 82 42.38 -69.16 7.80
C GLY D 82 43.52 -68.54 8.58
N ARG D 83 44.64 -69.23 8.50
CA ARG D 83 45.89 -68.75 8.98
C ARG D 83 47.06 -69.57 8.38
N HIS D 84 48.23 -69.16 8.85
CA HIS D 84 49.51 -69.87 8.64
C HIS D 84 50.27 -70.26 9.94
N ASP D 85 50.61 -71.54 10.22
CA ASP D 85 49.93 -72.77 9.76
C ASP D 85 48.69 -73.10 10.65
N SER D 86 47.54 -73.04 10.00
CA SER D 86 46.29 -73.49 10.62
C SER D 86 46.30 -74.99 11.03
N SER D 87 47.20 -75.77 10.42
CA SER D 87 47.32 -77.22 10.67
C SER D 87 47.60 -77.51 12.16
N LEU D 88 48.36 -76.61 12.77
CA LEU D 88 48.71 -76.72 14.17
C LEU D 88 47.42 -76.76 15.03
N GLN D 89 46.49 -75.82 14.82
CA GLN D 89 45.25 -75.76 15.59
C GLN D 89 44.29 -76.93 15.29
N LEU D 90 44.34 -77.42 14.08
CA LEU D 90 43.55 -78.57 13.69
C LEU D 90 43.87 -79.82 14.53
N THR D 91 45.16 -80.14 14.66
CA THR D 91 45.58 -81.32 15.44
C THR D 91 45.15 -81.17 16.93
N ARG D 92 45.13 -79.93 17.43
CA ARG D 92 44.68 -79.60 18.79
C ARG D 92 43.17 -79.72 18.98
N GLN D 93 42.41 -79.35 17.95
CA GLN D 93 40.94 -79.38 18.02
C GLN D 93 40.46 -80.80 18.09
N LEU D 94 41.07 -81.65 17.27
CA LEU D 94 40.82 -83.08 17.30
C LEU D 94 41.16 -83.69 18.67
N ALA D 95 42.08 -83.06 19.39
CA ALA D 95 42.47 -83.50 20.74
C ALA D 95 41.57 -82.98 21.88
N TRP D 96 40.59 -82.14 21.56
CA TRP D 96 39.73 -81.54 22.59
C TRP D 96 39.01 -82.61 23.40
N THR D 97 39.31 -82.67 24.70
CA THR D 97 38.70 -83.68 25.58
C THR D 97 37.19 -83.48 25.71
N GLU D 98 36.45 -84.59 25.79
CA GLU D 98 34.99 -84.55 25.94
C GLU D 98 34.61 -83.80 27.21
N GLU D 99 35.37 -84.03 28.28
CA GLU D 99 35.13 -83.36 29.55
C GLU D 99 35.25 -81.85 29.43
N ARG D 100 36.29 -81.40 28.71
CA ARG D 100 36.55 -79.97 28.58
C ARG D 100 35.55 -79.26 27.68
N LYS D 101 35.26 -79.87 26.54
CA LYS D 101 34.18 -79.39 25.67
C LYS D 101 32.92 -79.12 26.50
N GLY D 102 32.59 -80.06 27.38
CA GLY D 102 31.48 -79.90 28.31
C GLY D 102 31.59 -78.65 29.19
N GLN D 103 32.72 -78.49 29.86
CA GLN D 103 32.92 -77.34 30.76
C GLN D 103 32.70 -76.03 30.02
N VAL D 104 33.31 -75.94 28.83
CA VAL D 104 33.26 -74.74 28.00
C VAL D 104 31.84 -74.47 27.45
N TRP D 105 31.23 -75.49 26.85
CA TRP D 105 29.87 -75.34 26.29
C TRP D 105 28.88 -74.89 27.35
N THR D 106 28.96 -75.51 28.52
CA THR D 106 28.06 -75.21 29.63
C THR D 106 28.32 -73.78 30.17
N ALA D 107 29.59 -73.43 30.31
CA ALA D 107 30.00 -72.09 30.72
C ALA D 107 29.43 -71.02 29.80
N ILE D 108 29.39 -71.35 28.51
CA ILE D 108 28.93 -70.44 27.45
C ILE D 108 27.41 -70.32 27.45
N ILE D 109 26.74 -71.45 27.50
CA ILE D 109 25.29 -71.48 27.55
C ILE D 109 24.79 -70.73 28.78
N ALA D 110 25.54 -70.84 29.88
CA ALA D 110 25.27 -70.09 31.12
C ALA D 110 25.33 -68.58 30.92
N GLN D 111 26.33 -68.12 30.19
CA GLN D 111 26.44 -66.69 29.85
C GLN D 111 25.22 -66.21 29.09
N LYS D 112 24.69 -67.08 28.22
CA LYS D 112 23.52 -66.73 27.43
C LYS D 112 22.29 -66.52 28.28
N ILE D 113 22.03 -67.48 29.16
CA ILE D 113 20.84 -67.43 30.00
C ILE D 113 20.94 -66.18 30.91
N THR D 114 22.13 -65.93 31.46
CA THR D 114 22.42 -64.70 32.22
C THR D 114 22.01 -63.46 31.42
N ASN D 115 22.52 -63.37 30.19
CA ASN D 115 22.22 -62.22 29.33
C ASN D 115 20.73 -62.13 28.96
N GLN D 116 20.05 -63.28 28.80
CA GLN D 116 18.59 -63.25 28.61
C GLN D 116 17.92 -62.65 29.82
N SER D 117 18.38 -63.05 31.00
CA SER D 117 17.87 -62.52 32.25
C SER D 117 18.08 -61.00 32.38
N LEU D 118 19.31 -60.55 32.12
CA LEU D 118 19.63 -59.12 32.17
C LEU D 118 18.73 -58.35 31.22
N HIS D 119 18.47 -58.94 30.06
CA HIS D 119 17.58 -58.34 29.08
C HIS D 119 16.17 -58.19 29.64
N LEU D 120 15.67 -59.25 30.28
CA LEU D 120 14.34 -59.19 30.89
C LEU D 120 14.26 -58.12 31.97
N ALA D 121 15.30 -58.06 32.82
CA ALA D 121 15.38 -57.08 33.92
C ALA D 121 15.34 -55.65 33.37
N GLN D 122 16.10 -55.44 32.31
CA GLN D 122 16.12 -54.19 31.56
C GLN D 122 14.74 -53.76 31.01
N ARG D 123 13.82 -54.72 30.82
CA ARG D 123 12.43 -54.42 30.41
C ARG D 123 11.43 -54.43 31.58
N ASP D 124 11.95 -54.36 32.80
CA ASP D 124 11.16 -54.31 34.04
C ASP D 124 10.33 -55.58 34.29
N TYR D 125 10.93 -56.72 34.01
CA TYR D 125 10.42 -58.02 34.46
C TYR D 125 11.36 -58.59 35.50
N GLY D 126 11.63 -57.80 36.54
CA GLY D 126 12.51 -58.21 37.66
C GLY D 126 12.25 -59.66 38.07
N GLN D 127 10.96 -60.05 38.03
CA GLN D 127 10.51 -61.38 38.45
C GLN D 127 10.94 -62.51 37.51
N LYS D 128 10.46 -62.47 36.26
CA LYS D 128 10.75 -63.54 35.29
C LYS D 128 12.27 -63.69 35.11
N ALA D 129 12.97 -62.56 35.10
CA ALA D 129 14.45 -62.51 35.03
C ALA D 129 15.12 -63.33 36.13
N ALA D 130 14.74 -63.09 37.38
CA ALA D 130 15.28 -63.84 38.52
C ALA D 130 15.02 -65.35 38.38
N ALA D 131 13.89 -65.71 37.76
CA ALA D 131 13.53 -67.13 37.49
C ALA D 131 14.54 -67.82 36.57
N LEU D 132 15.07 -67.07 35.60
CA LEU D 132 16.07 -67.61 34.65
C LEU D 132 17.43 -67.82 35.31
N LEU D 133 17.77 -66.98 36.29
CA LEU D 133 18.99 -67.20 37.09
C LEU D 133 18.89 -68.50 37.89
N ALA D 134 17.69 -68.81 38.36
CA ALA D 134 17.41 -70.07 39.05
C ALA D 134 17.73 -71.26 38.15
N MET D 135 17.25 -71.18 36.91
CA MET D 135 17.51 -72.22 35.92
C MET D 135 19.03 -72.42 35.71
N ARG D 136 19.82 -71.33 35.77
CA ARG D 136 21.28 -71.34 35.49
C ARG D 136 22.20 -72.10 36.49
N ALA D 137 21.94 -71.97 37.79
CA ALA D 137 22.54 -72.83 38.83
C ALA D 137 22.07 -74.30 38.68
N GLU D 138 20.84 -74.49 38.19
CA GLU D 138 20.45 -75.77 37.55
C GLU D 138 21.02 -75.82 36.15
N GLN D 168 3.94 -68.40 13.77
CA GLN D 168 5.18 -68.65 14.57
C GLN D 168 6.53 -68.21 13.93
N GLU D 169 6.78 -68.18 12.61
CA GLU D 169 5.99 -67.76 11.41
C GLU D 169 5.48 -66.27 11.31
N ASN D 170 6.21 -65.32 11.90
CA ASN D 170 5.83 -63.88 11.89
C ASN D 170 7.02 -62.93 11.65
N ASP D 171 6.77 -61.62 11.63
CA ASP D 171 7.85 -60.62 11.41
C ASP D 171 8.91 -60.67 12.50
N ILE D 172 8.49 -60.86 13.74
CA ILE D 172 9.43 -60.88 14.87
C ILE D 172 10.48 -61.99 14.74
N ASN D 173 10.04 -63.22 14.47
CA ASN D 173 10.97 -64.33 14.26
C ASN D 173 11.85 -64.15 13.03
N ALA D 174 11.27 -63.63 11.94
CA ALA D 174 12.02 -63.40 10.70
C ALA D 174 13.25 -62.54 10.97
N GLY D 175 13.05 -61.48 11.75
CA GLY D 175 14.12 -60.57 12.15
C GLY D 175 15.11 -61.23 13.10
N LEU D 176 14.61 -61.91 14.12
CA LEU D 176 15.44 -62.66 15.05
C LEU D 176 16.40 -63.61 14.31
N ASN D 177 15.86 -64.31 13.32
CA ASN D 177 16.63 -65.26 12.52
C ASN D 177 17.65 -64.56 11.62
N TYR D 178 17.26 -63.45 10.99
CA TYR D 178 18.18 -62.64 10.20
C TYR D 178 19.36 -62.26 11.06
N GLY D 179 19.05 -61.69 12.21
CA GLY D 179 20.07 -61.29 13.18
C GLY D 179 20.99 -62.42 13.58
N TYR D 180 20.41 -63.57 13.94
CA TYR D 180 21.23 -64.73 14.36
C TYR D 180 22.17 -65.21 13.24
N THR D 181 21.68 -65.20 12.01
CA THR D 181 22.53 -65.54 10.86
C THR D 181 23.72 -64.59 10.72
N LEU D 182 23.49 -63.29 10.97
CA LEU D 182 24.57 -62.32 11.01
C LEU D 182 25.60 -62.69 12.08
N LEU D 183 25.14 -62.95 13.30
CA LEU D 183 26.06 -63.36 14.37
C LEU D 183 26.79 -64.63 13.96
N LEU D 184 26.07 -65.55 13.34
CA LEU D 184 26.66 -66.84 12.96
C LEU D 184 27.84 -66.66 12.01
N SER D 185 27.60 -65.87 10.97
CA SER D 185 28.63 -65.66 9.95
C SER D 185 29.88 -64.99 10.53
N ILE D 186 29.70 -64.15 11.54
CA ILE D 186 30.82 -63.49 12.20
C ILE D 186 31.74 -64.49 12.91
N PHE D 187 31.14 -65.36 13.71
CA PHE D 187 31.90 -66.32 14.51
C PHE D 187 32.43 -67.45 13.65
N ALA D 188 31.69 -67.79 12.61
CA ALA D 188 32.14 -68.76 11.65
C ALA D 188 33.49 -68.29 11.10
N ARG D 189 33.50 -67.08 10.57
CA ARG D 189 34.72 -66.45 10.12
C ARG D 189 35.86 -66.56 11.12
N GLU D 190 35.63 -66.10 12.35
CA GLU D 190 36.71 -65.99 13.33
C GLU D 190 37.26 -67.35 13.66
N LEU D 191 36.36 -68.31 13.80
CA LEU D 191 36.75 -69.69 14.08
C LEU D 191 37.69 -70.25 13.02
N VAL D 192 37.34 -70.05 11.76
CA VAL D 192 38.16 -70.58 10.68
C VAL D 192 39.54 -69.93 10.70
N GLN D 193 39.57 -68.63 10.94
CA GLN D 193 40.82 -67.88 11.04
C GLN D 193 41.76 -68.49 12.10
N THR D 194 41.19 -68.93 13.23
CA THR D 194 42.01 -69.51 14.29
C THR D 194 42.58 -70.87 13.91
N GLY D 195 42.08 -71.45 12.81
CA GLY D 195 42.54 -72.76 12.33
C GLY D 195 41.60 -73.91 12.70
N CYS D 196 40.41 -73.58 13.17
CA CYS D 196 39.41 -74.58 13.56
C CYS D 196 38.47 -74.89 12.42
N PHE D 197 37.73 -75.98 12.57
CA PHE D 197 36.64 -76.31 11.69
C PHE D 197 35.35 -75.92 12.36
N THR D 198 34.46 -75.26 11.63
CA THR D 198 33.18 -74.84 12.20
C THR D 198 32.18 -75.96 12.29
N GLN D 199 32.44 -77.05 11.60
CA GLN D 199 31.47 -78.12 11.48
C GLN D 199 31.24 -78.78 12.84
N LEU D 200 32.27 -78.75 13.71
CA LEU D 200 32.23 -79.54 14.94
C LEU D 200 31.79 -78.83 16.22
N GLY D 201 30.50 -78.89 16.55
CA GLY D 201 30.00 -78.29 17.77
C GLY D 201 30.54 -78.99 19.00
N LEU D 202 30.51 -78.29 20.13
CA LEU D 202 31.10 -78.83 21.37
C LEU D 202 30.23 -79.91 21.96
N LYS D 203 28.92 -79.77 21.77
CA LYS D 203 27.98 -80.72 22.29
C LYS D 203 27.72 -81.54 21.07
N HIS D 204 26.95 -81.00 20.14
CA HIS D 204 26.68 -81.68 18.86
C HIS D 204 27.82 -81.35 17.87
N ALA D 205 28.45 -82.38 17.30
CA ALA D 205 29.72 -82.22 16.56
C ALA D 205 29.37 -82.34 15.08
N ASN D 206 28.55 -81.46 14.53
CA ASN D 206 28.19 -81.47 13.11
C ASN D 206 27.04 -82.40 12.73
N GLN D 207 26.45 -83.07 13.71
CA GLN D 207 25.29 -83.91 13.47
C GLN D 207 24.20 -83.21 12.66
N PHE D 208 23.87 -82.00 13.06
CA PHE D 208 22.80 -81.23 12.39
C PHE D 208 23.28 -80.22 11.29
N ASN D 209 24.46 -79.63 11.50
CA ASN D 209 24.92 -78.41 10.83
C ASN D 209 26.34 -78.50 10.31
N ASP D 210 26.68 -77.74 9.27
CA ASP D 210 28.09 -77.49 8.97
C ASP D 210 28.73 -76.32 9.78
N PHE D 211 27.96 -75.69 10.67
CA PHE D 211 28.45 -74.54 11.43
C PHE D 211 28.15 -74.54 12.92
N ASN D 212 27.86 -75.73 13.46
CA ASN D 212 27.51 -75.88 14.88
C ASN D 212 28.43 -75.17 15.84
N LEU D 213 29.72 -75.12 15.54
CA LEU D 213 30.68 -74.55 16.48
C LEU D 213 30.54 -73.04 16.55
N ALA D 214 30.29 -72.40 15.41
CA ALA D 214 29.96 -70.97 15.38
C ALA D 214 28.67 -70.74 16.11
N SER D 215 27.66 -71.57 15.80
CA SER D 215 26.37 -71.55 16.51
C SER D 215 26.56 -71.62 18.03
N ASP D 216 27.52 -72.45 18.49
CA ASP D 216 27.83 -72.59 19.93
C ASP D 216 28.49 -71.32 20.50
N LEU D 217 29.50 -70.78 19.82
CA LEU D 217 30.24 -69.61 20.33
C LEU D 217 29.41 -68.33 20.38
N MET D 218 28.45 -68.19 19.47
CA MET D 218 27.65 -66.98 19.38
C MET D 218 26.51 -66.92 20.38
N GLU D 219 26.33 -67.99 21.14
CA GLU D 219 25.19 -68.10 22.04
C GLU D 219 25.00 -66.88 22.97
N PRO D 220 26.07 -66.47 23.70
CA PRO D 220 25.87 -65.35 24.62
C PRO D 220 25.55 -64.00 23.94
N PHE D 221 25.75 -63.91 22.64
CA PHE D 221 25.54 -62.68 21.90
C PHE D 221 24.14 -62.58 21.32
N ARG D 222 23.37 -63.66 21.43
CA ARG D 222 22.02 -63.67 20.88
C ARG D 222 21.15 -62.53 21.41
N PRO D 223 21.16 -62.31 22.73
CA PRO D 223 20.36 -61.20 23.24
C PRO D 223 20.63 -59.83 22.59
N LEU D 224 21.83 -59.60 22.04
CA LEU D 224 22.09 -58.35 21.30
C LEU D 224 21.07 -58.15 20.19
N VAL D 225 20.73 -59.22 19.49
CA VAL D 225 19.69 -59.20 18.46
C VAL D 225 18.31 -59.05 19.12
N ASP D 226 18.10 -59.85 20.17
CA ASP D 226 16.83 -59.84 20.88
C ASP D 226 16.44 -58.42 21.29
N GLN D 227 17.40 -57.66 21.80
CA GLN D 227 17.17 -56.25 22.19
C GLN D 227 16.67 -55.41 21.03
N ILE D 228 17.41 -55.48 19.93
CA ILE D 228 17.12 -54.67 18.75
C ILE D 228 15.73 -55.01 18.21
N ILE D 229 15.42 -56.31 18.16
CA ILE D 229 14.14 -56.74 17.64
C ILE D 229 13.00 -56.36 18.56
N TYR D 230 13.20 -56.59 19.85
CA TYR D 230 12.19 -56.18 20.81
C TYR D 230 11.82 -54.70 20.63
N GLU D 231 12.84 -53.84 20.61
CA GLU D 231 12.65 -52.40 20.45
C GLU D 231 11.86 -52.07 19.19
N ASN D 232 12.05 -52.84 18.14
CA ASN D 232 11.34 -52.61 16.87
C ASN D 232 10.27 -53.65 16.59
N ARG D 233 9.73 -54.26 17.64
CA ARG D 233 8.79 -55.36 17.48
C ARG D 233 7.49 -54.93 16.78
N LYS D 234 7.24 -53.63 16.85
CA LYS D 234 6.06 -53.01 16.23
C LYS D 234 6.24 -52.79 14.72
N GLU D 235 7.47 -52.79 14.24
CA GLU D 235 7.77 -52.35 12.88
C GLU D 235 7.64 -53.45 11.85
N ALA D 236 7.64 -53.06 10.57
CA ALA D 236 7.68 -54.01 9.47
C ALA D 236 9.07 -54.64 9.38
N PHE D 237 9.15 -55.82 8.76
CA PHE D 237 10.41 -56.56 8.69
C PHE D 237 11.58 -55.71 8.13
N PRO D 238 11.36 -54.98 7.01
CA PRO D 238 12.47 -54.20 6.41
C PRO D 238 13.11 -53.18 7.36
N ILE D 239 12.34 -52.69 8.32
CA ILE D 239 12.86 -51.72 9.28
C ILE D 239 13.68 -52.46 10.37
N MET D 240 13.28 -53.68 10.72
CA MET D 240 14.05 -54.49 11.67
C MET D 240 15.41 -54.84 11.06
N LYS D 241 15.39 -55.21 9.79
CA LYS D 241 16.61 -55.58 9.06
C LYS D 241 17.63 -54.45 9.14
N ARG D 242 17.20 -53.20 8.90
CA ARG D 242 18.11 -52.02 8.94
C ARG D 242 18.59 -51.75 10.35
N LYS D 243 17.67 -51.73 11.29
CA LYS D 243 18.02 -51.45 12.68
C LYS D 243 19.00 -52.47 13.25
N LEU D 244 19.07 -53.64 12.60
CA LEU D 244 19.97 -54.72 13.02
C LEU D 244 21.42 -54.47 12.62
N PHE D 245 21.63 -53.62 11.62
CA PHE D 245 23.01 -53.30 11.18
C PHE D 245 23.74 -52.53 12.28
N ALA D 246 22.97 -52.05 13.25
CA ALA D 246 23.50 -51.44 14.46
C ALA D 246 24.62 -52.29 15.07
N LEU D 247 24.48 -53.60 15.00
CA LEU D 247 25.49 -54.53 15.53
C LEU D 247 26.91 -54.23 15.01
N PHE D 248 26.99 -53.86 13.73
CA PHE D 248 28.27 -53.55 13.08
C PHE D 248 28.76 -52.13 13.34
N MET D 249 27.87 -51.25 13.82
CA MET D 249 28.26 -49.86 14.12
C MET D 249 28.39 -49.54 15.61
N ASN D 250 27.44 -50.03 16.41
CA ASN D 250 27.49 -49.83 17.86
C ASN D 250 28.72 -50.39 18.51
N THR D 251 28.89 -49.98 19.75
CA THR D 251 29.98 -50.45 20.56
C THR D 251 29.39 -51.06 21.84
N TYR D 252 30.03 -52.11 22.34
CA TYR D 252 29.50 -52.92 23.48
C TYR D 252 30.57 -53.15 24.55
N MET D 253 30.14 -53.15 25.82
CA MET D 253 31.08 -53.33 26.93
C MET D 253 31.63 -54.76 26.89
N TYR D 254 32.96 -54.86 26.86
CA TYR D 254 33.65 -56.15 26.85
C TYR D 254 35.05 -56.00 27.44
N LYS D 255 35.42 -56.88 28.37
CA LYS D 255 36.71 -56.77 29.08
C LYS D 255 37.02 -55.36 29.52
N LYS D 256 36.02 -54.68 30.09
CA LYS D 256 36.17 -53.36 30.68
C LYS D 256 36.34 -52.22 29.67
N LYS D 257 36.30 -52.51 28.37
CA LYS D 257 36.47 -51.49 27.33
C LYS D 257 35.27 -51.51 26.41
N GLN D 258 34.88 -50.35 25.89
CA GLN D 258 33.86 -50.29 24.83
C GLN D 258 34.53 -50.72 23.53
N MET D 259 34.06 -51.82 22.94
CA MET D 259 34.62 -52.33 21.67
C MET D 259 33.55 -52.58 20.63
N PHE D 260 33.98 -52.65 19.37
CA PHE D 260 33.08 -52.98 18.27
C PHE D 260 32.84 -54.48 18.25
N LEU D 261 31.69 -54.88 17.73
CA LEU D 261 31.25 -56.28 17.85
C LEU D 261 32.24 -57.28 17.25
N THR D 262 32.72 -57.03 16.03
CA THR D 262 33.65 -57.95 15.37
C THR D 262 34.99 -58.06 16.09
N ASN D 263 35.44 -56.98 16.71
CA ASN D 263 36.69 -57.02 17.49
C ASN D 263 36.50 -57.89 18.72
N ILE D 264 35.30 -57.80 19.31
CA ILE D 264 34.95 -58.62 20.48
C ILE D 264 34.97 -60.09 20.08
N ALA D 265 34.30 -60.36 18.98
CA ALA D 265 34.16 -61.72 18.46
C ALA D 265 35.51 -62.36 18.22
N THR D 266 36.44 -61.57 17.67
CA THR D 266 37.78 -62.05 17.42
C THR D 266 38.46 -62.43 18.74
N ASP D 267 38.45 -61.52 19.71
CA ASP D 267 39.08 -61.77 21.01
C ASP D 267 38.42 -62.95 21.69
N TYR D 268 37.10 -62.88 21.82
CA TYR D 268 36.28 -63.92 22.45
C TYR D 268 36.58 -65.31 21.87
N THR D 269 36.50 -65.41 20.55
CA THR D 269 36.75 -66.66 19.84
C THR D 269 38.17 -67.18 20.10
N LYS D 270 39.18 -66.35 19.80
CA LYS D 270 40.61 -66.74 19.92
C LYS D 270 40.91 -67.20 21.36
N HIS D 271 40.31 -66.52 22.33
CA HIS D 271 40.48 -66.82 23.75
C HIS D 271 39.71 -68.11 24.14
N VAL D 272 38.47 -68.28 23.69
CA VAL D 272 37.72 -69.55 23.92
C VAL D 272 38.49 -70.75 23.37
N VAL D 273 39.02 -70.60 22.16
CA VAL D 273 39.81 -71.67 21.52
C VAL D 273 41.02 -72.03 22.40
N LYS D 274 41.66 -71.02 23.00
CA LYS D 274 42.80 -71.28 23.89
C LYS D 274 42.40 -72.18 25.05
N VAL D 275 41.30 -71.88 25.74
CA VAL D 275 40.89 -72.66 26.92
C VAL D 275 40.36 -74.05 26.52
N LEU D 276 39.98 -74.22 25.27
CA LEU D 276 39.65 -75.55 24.82
C LEU D 276 40.90 -76.38 24.50
N ASN D 277 41.96 -75.73 24.01
CA ASN D 277 43.27 -76.38 23.84
C ASN D 277 43.96 -76.66 25.17
N GLN D 278 43.47 -76.04 26.24
CA GLN D 278 44.07 -76.15 27.59
C GLN D 278 45.41 -75.41 27.68
N GLU D 279 45.49 -74.27 26.99
CA GLU D 279 46.62 -73.35 27.11
C GLU D 279 46.29 -72.30 28.16
N GLU D 280 45.05 -72.32 28.64
CA GLU D 280 44.70 -71.45 29.78
C GLU D 280 43.45 -72.01 30.38
N GLU D 281 43.06 -71.35 31.44
CA GLU D 281 41.89 -71.70 32.20
C GLU D 281 40.97 -70.49 32.10
N GLY D 282 39.67 -70.71 32.28
CA GLY D 282 38.74 -69.59 32.36
C GLY D 282 38.27 -69.00 31.05
N VAL D 283 37.08 -69.44 30.66
CA VAL D 283 36.36 -68.91 29.50
C VAL D 283 36.19 -67.38 29.58
N PRO D 284 36.37 -66.65 28.46
CA PRO D 284 36.10 -65.22 28.48
C PRO D 284 34.61 -64.94 28.60
N GLU D 285 34.26 -63.75 29.09
CA GLU D 285 32.87 -63.46 29.38
C GLU D 285 32.29 -62.31 28.60
N PHE D 286 31.11 -62.55 28.03
CA PHE D 286 30.34 -61.47 27.45
C PHE D 286 29.03 -61.28 28.22
N GLY D 287 28.82 -60.04 28.66
CA GLY D 287 27.60 -59.64 29.33
C GLY D 287 26.98 -58.49 28.55
N ILE D 288 25.68 -58.31 28.71
CA ILE D 288 25.00 -57.26 27.96
C ILE D 288 24.70 -56.09 28.93
N TYR E 5 46.80 -19.71 17.12
CA TYR E 5 48.13 -19.90 16.44
C TYR E 5 48.13 -20.97 15.31
N MET E 6 47.99 -20.53 14.05
CA MET E 6 47.70 -21.45 12.94
C MET E 6 48.32 -21.24 11.55
N ARG E 7 48.10 -22.20 10.67
CA ARG E 7 48.62 -22.17 9.33
C ARG E 7 47.51 -22.51 8.35
N LEU E 8 47.20 -21.59 7.44
CA LEU E 8 46.18 -21.85 6.43
C LEU E 8 46.87 -22.50 5.27
N LEU E 9 46.33 -23.62 4.79
CA LEU E 9 46.92 -24.37 3.69
C LEU E 9 46.05 -24.25 2.46
N LEU E 10 46.58 -23.63 1.43
CA LEU E 10 45.79 -23.32 0.25
C LEU E 10 46.30 -24.12 -0.93
N MET E 11 45.40 -24.84 -1.56
CA MET E 11 45.76 -25.79 -2.61
C MET E 11 44.93 -25.55 -3.83
N PHE E 12 45.59 -25.31 -4.95
CA PHE E 12 44.84 -25.14 -6.19
C PHE E 12 45.26 -26.05 -7.33
N ASP E 13 44.28 -26.30 -8.19
CA ASP E 13 44.48 -26.81 -9.52
C ASP E 13 43.64 -25.91 -10.40
N MET E 14 44.30 -25.08 -11.21
CA MET E 14 43.62 -24.09 -12.01
C MET E 14 43.94 -24.32 -13.46
N PRO E 15 42.95 -24.09 -14.32
CA PRO E 15 43.12 -24.30 -15.75
C PRO E 15 44.04 -23.28 -16.38
N THR E 16 44.75 -23.76 -17.41
CA THR E 16 45.68 -22.96 -18.23
C THR E 16 45.20 -22.91 -19.67
N ASP E 17 44.05 -23.52 -19.96
CA ASP E 17 43.59 -23.74 -21.34
C ASP E 17 43.60 -22.47 -22.20
N THR E 18 43.01 -21.39 -21.71
CA THR E 18 42.86 -20.15 -22.47
C THR E 18 43.59 -19.01 -21.82
N ALA E 19 43.78 -17.91 -22.54
CA ALA E 19 44.54 -16.80 -22.01
C ALA E 19 43.79 -16.02 -20.90
N SER E 20 42.46 -16.09 -20.85
CA SER E 20 41.73 -15.53 -19.68
C SER E 20 42.00 -16.35 -18.43
N ASP E 21 41.99 -17.68 -18.60
CA ASP E 21 42.33 -18.65 -17.55
C ASP E 21 43.72 -18.40 -16.94
N ARG E 22 44.68 -18.15 -17.81
CA ARG E 22 46.04 -17.93 -17.38
C ARG E 22 46.12 -16.60 -16.65
N LYS E 23 45.54 -15.57 -17.25
CA LYS E 23 45.54 -14.24 -16.62
C LYS E 23 44.99 -14.32 -15.20
N ALA E 24 43.87 -15.02 -15.07
CA ALA E 24 43.19 -15.18 -13.79
C ALA E 24 44.06 -15.81 -12.73
N TYR E 25 44.82 -16.82 -13.17
CA TYR E 25 45.80 -17.50 -12.33
C TYR E 25 46.91 -16.54 -11.86
N ARG E 26 47.54 -15.86 -12.81
CA ARG E 26 48.61 -14.93 -12.47
C ARG E 26 48.15 -13.86 -11.49
N LYS E 27 46.96 -13.33 -11.72
CA LYS E 27 46.36 -12.41 -10.77
C LYS E 27 46.23 -13.04 -9.40
N PHE E 28 45.70 -14.26 -9.36
CA PHE E 28 45.43 -14.95 -8.10
C PHE E 28 46.73 -15.22 -7.40
N ARG E 29 47.70 -15.77 -8.13
CA ARG E 29 48.97 -16.09 -7.53
C ARG E 29 49.64 -14.84 -7.01
N LYS E 30 49.46 -13.72 -7.70
CA LYS E 30 49.99 -12.46 -7.20
C LYS E 30 49.32 -12.12 -5.88
N PHE E 31 48.00 -12.09 -5.86
CA PHE E 31 47.27 -11.85 -4.63
C PHE E 31 47.86 -12.63 -3.48
N LEU E 32 48.13 -13.92 -3.72
CA LEU E 32 48.68 -14.81 -2.70
C LEU E 32 50.04 -14.35 -2.19
N ILE E 33 50.90 -13.91 -3.11
CA ILE E 33 52.25 -13.54 -2.71
C ILE E 33 52.18 -12.25 -1.91
N ASN E 34 51.51 -11.26 -2.46
CA ASN E 34 51.24 -10.01 -1.76
C ASN E 34 50.63 -10.24 -0.38
N GLU E 35 49.79 -11.26 -0.26
CA GLU E 35 49.11 -11.53 1.01
C GLU E 35 50.01 -12.29 2.00
N GLY E 36 51.20 -12.68 1.54
CA GLY E 36 52.21 -13.28 2.41
C GLY E 36 52.15 -14.77 2.49
N PHE E 37 51.59 -15.40 1.47
CA PHE E 37 51.57 -16.87 1.39
C PHE E 37 52.92 -17.31 0.94
N ILE E 38 53.34 -18.46 1.43
CA ILE E 38 54.60 -19.08 1.09
C ILE E 38 54.34 -20.35 0.26
N MET E 39 54.97 -20.43 -0.92
CA MET E 39 54.95 -21.65 -1.68
C MET E 39 55.71 -22.69 -0.89
N HIS E 40 55.00 -23.71 -0.44
CA HIS E 40 55.62 -24.89 0.16
C HIS E 40 56.00 -25.88 -0.90
N GLN E 41 55.18 -25.90 -1.95
CA GLN E 41 55.28 -26.87 -3.01
C GLN E 41 54.37 -26.37 -4.13
N PHE E 42 54.59 -26.81 -5.35
CA PHE E 42 53.97 -26.17 -6.49
C PHE E 42 52.49 -26.34 -6.36
N SER E 43 51.70 -25.29 -6.51
CA SER E 43 50.25 -25.40 -6.42
C SER E 43 49.80 -25.40 -4.95
N VAL E 44 50.74 -25.41 -4.02
CA VAL E 44 50.44 -25.53 -2.58
C VAL E 44 51.06 -24.42 -1.74
N TYR E 45 50.23 -23.62 -1.09
CA TYR E 45 50.69 -22.44 -0.39
C TYR E 45 50.22 -22.43 1.06
N SER E 46 50.96 -21.72 1.91
CA SER E 46 50.63 -21.63 3.32
C SER E 46 50.86 -20.24 3.83
N LYS E 47 49.89 -19.72 4.58
CA LYS E 47 50.02 -18.41 5.23
C LYS E 47 49.89 -18.65 6.72
N ILE E 48 50.89 -18.22 7.47
CA ILE E 48 50.78 -18.24 8.94
C ILE E 48 49.81 -17.12 9.41
N LEU E 49 48.87 -17.47 10.28
CA LEU E 49 47.83 -16.56 10.77
C LEU E 49 47.76 -16.63 12.26
N LEU E 50 47.60 -15.47 12.88
CA LEU E 50 47.86 -15.35 14.30
C LEU E 50 46.71 -15.84 15.17
N ASN E 51 45.50 -15.45 14.80
CA ASN E 51 44.34 -15.76 15.61
C ASN E 51 43.11 -15.88 14.73
N ASP E 52 41.96 -15.99 15.37
CA ASP E 52 40.72 -16.15 14.65
C ASP E 52 40.38 -14.92 13.81
N THR E 53 40.54 -13.72 14.35
CA THR E 53 40.17 -12.51 13.63
C THR E 53 40.92 -12.42 12.29
N ALA E 54 42.24 -12.67 12.34
CA ALA E 54 43.10 -12.66 11.14
C ALA E 54 42.58 -13.61 10.09
N ASN E 55 42.12 -14.77 10.55
CA ASN E 55 41.61 -15.81 9.70
C ASN E 55 40.32 -15.36 9.02
N LYS E 56 39.28 -15.02 9.80
CA LYS E 56 38.01 -14.68 9.19
C LYS E 56 38.24 -13.54 8.22
N ALA E 57 39.22 -12.70 8.55
CA ALA E 57 39.60 -11.56 7.72
C ALA E 57 40.20 -12.01 6.41
N MET E 58 41.19 -12.89 6.51
CA MET E 58 41.87 -13.49 5.35
C MET E 58 40.90 -14.22 4.43
N LEU E 59 39.96 -14.93 5.02
CA LEU E 59 39.00 -15.71 4.26
C LEU E 59 38.13 -14.77 3.45
N ALA E 60 37.69 -13.69 4.08
CA ALA E 60 36.90 -12.68 3.38
C ALA E 60 37.68 -12.05 2.20
N ARG E 61 38.98 -11.82 2.40
CA ARG E 61 39.82 -11.24 1.35
C ARG E 61 39.98 -12.21 0.20
N LEU E 62 40.14 -13.48 0.54
CA LEU E 62 40.27 -14.53 -0.48
C LEU E 62 39.02 -14.60 -1.31
N LYS E 63 37.88 -14.61 -0.63
CA LYS E 63 36.58 -14.65 -1.31
C LYS E 63 36.42 -13.48 -2.28
N GLN E 64 36.91 -12.32 -1.89
CA GLN E 64 36.82 -11.15 -2.78
C GLN E 64 37.71 -11.29 -3.97
N ASN E 65 38.86 -11.92 -3.81
CA ASN E 65 39.81 -12.13 -4.93
C ASN E 65 39.69 -13.51 -5.58
N ASN E 66 38.52 -14.10 -5.44
CA ASN E 66 38.29 -15.41 -5.96
C ASN E 66 38.31 -15.34 -7.47
N PRO E 67 39.19 -16.11 -8.13
CA PRO E 67 39.12 -16.17 -9.60
C PRO E 67 38.21 -17.33 -9.95
N GLN E 68 37.00 -17.12 -10.45
CA GLN E 68 36.08 -18.26 -10.44
C GLN E 68 36.60 -19.28 -11.43
N ARG E 69 37.64 -20.01 -11.08
CA ARG E 69 38.20 -21.05 -11.94
C ARG E 69 38.73 -22.19 -11.09
N GLY E 70 38.80 -23.36 -11.70
CA GLY E 70 39.48 -24.50 -11.11
C GLY E 70 39.02 -25.00 -9.74
N LEU E 71 39.92 -25.66 -9.06
CA LEU E 71 39.64 -26.24 -7.76
C LEU E 71 40.61 -25.57 -6.80
N ILE E 72 40.03 -24.78 -5.90
CA ILE E 72 40.81 -24.02 -4.95
C ILE E 72 40.25 -24.36 -3.60
N THR E 73 41.13 -24.67 -2.66
CA THR E 73 40.72 -25.40 -1.50
C THR E 73 41.54 -24.97 -0.30
N LEU E 74 40.89 -24.81 0.86
CA LEU E 74 41.59 -24.34 2.06
C LEU E 74 41.42 -25.23 3.26
N LEU E 75 42.49 -25.36 4.03
CA LEU E 75 42.52 -26.21 5.21
C LEU E 75 43.16 -25.43 6.34
N ASN E 76 42.67 -25.60 7.57
CA ASN E 76 43.28 -24.97 8.75
C ASN E 76 44.05 -25.94 9.64
N VAL E 77 45.35 -25.83 9.61
CA VAL E 77 46.20 -26.73 10.36
C VAL E 77 46.69 -25.95 11.58
N THR E 78 46.87 -26.61 12.71
CA THR E 78 47.46 -25.95 13.87
C THR E 78 48.97 -25.86 13.68
N GLU E 79 49.58 -24.84 14.26
CA GLU E 79 51.02 -24.68 14.16
C GLU E 79 51.77 -25.97 14.55
N LYS E 80 51.32 -26.57 15.65
CA LYS E 80 51.85 -27.83 16.13
C LYS E 80 51.91 -28.86 15.00
N GLN E 81 50.77 -29.01 14.33
CA GLN E 81 50.65 -30.01 13.27
C GLN E 81 51.60 -29.71 12.12
N PHE E 82 51.63 -28.45 11.72
CA PHE E 82 52.41 -28.03 10.58
C PHE E 82 53.91 -28.12 10.81
N SER E 83 54.38 -27.81 12.02
CA SER E 83 55.80 -27.93 12.30
C SER E 83 56.22 -29.39 12.41
N ARG E 84 55.27 -30.28 12.67
CA ARG E 84 55.55 -31.74 12.73
C ARG E 84 55.61 -32.41 11.36
N MET E 85 55.42 -31.61 10.32
CA MET E 85 55.52 -32.08 8.97
C MET E 85 56.70 -33.02 8.76
N ILE E 86 56.40 -34.24 8.37
CA ILE E 86 57.42 -35.24 8.15
C ILE E 86 57.92 -35.08 6.73
N TYR E 87 59.24 -34.99 6.59
CA TYR E 87 59.84 -34.85 5.29
C TYR E 87 60.30 -36.19 4.82
N LEU E 88 59.44 -36.89 4.10
CA LEU E 88 59.80 -38.21 3.62
C LEU E 88 61.01 -38.16 2.72
N HIS E 89 61.12 -37.12 1.90
CA HIS E 89 62.37 -36.87 1.20
C HIS E 89 62.49 -35.41 0.76
N GLY E 90 63.72 -34.90 0.76
CA GLY E 90 63.97 -33.46 0.55
C GLY E 90 64.05 -32.82 1.91
N GLU E 91 64.39 -31.54 1.98
CA GLU E 91 64.63 -30.91 3.28
C GLU E 91 63.85 -29.64 3.46
N GLN E 92 63.73 -29.23 4.73
CA GLN E 92 62.85 -28.13 5.08
C GLN E 92 63.27 -26.81 4.52
N ASP E 93 62.24 -25.97 4.40
CA ASP E 93 62.35 -24.60 3.97
C ASP E 93 62.65 -23.84 5.22
N ASN E 94 63.86 -23.31 5.34
CA ASN E 94 64.29 -22.68 6.57
C ASN E 94 64.09 -21.17 6.61
N ARG E 95 63.32 -20.62 5.67
CA ARG E 95 63.10 -19.21 5.71
C ARG E 95 62.40 -18.89 7.00
N VAL E 96 62.63 -17.68 7.47
CA VAL E 96 62.07 -17.22 8.71
C VAL E 96 60.56 -17.11 8.56
N ALA E 97 60.16 -16.63 7.38
CA ALA E 97 58.74 -16.47 7.05
C ALA E 97 57.91 -17.73 7.36
N ASN E 98 58.58 -18.88 7.33
CA ASN E 98 58.00 -20.22 7.54
C ASN E 98 58.06 -20.75 8.98
N SER E 99 58.76 -20.06 9.87
CA SER E 99 58.75 -20.40 11.30
C SER E 99 57.72 -19.56 12.01
N ASP E 100 57.50 -19.84 13.30
CA ASP E 100 56.54 -19.08 14.09
C ASP E 100 57.18 -18.38 15.25
N GLU E 101 58.50 -18.22 15.20
CA GLU E 101 59.19 -17.72 16.38
C GLU E 101 59.20 -16.21 16.42
N ARG E 102 58.96 -15.72 17.63
CA ARG E 102 58.75 -14.31 17.97
C ARG E 102 59.97 -13.49 17.62
N ILE E 103 61.12 -13.95 18.06
CA ILE E 103 62.36 -13.25 17.83
C ILE E 103 63.14 -13.90 16.72
N VAL E 104 63.65 -13.06 15.86
CA VAL E 104 64.26 -13.49 14.62
C VAL E 104 65.58 -12.75 14.39
N PHE E 105 66.64 -13.46 14.08
CA PHE E 105 67.90 -12.82 13.79
C PHE E 105 68.24 -12.99 12.32
N LEU E 106 68.68 -11.91 11.69
CA LEU E 106 69.19 -12.02 10.33
C LEU E 106 70.68 -12.06 10.46
N GLY E 107 71.12 -13.26 10.87
CA GLY E 107 72.51 -13.62 11.01
C GLY E 107 73.13 -13.31 12.34
N GLU E 108 72.92 -14.16 13.31
CA GLU E 108 73.75 -14.06 14.50
C GLU E 108 74.90 -15.11 14.50
N MET F 1 43.02 -32.05 17.73
CA MET F 1 42.65 -32.84 18.99
C MET F 1 42.49 -34.38 18.85
N SER F 2 41.40 -34.84 18.18
CA SER F 2 41.05 -36.27 18.22
C SER F 2 41.91 -37.18 17.33
N TYR F 3 42.06 -36.88 16.04
CA TYR F 3 42.77 -37.85 15.10
C TYR F 3 42.04 -39.19 14.87
N ARG F 4 40.77 -39.24 15.28
CA ARG F 4 40.10 -40.51 15.36
C ARG F 4 40.07 -41.11 13.98
N TYR F 5 39.40 -40.42 13.06
CA TYR F 5 39.42 -40.82 11.67
C TYR F 5 40.23 -39.77 10.99
N MET F 6 41.52 -39.80 11.31
CA MET F 6 42.39 -38.73 10.92
C MET F 6 42.60 -38.92 9.44
N ARG F 7 43.26 -37.96 8.86
CA ARG F 7 43.53 -37.95 7.47
C ARG F 7 44.98 -37.57 7.25
N LEU F 8 45.77 -38.47 6.63
CA LEU F 8 47.17 -38.17 6.31
C LEU F 8 47.20 -37.45 4.97
N LEU F 9 47.90 -36.32 4.91
CA LEU F 9 47.96 -35.52 3.69
C LEU F 9 49.37 -35.59 3.11
N LEU F 10 49.47 -36.16 1.93
CA LEU F 10 50.76 -36.41 1.32
C LEU F 10 50.93 -35.54 0.10
N MET F 11 52.03 -34.81 0.06
CA MET F 11 52.27 -33.83 -0.97
C MET F 11 53.63 -34.02 -1.57
N PHE F 12 53.67 -34.22 -2.88
CA PHE F 12 54.96 -34.34 -3.54
C PHE F 12 55.18 -33.39 -4.71
N ASP F 13 56.46 -33.13 -4.95
CA ASP F 13 56.96 -32.55 -6.17
C ASP F 13 58.13 -33.42 -6.51
N MET F 14 58.02 -34.19 -7.57
CA MET F 14 59.04 -35.15 -7.93
C MET F 14 59.53 -34.85 -9.31
N PRO F 15 60.84 -35.05 -9.54
CA PRO F 15 61.45 -34.78 -10.82
C PRO F 15 61.00 -35.76 -11.89
N THR F 16 60.93 -35.24 -13.11
CA THR F 16 60.54 -35.92 -14.31
C THR F 16 61.70 -35.97 -15.30
N ASP F 17 62.84 -35.36 -14.92
CA ASP F 17 63.92 -35.06 -15.86
C ASP F 17 64.37 -36.26 -16.67
N THR F 18 64.64 -37.38 -16.00
CA THR F 18 65.19 -38.59 -16.64
C THR F 18 64.26 -39.79 -16.48
N ALA F 19 64.47 -40.85 -17.24
CA ALA F 19 63.56 -41.99 -17.21
C ALA F 19 63.64 -42.78 -15.91
N SER F 20 64.76 -42.73 -15.19
CA SER F 20 64.82 -43.36 -13.85
C SER F 20 63.92 -42.59 -12.90
N ASP F 21 63.99 -41.27 -12.98
CA ASP F 21 63.14 -40.35 -12.22
C ASP F 21 61.65 -40.63 -12.43
N ARG F 22 61.27 -40.82 -13.68
CA ARG F 22 59.87 -41.05 -14.03
C ARG F 22 59.44 -42.40 -13.53
N LYS F 23 60.27 -43.41 -13.77
CA LYS F 23 59.97 -44.74 -13.26
C LYS F 23 59.71 -44.73 -11.74
N ALA F 24 60.61 -44.05 -11.02
CA ALA F 24 60.54 -43.95 -9.55
C ALA F 24 59.21 -43.37 -9.10
N TYR F 25 58.76 -42.34 -9.83
CA TYR F 25 57.48 -41.67 -9.58
C TYR F 25 56.31 -42.65 -9.80
N ARG F 26 56.27 -43.28 -10.96
CA ARG F 26 55.20 -44.20 -11.26
C ARG F 26 55.12 -45.30 -10.20
N LYS F 27 56.28 -45.84 -9.80
CA LYS F 27 56.32 -46.82 -8.72
C LYS F 27 55.70 -46.23 -7.45
N PHE F 28 56.11 -45.02 -7.10
CA PHE F 28 55.66 -44.39 -5.87
C PHE F 28 54.17 -44.13 -5.94
N ARG F 29 53.74 -43.52 -7.03
CA ARG F 29 52.33 -43.25 -7.17
C ARG F 29 51.48 -44.53 -7.15
N LYS F 30 52.02 -45.62 -7.70
CA LYS F 30 51.35 -46.89 -7.61
C LYS F 30 51.21 -47.28 -6.16
N PHE F 31 52.33 -47.31 -5.43
CA PHE F 31 52.29 -47.63 -3.99
C PHE F 31 51.16 -46.90 -3.31
N LEU F 32 51.04 -45.61 -3.62
CA LEU F 32 50.04 -44.78 -3.02
C LEU F 32 48.64 -45.27 -3.34
N ILE F 33 48.39 -45.62 -4.58
CA ILE F 33 47.05 -45.99 -4.96
C ILE F 33 46.73 -47.31 -4.28
N ASN F 34 47.62 -48.27 -4.45
CA ASN F 34 47.53 -49.56 -3.77
C ASN F 34 47.33 -49.42 -2.26
N GLU F 35 47.92 -48.40 -1.67
CA GLU F 35 47.75 -48.20 -0.24
C GLU F 35 46.46 -47.46 0.14
N GLY F 36 45.69 -47.04 -0.86
CA GLY F 36 44.34 -46.50 -0.63
C GLY F 36 44.32 -45.02 -0.47
N PHE F 37 45.33 -44.35 -1.00
CA PHE F 37 45.35 -42.89 -1.00
C PHE F 37 44.42 -42.43 -2.08
N ILE F 38 43.79 -41.29 -1.83
CA ILE F 38 42.94 -40.62 -2.79
C ILE F 38 43.59 -39.33 -3.29
N MET F 39 43.66 -39.18 -4.61
CA MET F 39 44.04 -37.91 -5.18
C MET F 39 42.98 -36.89 -4.86
N HIS F 40 43.31 -35.91 -4.05
CA HIS F 40 42.43 -34.77 -3.79
C HIS F 40 42.65 -33.69 -4.85
N GLN F 41 43.90 -33.62 -5.30
CA GLN F 41 44.36 -32.58 -6.20
C GLN F 41 45.76 -33.00 -6.68
N PHE F 42 46.25 -32.46 -7.77
CA PHE F 42 47.30 -33.14 -8.52
C PHE F 42 48.50 -33.76 -7.85
N SER F 43 49.25 -33.04 -7.09
CA SER F 43 50.43 -33.67 -6.52
C SER F 43 50.08 -34.01 -5.08
N VAL F 44 48.79 -34.08 -4.78
CA VAL F 44 48.29 -34.04 -3.40
C VAL F 44 47.33 -35.19 -3.08
N TYR F 45 47.71 -36.03 -2.12
CA TYR F 45 46.96 -37.23 -1.81
C TYR F 45 46.56 -37.29 -0.35
N SER F 46 45.51 -38.04 -0.06
CA SER F 46 45.02 -38.21 1.31
C SER F 46 44.57 -39.63 1.57
N LYS F 47 45.01 -40.20 2.69
CA LYS F 47 44.59 -41.53 3.11
C LYS F 47 43.91 -41.38 4.45
N ILE F 48 42.68 -41.82 4.55
CA ILE F 48 41.99 -41.89 5.85
C ILE F 48 42.62 -42.99 6.70
N LEU F 49 42.93 -42.67 7.95
CA LEU F 49 43.53 -43.61 8.86
C LEU F 49 42.66 -43.66 10.11
N LEU F 50 42.62 -44.83 10.71
CA LEU F 50 41.64 -45.11 11.73
C LEU F 50 42.03 -44.52 13.10
N ASN F 51 43.29 -44.68 13.47
CA ASN F 51 43.82 -44.16 14.73
C ASN F 51 45.31 -43.88 14.56
N ASP F 52 45.98 -43.56 15.66
CA ASP F 52 47.43 -43.34 15.62
C ASP F 52 48.27 -44.59 15.24
N THR F 53 47.91 -45.77 15.75
CA THR F 53 48.67 -46.99 15.43
C THR F 53 48.75 -47.22 13.90
N ALA F 54 47.60 -47.05 13.23
CA ALA F 54 47.50 -47.20 11.75
C ALA F 54 48.46 -46.26 11.04
N ASN F 55 48.60 -45.07 11.63
CA ASN F 55 49.49 -44.05 11.12
C ASN F 55 50.95 -44.47 11.26
N LYS F 56 51.40 -44.75 12.48
CA LYS F 56 52.79 -45.14 12.65
C LYS F 56 53.15 -46.32 11.73
N ALA F 57 52.15 -47.17 11.47
CA ALA F 57 52.28 -48.31 10.54
C ALA F 57 52.47 -47.85 9.12
N MET F 58 51.55 -46.99 8.68
CA MET F 58 51.59 -46.37 7.35
C MET F 58 52.87 -45.58 7.08
N LEU F 59 53.36 -44.88 8.10
CA LEU F 59 54.58 -44.10 7.98
C LEU F 59 55.76 -45.04 7.73
N ALA F 60 55.82 -46.13 8.47
CA ALA F 60 56.87 -47.12 8.29
C ALA F 60 56.86 -47.71 6.89
N ARG F 61 55.66 -47.97 6.35
CA ARG F 61 55.52 -48.52 5.01
C ARG F 61 55.99 -47.50 3.96
N LEU F 62 55.65 -46.23 4.20
CA LEU F 62 56.04 -45.16 3.30
C LEU F 62 57.53 -45.04 3.23
N LYS F 63 58.15 -45.03 4.41
CA LYS F 63 59.61 -44.97 4.51
C LYS F 63 60.31 -46.10 3.76
N GLN F 64 59.71 -47.29 3.81
CA GLN F 64 60.26 -48.43 3.07
C GLN F 64 60.14 -48.25 1.57
N ASN F 65 59.06 -47.61 1.12
CA ASN F 65 58.84 -47.39 -0.31
C ASN F 65 59.25 -45.99 -0.77
N ASN F 66 60.18 -45.42 -0.02
CA ASN F 66 60.61 -44.10 -0.30
C ASN F 66 61.38 -44.06 -1.63
N PRO F 67 60.95 -43.22 -2.60
CA PRO F 67 61.67 -43.19 -3.87
C PRO F 67 62.98 -42.46 -3.90
N GLN F 68 63.31 -41.79 -2.82
CA GLN F 68 64.54 -41.00 -2.73
C GLN F 68 64.71 -39.85 -3.74
N ARG F 69 63.61 -39.39 -4.29
CA ARG F 69 63.58 -38.29 -5.24
C ARG F 69 62.77 -37.15 -4.65
N GLY F 70 63.02 -35.94 -5.13
CA GLY F 70 62.11 -34.81 -4.96
C GLY F 70 61.78 -34.36 -3.53
N LEU F 71 60.63 -33.72 -3.40
CA LEU F 71 60.19 -33.18 -2.14
C LEU F 71 58.87 -33.87 -1.83
N ILE F 72 58.88 -34.70 -0.80
CA ILE F 72 57.74 -35.49 -0.42
C ILE F 72 57.50 -35.21 1.04
N THR F 73 56.26 -34.92 1.38
CA THR F 73 55.97 -34.27 2.61
C THR F 73 54.63 -34.73 3.19
N LEU F 74 54.56 -34.94 4.50
CA LEU F 74 53.34 -35.47 5.13
C LEU F 74 52.84 -34.63 6.27
N LEU F 75 51.52 -34.54 6.38
CA LEU F 75 50.87 -33.74 7.39
C LEU F 75 49.73 -34.54 7.97
N ASN F 76 49.47 -34.40 9.26
CA ASN F 76 48.33 -35.08 9.89
C ASN F 76 47.20 -34.14 10.19
N VAL F 77 46.11 -34.28 9.46
CA VAL F 77 44.96 -33.44 9.69
C VAL F 77 43.87 -34.21 10.45
N THR F 78 43.14 -33.55 11.35
CA THR F 78 42.10 -34.23 12.09
C THR F 78 40.87 -34.31 11.20
N GLU F 79 40.03 -35.33 11.43
CA GLU F 79 38.80 -35.48 10.61
C GLU F 79 38.03 -34.18 10.58
N LYS F 80 37.88 -33.60 11.77
CA LYS F 80 37.18 -32.32 11.93
C LYS F 80 37.70 -31.29 10.94
N GLN F 81 39.02 -31.14 10.92
CA GLN F 81 39.65 -30.16 10.04
C GLN F 81 39.34 -30.44 8.61
N PHE F 82 39.52 -31.71 8.25
CA PHE F 82 39.47 -32.09 6.86
C PHE F 82 38.08 -31.98 6.30
N SER F 83 37.07 -32.30 7.09
CA SER F 83 35.69 -32.15 6.64
C SER F 83 35.27 -30.69 6.59
N ARG F 84 35.97 -29.81 7.32
CA ARG F 84 35.74 -28.34 7.27
C ARG F 84 36.46 -27.62 6.13
N MET F 85 37.16 -28.41 5.32
CA MET F 85 37.85 -27.89 4.15
C MET F 85 36.96 -26.93 3.41
N ILE F 86 37.41 -25.70 3.28
CA ILE F 86 36.65 -24.71 2.59
C ILE F 86 36.93 -24.85 1.11
N TYR F 87 35.88 -24.93 0.31
CA TYR F 87 36.05 -25.01 -1.13
C TYR F 87 35.88 -23.63 -1.73
N LEU F 88 36.97 -22.90 -1.87
CA LEU F 88 36.90 -21.57 -2.43
C LEU F 88 36.33 -21.59 -3.84
N HIS F 89 36.67 -22.61 -4.63
CA HIS F 89 35.97 -22.84 -5.90
C HIS F 89 36.11 -24.29 -6.37
N GLY F 90 35.07 -24.80 -7.03
CA GLY F 90 34.98 -26.23 -7.38
C GLY F 90 34.22 -26.94 -6.28
N GLU F 91 33.95 -28.24 -6.44
CA GLU F 91 33.10 -28.94 -5.48
C GLU F 91 33.68 -30.25 -4.98
N GLN F 92 33.14 -30.72 -3.86
CA GLN F 92 33.71 -31.86 -3.14
C GLN F 92 33.59 -33.19 -3.90
N ASP F 93 34.48 -34.11 -3.53
CA ASP F 93 34.55 -35.46 -4.03
C ASP F 93 33.64 -36.26 -3.14
N ASN F 94 32.53 -36.76 -3.68
CA ASN F 94 31.54 -37.50 -2.87
C ASN F 94 31.71 -39.03 -2.88
N ARG F 95 32.88 -39.52 -3.26
CA ARG F 95 33.18 -40.95 -3.10
C ARG F 95 32.92 -41.43 -1.69
N VAL F 96 32.54 -42.70 -1.57
CA VAL F 96 32.41 -43.34 -0.26
C VAL F 96 33.79 -43.43 0.38
N ALA F 97 34.79 -43.77 -0.44
CA ALA F 97 36.19 -43.87 -0.01
C ALA F 97 36.65 -42.66 0.80
N ASN F 98 36.00 -41.52 0.51
CA ASN F 98 36.28 -40.21 1.09
C ASN F 98 35.41 -39.82 2.31
N SER F 99 34.40 -40.63 2.66
CA SER F 99 33.66 -40.49 3.94
C SER F 99 34.31 -41.39 4.99
N ASP F 100 33.86 -41.30 6.24
CA ASP F 100 34.39 -42.15 7.31
C ASP F 100 33.28 -43.03 7.93
N GLU F 101 32.17 -43.22 7.21
CA GLU F 101 31.04 -43.95 7.80
C GLU F 101 31.13 -45.46 7.58
N ARG F 102 30.83 -46.21 8.64
CA ARG F 102 31.02 -47.66 8.68
C ARG F 102 30.06 -48.43 7.83
N ILE F 103 28.81 -47.97 7.82
CA ILE F 103 27.80 -48.58 6.97
C ILE F 103 27.65 -47.78 5.69
N VAL F 104 27.69 -48.50 4.57
CA VAL F 104 27.78 -47.93 3.25
C VAL F 104 26.86 -48.67 2.32
N PHE F 105 26.04 -47.94 1.61
CA PHE F 105 25.15 -48.56 0.67
C PHE F 105 25.58 -48.21 -0.74
N LEU F 106 25.61 -49.20 -1.62
CA LEU F 106 25.78 -48.92 -3.03
C LEU F 106 24.39 -48.92 -3.66
N GLY F 107 23.68 -47.81 -3.39
CA GLY F 107 22.30 -47.55 -3.80
C GLY F 107 21.30 -48.03 -2.77
N GLU F 108 21.03 -47.20 -1.75
CA GLU F 108 19.98 -47.43 -0.77
C GLU F 108 18.90 -46.36 -0.93
N MET I 1 -99.01 58.48 -26.61
CA MET I 1 -97.56 58.67 -26.40
C MET I 1 -96.85 58.60 -27.74
N GLY I 2 -96.84 57.42 -28.35
CA GLY I 2 -96.35 57.27 -29.72
C GLY I 2 -97.04 56.07 -30.29
N TRP I 3 -96.78 55.77 -31.55
CA TRP I 3 -97.52 54.75 -32.32
C TRP I 3 -96.66 53.76 -33.08
N ARG I 4 -95.49 54.23 -33.53
CA ARG I 4 -94.69 53.40 -34.40
C ARG I 4 -93.89 52.32 -33.62
N THR I 5 -93.90 51.13 -34.20
CA THR I 5 -93.04 50.05 -33.76
C THR I 5 -91.87 49.97 -34.74
N VAL I 6 -90.68 50.37 -34.27
CA VAL I 6 -89.49 50.45 -35.12
C VAL I 6 -88.63 49.20 -35.01
N VAL I 7 -88.61 48.40 -36.05
CA VAL I 7 -87.86 47.16 -36.03
C VAL I 7 -86.54 47.29 -36.79
N VAL I 8 -85.45 46.91 -36.13
CA VAL I 8 -84.12 46.96 -36.72
C VAL I 8 -83.56 45.56 -36.91
N ASN I 9 -83.10 45.26 -38.11
CA ASN I 9 -82.42 43.97 -38.34
C ASN I 9 -81.30 44.01 -39.37
N LYS I 10 -80.90 45.20 -39.80
CA LYS I 10 -79.73 45.37 -40.65
C LYS I 10 -78.55 45.83 -39.82
N HIS I 11 -77.36 45.34 -40.18
CA HIS I 11 -76.11 45.80 -39.61
C HIS I 11 -76.12 47.34 -39.64
N SER I 12 -76.05 47.96 -38.46
CA SER I 12 -76.35 49.39 -38.34
C SER I 12 -75.86 50.05 -37.07
N LYS I 13 -75.99 51.38 -37.01
CA LYS I 13 -75.57 52.18 -35.87
C LYS I 13 -76.63 53.19 -35.45
N LEU I 14 -77.20 52.98 -34.28
CA LEU I 14 -78.25 53.85 -33.74
C LEU I 14 -77.66 54.93 -32.84
N SER I 15 -78.16 56.15 -32.98
CA SER I 15 -77.68 57.29 -32.23
C SER I 15 -78.84 58.17 -31.86
N TYR I 16 -78.55 59.32 -31.26
CA TYR I 16 -79.57 60.32 -30.94
C TYR I 16 -79.13 61.70 -31.40
N LYS I 17 -80.08 62.43 -31.95
CA LYS I 17 -79.86 63.81 -32.36
C LYS I 17 -81.21 64.55 -32.41
N ASN I 18 -81.28 65.70 -31.75
CA ASN I 18 -82.47 66.55 -31.76
C ASN I 18 -83.78 65.80 -31.66
N ASN I 19 -84.02 65.16 -30.54
CA ASN I 19 -85.25 64.37 -30.37
C ASN I 19 -85.54 63.29 -31.42
N HIS I 20 -84.52 62.93 -32.21
CA HIS I 20 -84.70 61.84 -33.17
C HIS I 20 -83.81 60.68 -32.85
N LEU I 21 -84.32 59.50 -33.12
CA LEU I 21 -83.51 58.32 -33.26
C LEU I 21 -82.82 58.44 -34.61
N VAL I 22 -81.55 58.06 -34.68
CA VAL I 22 -80.80 58.14 -35.92
C VAL I 22 -80.27 56.79 -36.31
N PHE I 23 -80.69 56.31 -37.47
CA PHE I 23 -80.36 54.98 -37.94
C PHE I 23 -79.41 55.09 -39.12
N LYS I 24 -78.28 54.40 -39.06
CA LYS I 24 -77.31 54.42 -40.16
C LYS I 24 -76.82 53.03 -40.54
N ALA I 25 -77.10 52.65 -41.78
CA ALA I 25 -76.57 51.42 -42.37
C ALA I 25 -76.18 51.70 -43.75
N ILE I 26 -74.93 51.92 -44.08
CA ILE I 26 -74.64 52.36 -45.44
C ILE I 26 -75.10 51.28 -46.46
N ASP I 27 -75.89 51.66 -47.48
CA ASP I 27 -76.19 53.07 -47.82
C ASP I 27 -77.27 53.74 -46.96
N HIS I 28 -78.24 52.94 -46.57
CA HIS I 28 -79.47 53.44 -45.96
C HIS I 28 -79.23 54.32 -44.70
N GLN I 29 -79.84 55.51 -44.63
CA GLN I 29 -79.91 56.30 -43.39
C GLN I 29 -81.36 56.76 -43.13
N GLU I 30 -81.73 56.91 -41.86
CA GLU I 30 -83.08 57.32 -41.49
C GLU I 30 -83.19 58.00 -40.13
N LEU I 31 -84.01 59.04 -40.05
CA LEU I 31 -84.25 59.75 -38.80
C LEU I 31 -85.70 59.55 -38.44
N ILE I 32 -85.96 59.29 -37.16
CA ILE I 32 -87.31 59.06 -36.71
C ILE I 32 -87.55 59.72 -35.33
N HIS I 33 -88.59 60.53 -35.25
CA HIS I 33 -88.79 61.37 -34.07
C HIS I 33 -89.31 60.56 -32.91
N LEU I 34 -88.64 60.67 -31.76
CA LEU I 34 -88.96 59.82 -30.59
C LEU I 34 -90.43 59.85 -30.17
N SER I 35 -91.04 61.02 -30.20
CA SER I 35 -92.48 61.16 -29.90
C SER I 35 -93.39 60.27 -30.76
N GLU I 36 -92.90 59.87 -31.93
CA GLU I 36 -93.65 58.95 -32.79
C GLU I 36 -93.48 57.48 -32.40
N ILE I 37 -92.49 57.19 -31.56
CA ILE I 37 -92.09 55.80 -31.29
C ILE I 37 -92.78 55.25 -30.04
N ASP I 38 -93.42 54.10 -30.24
CA ASP I 38 -94.04 53.35 -29.16
C ASP I 38 -93.08 52.25 -28.68
N VAL I 39 -92.46 51.57 -29.66
CA VAL I 39 -91.59 50.43 -29.40
C VAL I 39 -90.37 50.39 -30.33
N LEU I 40 -89.22 50.02 -29.76
CA LEU I 40 -87.98 49.81 -30.52
C LEU I 40 -87.50 48.38 -30.33
N LEU I 41 -87.54 47.60 -31.40
CA LEU I 41 -87.20 46.18 -31.32
C LEU I 41 -85.89 45.91 -32.06
N LEU I 42 -84.91 45.43 -31.31
CA LEU I 42 -83.58 45.16 -31.82
C LEU I 42 -83.47 43.68 -32.10
N GLU I 43 -83.78 43.34 -33.34
CA GLU I 43 -84.00 41.96 -33.75
C GLU I 43 -82.70 41.16 -33.88
N THR I 44 -81.61 41.84 -34.20
CA THR I 44 -80.37 41.14 -34.51
C THR I 44 -79.16 41.55 -33.64
N THR I 45 -78.09 40.78 -33.80
CA THR I 45 -76.86 40.95 -33.07
C THR I 45 -75.82 41.80 -33.83
N ASP I 46 -76.18 42.30 -35.02
CA ASP I 46 -75.28 43.16 -35.81
C ASP I 46 -75.44 44.68 -35.56
N ILE I 47 -76.25 45.06 -34.58
CA ILE I 47 -76.60 46.48 -34.35
C ILE I 47 -75.75 47.08 -33.26
N SER I 48 -75.35 48.34 -33.45
CA SER I 48 -74.59 49.08 -32.44
C SER I 48 -75.35 50.34 -32.01
N LEU I 49 -75.41 50.64 -30.72
CA LEU I 49 -76.16 51.80 -30.24
C LEU I 49 -75.48 52.54 -29.08
N THR I 50 -75.94 53.76 -28.77
CA THR I 50 -75.28 54.63 -27.77
C THR I 50 -76.07 54.81 -26.50
N THR I 51 -75.36 54.97 -25.38
CA THR I 51 -76.00 55.16 -24.06
C THR I 51 -76.80 56.44 -24.02
N MET I 52 -76.39 57.40 -24.84
CA MET I 52 -77.13 58.65 -24.98
C MET I 52 -78.54 58.31 -25.45
N LEU I 53 -78.62 57.56 -26.55
CA LEU I 53 -79.89 57.18 -27.14
C LEU I 53 -80.72 56.41 -26.13
N LEU I 54 -80.11 55.46 -25.45
CA LEU I 54 -80.83 54.66 -24.46
C LEU I 54 -81.38 55.49 -23.30
N LYS I 55 -80.61 56.48 -22.81
CA LYS I 55 -81.12 57.42 -21.80
C LYS I 55 -82.42 58.05 -22.30
N ARG I 56 -82.38 58.56 -23.54
CA ARG I 56 -83.51 59.28 -24.11
C ARG I 56 -84.67 58.33 -24.36
N LEU I 57 -84.36 57.13 -24.84
CA LEU I 57 -85.38 56.10 -25.01
C LEU I 57 -86.07 55.77 -23.69
N ILE I 58 -85.38 55.98 -22.57
CA ILE I 58 -85.98 55.74 -21.26
C ILE I 58 -86.81 56.93 -20.78
N ASP I 59 -86.31 58.12 -21.09
CA ASP I 59 -87.02 59.35 -20.79
C ASP I 59 -88.42 59.32 -21.39
N GLU I 60 -88.49 59.18 -22.72
CA GLU I 60 -89.77 58.95 -23.42
C GLU I 60 -89.98 57.47 -23.19
N LYS I 61 -91.03 57.05 -22.49
CA LYS I 61 -91.02 55.69 -21.88
C LYS I 61 -91.23 54.63 -22.95
N ILE I 62 -90.22 54.51 -23.81
CA ILE I 62 -90.29 53.66 -24.99
C ILE I 62 -89.90 52.27 -24.58
N LEU I 63 -90.63 51.30 -25.08
CA LEU I 63 -90.30 49.92 -24.84
C LEU I 63 -89.16 49.50 -25.76
N VAL I 64 -88.06 49.06 -25.15
CA VAL I 64 -86.90 48.59 -25.90
C VAL I 64 -86.69 47.09 -25.67
N LEU I 65 -86.68 46.32 -26.76
CA LEU I 65 -86.56 44.87 -26.69
C LEU I 65 -85.28 44.39 -27.33
N PHE I 66 -84.64 43.43 -26.70
CA PHE I 66 -83.44 42.82 -27.25
C PHE I 66 -83.71 41.39 -27.66
N CYS I 67 -82.96 40.94 -28.63
CA CYS I 67 -83.13 39.58 -29.11
C CYS I 67 -81.81 38.85 -29.18
N ASP I 68 -81.95 37.53 -29.25
CA ASP I 68 -80.82 36.62 -29.44
C ASP I 68 -80.57 36.42 -30.92
N ASP I 69 -79.63 35.52 -31.23
CA ASP I 69 -79.18 35.33 -32.61
C ASP I 69 -80.21 34.55 -33.47
N LYS I 70 -81.15 33.85 -32.82
CA LYS I 70 -82.31 33.25 -33.51
C LYS I 70 -83.47 34.26 -33.63
N ARG I 71 -83.20 35.53 -33.36
CA ARG I 71 -84.21 36.59 -33.40
C ARG I 71 -85.43 36.33 -32.51
N LEU I 72 -85.22 35.70 -31.36
CA LEU I 72 -86.26 35.63 -30.34
C LEU I 72 -85.97 36.65 -29.27
N PRO I 73 -87.01 37.17 -28.63
CA PRO I 73 -86.77 38.18 -27.61
C PRO I 73 -86.26 37.52 -26.35
N ILE I 74 -85.29 38.18 -25.70
CA ILE I 74 -84.69 37.65 -24.48
C ILE I 74 -84.67 38.63 -23.34
N GLY I 75 -84.93 39.90 -23.62
CA GLY I 75 -85.08 40.85 -22.55
C GLY I 75 -85.49 42.23 -23.00
N LYS I 76 -85.65 43.12 -22.03
CA LYS I 76 -86.07 44.47 -22.28
C LYS I 76 -85.41 45.40 -21.30
N ILE I 77 -85.45 46.69 -21.59
CA ILE I 77 -85.01 47.69 -20.63
C ILE I 77 -86.11 47.88 -19.61
N LEU I 78 -85.72 47.90 -18.34
CA LEU I 78 -86.64 48.13 -17.27
C LEU I 78 -86.27 49.43 -16.61
N PRO I 79 -87.05 50.48 -16.86
CA PRO I 79 -86.78 51.74 -16.15
C PRO I 79 -87.16 51.64 -14.68
N PHE I 80 -86.49 52.44 -13.85
CA PHE I 80 -86.75 52.42 -12.41
C PHE I 80 -87.86 53.37 -12.07
N TYR I 81 -88.02 54.39 -12.91
CA TYR I 81 -88.94 55.50 -12.57
C TYR I 81 -90.34 55.44 -13.12
N GLY I 82 -90.51 55.18 -14.40
CA GLY I 82 -91.84 55.00 -14.96
C GLY I 82 -92.07 53.68 -15.64
N ARG I 83 -93.01 53.64 -16.59
CA ARG I 83 -93.57 52.41 -17.12
C ARG I 83 -94.15 52.62 -18.50
N HIS I 84 -93.85 51.76 -19.45
CA HIS I 84 -94.49 51.80 -20.78
C HIS I 84 -95.86 51.17 -20.59
N ASP I 85 -96.78 51.40 -21.51
CA ASP I 85 -98.15 50.91 -21.33
C ASP I 85 -98.35 49.41 -21.55
N SER I 86 -97.37 48.72 -22.12
CA SER I 86 -97.43 47.25 -22.19
C SER I 86 -97.51 46.59 -20.80
N SER I 87 -97.11 47.29 -19.75
CA SER I 87 -97.15 46.73 -18.37
C SER I 87 -98.56 46.31 -17.96
N LEU I 88 -99.52 47.07 -18.47
CA LEU I 88 -100.92 46.93 -18.17
C LEU I 88 -101.47 45.61 -18.69
N GLN I 89 -100.92 45.16 -19.80
CA GLN I 89 -101.37 43.95 -20.49
C GLN I 89 -101.11 42.72 -19.65
N LEU I 90 -100.07 42.78 -18.83
CA LEU I 90 -99.75 41.66 -17.94
C LEU I 90 -100.92 41.38 -17.00
N THR I 91 -101.40 42.41 -16.30
CA THR I 91 -102.49 42.22 -15.32
C THR I 91 -103.74 41.65 -16.02
N ARG I 92 -103.95 42.03 -17.28
CA ARG I 92 -105.05 41.52 -18.10
C ARG I 92 -104.89 40.08 -18.53
N GLN I 93 -103.65 39.68 -18.83
CA GLN I 93 -103.37 38.33 -19.32
C GLN I 93 -103.61 37.34 -18.22
N LEU I 94 -103.16 37.71 -17.02
CA LEU I 94 -103.42 36.92 -15.82
C LEU I 94 -104.92 36.78 -15.56
N ALA I 95 -105.70 37.76 -16.02
CA ALA I 95 -107.17 37.74 -15.87
C ALA I 95 -107.91 36.95 -16.96
N TRP I 96 -107.19 36.43 -17.96
CA TRP I 96 -107.84 35.72 -19.07
C TRP I 96 -108.65 34.54 -18.58
N THR I 97 -109.97 34.58 -18.78
CA THR I 97 -110.87 33.52 -18.32
C THR I 97 -110.59 32.19 -19.03
N GLU I 98 -110.72 31.09 -18.30
CA GLU I 98 -110.49 29.76 -18.86
C GLU I 98 -111.44 29.52 -20.02
N GLU I 99 -112.68 29.97 -19.87
CA GLU I 99 -113.70 29.81 -20.90
C GLU I 99 -113.29 30.52 -22.18
N ARG I 100 -112.76 31.73 -22.05
CA ARG I 100 -112.41 32.54 -23.21
C ARG I 100 -111.17 32.03 -23.91
N LYS I 101 -110.15 31.70 -23.14
CA LYS I 101 -108.97 31.04 -23.69
C LYS I 101 -109.41 29.89 -24.59
N GLY I 102 -110.36 29.11 -24.09
CA GLY I 102 -110.94 28.00 -24.86
C GLY I 102 -111.53 28.43 -26.20
N GLN I 103 -112.40 29.43 -26.17
CA GLN I 103 -113.05 29.91 -27.39
C GLN I 103 -112.04 30.32 -28.43
N VAL I 104 -111.04 31.07 -27.97
CA VAL I 104 -109.98 31.60 -28.85
C VAL I 104 -109.06 30.49 -29.40
N TRP I 105 -108.56 29.64 -28.51
CA TRP I 105 -107.68 28.56 -28.93
C TRP I 105 -108.35 27.69 -29.97
N THR I 106 -109.61 27.36 -29.72
CA THR I 106 -110.38 26.47 -30.59
C THR I 106 -110.65 27.14 -31.94
N ALA I 107 -111.02 28.42 -31.87
CA ALA I 107 -111.25 29.24 -33.06
C ALA I 107 -110.01 29.25 -33.96
N ILE I 108 -108.84 29.30 -33.31
CA ILE I 108 -107.54 29.35 -33.98
C ILE I 108 -107.16 28.02 -34.58
N ILE I 109 -107.30 26.96 -33.78
CA ILE I 109 -107.03 25.62 -34.28
C ILE I 109 -107.89 25.28 -35.48
N ALA I 110 -109.13 25.76 -35.42
CA ALA I 110 -110.07 25.60 -36.52
C ALA I 110 -109.57 26.25 -37.82
N GLN I 111 -109.00 27.46 -37.70
CA GLN I 111 -108.43 28.14 -38.85
C GLN I 111 -107.30 27.32 -39.45
N LYS I 112 -106.55 26.63 -38.59
CA LYS I 112 -105.44 25.80 -39.06
C LYS I 112 -105.94 24.65 -39.91
N ILE I 113 -106.93 23.94 -39.38
CA ILE I 113 -107.47 22.76 -40.05
C ILE I 113 -108.02 23.16 -41.41
N THR I 114 -108.78 24.26 -41.39
CA THR I 114 -109.29 24.86 -42.62
C THR I 114 -108.15 25.05 -43.62
N ASN I 115 -107.08 25.71 -43.20
CA ASN I 115 -105.95 25.99 -44.09
C ASN I 115 -105.23 24.72 -44.54
N GLN I 116 -105.16 23.72 -43.67
CA GLN I 116 -104.65 22.40 -44.05
C GLN I 116 -105.49 21.80 -45.18
N SER I 117 -106.80 21.90 -45.02
CA SER I 117 -107.76 21.46 -46.05
C SER I 117 -107.57 22.19 -47.38
N LEU I 118 -107.51 23.52 -47.32
CA LEU I 118 -107.35 24.34 -48.53
C LEU I 118 -106.07 23.92 -49.24
N HIS I 119 -105.05 23.62 -48.45
CA HIS I 119 -103.78 23.19 -49.00
C HIS I 119 -103.95 21.87 -49.73
N LEU I 120 -104.68 20.94 -49.12
CA LEU I 120 -104.91 19.63 -49.77
C LEU I 120 -105.66 19.81 -51.08
N ALA I 121 -106.68 20.66 -51.06
CA ALA I 121 -107.52 20.93 -52.22
C ALA I 121 -106.67 21.47 -53.36
N GLN I 122 -105.82 22.40 -53.01
CA GLN I 122 -104.85 23.00 -53.92
C GLN I 122 -103.91 21.95 -54.59
N ARG I 123 -103.72 20.79 -53.95
CA ARG I 123 -102.94 19.68 -54.53
C ARG I 123 -103.79 18.58 -55.20
N ASP I 124 -105.05 18.92 -55.45
CA ASP I 124 -106.04 18.02 -56.10
C ASP I 124 -106.37 16.77 -55.28
N TYR I 125 -106.50 16.96 -53.97
CA TYR I 125 -107.08 15.95 -53.09
C TYR I 125 -108.42 16.47 -52.58
N GLY I 126 -109.29 16.85 -53.53
CA GLY I 126 -110.64 17.36 -53.21
C GLY I 126 -111.29 16.53 -52.10
N GLN I 127 -111.04 15.21 -52.14
CA GLN I 127 -111.64 14.25 -51.21
C GLN I 127 -111.12 14.38 -49.77
N LYS I 128 -109.83 14.12 -49.59
CA LYS I 128 -109.22 14.13 -48.25
C LYS I 128 -109.46 15.50 -47.59
N ALA I 129 -109.36 16.55 -48.41
CA ALA I 129 -109.60 17.92 -47.95
C ALA I 129 -110.96 18.10 -47.31
N ALA I 130 -112.00 17.67 -48.02
CA ALA I 130 -113.36 17.75 -47.52
C ALA I 130 -113.51 17.00 -46.19
N ALA I 131 -112.74 15.91 -46.04
CA ALA I 131 -112.75 15.11 -44.80
C ALA I 131 -112.29 15.92 -43.59
N LEU I 132 -111.32 16.81 -43.81
CA LEU I 132 -110.78 17.65 -42.75
C LEU I 132 -111.77 18.72 -42.33
N LEU I 133 -112.58 19.19 -43.27
CA LEU I 133 -113.67 20.13 -42.93
C LEU I 133 -114.71 19.47 -42.02
N ALA I 134 -114.94 18.18 -42.26
CA ALA I 134 -115.81 17.39 -41.39
C ALA I 134 -115.29 17.40 -39.96
N MET I 135 -113.99 17.16 -39.83
CA MET I 135 -113.33 17.16 -38.52
C MET I 135 -113.47 18.52 -37.86
N ARG I 136 -113.25 19.57 -38.64
CA ARG I 136 -113.38 20.93 -38.11
C ARG I 136 -114.75 21.16 -37.49
N ALA I 137 -115.78 20.74 -38.20
CA ALA I 137 -117.16 20.90 -37.74
C ALA I 137 -117.45 20.18 -36.41
N GLU I 138 -116.68 19.14 -36.10
CA GLU I 138 -116.87 18.37 -34.85
C GLU I 138 -115.99 18.85 -33.69
N LEU I 139 -115.41 20.04 -33.81
CA LEU I 139 -114.58 20.60 -32.75
C LEU I 139 -115.43 21.06 -31.59
N ARG I 140 -114.98 20.78 -30.37
CA ARG I 140 -115.57 21.37 -29.17
C ARG I 140 -114.47 22.13 -28.43
N LEU I 141 -114.86 22.92 -27.43
CA LEU I 141 -113.89 23.69 -26.65
C LEU I 141 -112.68 22.86 -26.27
N PHE I 142 -111.50 23.40 -26.56
CA PHE I 142 -110.20 22.76 -26.25
C PHE I 142 -110.02 21.38 -26.89
N ASP I 143 -110.81 21.07 -27.90
CA ASP I 143 -110.64 19.85 -28.70
C ASP I 143 -110.29 18.65 -27.86
N PRO I 144 -111.22 18.23 -26.97
CA PRO I 144 -110.93 17.07 -26.14
C PRO I 144 -110.85 15.76 -26.95
N ALA I 145 -111.55 15.72 -28.09
CA ALA I 145 -111.52 14.57 -28.97
C ALA I 145 -110.28 14.51 -29.88
N ASN I 146 -109.41 15.51 -29.76
CA ASN I 146 -108.17 15.58 -30.55
C ASN I 146 -108.38 15.46 -32.08
N ARG I 147 -109.37 16.18 -32.60
CA ARG I 147 -109.58 16.28 -34.05
C ARG I 147 -108.37 16.91 -34.71
N GLU I 148 -107.73 17.82 -33.98
CA GLU I 148 -106.52 18.50 -34.45
C GLU I 148 -105.47 17.50 -34.94
N GLY I 149 -105.19 16.53 -34.09
CA GLY I 149 -104.17 15.53 -34.35
C GLY I 149 -104.55 14.56 -35.46
N HIS I 150 -105.84 14.27 -35.56
CA HIS I 150 -106.37 13.41 -36.62
C HIS I 150 -106.30 14.06 -37.97
N ALA I 151 -106.72 15.32 -38.00
CA ALA I 151 -106.56 16.17 -39.15
C ALA I 151 -105.09 16.21 -39.56
N ALA I 152 -104.22 16.44 -38.57
CA ALA I 152 -102.77 16.51 -38.82
C ALA I 152 -102.22 15.23 -39.43
N ARG I 153 -102.61 14.09 -38.88
CA ARG I 153 -102.14 12.81 -39.39
C ARG I 153 -102.54 12.64 -40.85
N SER I 154 -103.84 12.70 -41.10
CA SER I 154 -104.42 12.54 -42.44
C SER I 154 -103.79 13.52 -43.45
N TYR I 155 -103.70 14.78 -43.03
CA TYR I 155 -103.08 15.85 -43.80
C TYR I 155 -101.69 15.45 -44.30
N PHE I 156 -100.80 15.12 -43.37
CA PHE I 156 -99.42 14.78 -43.72
C PHE I 156 -99.33 13.48 -44.49
N ASN I 157 -100.20 12.53 -44.15
CA ASN I 157 -100.24 11.27 -44.88
C ASN I 157 -100.51 11.49 -46.34
N THR I 158 -101.55 12.28 -46.61
CA THR I 158 -101.97 12.55 -47.98
C THR I 158 -100.90 13.30 -48.76
N LEU I 159 -100.20 14.20 -48.08
CA LEU I 159 -99.19 15.04 -48.71
C LEU I 159 -97.88 14.30 -48.97
N PHE I 160 -97.41 13.51 -48.00
CA PHE I 160 -96.09 12.89 -48.08
C PHE I 160 -96.11 11.36 -48.01
N GLY I 161 -97.30 10.75 -47.99
CA GLY I 161 -97.40 9.27 -48.02
C GLY I 161 -97.78 8.67 -46.68
N ASN I 162 -98.30 7.44 -46.71
CA ASN I 162 -98.72 6.73 -45.48
C ASN I 162 -97.53 6.27 -44.63
N ASP I 163 -96.38 6.07 -45.29
CA ASP I 163 -95.12 5.78 -44.62
C ASP I 163 -94.63 6.93 -43.79
N PHE I 164 -95.08 8.14 -44.13
CA PHE I 164 -94.59 9.36 -43.50
C PHE I 164 -95.19 9.57 -42.11
N THR I 165 -94.31 9.87 -41.15
CA THR I 165 -94.72 10.31 -39.84
C THR I 165 -93.90 11.58 -39.58
N ARG I 166 -94.40 12.45 -38.70
CA ARG I 166 -93.73 13.72 -38.40
C ARG I 166 -92.68 13.59 -37.33
N GLU I 167 -92.69 12.46 -36.65
CA GLU I 167 -91.98 12.36 -35.40
C GLU I 167 -90.48 12.29 -35.62
N GLN I 168 -90.03 11.94 -36.84
CA GLN I 168 -88.60 11.72 -37.06
C GLN I 168 -87.93 11.89 -38.43
N GLU I 169 -86.63 11.55 -38.47
CA GLU I 169 -85.65 12.47 -39.03
C GLU I 169 -85.32 12.29 -40.47
N ASN I 170 -86.04 13.03 -41.29
CA ASN I 170 -85.70 13.14 -42.70
C ASN I 170 -85.60 14.61 -43.12
N ASP I 171 -85.25 14.85 -44.38
CA ASP I 171 -85.12 16.24 -44.87
C ASP I 171 -86.44 17.02 -44.79
N ILE I 172 -87.55 16.35 -45.10
CA ILE I 172 -88.85 17.01 -45.12
C ILE I 172 -89.21 17.60 -43.75
N ASN I 173 -89.09 16.79 -42.69
CA ASN I 173 -89.35 17.26 -41.32
C ASN I 173 -88.38 18.34 -40.87
N ALA I 174 -87.11 18.18 -41.23
CA ALA I 174 -86.09 19.16 -40.84
C ALA I 174 -86.47 20.55 -41.34
N GLY I 175 -86.94 20.62 -42.59
CA GLY I 175 -87.37 21.86 -43.19
C GLY I 175 -88.65 22.39 -42.55
N LEU I 176 -89.63 21.51 -42.39
CA LEU I 176 -90.90 21.85 -41.71
C LEU I 176 -90.63 22.51 -40.35
N ASN I 177 -89.70 21.92 -39.59
CA ASN I 177 -89.33 22.41 -38.26
C ASN I 177 -88.58 23.73 -38.33
N TYR I 178 -87.67 23.87 -39.29
CA TYR I 178 -86.97 25.15 -39.54
C TYR I 178 -88.01 26.24 -39.79
N GLY I 179 -88.91 25.99 -40.74
CA GLY I 179 -89.98 26.90 -41.06
C GLY I 179 -90.82 27.26 -39.85
N TYR I 180 -91.26 26.26 -39.09
CA TYR I 180 -92.07 26.52 -37.90
C TYR I 180 -91.32 27.41 -36.89
N THR I 181 -90.02 27.17 -36.72
CA THR I 181 -89.15 27.99 -35.80
C THR I 181 -89.15 29.45 -36.25
N LEU I 182 -89.12 29.66 -37.57
CA LEU I 182 -89.25 31.02 -38.14
C LEU I 182 -90.57 31.66 -37.80
N LEU I 183 -91.66 30.94 -38.03
CA LEU I 183 -92.99 31.44 -37.64
C LEU I 183 -93.03 31.71 -36.14
N LEU I 184 -92.45 30.82 -35.35
CA LEU I 184 -92.48 30.94 -33.88
C LEU I 184 -91.83 32.22 -33.42
N SER I 185 -90.62 32.48 -33.93
CA SER I 185 -89.87 33.66 -33.53
C SER I 185 -90.59 34.95 -33.89
N ILE I 186 -91.34 34.94 -34.99
CA ILE I 186 -92.14 36.10 -35.41
C ILE I 186 -93.23 36.45 -34.39
N PHE I 187 -94.00 35.45 -34.02
CA PHE I 187 -95.13 35.67 -33.14
C PHE I 187 -94.66 35.89 -31.72
N ALA I 188 -93.55 35.26 -31.39
CA ALA I 188 -92.95 35.44 -30.07
C ALA I 188 -92.67 36.93 -29.92
N ARG I 189 -91.93 37.48 -30.89
CA ARG I 189 -91.67 38.92 -31.00
C ARG I 189 -92.93 39.77 -30.79
N GLU I 190 -93.96 39.50 -31.58
CA GLU I 190 -95.15 40.32 -31.58
C GLU I 190 -95.86 40.25 -30.22
N LEU I 191 -95.96 39.05 -29.69
CA LEU I 191 -96.61 38.85 -28.39
C LEU I 191 -95.95 39.67 -27.27
N VAL I 192 -94.61 39.64 -27.22
CA VAL I 192 -93.86 40.37 -26.15
C VAL I 192 -94.14 41.83 -26.31
N GLN I 193 -94.17 42.29 -27.56
CA GLN I 193 -94.47 43.68 -27.85
C GLN I 193 -95.80 44.15 -27.26
N THR I 194 -96.80 43.30 -27.36
CA THR I 194 -98.10 43.66 -26.86
C THR I 194 -98.15 43.72 -25.33
N GLY I 195 -97.10 43.23 -24.67
CA GLY I 195 -97.02 43.20 -23.20
C GLY I 195 -97.35 41.85 -22.56
N CYS I 196 -97.42 40.81 -23.39
CA CYS I 196 -97.75 39.47 -22.92
C CYS I 196 -96.50 38.68 -22.60
N PHE I 197 -96.68 37.57 -21.87
CA PHE I 197 -95.61 36.58 -21.65
C PHE I 197 -95.85 35.37 -22.55
N THR I 198 -94.83 34.97 -23.29
CA THR I 198 -94.98 33.92 -24.27
C THR I 198 -95.04 32.55 -23.64
N GLN I 199 -94.65 32.45 -22.39
CA GLN I 199 -94.36 31.16 -21.75
C GLN I 199 -95.54 30.18 -21.53
N LEU I 200 -96.76 30.70 -21.42
CA LEU I 200 -97.93 29.87 -21.10
C LEU I 200 -98.95 29.93 -22.21
N GLY I 201 -99.26 28.78 -22.78
CA GLY I 201 -100.20 28.69 -23.89
C GLY I 201 -101.63 28.78 -23.39
N LEU I 202 -102.57 28.89 -24.34
CA LEU I 202 -103.98 29.04 -24.00
C LEU I 202 -104.53 27.75 -23.44
N LYS I 203 -103.96 26.62 -23.89
CA LYS I 203 -104.42 25.29 -23.49
C LYS I 203 -103.46 24.49 -22.58
N HIS I 204 -103.43 24.80 -21.29
CA HIS I 204 -102.92 23.83 -20.33
C HIS I 204 -103.55 24.12 -18.96
N PHE I 208 -91.36 24.03 -19.62
CA PHE I 208 -91.87 23.18 -20.70
C PHE I 208 -91.24 23.82 -21.97
N ASN I 209 -92.01 24.69 -22.65
CA ASN I 209 -91.53 25.51 -23.75
C ASN I 209 -91.53 26.88 -23.10
N ASP I 210 -90.61 27.74 -23.52
CA ASP I 210 -90.70 29.14 -23.13
C ASP I 210 -91.62 29.93 -24.06
N PHE I 211 -92.16 29.29 -25.11
CA PHE I 211 -92.94 30.02 -26.13
C PHE I 211 -94.30 29.42 -26.54
N ASN I 212 -94.91 28.59 -25.71
CA ASN I 212 -96.23 28.00 -26.03
C ASN I 212 -97.27 28.93 -26.64
N LEU I 213 -97.32 30.16 -26.16
CA LEU I 213 -98.34 31.11 -26.61
C LEU I 213 -98.08 31.54 -28.04
N ALA I 214 -96.82 31.76 -28.38
CA ALA I 214 -96.42 32.00 -29.77
C ALA I 214 -96.77 30.78 -30.58
N SER I 215 -96.40 29.61 -30.07
CA SER I 215 -96.74 28.34 -30.70
C SER I 215 -98.25 28.22 -31.01
N ASP I 216 -99.09 28.71 -30.10
CA ASP I 216 -100.56 28.72 -30.28
C ASP I 216 -101.02 29.70 -31.37
N LEU I 217 -100.51 30.92 -31.33
CA LEU I 217 -100.93 31.97 -32.30
C LEU I 217 -100.51 31.68 -33.73
N MET I 218 -99.37 31.01 -33.92
CA MET I 218 -98.85 30.75 -35.25
C MET I 218 -99.53 29.56 -35.95
N GLU I 219 -100.42 28.88 -35.24
CA GLU I 219 -101.03 27.64 -35.76
C GLU I 219 -101.61 27.78 -37.19
N PRO I 220 -102.45 28.78 -37.43
CA PRO I 220 -103.03 28.88 -38.76
C PRO I 220 -102.05 29.16 -39.88
N PHE I 221 -100.85 29.58 -39.51
CA PHE I 221 -99.84 29.98 -40.51
C PHE I 221 -98.94 28.84 -40.87
N ARG I 222 -99.07 27.73 -40.16
CA ARG I 222 -98.24 26.58 -40.41
C ARG I 222 -98.28 26.13 -41.88
N PRO I 223 -99.48 26.04 -42.47
CA PRO I 223 -99.53 25.59 -43.86
C PRO I 223 -98.70 26.43 -44.83
N LEU I 224 -98.42 27.69 -44.50
CA LEU I 224 -97.54 28.50 -45.35
C LEU I 224 -96.20 27.81 -45.55
N VAL I 225 -95.68 27.22 -44.47
CA VAL I 225 -94.44 26.45 -44.54
C VAL I 225 -94.69 25.15 -45.29
N ASP I 226 -95.78 24.48 -44.92
CA ASP I 226 -96.13 23.20 -45.50
C ASP I 226 -96.12 23.30 -47.02
N GLN I 227 -96.69 24.39 -47.55
CA GLN I 227 -96.72 24.62 -49.01
C GLN I 227 -95.31 24.63 -49.60
N ILE I 228 -94.46 25.47 -49.01
CA ILE I 228 -93.12 25.67 -49.52
C ILE I 228 -92.32 24.38 -49.47
N ILE I 229 -92.48 23.64 -48.39
CA ILE I 229 -91.77 22.38 -48.27
C ILE I 229 -92.28 21.31 -49.18
N TYR I 230 -93.60 21.20 -49.28
CA TYR I 230 -94.21 20.26 -50.22
C TYR I 230 -93.62 20.48 -51.62
N GLU I 231 -93.66 21.74 -52.08
CA GLU I 231 -93.15 22.10 -53.40
C GLU I 231 -91.70 21.71 -53.59
N ASN I 232 -90.91 21.76 -52.53
CA ASN I 232 -89.50 21.39 -52.58
C ASN I 232 -89.21 20.10 -51.85
N ARG I 233 -90.19 19.21 -51.77
CA ARG I 233 -90.04 17.95 -51.02
C ARG I 233 -88.97 17.03 -51.63
N LYS I 234 -88.69 17.24 -52.91
CA LYS I 234 -87.68 16.47 -53.63
C LYS I 234 -86.25 16.96 -53.33
N GLU I 235 -86.11 18.19 -52.85
CA GLU I 235 -84.80 18.85 -52.80
C GLU I 235 -84.02 18.53 -51.53
N ALA I 236 -82.74 18.89 -51.53
CA ALA I 236 -81.89 18.77 -50.34
C ALA I 236 -82.30 19.83 -49.33
N PHE I 237 -81.97 19.60 -48.06
CA PHE I 237 -82.35 20.52 -46.97
C PHE I 237 -81.93 21.98 -47.22
N PRO I 238 -80.66 22.23 -47.60
CA PRO I 238 -80.22 23.61 -47.87
C PRO I 238 -81.08 24.40 -48.87
N ILE I 239 -81.70 23.70 -49.82
CA ILE I 239 -82.54 24.35 -50.81
C ILE I 239 -83.90 24.66 -50.21
N MET I 240 -84.39 23.79 -49.33
CA MET I 240 -85.66 24.08 -48.61
C MET I 240 -85.48 25.31 -47.74
N LYS I 241 -84.35 25.36 -47.05
CA LYS I 241 -84.06 26.47 -46.13
C LYS I 241 -84.14 27.80 -46.86
N ARG I 242 -83.54 27.88 -48.04
CA ARG I 242 -83.55 29.12 -48.82
C ARG I 242 -84.93 29.45 -49.35
N LYS I 243 -85.61 28.45 -49.91
CA LYS I 243 -86.95 28.66 -50.47
C LYS I 243 -87.94 29.11 -49.39
N LEU I 244 -87.60 28.85 -48.13
CA LEU I 244 -88.44 29.21 -46.98
C LEU I 244 -88.37 30.70 -46.65
N PHE I 245 -87.30 31.37 -47.10
CA PHE I 245 -87.16 32.82 -46.86
C PHE I 245 -88.22 33.60 -47.66
N ALA I 246 -88.84 32.91 -48.60
CA ALA I 246 -90.02 33.42 -49.30
C ALA I 246 -91.05 34.05 -48.34
N LEU I 247 -91.23 33.44 -47.18
CA LEU I 247 -92.18 33.94 -46.17
C LEU I 247 -91.98 35.44 -45.89
N PHE I 248 -90.72 35.86 -45.85
CA PHE I 248 -90.39 37.24 -45.56
C PHE I 248 -90.49 38.15 -46.78
N MET I 249 -90.54 37.57 -47.98
CA MET I 249 -90.64 38.36 -49.22
C MET I 249 -92.04 38.38 -49.80
N ASN I 250 -92.65 37.20 -49.89
CA ASN I 250 -93.97 37.08 -50.47
C ASN I 250 -94.98 37.90 -49.76
N THR I 251 -96.12 38.00 -50.42
CA THR I 251 -97.25 38.72 -49.87
C THR I 251 -98.44 37.75 -49.85
N TYR I 252 -99.29 37.88 -48.83
CA TYR I 252 -100.38 36.94 -48.57
C TYR I 252 -101.70 37.64 -48.32
N MET I 253 -102.79 37.06 -48.81
CA MET I 253 -104.12 37.68 -48.64
C MET I 253 -104.51 37.70 -47.16
N TYR I 254 -104.81 38.88 -46.64
CA TYR I 254 -105.24 39.03 -45.24
C TYR I 254 -106.12 40.28 -45.10
N LYS I 255 -107.26 40.15 -44.44
CA LYS I 255 -108.25 41.26 -44.32
C LYS I 255 -108.45 42.00 -45.64
N LYS I 256 -108.59 41.24 -46.73
CA LYS I 256 -108.91 41.74 -48.06
C LYS I 256 -107.77 42.45 -48.79
N LYS I 257 -106.59 42.52 -48.17
CA LYS I 257 -105.44 43.20 -48.77
C LYS I 257 -104.28 42.25 -48.87
N GLN I 258 -103.47 42.39 -49.91
CA GLN I 258 -102.19 41.68 -49.98
C GLN I 258 -101.20 42.33 -49.03
N MET I 259 -100.77 41.59 -48.00
CA MET I 259 -99.81 42.12 -47.01
C MET I 259 -98.61 41.21 -46.83
N PHE I 260 -97.53 41.78 -46.30
CA PHE I 260 -96.34 41.01 -45.96
C PHE I 260 -96.57 40.25 -44.66
N LEU I 261 -95.88 39.14 -44.51
CA LEU I 261 -96.15 38.22 -43.41
C LEU I 261 -96.04 38.88 -42.02
N THR I 262 -94.95 39.61 -41.78
CA THR I 262 -94.74 40.22 -40.46
C THR I 262 -95.78 41.27 -40.14
N ASN I 263 -96.25 41.98 -41.16
CA ASN I 263 -97.32 42.98 -40.94
C ASN I 263 -98.60 42.29 -40.53
N ILE I 264 -98.85 41.14 -41.16
CA ILE I 264 -100.02 40.32 -40.83
C ILE I 264 -99.95 39.88 -39.38
N ALA I 265 -98.79 39.32 -39.03
CA ALA I 265 -98.54 38.77 -37.71
C ALA I 265 -98.81 39.83 -36.64
N THR I 266 -98.37 41.05 -36.92
CA THR I 266 -98.54 42.15 -35.97
C THR I 266 -100.02 42.41 -35.75
N ASP I 267 -100.74 42.57 -36.86
CA ASP I 267 -102.18 42.84 -36.77
C ASP I 267 -102.90 41.70 -36.09
N TYR I 268 -102.67 40.50 -36.63
CA TYR I 268 -103.26 39.28 -36.11
C TYR I 268 -103.07 39.16 -34.59
N THR I 269 -101.82 39.27 -34.17
CA THR I 269 -101.47 39.09 -32.76
C THR I 269 -102.18 40.14 -31.91
N LYS I 270 -101.97 41.40 -32.25
CA LYS I 270 -102.50 42.50 -31.46
C LYS I 270 -104.03 42.39 -31.32
N HIS I 271 -104.66 41.96 -32.41
CA HIS I 271 -106.11 41.79 -32.49
C HIS I 271 -106.54 40.57 -31.67
N VAL I 272 -105.84 39.44 -31.78
CA VAL I 272 -106.13 38.26 -30.93
C VAL I 272 -106.06 38.60 -29.45
N VAL I 273 -105.00 39.31 -29.08
CA VAL I 273 -104.82 39.71 -27.68
C VAL I 273 -106.01 40.55 -27.20
N LYS I 274 -106.51 41.43 -28.06
CA LYS I 274 -107.67 42.26 -27.73
C LYS I 274 -108.85 41.37 -27.34
N VAL I 275 -109.17 40.37 -28.16
CA VAL I 275 -110.35 39.51 -27.90
C VAL I 275 -110.14 38.59 -26.70
N LEU I 276 -108.88 38.36 -26.34
CA LEU I 276 -108.57 37.61 -25.13
C LEU I 276 -108.81 38.47 -23.90
N ASN I 277 -108.52 39.77 -24.02
CA ASN I 277 -108.82 40.73 -22.93
C ASN I 277 -110.29 41.09 -22.84
N GLN I 278 -111.07 40.71 -23.85
CA GLN I 278 -112.50 41.01 -23.93
C GLN I 278 -112.77 42.48 -24.19
N GLU I 279 -111.90 43.09 -25.00
CA GLU I 279 -112.07 44.45 -25.50
C GLU I 279 -112.69 44.38 -26.88
N GLU I 280 -112.83 43.17 -27.39
CA GLU I 280 -113.34 42.92 -28.72
C GLU I 280 -113.99 41.55 -28.71
N GLU I 281 -114.86 41.31 -29.69
CA GLU I 281 -115.41 39.99 -29.92
C GLU I 281 -114.84 39.61 -31.29
N GLY I 282 -114.74 38.32 -31.55
CA GLY I 282 -114.39 37.88 -32.89
C GLY I 282 -112.91 37.87 -33.25
N VAL I 283 -112.33 36.69 -33.12
CA VAL I 283 -110.96 36.41 -33.51
C VAL I 283 -110.71 36.81 -34.97
N PRO I 284 -109.55 37.43 -35.25
CA PRO I 284 -109.20 37.70 -36.65
C PRO I 284 -108.92 36.41 -37.42
N GLU I 285 -109.04 36.48 -38.75
CA GLU I 285 -108.91 35.26 -39.55
C GLU I 285 -107.79 35.28 -40.57
N PHE I 286 -107.02 34.19 -40.58
CA PHE I 286 -106.07 33.97 -41.65
C PHE I 286 -106.42 32.74 -42.44
N GLY I 287 -106.50 32.94 -43.76
CA GLY I 287 -106.76 31.86 -44.71
C GLY I 287 -105.67 31.85 -45.78
N ILE I 288 -105.46 30.71 -46.41
CA ILE I 288 -104.37 30.58 -47.36
C ILE I 288 -104.93 30.53 -48.77
N MET J 1 -70.29 32.62 -9.89
CA MET J 1 -70.64 33.35 -11.15
C MET J 1 -69.55 34.37 -11.56
N GLY J 2 -69.55 35.59 -11.03
CA GLY J 2 -68.43 36.52 -11.20
C GLY J 2 -68.37 37.45 -10.01
N TRP J 3 -67.40 38.37 -10.04
CA TRP J 3 -67.05 39.23 -8.88
C TRP J 3 -66.81 40.70 -9.20
N ARG J 4 -66.36 41.00 -10.40
CA ARG J 4 -66.09 42.38 -10.76
C ARG J 4 -67.32 43.23 -10.99
N THR J 5 -67.30 44.44 -10.44
CA THR J 5 -68.23 45.48 -10.84
C THR J 5 -67.51 46.47 -11.77
N VAL J 6 -67.83 46.41 -13.05
CA VAL J 6 -67.12 47.16 -14.10
C VAL J 6 -67.81 48.45 -14.40
N VAL J 7 -67.24 49.57 -13.98
CA VAL J 7 -67.81 50.89 -14.23
C VAL J 7 -67.19 51.59 -15.43
N VAL J 8 -68.02 52.02 -16.35
CA VAL J 8 -67.57 52.72 -17.55
C VAL J 8 -68.03 54.17 -17.53
N ASN J 9 -67.11 55.11 -17.73
CA ASN J 9 -67.52 56.52 -17.78
C ASN J 9 -66.73 57.36 -18.76
N LYS J 10 -66.01 56.67 -19.62
CA LYS J 10 -65.18 57.33 -20.59
C LYS J 10 -65.74 57.07 -21.97
N HIS J 11 -65.71 58.10 -22.81
CA HIS J 11 -66.16 57.97 -24.19
C HIS J 11 -65.51 56.72 -24.81
N SER J 12 -66.31 55.77 -25.26
CA SER J 12 -65.79 54.45 -25.60
C SER J 12 -66.72 53.61 -26.45
N LYS J 13 -66.21 52.47 -26.93
CA LYS J 13 -67.01 51.48 -27.71
C LYS J 13 -66.84 50.07 -27.13
N LEU J 14 -67.94 49.53 -26.61
CA LEU J 14 -67.94 48.20 -26.02
C LEU J 14 -68.35 47.17 -27.06
N SER J 15 -67.66 46.04 -27.08
CA SER J 15 -67.94 44.96 -28.02
C SER J 15 -67.77 43.63 -27.32
N TYR J 16 -67.87 42.55 -28.10
CA TYR J 16 -67.64 41.19 -27.57
C TYR J 16 -66.66 40.42 -28.47
N LYS J 17 -65.78 39.66 -27.84
CA LYS J 17 -64.85 38.81 -28.54
C LYS J 17 -64.36 37.71 -27.59
N ASN J 18 -64.44 36.46 -28.04
CA ASN J 18 -63.96 35.32 -27.27
C ASN J 18 -64.26 35.41 -25.79
N ASN J 19 -65.51 35.34 -25.41
CA ASN J 19 -65.91 35.42 -24.00
C ASN J 19 -65.39 36.63 -23.23
N HIS J 20 -64.93 37.66 -23.94
CA HIS J 20 -64.52 38.87 -23.27
C HIS J 20 -65.39 40.03 -23.65
N LEU J 21 -65.57 40.92 -22.68
CA LEU J 21 -65.98 42.28 -22.95
C LEU J 21 -64.79 43.01 -23.52
N VAL J 22 -65.02 43.82 -24.54
CA VAL J 22 -63.93 44.58 -25.15
C VAL J 22 -64.22 46.06 -25.06
N PHE J 23 -63.32 46.78 -24.41
CA PHE J 23 -63.46 48.20 -24.17
C PHE J 23 -62.45 48.97 -25.01
N LYS J 24 -62.90 49.93 -25.81
CA LYS J 24 -62.00 50.74 -26.65
C LYS J 24 -62.26 52.22 -26.55
N ALA J 25 -61.24 52.96 -26.10
CA ALA J 25 -61.28 54.42 -26.05
C ALA J 25 -60.05 54.98 -26.79
N ILE J 26 -59.95 56.31 -26.87
CA ILE J 26 -59.06 56.94 -27.86
C ILE J 26 -57.62 56.47 -27.78
N ASP J 27 -57.07 56.53 -26.59
CA ASP J 27 -55.69 56.12 -26.38
C ASP J 27 -55.71 54.62 -26.21
N HIS J 28 -56.36 54.21 -25.14
CA HIS J 28 -56.26 52.85 -24.67
C HIS J 28 -57.49 51.90 -24.77
N GLN J 29 -57.17 50.68 -24.47
CA GLN J 29 -58.03 49.54 -24.73
C GLN J 29 -57.92 48.52 -23.60
N GLU J 30 -58.98 47.73 -23.41
CA GLU J 30 -58.97 46.70 -22.36
C GLU J 30 -59.97 45.56 -22.55
N LEU J 31 -59.53 44.35 -22.23
CA LEU J 31 -60.34 43.15 -22.39
C LEU J 31 -60.59 42.59 -21.00
N ILE J 32 -61.83 42.21 -20.71
CA ILE J 32 -62.21 41.63 -19.43
C ILE J 32 -63.09 40.40 -19.65
N HIS J 33 -62.76 39.30 -19.01
CA HIS J 33 -63.45 38.04 -19.27
C HIS J 33 -64.81 38.04 -18.57
N LEU J 34 -65.88 37.74 -19.32
CA LEU J 34 -67.26 37.82 -18.80
C LEU J 34 -67.47 37.03 -17.51
N SER J 35 -66.90 35.84 -17.41
CA SER J 35 -66.98 35.03 -16.19
C SER J 35 -66.47 35.75 -14.94
N GLU J 36 -65.63 36.77 -15.11
CA GLU J 36 -65.17 37.59 -13.98
C GLU J 36 -66.14 38.71 -13.60
N ILE J 37 -67.12 38.98 -14.45
CA ILE J 37 -68.00 40.13 -14.28
C ILE J 37 -69.29 39.77 -13.57
N ASP J 38 -69.56 40.52 -12.51
CA ASP J 38 -70.80 40.41 -11.75
C ASP J 38 -71.79 41.49 -12.22
N VAL J 39 -71.27 42.70 -12.42
CA VAL J 39 -72.08 43.87 -12.78
C VAL J 39 -71.37 44.80 -13.75
N LEU J 40 -72.14 45.32 -14.71
CA LEU J 40 -71.64 46.30 -15.68
C LEU J 40 -72.48 47.55 -15.55
N LEU J 41 -71.85 48.63 -15.10
CA LEU J 41 -72.53 49.89 -14.90
C LEU J 41 -72.09 50.93 -15.94
N LEU J 42 -73.04 51.37 -16.73
CA LEU J 42 -72.80 52.33 -17.81
C LEU J 42 -73.16 53.74 -17.35
N GLU J 43 -72.16 54.41 -16.80
CA GLU J 43 -72.34 55.61 -16.00
C GLU J 43 -72.69 56.82 -16.86
N THR J 44 -72.20 56.83 -18.10
CA THR J 44 -72.31 58.02 -18.94
C THR J 44 -72.99 57.81 -20.28
N THR J 45 -73.24 58.93 -20.94
CA THR J 45 -73.97 58.97 -22.19
C THR J 45 -73.05 58.99 -23.40
N ASP J 46 -71.74 58.93 -23.16
CA ASP J 46 -70.74 58.92 -24.26
C ASP J 46 -70.33 57.51 -24.74
N ILE J 47 -70.99 56.47 -24.22
CA ILE J 47 -70.60 55.08 -24.47
C ILE J 47 -71.45 54.47 -25.57
N SER J 48 -70.81 53.70 -26.43
CA SER J 48 -71.49 53.00 -27.52
C SER J 48 -71.27 51.48 -27.38
N LEU J 49 -72.31 50.67 -27.56
CA LEU J 49 -72.17 49.21 -27.39
C LEU J 49 -72.96 48.40 -28.43
N THR J 50 -72.68 47.09 -28.53
CA THR J 50 -73.29 46.23 -29.55
C THR J 50 -74.32 45.24 -28.98
N THR J 51 -75.35 44.92 -29.78
CA THR J 51 -76.36 43.93 -29.40
C THR J 51 -75.79 42.53 -29.19
N MET J 52 -74.69 42.24 -29.89
CA MET J 52 -73.97 41.00 -29.67
C MET J 52 -73.53 40.92 -28.22
N LEU J 53 -72.85 41.97 -27.77
CA LEU J 53 -72.35 42.03 -26.39
C LEU J 53 -73.51 41.88 -25.42
N LEU J 54 -74.59 42.62 -25.66
CA LEU J 54 -75.73 42.59 -24.76
C LEU J 54 -76.36 41.20 -24.68
N LYS J 55 -76.45 40.50 -25.80
CA LYS J 55 -76.93 39.09 -25.79
C LYS J 55 -76.08 38.28 -24.81
N ARG J 56 -74.77 38.41 -24.95
CA ARG J 56 -73.83 37.63 -24.16
C ARG J 56 -73.87 38.05 -22.70
N LEU J 57 -74.00 39.36 -22.46
CA LEU J 57 -74.17 39.84 -21.11
C LEU J 57 -75.41 39.25 -20.47
N ILE J 58 -76.41 38.88 -21.25
CA ILE J 58 -77.66 38.32 -20.70
C ILE J 58 -77.46 36.84 -20.46
N ASP J 59 -76.72 36.20 -21.36
CA ASP J 59 -76.43 34.78 -21.27
C ASP J 59 -75.75 34.49 -19.94
N GLU J 60 -74.61 35.14 -19.71
CA GLU J 60 -73.93 35.12 -18.39
C GLU J 60 -74.70 36.15 -17.60
N LYS J 61 -75.33 35.76 -16.52
CA LYS J 61 -76.44 36.53 -16.04
C LYS J 61 -75.94 37.78 -15.35
N ILE J 62 -75.37 38.69 -16.15
CA ILE J 62 -74.72 39.89 -15.68
C ILE J 62 -75.70 41.03 -15.54
N LEU J 63 -75.61 41.73 -14.43
CA LEU J 63 -76.47 42.87 -14.17
C LEU J 63 -75.93 44.06 -14.96
N VAL J 64 -76.76 44.60 -15.84
CA VAL J 64 -76.39 45.76 -16.65
C VAL J 64 -77.25 46.95 -16.24
N LEU J 65 -76.61 48.04 -15.85
CA LEU J 65 -77.29 49.25 -15.41
C LEU J 65 -77.02 50.41 -16.36
N PHE J 66 -78.06 51.18 -16.66
CA PHE J 66 -77.93 52.39 -17.48
C PHE J 66 -78.15 53.62 -16.65
N CYS J 67 -77.53 54.71 -17.06
CA CYS J 67 -77.63 55.93 -16.31
C CYS J 67 -78.01 57.07 -17.23
N ASP J 68 -78.48 58.13 -16.57
CA ASP J 68 -78.76 59.41 -17.19
C ASP J 68 -77.51 60.31 -17.20
N ASP J 69 -77.69 61.54 -17.66
CA ASP J 69 -76.55 62.47 -17.85
C ASP J 69 -76.00 63.06 -16.53
N LYS J 70 -76.79 62.98 -15.46
CA LYS J 70 -76.28 63.28 -14.11
C LYS J 70 -75.63 62.05 -13.45
N ARG J 71 -75.39 61.01 -14.24
CA ARG J 71 -74.85 59.74 -13.73
C ARG J 71 -75.65 59.05 -12.61
N LEU J 72 -76.96 59.17 -12.66
CA LEU J 72 -77.82 58.37 -11.78
C LEU J 72 -78.38 57.20 -12.55
N PRO J 73 -78.60 56.07 -11.88
CA PRO J 73 -79.18 54.94 -12.57
C PRO J 73 -80.66 55.16 -12.87
N ILE J 74 -81.08 54.76 -14.07
CA ILE J 74 -82.47 54.95 -14.52
C ILE J 74 -83.12 53.68 -15.03
N GLY J 75 -82.31 52.66 -15.30
CA GLY J 75 -82.84 51.35 -15.63
C GLY J 75 -81.80 50.26 -15.73
N LYS J 76 -82.29 49.05 -15.98
CA LYS J 76 -81.46 47.87 -16.11
C LYS J 76 -82.02 46.96 -17.17
N ILE J 77 -81.19 46.03 -17.64
CA ILE J 77 -81.68 44.99 -18.54
C ILE J 77 -82.42 43.93 -17.74
N LEU J 78 -83.60 43.59 -18.22
CA LEU J 78 -84.45 42.62 -17.56
C LEU J 78 -84.59 41.47 -18.52
N PRO J 79 -83.91 40.38 -18.23
CA PRO J 79 -84.08 39.22 -19.11
C PRO J 79 -85.49 38.66 -18.91
N PHE J 80 -86.04 38.02 -19.92
CA PHE J 80 -87.39 37.42 -19.81
C PHE J 80 -87.30 35.99 -19.27
N TYR J 81 -86.18 35.34 -19.55
CA TYR J 81 -86.05 33.91 -19.32
C TYR J 81 -84.80 33.66 -18.51
N GLY J 82 -84.92 33.15 -17.28
CA GLY J 82 -83.81 33.26 -16.32
C GLY J 82 -83.25 31.93 -15.79
N ARG J 83 -83.72 30.83 -16.36
CA ARG J 83 -83.34 29.52 -15.88
C ARG J 83 -83.48 28.45 -16.94
N HIS J 84 -82.85 27.34 -16.63
CA HIS J 84 -82.74 26.19 -17.52
C HIS J 84 -84.09 25.69 -17.98
N ASP J 85 -84.98 25.52 -17.02
CA ASP J 85 -86.36 25.18 -17.34
C ASP J 85 -87.26 25.70 -16.23
N SER J 86 -88.57 25.78 -16.50
CA SER J 86 -88.89 26.64 -17.66
C SER J 86 -90.38 26.83 -17.59
N SER J 87 -90.79 27.83 -16.82
CA SER J 87 -92.17 28.14 -16.53
C SER J 87 -92.70 27.27 -15.40
N LEU J 88 -91.93 26.29 -14.90
CA LEU J 88 -92.36 25.50 -13.76
C LEU J 88 -92.65 26.49 -12.66
N GLN J 89 -91.72 27.40 -12.41
CA GLN J 89 -91.83 28.35 -11.30
C GLN J 89 -92.95 29.36 -11.52
N LEU J 90 -93.18 29.71 -12.78
CA LEU J 90 -94.25 30.62 -13.10
C LEU J 90 -95.61 30.08 -12.66
N THR J 91 -95.92 28.84 -13.02
CA THR J 91 -97.22 28.25 -12.68
C THR J 91 -97.38 28.21 -11.14
N ARG J 92 -96.27 28.03 -10.42
CA ARG J 92 -96.24 28.02 -8.96
C ARG J 92 -96.44 29.39 -8.32
N GLN J 93 -95.90 30.42 -8.96
CA GLN J 93 -95.99 31.78 -8.44
C GLN J 93 -97.41 32.27 -8.52
N LEU J 94 -98.06 31.99 -9.65
CA LEU J 94 -99.47 32.27 -9.83
C LEU J 94 -100.32 31.56 -8.79
N ALA J 95 -99.83 30.42 -8.29
CA ALA J 95 -100.54 29.65 -7.26
C ALA J 95 -100.29 30.12 -5.82
N TRP J 96 -99.43 31.12 -5.64
CA TRP J 96 -99.09 31.58 -4.29
C TRP J 96 -100.33 32.04 -3.52
N THR J 97 -100.65 31.36 -2.42
CA THR J 97 -101.83 31.70 -1.61
C THR J 97 -101.71 33.09 -0.97
N GLU J 98 -102.83 33.80 -0.88
CA GLU J 98 -102.86 35.13 -0.28
C GLU J 98 -102.38 35.06 1.16
N GLU J 99 -102.79 34.00 1.87
CA GLU J 99 -102.41 33.82 3.26
C GLU J 99 -100.90 33.70 3.39
N ARG J 100 -100.29 32.94 2.49
CA ARG J 100 -98.85 32.67 2.57
C ARG J 100 -98.01 33.85 2.20
N LYS J 101 -98.38 34.50 1.11
CA LYS J 101 -97.76 35.78 0.74
C LYS J 101 -97.70 36.70 1.96
N GLY J 102 -98.80 36.76 2.69
CA GLY J 102 -98.86 37.52 3.94
C GLY J 102 -97.82 37.11 4.96
N GLN J 103 -97.75 35.82 5.25
CA GLN J 103 -96.81 35.31 6.26
C GLN J 103 -95.40 35.70 5.90
N VAL J 104 -95.06 35.50 4.64
CA VAL J 104 -93.71 35.76 4.14
C VAL J 104 -93.38 37.26 4.13
N TRP J 105 -94.27 38.07 3.55
CA TRP J 105 -94.04 39.51 3.49
C TRP J 105 -93.83 40.10 4.87
N THR J 106 -94.68 39.68 5.79
CA THR J 106 -94.63 40.17 7.14
C THR J 106 -93.32 39.71 7.84
N ALA J 107 -92.98 38.43 7.64
CA ALA J 107 -91.75 37.86 8.19
C ALA J 107 -90.54 38.66 7.74
N ILE J 108 -90.61 39.11 6.48
CA ILE J 108 -89.53 39.85 5.84
C ILE J 108 -89.47 41.29 6.36
N ILE J 109 -90.62 41.97 6.38
CA ILE J 109 -90.65 43.38 6.90
C ILE J 109 -90.21 43.39 8.37
N ALA J 110 -90.51 42.32 9.09
CA ALA J 110 -90.01 42.14 10.46
C ALA J 110 -88.48 42.10 10.54
N GLN J 111 -87.84 41.37 9.63
CA GLN J 111 -86.39 41.32 9.60
C GLN J 111 -85.80 42.69 9.38
N LYS J 112 -86.50 43.49 8.57
CA LYS J 112 -86.04 44.85 8.27
C LYS J 112 -86.04 45.70 9.52
N ILE J 113 -87.15 45.66 10.23
CA ILE J 113 -87.29 46.47 11.44
C ILE J 113 -86.23 46.07 12.45
N THR J 114 -86.06 44.77 12.62
CA THR J 114 -85.00 44.22 13.47
C THR J 114 -83.66 44.83 13.09
N ASN J 115 -83.32 44.77 11.81
CA ASN J 115 -82.03 45.30 11.34
C ASN J 115 -81.90 46.82 11.49
N GLN J 116 -83.03 47.53 11.35
CA GLN J 116 -83.08 48.97 11.64
C GLN J 116 -82.73 49.22 13.11
N SER J 117 -83.33 48.42 13.99
CA SER J 117 -83.04 48.46 15.40
C SER J 117 -81.57 48.19 15.72
N LEU J 118 -81.03 47.11 15.17
CA LEU J 118 -79.61 46.73 15.39
C LEU J 118 -78.71 47.87 14.96
N HIS J 119 -79.08 48.50 13.85
CA HIS J 119 -78.33 49.64 13.35
C HIS J 119 -78.36 50.78 14.36
N LEU J 120 -79.54 51.07 14.91
CA LEU J 120 -79.64 52.13 15.92
C LEU J 120 -78.78 51.82 17.15
N ALA J 121 -78.85 50.57 17.60
CA ALA J 121 -78.10 50.11 18.78
C ALA J 121 -76.60 50.30 18.56
N GLN J 122 -76.16 49.93 17.37
CA GLN J 122 -74.79 50.10 16.91
C GLN J 122 -74.32 51.57 16.95
N ARG J 123 -75.26 52.52 16.89
CA ARG J 123 -74.93 53.96 17.03
C ARG J 123 -75.19 54.53 18.42
N ASP J 124 -75.35 53.64 19.40
CA ASP J 124 -75.58 53.99 20.81
C ASP J 124 -76.90 54.72 21.07
N TYR J 125 -77.96 54.26 20.40
CA TYR J 125 -79.34 54.64 20.72
C TYR J 125 -80.05 53.43 21.29
N GLY J 126 -79.45 52.80 22.30
CA GLY J 126 -80.02 51.61 22.95
C GLY J 126 -81.53 51.75 23.14
N GLN J 127 -81.96 52.98 23.44
CA GLN J 127 -83.36 53.29 23.76
C GLN J 127 -84.28 53.23 22.55
N LYS J 128 -84.04 54.10 21.57
CA LYS J 128 -84.89 54.16 20.37
C LYS J 128 -84.95 52.80 19.68
N ALA J 129 -83.80 52.11 19.64
CA ALA J 129 -83.69 50.75 19.09
C ALA J 129 -84.68 49.77 19.73
N ALA J 130 -84.67 49.72 21.05
CA ALA J 130 -85.60 48.85 21.78
C ALA J 130 -87.07 49.17 21.46
N ALA J 131 -87.35 50.45 21.19
CA ALA J 131 -88.70 50.90 20.81
C ALA J 131 -89.17 50.29 19.48
N LEU J 132 -88.24 50.10 18.55
CA LEU J 132 -88.54 49.48 17.26
C LEU J 132 -88.83 47.99 17.40
N LEU J 133 -88.19 47.33 18.35
CA LEU J 133 -88.50 45.91 18.64
C LEU J 133 -89.93 45.77 19.15
N ALA J 134 -90.37 46.75 19.93
CA ALA J 134 -91.75 46.82 20.41
C ALA J 134 -92.72 46.84 19.24
N MET J 135 -92.41 47.69 18.27
CA MET J 135 -93.23 47.81 17.05
C MET J 135 -93.24 46.50 16.28
N ARG J 136 -92.07 45.87 16.15
CA ARG J 136 -91.98 44.58 15.47
C ARG J 136 -92.96 43.59 16.09
N ALA J 137 -92.97 43.52 17.42
CA ALA J 137 -93.80 42.57 18.16
C ALA J 137 -95.31 42.77 17.91
N GLU J 138 -95.71 43.98 17.53
CA GLU J 138 -97.11 44.29 17.26
C GLU J 138 -97.51 44.15 15.79
N LEU J 139 -96.69 43.49 15.00
CA LEU J 139 -96.99 43.28 13.58
C LEU J 139 -98.08 42.27 13.43
N ARG J 140 -98.99 42.51 12.50
CA ARG J 140 -99.96 41.50 12.09
C ARG J 140 -99.81 41.30 10.59
N LEU J 141 -100.46 40.26 10.07
CA LEU J 141 -100.40 39.95 8.64
C LEU J 141 -100.58 41.20 7.79
N PHE J 142 -99.66 41.42 6.86
CA PHE J 142 -99.67 42.56 5.94
C PHE J 142 -99.64 43.95 6.61
N ASP J 143 -99.23 43.99 7.88
CA ASP J 143 -99.03 45.24 8.62
C ASP J 143 -100.11 46.29 8.33
N PRO J 144 -101.36 46.01 8.71
CA PRO J 144 -102.43 46.98 8.46
C PRO J 144 -102.29 48.22 9.35
N ALA J 145 -101.64 48.07 10.50
CA ALA J 145 -101.37 49.18 11.41
C ALA J 145 -100.15 50.04 11.01
N ASN J 146 -99.49 49.67 9.91
CA ASN J 146 -98.34 50.42 9.38
C ASN J 146 -97.25 50.67 10.42
N ARG J 147 -96.91 49.63 11.17
CA ARG J 147 -95.75 49.67 12.09
C ARG J 147 -94.46 49.90 11.31
N GLU J 148 -94.43 49.37 10.09
CA GLU J 148 -93.28 49.52 9.19
C GLU J 148 -92.90 50.99 9.06
N GLY J 149 -93.92 51.81 8.76
CA GLY J 149 -93.72 53.24 8.49
C GLY J 149 -93.37 54.04 9.74
N HIS J 150 -93.92 53.61 10.87
CA HIS J 150 -93.63 54.22 12.16
C HIS J 150 -92.20 53.97 12.60
N ALA J 151 -91.82 52.70 12.47
CA ALA J 151 -90.43 52.28 12.67
C ALA J 151 -89.52 53.09 11.76
N ALA J 152 -89.89 53.19 10.49
CA ALA J 152 -89.10 53.93 9.52
C ALA J 152 -88.92 55.40 9.89
N ARG J 153 -90.00 56.04 10.30
CA ARG J 153 -89.90 57.44 10.72
C ARG J 153 -88.92 57.62 11.88
N SER J 154 -89.22 56.94 12.98
CA SER J 154 -88.41 57.01 14.20
C SER J 154 -86.94 56.72 13.91
N TYR J 155 -86.73 55.64 13.15
CA TYR J 155 -85.41 55.20 12.70
C TYR J 155 -84.65 56.35 12.07
N PHE J 156 -85.20 56.93 11.02
CA PHE J 156 -84.50 58.00 10.32
C PHE J 156 -84.38 59.28 11.15
N ASN J 157 -85.38 59.56 11.98
CA ASN J 157 -85.33 60.72 12.87
C ASN J 157 -84.13 60.62 13.81
N THR J 158 -83.98 59.46 14.47
CA THR J 158 -82.88 59.30 15.42
C THR J 158 -81.51 59.30 14.73
N LEU J 159 -81.46 58.82 13.49
CA LEU J 159 -80.20 58.77 12.75
C LEU J 159 -79.78 60.14 12.19
N PHE J 160 -80.72 60.86 11.60
CA PHE J 160 -80.39 62.10 10.88
C PHE J 160 -81.08 63.35 11.42
N GLY J 161 -81.80 63.23 12.53
CA GLY J 161 -82.41 64.38 13.18
C GLY J 161 -83.92 64.46 12.97
N ASN J 162 -84.59 65.22 13.84
CA ASN J 162 -86.05 65.38 13.77
C ASN J 162 -86.49 66.25 12.59
N ASP J 163 -85.60 67.13 12.15
CA ASP J 163 -85.80 67.95 10.93
C ASP J 163 -85.80 67.11 9.67
N PHE J 164 -85.21 65.91 9.74
CA PHE J 164 -85.09 65.02 8.57
C PHE J 164 -86.37 64.27 8.22
N THR J 165 -86.74 64.31 6.95
CA THR J 165 -87.76 63.42 6.42
C THR J 165 -87.10 62.78 5.20
N ARG J 166 -87.65 61.65 4.78
CA ARG J 166 -87.13 60.94 3.61
C ARG J 166 -87.66 61.48 2.28
N GLU J 167 -88.64 62.36 2.38
CA GLU J 167 -89.27 62.93 1.20
C GLU J 167 -88.39 64.02 0.59
N GLN J 168 -87.31 64.44 1.28
CA GLN J 168 -86.65 65.75 1.03
C GLN J 168 -85.24 66.06 0.46
N GLU J 169 -85.09 65.72 -0.79
CA GLU J 169 -84.15 66.35 -1.74
C GLU J 169 -82.80 66.94 -1.30
N ASN J 170 -82.13 66.15 -0.47
CA ASN J 170 -80.80 66.49 0.00
C ASN J 170 -79.80 65.41 -0.39
N ASP J 171 -78.54 65.60 -0.06
CA ASP J 171 -77.51 64.62 -0.42
C ASP J 171 -77.77 63.26 0.24
N ILE J 172 -78.21 63.27 1.49
CA ILE J 172 -78.38 62.03 2.24
C ILE J 172 -79.40 61.11 1.58
N ASN J 173 -80.55 61.67 1.21
CA ASN J 173 -81.57 60.88 0.52
C ASN J 173 -81.12 60.43 -0.86
N ALA J 174 -80.42 61.30 -1.58
CA ALA J 174 -79.95 60.97 -2.93
C ALA J 174 -79.13 59.70 -2.90
N GLY J 175 -78.24 59.63 -1.90
CA GLY J 175 -77.39 58.46 -1.70
C GLY J 175 -78.16 57.23 -1.25
N LEU J 176 -79.03 57.40 -0.26
CA LEU J 176 -79.92 56.35 0.18
C LEU J 176 -80.67 55.70 -1.00
N ASN J 177 -81.18 56.55 -1.89
CA ASN J 177 -81.94 56.09 -3.05
C ASN J 177 -81.06 55.39 -4.06
N TYR J 178 -79.87 55.94 -4.31
CA TYR J 178 -78.90 55.30 -5.20
C TYR J 178 -78.64 53.90 -4.69
N GLY J 179 -78.30 53.81 -3.42
CA GLY J 179 -78.07 52.52 -2.77
C GLY J 179 -79.24 51.54 -2.91
N TYR J 180 -80.44 52.00 -2.59
CA TYR J 180 -81.60 51.13 -2.70
C TYR J 180 -81.81 50.62 -4.14
N THR J 181 -81.58 51.48 -5.12
CA THR J 181 -81.68 51.07 -6.52
C THR J 181 -80.69 49.96 -6.83
N LEU J 182 -79.49 50.05 -6.26
CA LEU J 182 -78.49 48.98 -6.38
C LEU J 182 -79.00 47.66 -5.78
N LEU J 183 -79.51 47.70 -4.56
CA LEU J 183 -80.12 46.53 -3.96
C LEU J 183 -81.25 46.02 -4.81
N LEU J 184 -82.09 46.91 -5.33
CA LEU J 184 -83.24 46.51 -6.14
C LEU J 184 -82.82 45.71 -7.37
N SER J 185 -81.87 46.25 -8.11
CA SER J 185 -81.44 45.60 -9.33
C SER J 185 -80.85 44.22 -9.05
N ILE J 186 -80.24 44.04 -7.89
CA ILE J 186 -79.66 42.74 -7.51
C ILE J 186 -80.72 41.67 -7.35
N PHE J 187 -81.74 42.01 -6.58
CA PHE J 187 -82.81 41.06 -6.27
C PHE J 187 -83.73 40.85 -7.46
N ALA J 188 -83.87 41.90 -8.26
CA ALA J 188 -84.61 41.79 -9.50
C ALA J 188 -83.98 40.68 -10.31
N ARG J 189 -82.68 40.81 -10.55
CA ARG J 189 -81.92 39.78 -11.23
C ARG J 189 -82.15 38.37 -10.71
N GLU J 190 -81.98 38.19 -9.40
CA GLU J 190 -82.05 36.86 -8.79
C GLU J 190 -83.44 36.28 -8.95
N LEU J 191 -84.45 37.11 -8.73
CA LEU J 191 -85.84 36.68 -8.86
C LEU J 191 -86.14 36.14 -10.25
N VAL J 192 -85.69 36.85 -11.27
CA VAL J 192 -85.95 36.42 -12.63
C VAL J 192 -85.28 35.09 -12.90
N GLN J 193 -84.06 34.94 -12.41
CA GLN J 193 -83.31 33.67 -12.54
C GLN J 193 -84.07 32.50 -11.98
N THR J 194 -84.74 32.69 -10.86
CA THR J 194 -85.52 31.60 -10.27
C THR J 194 -86.75 31.23 -11.07
N GLY J 195 -87.12 32.05 -12.04
CA GLY J 195 -88.30 31.81 -12.89
C GLY J 195 -89.52 32.59 -12.47
N CYS J 196 -89.34 33.58 -11.59
CA CYS J 196 -90.42 34.45 -11.14
C CYS J 196 -90.51 35.74 -11.96
N PHE J 197 -91.63 36.42 -11.79
CA PHE J 197 -91.82 37.72 -12.35
C PHE J 197 -91.63 38.73 -11.26
N THR J 198 -90.88 39.78 -11.54
CA THR J 198 -90.64 40.80 -10.53
C THR J 198 -91.79 41.75 -10.36
N GLN J 199 -92.71 41.75 -11.33
CA GLN J 199 -93.77 42.71 -11.35
C GLN J 199 -94.72 42.52 -10.16
N LEU J 200 -94.83 41.29 -9.67
CA LEU J 200 -95.85 40.96 -8.66
C LEU J 200 -95.43 40.95 -7.18
N GLY J 201 -95.60 42.07 -6.49
CA GLY J 201 -95.25 42.16 -5.06
C GLY J 201 -96.16 41.31 -4.23
N LEU J 202 -95.71 40.97 -3.03
CA LEU J 202 -96.47 40.06 -2.20
C LEU J 202 -97.70 40.76 -1.65
N LYS J 203 -97.57 42.06 -1.42
CA LYS J 203 -98.64 42.87 -0.82
C LYS J 203 -99.41 43.71 -1.82
N HIS J 204 -98.71 44.41 -2.72
CA HIS J 204 -99.32 45.29 -3.73
C HIS J 204 -99.21 44.78 -5.14
N ALA J 205 -98.73 43.57 -5.33
CA ALA J 205 -98.70 43.00 -6.66
C ALA J 205 -98.12 43.99 -7.67
N ASN J 206 -98.83 44.15 -8.79
CA ASN J 206 -98.39 44.91 -9.92
C ASN J 206 -98.66 46.42 -9.85
N GLN J 207 -99.31 46.87 -8.79
CA GLN J 207 -100.02 48.14 -8.85
C GLN J 207 -99.18 49.35 -9.23
N PHE J 208 -98.07 49.57 -8.54
CA PHE J 208 -97.25 50.78 -8.70
C PHE J 208 -95.98 50.62 -9.56
N ASN J 209 -95.39 49.42 -9.49
CA ASN J 209 -94.04 49.14 -9.95
C ASN J 209 -94.03 47.96 -10.88
N ASP J 210 -93.10 47.93 -11.82
CA ASP J 210 -92.77 46.66 -12.49
C ASP J 210 -91.76 45.79 -11.69
N PHE J 211 -91.37 46.23 -10.51
CA PHE J 211 -90.37 45.52 -9.71
C PHE J 211 -90.70 45.35 -8.22
N ASN J 212 -91.98 45.48 -7.87
CA ASN J 212 -92.41 45.38 -6.48
C ASN J 212 -91.88 44.18 -5.73
N LEU J 213 -91.71 43.05 -6.40
CA LEU J 213 -91.30 41.83 -5.71
C LEU J 213 -89.84 41.90 -5.29
N ALA J 214 -89.00 42.47 -6.16
CA ALA J 214 -87.61 42.73 -5.79
C ALA J 214 -87.59 43.71 -4.64
N SER J 215 -88.36 44.78 -4.78
CA SER J 215 -88.53 45.77 -3.74
C SER J 215 -88.88 45.12 -2.38
N ASP J 216 -89.73 44.10 -2.42
CA ASP J 216 -90.16 43.36 -1.22
C ASP J 216 -89.01 42.52 -0.64
N LEU J 217 -88.31 41.77 -1.49
CA LEU J 217 -87.24 40.86 -1.01
C LEU J 217 -86.01 41.57 -0.46
N MET J 218 -85.72 42.76 -0.97
CA MET J 218 -84.55 43.51 -0.54
C MET J 218 -84.73 44.25 0.77
N GLU J 219 -85.94 44.22 1.31
CA GLU J 219 -86.25 45.03 2.48
C GLU J 219 -85.23 44.87 3.62
N PRO J 220 -84.89 43.62 4.01
CA PRO J 220 -84.03 43.47 5.19
C PRO J 220 -82.61 43.94 4.95
N PHE J 221 -82.26 44.15 3.68
CA PHE J 221 -80.91 44.57 3.31
C PHE J 221 -80.76 46.08 3.25
N ARG J 222 -81.85 46.81 3.40
CA ARG J 222 -81.83 48.27 3.31
C ARG J 222 -80.83 48.88 4.30
N PRO J 223 -80.86 48.43 5.56
CA PRO J 223 -79.92 49.00 6.50
C PRO J 223 -78.44 48.92 6.07
N LEU J 224 -78.07 47.97 5.23
CA LEU J 224 -76.70 47.91 4.71
C LEU J 224 -76.33 49.22 4.01
N VAL J 225 -77.27 49.80 3.23
CA VAL J 225 -77.03 51.15 2.63
C VAL J 225 -77.10 52.21 3.73
N ASP J 226 -78.08 52.09 4.62
CA ASP J 226 -78.26 53.06 5.68
C ASP J 226 -76.96 53.26 6.46
N GLN J 227 -76.29 52.15 6.78
CA GLN J 227 -75.02 52.21 7.50
C GLN J 227 -73.98 53.05 6.74
N ILE J 228 -73.79 52.71 5.47
CA ILE J 228 -72.77 53.35 4.65
C ILE J 228 -73.04 54.83 4.50
N ILE J 229 -74.31 55.17 4.30
CA ILE J 229 -74.66 56.56 4.12
C ILE J 229 -74.53 57.34 5.43
N TYR J 230 -75.01 56.75 6.52
CA TYR J 230 -74.86 57.37 7.85
C TYR J 230 -73.39 57.73 8.10
N GLU J 231 -72.50 56.76 7.92
CA GLU J 231 -71.06 56.96 8.10
C GLU J 231 -70.51 58.09 7.23
N ASN J 232 -71.06 58.27 6.04
CA ASN J 232 -70.63 59.32 5.13
C ASN J 232 -71.65 60.44 4.99
N ARG J 233 -72.46 60.64 6.03
CA ARG J 233 -73.56 61.62 5.96
C ARG J 233 -73.03 63.04 5.82
N LYS J 234 -71.77 63.24 6.20
CA LYS J 234 -71.09 64.53 6.14
C LYS J 234 -70.56 64.83 4.74
N GLU J 235 -70.41 63.80 3.91
CA GLU J 235 -69.72 63.95 2.62
C GLU J 235 -70.60 64.41 1.47
N ALA J 236 -69.95 64.79 0.37
CA ALA J 236 -70.67 65.17 -0.85
C ALA J 236 -71.22 63.90 -1.49
N PHE J 237 -72.24 64.06 -2.33
CA PHE J 237 -72.90 62.91 -2.96
C PHE J 237 -71.92 61.97 -3.67
N PRO J 238 -71.00 62.52 -4.51
CA PRO J 238 -70.06 61.64 -5.24
C PRO J 238 -69.25 60.71 -4.36
N ILE J 239 -68.99 61.12 -3.13
CA ILE J 239 -68.20 60.29 -2.21
C ILE J 239 -69.10 59.18 -1.66
N MET J 240 -70.38 59.50 -1.45
CA MET J 240 -71.32 58.48 -0.96
C MET J 240 -71.50 57.41 -2.02
N LYS J 241 -71.62 57.84 -3.28
CA LYS J 241 -71.85 56.90 -4.39
C LYS J 241 -70.71 55.88 -4.38
N ARG J 242 -69.46 56.36 -4.24
CA ARG J 242 -68.32 55.46 -4.30
C ARG J 242 -68.24 54.55 -3.09
N LYS J 243 -68.43 55.13 -1.91
CA LYS J 243 -68.40 54.34 -0.68
C LYS J 243 -69.49 53.25 -0.65
N LEU J 244 -70.52 53.42 -1.49
CA LEU J 244 -71.62 52.47 -1.60
C LEU J 244 -71.25 51.22 -2.39
N PHE J 245 -70.21 51.30 -3.22
CA PHE J 245 -69.76 50.14 -3.99
C PHE J 245 -69.19 49.07 -3.05
N ALA J 246 -68.93 49.47 -1.82
CA ALA J 246 -68.56 48.55 -0.74
C ALA J 246 -69.46 47.33 -0.70
N LEU J 247 -70.75 47.52 -0.98
CA LEU J 247 -71.73 46.43 -0.97
C LEU J 247 -71.29 45.23 -1.86
N PHE J 248 -70.65 45.57 -2.98
CA PHE J 248 -70.17 44.55 -3.92
C PHE J 248 -68.80 43.98 -3.54
N MET J 249 -68.08 44.64 -2.62
CA MET J 249 -66.77 44.15 -2.14
C MET J 249 -66.82 43.50 -0.79
N ASN J 250 -67.47 44.18 0.17
CA ASN J 250 -67.55 43.69 1.54
C ASN J 250 -68.19 42.32 1.62
N THR J 251 -68.02 41.73 2.78
CA THR J 251 -68.57 40.44 3.09
C THR J 251 -69.44 40.59 4.35
N TYR J 252 -70.54 39.84 4.40
CA TYR J 252 -71.54 40.00 5.45
C TYR J 252 -71.93 38.66 6.06
N MET J 253 -72.18 38.64 7.37
CA MET J 253 -72.56 37.40 8.05
C MET J 253 -73.93 36.94 7.56
N TYR J 254 -73.97 35.68 7.09
CA TYR J 254 -75.21 35.07 6.59
C TYR J 254 -75.13 33.55 6.70
N LYS J 255 -76.15 32.93 7.29
CA LYS J 255 -76.13 31.48 7.56
C LYS J 255 -74.81 30.99 8.11
N LYS J 256 -74.27 31.72 9.08
CA LYS J 256 -73.08 31.35 9.83
C LYS J 256 -71.76 31.50 9.07
N LYS J 257 -71.80 31.95 7.82
CA LYS J 257 -70.58 32.11 7.02
C LYS J 257 -70.50 33.57 6.55
N GLN J 258 -69.28 34.08 6.44
CA GLN J 258 -69.08 35.38 5.79
C GLN J 258 -69.22 35.19 4.29
N MET J 259 -70.21 35.85 3.69
CA MET J 259 -70.46 35.76 2.24
C MET J 259 -70.56 37.12 1.58
N PHE J 260 -70.36 37.13 0.26
CA PHE J 260 -70.49 38.34 -0.52
C PHE J 260 -71.95 38.60 -0.77
N LEU J 261 -72.29 39.87 -0.98
CA LEU J 261 -73.70 40.27 -0.99
C LEU J 261 -74.53 39.57 -2.07
N THR J 262 -74.01 39.51 -3.29
CA THR J 262 -74.75 38.86 -4.38
C THR J 262 -74.95 37.36 -4.17
N ASN J 263 -73.99 36.71 -3.53
CA ASN J 263 -74.14 35.28 -3.20
C ASN J 263 -75.25 35.09 -2.18
N ILE J 264 -75.32 36.03 -1.23
CA ILE J 264 -76.36 36.00 -0.20
C ILE J 264 -77.70 36.13 -0.88
N ALA J 265 -77.78 37.13 -1.75
CA ALA J 265 -79.02 37.49 -2.44
C ALA J 265 -79.56 36.32 -3.21
N THR J 266 -78.66 35.60 -3.86
CA THR J 266 -79.03 34.40 -4.59
C THR J 266 -79.64 33.35 -3.67
N ASP J 267 -78.93 33.01 -2.59
CA ASP J 267 -79.42 32.01 -1.63
C ASP J 267 -80.73 32.45 -1.02
N TYR J 268 -80.72 33.67 -0.48
CA TYR J 268 -81.89 34.27 0.17
C TYR J 268 -83.13 34.23 -0.73
N THR J 269 -82.97 34.72 -1.95
CA THR J 269 -84.05 34.76 -2.93
C THR J 269 -84.55 33.35 -3.21
N LYS J 270 -83.66 32.47 -3.64
CA LYS J 270 -84.03 31.11 -4.05
C LYS J 270 -84.76 30.38 -2.92
N HIS J 271 -84.31 30.62 -1.70
CA HIS J 271 -84.86 30.00 -0.50
C HIS J 271 -86.24 30.63 -0.16
N VAL J 272 -86.35 31.95 -0.22
CA VAL J 272 -87.66 32.63 -0.02
C VAL J 272 -88.68 32.08 -1.00
N VAL J 273 -88.29 31.97 -2.27
CA VAL J 273 -89.18 31.48 -3.32
C VAL J 273 -89.66 30.08 -2.95
N LYS J 274 -88.78 29.24 -2.41
CA LYS J 274 -89.19 27.90 -1.98
C LYS J 274 -90.34 27.94 -0.97
N VAL J 275 -90.21 28.75 0.08
CA VAL J 275 -91.22 28.79 1.15
C VAL J 275 -92.51 29.47 0.65
N LEU J 276 -92.42 30.24 -0.43
CA LEU J 276 -93.61 30.79 -1.07
C LEU J 276 -94.35 29.71 -1.87
N ASN J 277 -93.59 28.82 -2.51
CA ASN J 277 -94.15 27.65 -3.20
C ASN J 277 -94.66 26.57 -2.25
N GLN J 278 -94.31 26.67 -0.97
CA GLN J 278 -94.68 25.69 0.07
C GLN J 278 -93.92 24.38 -0.10
N GLU J 279 -92.68 24.48 -0.53
CA GLU J 279 -91.75 23.35 -0.59
C GLU J 279 -90.94 23.32 0.69
N GLU J 280 -91.08 24.36 1.49
CA GLU J 280 -90.27 24.57 2.69
C GLU J 280 -91.10 25.40 3.66
N GLU J 281 -90.70 25.38 4.94
CA GLU J 281 -91.42 26.18 5.97
C GLU J 281 -90.87 27.35 6.73
N GLY J 282 -89.63 27.75 6.55
CA GLY J 282 -89.16 28.88 7.42
C GLY J 282 -88.42 29.82 6.53
N VAL J 283 -88.88 31.07 6.45
CA VAL J 283 -88.17 32.13 5.71
C VAL J 283 -86.70 32.22 6.15
N PRO J 284 -85.78 32.37 5.19
CA PRO J 284 -84.38 32.57 5.58
C PRO J 284 -84.19 33.91 6.25
N GLU J 285 -83.13 34.05 7.04
CA GLU J 285 -82.93 35.26 7.80
C GLU J 285 -81.67 36.02 7.46
N PHE J 286 -81.81 37.33 7.26
CA PHE J 286 -80.66 38.20 7.18
C PHE J 286 -80.68 39.18 8.34
N GLY J 287 -79.56 39.21 9.05
CA GLY J 287 -79.34 40.15 10.15
C GLY J 287 -78.08 40.93 9.84
N ILE J 288 -77.97 42.10 10.44
CA ILE J 288 -76.81 42.94 10.19
C ILE J 288 -75.87 42.94 11.42
N MET K 1 6.37 -1.36 7.80
CA MET K 1 5.24 -1.20 6.83
C MET K 1 5.71 -1.06 5.37
N GLY K 2 6.14 0.12 4.93
CA GLY K 2 6.66 0.30 3.59
C GLY K 2 7.61 1.46 3.58
N TRP K 3 8.11 1.79 2.39
CA TRP K 3 9.19 2.80 2.21
C TRP K 3 8.97 3.82 1.08
N ARG K 4 8.24 3.44 0.03
CA ARG K 4 8.04 4.33 -1.12
C ARG K 4 7.08 5.47 -0.85
N THR K 5 7.48 6.67 -1.25
CA THR K 5 6.55 7.77 -1.37
C THR K 5 6.19 7.89 -2.83
N VAL K 6 4.97 7.51 -3.17
CA VAL K 6 4.50 7.47 -4.55
C VAL K 6 3.76 8.74 -4.96
N VAL K 7 4.38 9.59 -5.78
CA VAL K 7 3.77 10.86 -6.21
C VAL K 7 3.14 10.72 -7.56
N VAL K 8 1.87 11.11 -7.64
CA VAL K 8 1.14 11.08 -8.90
C VAL K 8 0.81 12.48 -9.37
N ASN K 9 1.18 12.82 -10.61
CA ASN K 9 0.78 14.12 -11.16
C ASN K 9 0.49 14.10 -12.65
N LYS K 10 0.42 12.92 -13.23
CA LYS K 10 -0.02 12.77 -14.61
C LYS K 10 -1.48 12.34 -14.64
N HIS K 11 -2.20 12.86 -15.63
CA HIS K 11 -3.54 12.41 -15.94
C HIS K 11 -3.53 10.88 -15.97
N SER K 12 -4.31 10.25 -15.09
CA SER K 12 -4.17 8.81 -14.86
C SER K 12 -5.37 8.17 -14.15
N LYS K 13 -5.33 6.83 -14.07
CA LYS K 13 -6.34 6.06 -13.35
C LYS K 13 -5.74 5.04 -12.43
N LEU K 14 -5.98 5.22 -11.14
CA LEU K 14 -5.49 4.32 -10.13
C LEU K 14 -6.53 3.26 -9.81
N SER K 15 -6.08 2.02 -9.68
CA SER K 15 -6.96 0.91 -9.35
C SER K 15 -6.24 -0.02 -8.39
N TYR K 16 -6.87 -1.16 -8.08
CA TYR K 16 -6.27 -2.20 -7.24
C TYR K 16 -6.43 -3.57 -7.89
N LYS K 17 -5.39 -4.37 -7.82
CA LYS K 17 -5.45 -5.75 -8.27
C LYS K 17 -4.44 -6.57 -7.47
N ASN K 18 -4.90 -7.73 -7.00
CA ASN K 18 -4.06 -8.57 -6.18
C ASN K 18 -3.71 -7.64 -4.99
N ASN K 19 -2.43 -7.36 -4.74
CA ASN K 19 -2.01 -6.48 -3.61
C ASN K 19 -1.21 -5.36 -4.21
N HIS K 20 -1.58 -4.95 -5.42
CA HIS K 20 -0.85 -3.87 -6.07
C HIS K 20 -1.73 -2.69 -6.31
N LEU K 21 -1.13 -1.52 -6.18
CA LEU K 21 -1.66 -0.31 -6.76
C LEU K 21 -1.44 -0.44 -8.25
N VAL K 22 -2.42 -0.03 -9.04
CA VAL K 22 -2.28 -0.05 -10.49
C VAL K 22 -2.43 1.34 -11.07
N PHE K 23 -1.39 1.79 -11.74
CA PHE K 23 -1.34 3.13 -12.31
C PHE K 23 -1.42 3.04 -13.83
N LYS K 24 -2.37 3.74 -14.44
CA LYS K 24 -2.51 3.74 -15.89
C LYS K 24 -2.63 5.15 -16.45
N ALA K 25 -1.68 5.50 -17.31
CA ALA K 25 -1.75 6.74 -18.10
C ALA K 25 -1.58 6.37 -19.59
N ILE K 26 -1.59 7.36 -20.48
CA ILE K 26 -1.90 7.13 -21.93
C ILE K 26 -1.03 6.04 -22.52
N ASP K 27 0.27 6.17 -22.26
CA ASP K 27 1.29 5.18 -22.59
C ASP K 27 1.80 4.40 -21.36
N HIS K 28 2.34 5.16 -20.40
CA HIS K 28 2.90 4.66 -19.11
C HIS K 28 1.87 3.81 -18.37
N GLN K 29 2.22 2.58 -18.00
CA GLN K 29 1.48 1.80 -17.01
C GLN K 29 2.47 1.28 -15.97
N GLU K 30 2.01 1.13 -14.73
CA GLU K 30 2.87 0.67 -13.65
C GLU K 30 2.13 0.00 -12.49
N LEU K 31 2.72 -1.07 -11.98
CA LEU K 31 2.15 -1.78 -10.82
C LEU K 31 3.11 -1.62 -9.67
N ILE K 32 2.57 -1.34 -8.48
CA ILE K 32 3.39 -1.18 -7.30
C ILE K 32 2.75 -1.91 -6.16
N HIS K 33 3.53 -2.73 -5.48
CA HIS K 33 2.99 -3.56 -4.43
C HIS K 33 2.76 -2.72 -3.17
N LEU K 34 1.55 -2.81 -2.63
CA LEU K 34 1.16 -1.97 -1.47
C LEU K 34 2.12 -2.05 -0.26
N SER K 35 2.60 -3.25 0.05
CA SER K 35 3.57 -3.44 1.13
C SER K 35 4.84 -2.61 0.94
N GLU K 36 5.13 -2.17 -0.28
CA GLU K 36 6.27 -1.25 -0.52
C GLU K 36 5.95 0.24 -0.29
N ILE K 37 4.66 0.57 -0.17
CA ILE K 37 4.22 1.97 -0.13
C ILE K 37 4.06 2.50 1.30
N ASP K 38 4.71 3.63 1.54
CA ASP K 38 4.61 4.34 2.80
C ASP K 38 3.59 5.46 2.66
N VAL K 39 3.67 6.18 1.54
CA VAL K 39 2.84 7.38 1.28
C VAL K 39 2.39 7.48 -0.18
N LEU K 40 1.14 7.88 -0.37
CA LEU K 40 0.60 8.11 -1.70
C LEU K 40 0.15 9.55 -1.78
N LEU K 41 0.82 10.34 -2.61
CA LEU K 41 0.51 11.76 -2.72
C LEU K 41 -0.13 12.05 -4.07
N LEU K 42 -1.37 12.54 -4.02
CA LEU K 42 -2.15 12.84 -5.22
C LEU K 42 -2.06 14.34 -5.50
N GLU K 43 -1.07 14.68 -6.31
CA GLU K 43 -0.66 16.06 -6.49
C GLU K 43 -1.63 16.88 -7.35
N THR K 44 -2.31 16.22 -8.27
CA THR K 44 -3.12 16.94 -9.25
C THR K 44 -4.60 16.54 -9.30
N THR K 45 -5.36 17.31 -10.05
CA THR K 45 -6.79 17.14 -10.18
C THR K 45 -7.16 16.30 -11.39
N ASP K 46 -6.19 15.82 -12.13
CA ASP K 46 -6.44 15.02 -13.35
C ASP K 46 -6.47 13.51 -13.08
N ILE K 47 -6.40 13.12 -11.81
CA ILE K 47 -6.28 11.71 -11.44
C ILE K 47 -7.64 11.13 -11.04
N SER K 48 -7.88 9.89 -11.45
CA SER K 48 -9.10 9.18 -11.11
C SER K 48 -8.77 7.92 -10.34
N LEU K 49 -9.50 7.62 -9.26
CA LEU K 49 -9.22 6.43 -8.46
C LEU K 49 -10.47 5.70 -7.96
N THR K 50 -10.30 4.47 -7.48
CA THR K 50 -11.44 3.61 -7.07
C THR K 50 -11.56 3.42 -5.55
N THR K 51 -12.79 3.30 -5.07
CA THR K 51 -13.04 3.07 -3.64
C THR K 51 -12.46 1.74 -3.15
N MET K 52 -12.34 0.79 -4.07
CA MET K 52 -11.67 -0.47 -3.77
C MET K 52 -10.25 -0.17 -3.33
N LEU K 53 -9.53 0.58 -4.16
CA LEU K 53 -8.14 0.91 -3.88
C LEU K 53 -8.05 1.63 -2.54
N LEU K 54 -8.92 2.61 -2.34
CA LEU K 54 -8.89 3.40 -1.12
C LEU K 54 -9.12 2.53 0.12
N LYS K 55 -10.03 1.57 0.03
CA LYS K 55 -10.22 0.62 1.15
C LYS K 55 -8.87 -0.04 1.49
N ARG K 56 -8.20 -0.52 0.45
CA ARG K 56 -6.97 -1.30 0.64
C ARG K 56 -5.87 -0.40 1.12
N LEU K 57 -5.82 0.81 0.58
CA LEU K 57 -4.88 1.81 1.07
C LEU K 57 -5.07 2.08 2.56
N ILE K 58 -6.28 1.87 3.07
CA ILE K 58 -6.55 2.12 4.48
C ILE K 58 -6.19 0.90 5.32
N ASP K 59 -6.46 -0.26 4.75
CA ASP K 59 -6.08 -1.51 5.37
C ASP K 59 -4.58 -1.50 5.70
N GLU K 60 -3.75 -1.29 4.69
CA GLU K 60 -2.29 -1.11 4.91
C GLU K 60 -1.83 0.17 5.74
N LYS K 61 -2.72 1.10 6.04
CA LYS K 61 -2.42 2.36 6.81
C LYS K 61 -1.35 3.19 6.14
N ILE K 62 -1.59 3.30 4.86
CA ILE K 62 -0.82 4.13 3.97
C ILE K 62 -1.34 5.53 4.11
N LEU K 63 -0.43 6.48 4.19
CA LEU K 63 -0.81 7.88 4.24
C LEU K 63 -1.21 8.35 2.84
N VAL K 64 -2.45 8.81 2.71
CA VAL K 64 -2.94 9.31 1.43
C VAL K 64 -3.21 10.82 1.55
N LEU K 65 -2.56 11.59 0.68
CA LEU K 65 -2.68 13.04 0.68
C LEU K 65 -3.33 13.56 -0.59
N PHE K 66 -4.24 14.51 -0.44
CA PHE K 66 -4.90 15.11 -1.57
C PHE K 66 -4.46 16.53 -1.72
N CYS K 67 -4.50 17.02 -2.95
CA CYS K 67 -4.09 18.36 -3.22
C CYS K 67 -5.13 19.08 -4.07
N ASP K 68 -4.99 20.41 -4.03
CA ASP K 68 -5.80 21.32 -4.82
C ASP K 68 -5.12 21.59 -6.16
N ASP K 69 -5.69 22.52 -6.94
CA ASP K 69 -5.26 22.76 -8.33
C ASP K 69 -3.95 23.55 -8.41
N LYS K 70 -3.59 24.23 -7.33
CA LYS K 70 -2.23 24.79 -7.18
C LYS K 70 -1.21 23.77 -6.61
N ARG K 71 -1.57 22.48 -6.58
CA ARG K 71 -0.73 21.42 -6.01
C ARG K 71 -0.29 21.66 -4.55
N LEU K 72 -1.16 22.25 -3.74
CA LEU K 72 -0.95 22.29 -2.29
C LEU K 72 -1.80 21.24 -1.63
N PRO K 73 -1.32 20.71 -0.51
CA PRO K 73 -2.09 19.69 0.16
C PRO K 73 -3.25 20.33 0.91
N ILE K 74 -4.41 19.70 0.84
CA ILE K 74 -5.61 20.23 1.49
C ILE K 74 -6.24 19.25 2.45
N GLY K 75 -5.85 17.99 2.34
CA GLY K 75 -6.33 17.00 3.27
C GLY K 75 -5.70 15.62 3.11
N LYS K 76 -6.11 14.73 4.00
CA LYS K 76 -5.62 13.36 4.00
C LYS K 76 -6.76 12.45 4.40
N ILE K 77 -6.59 11.16 4.12
CA ILE K 77 -7.53 10.16 4.61
C ILE K 77 -7.24 9.90 6.08
N LEU K 78 -8.30 9.91 6.89
CA LEU K 78 -8.18 9.63 8.31
C LEU K 78 -8.90 8.34 8.58
N PRO K 79 -8.14 7.27 8.79
CA PRO K 79 -8.79 6.02 9.18
C PRO K 79 -9.34 6.05 10.58
N PHE K 80 -10.39 5.26 10.81
CA PHE K 80 -11.06 5.24 12.11
C PHE K 80 -10.38 4.24 13.01
N TYR K 81 -9.77 3.24 12.41
CA TYR K 81 -9.23 2.11 13.18
C TYR K 81 -7.75 2.18 13.58
N GLY K 82 -6.85 2.43 12.67
CA GLY K 82 -5.43 2.60 13.00
C GLY K 82 -4.80 3.93 12.63
N ARG K 83 -3.48 3.95 12.42
CA ARG K 83 -2.67 5.16 12.34
C ARG K 83 -1.39 4.96 11.55
N HIS K 84 -1.03 5.87 10.65
CA HIS K 84 0.26 5.85 9.95
C HIS K 84 1.28 6.44 10.90
N ASP K 85 2.57 6.24 10.65
CA ASP K 85 3.60 6.74 11.59
C ASP K 85 3.89 8.24 11.56
N SER K 86 3.42 8.96 10.56
CA SER K 86 3.53 10.43 10.57
C SER K 86 2.78 11.08 11.78
N SER K 87 1.87 10.32 12.42
CA SER K 87 1.14 10.81 13.61
C SER K 87 2.07 11.22 14.74
N LEU K 88 3.18 10.53 14.84
CA LEU K 88 4.17 10.73 15.90
C LEU K 88 4.87 12.09 15.82
N GLN K 89 5.04 12.57 14.60
CA GLN K 89 5.77 13.83 14.33
C GLN K 89 4.99 14.99 14.89
N LEU K 90 3.68 14.83 14.95
CA LEU K 90 2.84 15.88 15.53
C LEU K 90 3.20 16.16 16.99
N THR K 91 3.25 15.12 17.81
CA THR K 91 3.55 15.28 19.24
C THR K 91 4.94 15.95 19.42
N ARG K 92 5.86 15.67 18.50
CA ARG K 92 7.20 16.26 18.50
C ARG K 92 7.23 17.72 18.09
N GLN K 93 6.38 18.07 17.13
CA GLN K 93 6.31 19.44 16.62
C GLN K 93 5.79 20.37 17.70
N LEU K 94 4.77 19.91 18.40
CA LEU K 94 4.20 20.62 19.54
C LEU K 94 5.22 20.78 20.65
N ALA K 95 6.20 19.88 20.70
CA ALA K 95 7.30 19.95 21.67
C ALA K 95 8.46 20.86 21.26
N TRP K 96 8.43 21.42 20.05
CA TRP K 96 9.55 22.25 19.55
C TRP K 96 9.81 23.44 20.47
N THR K 97 11.01 23.49 21.08
CA THR K 97 11.35 24.56 22.03
C THR K 97 11.41 25.90 21.33
N GLU K 98 10.99 26.95 22.02
CA GLU K 98 11.04 28.32 21.47
C GLU K 98 12.46 28.70 21.12
N GLU K 99 13.41 28.31 21.98
CA GLU K 99 14.81 28.60 21.75
C GLU K 99 15.30 27.96 20.44
N ARG K 100 14.90 26.72 20.20
CA ARG K 100 15.38 25.97 19.03
C ARG K 100 14.78 26.46 17.75
N LYS K 101 13.46 26.68 17.77
CA LYS K 101 12.81 27.32 16.65
C LYS K 101 13.59 28.56 16.23
N GLY K 102 14.00 29.35 17.22
CA GLY K 102 14.81 30.55 16.98
C GLY K 102 16.11 30.27 16.25
N GLN K 103 16.88 29.32 16.77
CA GLN K 103 18.16 28.96 16.17
C GLN K 103 17.96 28.61 14.71
N VAL K 104 16.96 27.76 14.46
CA VAL K 104 16.70 27.23 13.12
C VAL K 104 16.20 28.31 12.17
N TRP K 105 15.21 29.06 12.61
CA TRP K 105 14.66 30.13 11.76
C TRP K 105 15.75 31.12 11.35
N THR K 106 16.57 31.52 12.33
CA THR K 106 17.61 32.52 12.12
C THR K 106 18.68 31.96 11.18
N ALA K 107 19.03 30.70 11.41
CA ALA K 107 20.00 29.99 10.57
C ALA K 107 19.55 29.99 9.10
N ILE K 108 18.24 29.82 8.93
CA ILE K 108 17.60 29.73 7.62
C ILE K 108 17.51 31.10 6.95
N ILE K 109 17.05 32.09 7.69
CA ILE K 109 17.03 33.47 7.19
C ILE K 109 18.41 33.94 6.75
N ALA K 110 19.41 33.55 7.51
CA ALA K 110 20.79 33.87 7.21
C ALA K 110 21.22 33.30 5.85
N GLN K 111 20.83 32.05 5.58
CA GLN K 111 21.11 31.42 4.28
C GLN K 111 20.49 32.24 3.16
N LYS K 112 19.32 32.80 3.42
CA LYS K 112 18.62 33.61 2.42
C LYS K 112 19.40 34.87 2.08
N ILE K 113 19.80 35.59 3.11
CA ILE K 113 20.51 36.85 2.92
C ILE K 113 21.80 36.60 2.16
N THR K 114 22.51 35.56 2.58
CA THR K 114 23.71 35.10 1.87
C THR K 114 23.43 34.92 0.38
N ASN K 115 22.38 34.14 0.08
CA ASN K 115 22.04 33.88 -1.32
C ASN K 115 21.60 35.14 -2.07
N GLN K 116 20.93 36.07 -1.37
CA GLN K 116 20.59 37.38 -1.94
C GLN K 116 21.88 38.13 -2.34
N SER K 117 22.85 38.11 -1.44
CA SER K 117 24.17 38.69 -1.68
C SER K 117 24.88 38.07 -2.87
N LEU K 118 24.94 36.74 -2.90
CA LEU K 118 25.59 36.04 -4.02
C LEU K 118 24.92 36.44 -5.33
N HIS K 119 23.61 36.58 -5.30
CA HIS K 119 22.86 36.98 -6.48
C HIS K 119 23.28 38.37 -6.92
N LEU K 120 23.39 39.31 -5.98
CA LEU K 120 23.85 40.66 -6.30
C LEU K 120 25.24 40.68 -6.91
N ALA K 121 26.15 39.90 -6.31
CA ALA K 121 27.53 39.77 -6.77
C ALA K 121 27.57 39.27 -8.22
N GLN K 122 26.76 38.26 -8.48
CA GLN K 122 26.59 37.68 -9.79
C GLN K 122 26.13 38.72 -10.84
N ARG K 123 25.49 39.80 -10.40
CA ARG K 123 25.07 40.91 -11.30
C ARG K 123 26.01 42.10 -11.29
N ASP K 124 27.21 41.86 -10.76
CA ASP K 124 28.28 42.86 -10.70
C ASP K 124 27.94 44.06 -9.82
N TYR K 125 27.30 43.79 -8.69
CA TYR K 125 27.15 44.75 -7.59
C TYR K 125 28.00 44.31 -6.41
N GLY K 126 29.30 44.05 -6.67
CA GLY K 126 30.23 43.62 -5.64
C GLY K 126 29.98 44.37 -4.33
N GLN K 127 29.65 45.67 -4.46
CA GLN K 127 29.53 46.57 -3.29
C GLN K 127 28.30 46.29 -2.48
N LYS K 128 27.13 46.44 -3.09
CA LYS K 128 25.85 46.26 -2.38
C LYS K 128 25.78 44.86 -1.76
N ALA K 129 26.26 43.87 -2.50
CA ALA K 129 26.36 42.49 -2.03
C ALA K 129 27.12 42.36 -0.69
N ALA K 130 28.31 42.92 -0.64
CA ALA K 130 29.12 42.90 0.58
C ALA K 130 28.40 43.54 1.76
N ALA K 131 27.58 44.55 1.47
CA ALA K 131 26.76 45.24 2.50
C ALA K 131 25.75 44.31 3.16
N LEU K 132 25.20 43.38 2.38
CA LEU K 132 24.24 42.40 2.89
C LEU K 132 24.90 41.37 3.80
N LEU K 133 26.16 41.03 3.52
CA LEU K 133 26.91 40.13 4.40
C LEU K 133 27.11 40.77 5.74
N ALA K 134 27.31 42.08 5.73
CA ALA K 134 27.43 42.84 6.97
C ALA K 134 26.17 42.70 7.82
N MET K 135 25.02 42.83 7.16
CA MET K 135 23.73 42.67 7.82
C MET K 135 23.56 41.25 8.37
N ARG K 136 23.94 40.25 7.57
CA ARG K 136 23.86 38.86 8.02
C ARG K 136 24.63 38.68 9.33
N ALA K 137 25.84 39.23 9.40
CA ALA K 137 26.70 39.12 10.58
C ALA K 137 26.07 39.72 11.86
N GLU K 138 25.16 40.68 11.70
CA GLU K 138 24.52 41.34 12.84
C GLU K 138 23.17 40.72 13.21
N LEU K 139 22.89 39.51 12.73
CA LEU K 139 21.66 38.82 13.07
C LEU K 139 21.71 38.34 14.50
N ARG K 140 20.60 38.46 15.22
CA ARG K 140 20.42 37.79 16.51
C ARG K 140 19.19 36.90 16.42
N LEU K 141 18.98 36.06 17.42
CA LEU K 141 17.84 35.17 17.45
C LEU K 141 16.57 35.90 17.05
N PHE K 142 15.85 35.32 16.09
CA PHE K 142 14.56 35.86 15.60
C PHE K 142 14.64 37.26 15.03
N ASP K 143 15.85 37.70 14.70
CA ASP K 143 16.05 38.97 14.01
C ASP K 143 15.17 40.11 14.52
N PRO K 144 15.38 40.53 15.78
CA PRO K 144 14.54 41.58 16.34
C PRO K 144 14.86 42.95 15.70
N ALA K 145 16.07 43.11 15.20
CA ALA K 145 16.49 44.31 14.51
C ALA K 145 16.04 44.38 13.03
N ASN K 146 15.35 43.33 12.57
CA ASN K 146 14.83 43.27 11.20
C ASN K 146 15.88 43.53 10.12
N ARG K 147 17.04 42.91 10.28
CA ARG K 147 18.07 42.91 9.23
C ARG K 147 17.52 42.27 7.94
N GLU K 148 16.65 41.29 8.12
CA GLU K 148 16.04 40.58 7.01
C GLU K 148 15.42 41.55 6.04
N GLY K 149 14.62 42.45 6.59
CA GLY K 149 13.84 43.40 5.80
C GLY K 149 14.69 44.48 5.16
N HIS K 150 15.75 44.86 5.86
CA HIS K 150 16.71 45.86 5.38
C HIS K 150 17.51 45.29 4.21
N ALA K 151 17.99 44.07 4.39
CA ALA K 151 18.62 43.31 3.32
C ALA K 151 17.67 43.24 2.14
N ALA K 152 16.43 42.87 2.41
CA ALA K 152 15.41 42.71 1.36
C ALA K 152 15.20 43.99 0.58
N ARG K 153 15.07 45.11 1.29
CA ARG K 153 14.89 46.43 0.63
C ARG K 153 16.05 46.73 -0.30
N SER K 154 17.25 46.76 0.26
CA SER K 154 18.47 47.07 -0.47
C SER K 154 18.62 46.14 -1.69
N TYR K 155 18.44 44.85 -1.44
CA TYR K 155 18.51 43.80 -2.45
C TYR K 155 17.64 44.16 -3.65
N PHE K 156 16.36 44.37 -3.40
CA PHE K 156 15.44 44.64 -4.50
C PHE K 156 15.66 46.01 -5.14
N ASN K 157 16.05 46.99 -4.34
CA ASN K 157 16.38 48.31 -4.87
C ASN K 157 17.49 48.20 -5.90
N THR K 158 18.56 47.50 -5.54
CA THR K 158 19.72 47.37 -6.39
C THR K 158 19.39 46.62 -7.67
N LEU K 159 18.50 45.64 -7.55
CA LEU K 159 18.14 44.79 -8.68
C LEU K 159 17.15 45.44 -9.63
N PHE K 160 16.15 46.12 -9.08
CA PHE K 160 15.07 46.70 -9.91
C PHE K 160 14.88 48.22 -9.79
N GLY K 161 15.77 48.91 -9.08
CA GLY K 161 15.71 50.38 -8.99
C GLY K 161 15.17 50.90 -7.67
N ASN K 162 15.48 52.16 -7.37
CA ASN K 162 15.09 52.79 -6.09
C ASN K 162 13.59 53.11 -6.05
N ASP K 163 12.99 53.32 -7.22
CA ASP K 163 11.53 53.50 -7.33
C ASP K 163 10.79 52.21 -7.01
N PHE K 164 11.48 51.06 -7.07
CA PHE K 164 10.85 49.75 -6.87
C PHE K 164 10.58 49.44 -5.41
N THR K 165 9.36 48.99 -5.14
CA THR K 165 8.99 48.44 -3.85
C THR K 165 8.31 47.11 -4.19
N ARG K 166 8.28 46.19 -3.23
CA ARG K 166 7.65 44.88 -3.45
C ARG K 166 6.13 44.89 -3.28
N GLU K 167 5.60 46.02 -2.82
CA GLU K 167 4.17 46.29 -2.77
C GLU K 167 3.56 46.89 -4.07
N GLN K 168 4.38 47.28 -5.04
CA GLN K 168 3.87 47.76 -6.36
C GLN K 168 3.13 46.64 -7.05
N GLU K 169 1.98 46.92 -7.68
CA GLU K 169 1.32 45.95 -8.51
C GLU K 169 1.86 46.03 -9.94
N ASN K 170 2.98 45.38 -10.24
CA ASN K 170 3.55 45.37 -11.59
C ASN K 170 3.88 43.94 -12.06
N ASP K 171 4.35 43.80 -13.30
CA ASP K 171 4.69 42.49 -13.83
C ASP K 171 5.78 41.78 -13.02
N ILE K 172 6.77 42.53 -12.58
CA ILE K 172 7.91 41.94 -11.88
C ILE K 172 7.48 41.26 -10.59
N ASN K 173 6.68 41.95 -9.78
CA ASN K 173 6.17 41.36 -8.53
C ASN K 173 5.24 40.19 -8.79
N ALA K 174 4.39 40.31 -9.81
CA ALA K 174 3.45 39.22 -10.15
C ALA K 174 4.18 37.92 -10.38
N GLY K 175 5.28 38.01 -11.11
CA GLY K 175 6.14 36.85 -11.41
C GLY K 175 6.84 36.34 -10.18
N LEU K 176 7.43 37.26 -9.42
CA LEU K 176 8.09 36.94 -8.15
C LEU K 176 7.16 36.14 -7.24
N ASN K 177 5.92 36.61 -7.14
CA ASN K 177 4.90 35.96 -6.33
C ASN K 177 4.47 34.60 -6.87
N TYR K 178 4.30 34.52 -8.18
CA TYR K 178 4.02 33.22 -8.83
C TYR K 178 5.10 32.22 -8.46
N GLY K 179 6.35 32.62 -8.67
CA GLY K 179 7.50 31.79 -8.36
C GLY K 179 7.53 31.37 -6.91
N TYR K 180 7.33 32.32 -6.01
CA TYR K 180 7.32 32.00 -4.60
C TYR K 180 6.19 31.00 -4.27
N THR K 181 5.01 31.16 -4.88
CA THR K 181 3.87 30.22 -4.70
C THR K 181 4.27 28.80 -5.12
N LEU K 182 5.03 28.69 -6.21
CA LEU K 182 5.62 27.41 -6.64
C LEU K 182 6.55 26.81 -5.59
N LEU K 183 7.49 27.60 -5.10
CA LEU K 183 8.36 27.14 -4.02
C LEU K 183 7.55 26.75 -2.80
N LEU K 184 6.55 27.56 -2.47
CA LEU K 184 5.71 27.32 -1.28
C LEU K 184 5.02 25.96 -1.34
N SER K 185 4.37 25.69 -2.47
CA SER K 185 3.66 24.43 -2.65
C SER K 185 4.56 23.20 -2.52
N ILE K 186 5.81 23.36 -2.97
CA ILE K 186 6.77 22.26 -2.91
C ILE K 186 7.06 21.89 -1.46
N PHE K 187 7.37 22.91 -0.67
CA PHE K 187 7.75 22.69 0.72
C PHE K 187 6.56 22.37 1.60
N ALA K 188 5.42 22.93 1.24
CA ALA K 188 4.19 22.60 1.90
C ALA K 188 3.97 21.06 1.80
N ARG K 189 4.00 20.54 0.58
CA ARG K 189 3.93 19.10 0.31
C ARG K 189 4.85 18.29 1.19
N GLU K 190 6.15 18.66 1.15
CA GLU K 190 7.17 17.87 1.84
C GLU K 190 6.92 17.90 3.36
N LEU K 191 6.60 19.07 3.90
CA LEU K 191 6.33 19.22 5.33
C LEU K 191 5.20 18.32 5.81
N VAL K 192 4.12 18.33 5.07
CA VAL K 192 2.92 17.59 5.42
C VAL K 192 3.23 16.06 5.42
N GLN K 193 4.00 15.62 4.43
CA GLN K 193 4.47 14.23 4.38
C GLN K 193 5.24 13.81 5.63
N THR K 194 6.08 14.71 6.14
CA THR K 194 6.89 14.40 7.33
C THR K 194 6.04 14.25 8.56
N GLY K 195 4.77 14.65 8.49
CA GLY K 195 3.85 14.56 9.62
C GLY K 195 3.70 15.88 10.38
N CYS K 196 4.18 16.97 9.79
CA CYS K 196 4.04 18.30 10.39
C CYS K 196 2.78 19.02 9.91
N PHE K 197 2.40 20.07 10.63
CA PHE K 197 1.32 20.98 10.20
C PHE K 197 1.96 22.27 9.65
N THR K 198 1.54 22.67 8.45
CA THR K 198 2.19 23.80 7.78
C THR K 198 1.78 25.12 8.35
N GLN K 199 0.70 25.12 9.12
CA GLN K 199 0.03 26.39 9.46
C GLN K 199 0.75 27.39 10.36
N LEU K 200 1.69 26.92 11.18
CA LEU K 200 2.36 27.78 12.15
C LEU K 200 3.84 27.82 11.89
N GLY K 201 4.33 29.02 11.66
CA GLY K 201 5.73 29.23 11.34
C GLY K 201 6.59 29.14 12.59
N LEU K 202 7.89 29.17 12.39
CA LEU K 202 8.83 29.07 13.50
C LEU K 202 8.84 30.36 14.32
N LYS K 203 8.55 31.48 13.66
CA LYS K 203 8.54 32.81 14.31
C LYS K 203 7.17 33.48 14.50
N HIS K 204 6.40 33.07 15.49
CA HIS K 204 5.33 33.93 15.97
C HIS K 204 4.99 33.63 17.44
N PHE K 208 0.20 35.56 9.20
CA PHE K 208 -1.22 35.19 9.19
C PHE K 208 -1.61 34.45 7.91
N ASN K 209 -1.11 33.24 7.82
CA ASN K 209 -1.24 32.37 6.66
C ASN K 209 -1.42 30.90 7.07
N ASP K 210 -2.02 30.09 6.18
CA ASP K 210 -2.16 28.64 6.40
C ASP K 210 -0.88 27.86 6.18
N PHE K 211 0.11 28.48 5.55
CA PHE K 211 1.32 27.77 5.14
C PHE K 211 2.62 28.42 5.63
N ASN K 212 2.56 29.19 6.69
CA ASN K 212 3.78 29.81 7.23
C ASN K 212 5.05 28.98 7.33
N LEU K 213 4.90 27.75 7.77
CA LEU K 213 6.06 26.92 8.00
C LEU K 213 6.74 26.57 6.68
N ALA K 214 5.95 26.32 5.64
CA ALA K 214 6.49 26.13 4.28
C ALA K 214 7.14 27.43 3.86
N SER K 215 6.44 28.53 4.06
CA SER K 215 6.98 29.87 3.82
C SER K 215 8.36 30.09 4.49
N ASP K 216 8.52 29.60 5.71
CA ASP K 216 9.80 29.69 6.45
C ASP K 216 10.89 28.82 5.82
N LEU K 217 10.56 27.58 5.50
CA LEU K 217 11.56 26.64 4.95
C LEU K 217 12.08 27.02 3.57
N MET K 218 11.24 27.64 2.76
CA MET K 218 11.61 27.96 1.40
C MET K 218 12.47 29.22 1.29
N GLU K 219 12.67 29.92 2.41
CA GLU K 219 13.33 31.23 2.38
C GLU K 219 14.65 31.26 1.57
N PRO K 220 15.56 30.31 1.82
CA PRO K 220 16.83 30.36 1.12
C PRO K 220 16.73 30.10 -0.37
N PHE K 221 15.61 29.56 -0.80
CA PHE K 221 15.44 29.20 -2.22
C PHE K 221 14.82 30.34 -3.01
N ARG K 222 14.41 31.40 -2.33
CA ARG K 222 13.75 32.55 -2.98
C ARG K 222 14.59 33.13 -4.11
N PRO K 223 15.87 33.36 -3.87
CA PRO K 223 16.69 33.89 -4.94
C PRO K 223 16.68 33.08 -6.24
N LEU K 224 16.39 31.79 -6.18
CA LEU K 224 16.27 31.01 -7.42
C LEU K 224 15.24 31.63 -8.34
N VAL K 225 14.13 32.09 -7.77
CA VAL K 225 13.10 32.81 -8.53
C VAL K 225 13.60 34.19 -8.93
N ASP K 226 14.19 34.88 -7.96
CA ASP K 226 14.68 36.22 -8.17
C ASP K 226 15.58 36.26 -9.41
N GLN K 227 16.45 35.27 -9.54
CA GLN K 227 17.34 35.17 -10.70
C GLN K 227 16.55 35.12 -12.02
N ILE K 228 15.63 34.18 -12.08
CA ILE K 228 14.85 33.96 -13.30
C ILE K 228 14.04 35.21 -13.66
N ILE K 229 13.45 35.85 -12.67
CA ILE K 229 12.69 37.06 -12.93
C ILE K 229 13.51 38.26 -13.31
N TYR K 230 14.61 38.46 -12.61
CA TYR K 230 15.55 39.49 -12.98
C TYR K 230 15.93 39.36 -14.46
N GLU K 231 16.36 38.17 -14.87
CA GLU K 231 16.76 37.90 -16.25
C GLU K 231 15.66 38.25 -17.24
N ASN K 232 14.41 38.04 -16.86
CA ASN K 232 13.26 38.31 -17.71
C ASN K 232 12.46 39.51 -17.24
N ARG K 233 13.10 40.44 -16.56
CA ARG K 233 12.39 41.61 -15.98
C ARG K 233 11.79 42.51 -17.06
N LYS K 234 12.33 42.41 -18.27
CA LYS K 234 11.86 43.18 -19.41
C LYS K 234 10.60 42.60 -20.03
N GLU K 235 10.34 41.32 -19.78
CA GLU K 235 9.33 40.59 -20.54
C GLU K 235 7.93 40.78 -19.96
N ALA K 236 6.94 40.34 -20.73
CA ALA K 236 5.55 40.30 -20.26
C ALA K 236 5.39 39.16 -19.25
N PHE K 237 4.37 39.26 -18.41
CA PHE K 237 4.13 38.26 -17.36
C PHE K 237 4.09 36.80 -17.86
N PRO K 238 3.32 36.51 -18.93
CA PRO K 238 3.27 35.14 -19.47
C PRO K 238 4.62 34.50 -19.80
N ILE K 239 5.60 35.32 -20.18
CA ILE K 239 6.94 34.82 -20.52
C ILE K 239 7.72 34.52 -19.23
N MET K 240 7.50 35.32 -18.18
CA MET K 240 8.14 35.06 -16.87
C MET K 240 7.61 33.75 -16.32
N LYS K 241 6.31 33.56 -16.43
CA LYS K 241 5.66 32.36 -15.93
C LYS K 241 6.30 31.10 -16.53
N ARG K 242 6.51 31.10 -17.86
CA ARG K 242 7.08 29.93 -18.54
C ARG K 242 8.56 29.74 -18.15
N LYS K 243 9.32 30.83 -18.15
CA LYS K 243 10.75 30.75 -17.80
C LYS K 243 10.96 30.25 -16.38
N LEU K 244 9.93 30.36 -15.55
CA LEU K 244 9.98 29.95 -14.14
C LEU K 244 9.89 28.44 -13.99
N PHE K 245 9.37 27.76 -15.01
CA PHE K 245 9.26 26.28 -14.95
C PHE K 245 10.65 25.65 -15.00
N ALA K 246 11.63 26.46 -15.36
CA ALA K 246 13.05 26.08 -15.23
C ALA K 246 13.41 25.44 -13.87
N LEU K 247 12.81 25.95 -12.80
CA LEU K 247 13.01 25.40 -11.46
C LEU K 247 12.82 23.86 -11.41
N PHE K 248 11.83 23.37 -12.16
CA PHE K 248 11.51 21.95 -12.18
C PHE K 248 12.39 21.16 -13.14
N MET K 249 13.09 21.84 -14.04
CA MET K 249 14.00 21.18 -15.00
C MET K 249 15.46 21.29 -14.63
N ASN K 250 15.89 22.50 -14.30
CA ASN K 250 17.28 22.76 -13.96
C ASN K 250 17.75 21.91 -12.77
N THR K 251 19.06 21.88 -12.61
CA THR K 251 19.71 21.18 -11.53
C THR K 251 20.57 22.16 -10.76
N TYR K 252 20.66 21.97 -9.43
CA TYR K 252 21.29 22.96 -8.54
C TYR K 252 22.25 22.27 -7.57
N MET K 253 23.38 22.94 -7.27
CA MET K 253 24.37 22.38 -6.35
C MET K 253 23.80 22.28 -4.94
N TYR K 254 23.84 21.07 -4.39
CA TYR K 254 23.33 20.81 -3.02
C TYR K 254 24.02 19.60 -2.41
N LYS K 255 24.46 19.75 -1.15
CA LYS K 255 25.27 18.74 -0.51
C LYS K 255 26.46 18.82 -1.45
N LYS K 256 26.91 17.69 -1.93
CA LYS K 256 28.10 17.73 -2.83
C LYS K 256 27.72 17.51 -4.29
N LYS K 257 26.42 17.51 -4.60
CA LYS K 257 25.92 16.91 -5.84
C LYS K 257 24.99 17.83 -6.58
N GLN K 258 24.97 17.74 -7.90
CA GLN K 258 23.95 18.43 -8.70
C GLN K 258 22.65 17.66 -8.56
N MET K 259 21.62 18.29 -7.99
CA MET K 259 20.32 17.64 -7.81
C MET K 259 19.19 18.49 -8.35
N PHE K 260 18.06 17.83 -8.60
CA PHE K 260 16.84 18.52 -9.03
C PHE K 260 16.18 19.18 -7.81
N LEU K 261 15.44 20.24 -8.07
CA LEU K 261 14.91 21.05 -6.99
C LEU K 261 14.04 20.28 -5.99
N THR K 262 13.10 19.48 -6.47
CA THR K 262 12.20 18.75 -5.56
C THR K 262 12.93 17.72 -4.71
N ASN K 263 13.99 17.13 -5.27
CA ASN K 263 14.78 16.16 -4.50
C ASN K 263 15.50 16.88 -3.37
N ILE K 264 15.98 18.08 -3.68
CA ILE K 264 16.64 18.92 -2.68
C ILE K 264 15.65 19.23 -1.55
N ALA K 265 14.46 19.68 -1.96
CA ALA K 265 13.42 20.12 -1.02
C ALA K 265 13.05 19.01 -0.06
N THR K 266 12.98 17.79 -0.59
CA THR K 266 12.66 16.64 0.23
C THR K 266 13.75 16.42 1.28
N ASP K 267 15.00 16.38 0.83
CA ASP K 267 16.11 16.19 1.76
C ASP K 267 16.18 17.32 2.79
N TYR K 268 16.23 18.55 2.26
CA TYR K 268 16.30 19.76 3.07
C TYR K 268 15.22 19.77 4.17
N THR K 269 13.97 19.56 3.75
CA THR K 269 12.84 19.57 4.68
C THR K 269 12.98 18.49 5.75
N LYS K 270 13.14 17.23 5.33
CA LYS K 270 13.17 16.11 6.31
C LYS K 270 14.29 16.35 7.29
N HIS K 271 15.40 16.88 6.78
CA HIS K 271 16.60 17.13 7.59
C HIS K 271 16.35 18.30 8.54
N VAL K 272 15.77 19.40 8.06
CA VAL K 272 15.41 20.53 8.94
C VAL K 272 14.48 20.06 10.08
N VAL K 273 13.47 19.26 9.73
CA VAL K 273 12.51 18.73 10.73
C VAL K 273 13.25 17.93 11.81
N LYS K 274 14.24 17.15 11.39
CA LYS K 274 15.06 16.37 12.33
C LYS K 274 15.69 17.30 13.36
N VAL K 275 16.33 18.38 12.91
CA VAL K 275 17.08 19.28 13.83
C VAL K 275 16.12 20.09 14.69
N LEU K 276 14.88 20.20 14.26
CA LEU K 276 13.85 20.85 15.07
C LEU K 276 13.36 19.92 16.18
N ASN K 277 13.29 18.63 15.88
CA ASN K 277 12.99 17.60 16.90
C ASN K 277 14.14 17.32 17.84
N GLN K 278 15.33 17.81 17.50
CA GLN K 278 16.57 17.59 18.28
C GLN K 278 17.06 16.15 18.18
N GLU K 279 16.87 15.56 17.00
CA GLU K 279 17.44 14.26 16.67
C GLU K 279 18.75 14.47 15.95
N GLU K 280 19.05 15.72 15.64
CA GLU K 280 20.24 16.09 14.88
C GLU K 280 20.64 17.50 15.29
N GLU K 281 21.90 17.85 15.03
CA GLU K 281 22.37 19.19 15.22
C GLU K 281 22.67 19.63 13.81
N GLY K 282 22.64 20.94 13.56
CA GLY K 282 23.12 21.47 12.31
C GLY K 282 22.13 21.41 11.16
N VAL K 283 21.51 22.57 10.97
CA VAL K 283 20.63 22.84 9.82
C VAL K 283 21.32 22.58 8.48
N PRO K 284 20.59 21.99 7.51
CA PRO K 284 21.19 21.75 6.20
C PRO K 284 21.33 23.05 5.45
N GLU K 285 22.24 23.10 4.48
CA GLU K 285 22.52 24.37 3.81
C GLU K 285 22.24 24.37 2.32
N PHE K 286 21.54 25.42 1.89
CA PHE K 286 21.40 25.67 0.46
C PHE K 286 22.06 27.02 0.07
N GLY K 287 22.90 26.94 -0.94
CA GLY K 287 23.56 28.11 -1.53
C GLY K 287 23.29 28.16 -3.02
N ILE K 288 23.39 29.34 -3.62
CA ILE K 288 23.08 29.49 -5.04
C ILE K 288 24.36 29.67 -5.84
N MET L 1 -23.68 25.36 5.35
CA MET L 1 -24.08 25.10 3.92
C MET L 1 -25.27 24.10 3.69
N GLY L 2 -25.01 22.79 3.51
CA GLY L 2 -25.99 21.85 2.91
C GLY L 2 -26.80 20.93 3.81
N TRP L 3 -27.63 20.08 3.19
CA TRP L 3 -28.63 19.23 3.90
C TRP L 3 -28.68 17.75 3.46
N ARG L 4 -28.35 17.46 2.21
CA ARG L 4 -28.49 16.12 1.69
C ARG L 4 -27.41 15.18 2.17
N THR L 5 -27.80 13.97 2.55
CA THR L 5 -26.86 12.87 2.72
C THR L 5 -26.95 11.95 1.50
N VAL L 6 -25.92 12.00 0.68
CA VAL L 6 -25.91 11.26 -0.59
C VAL L 6 -25.21 9.92 -0.42
N VAL L 7 -25.95 8.82 -0.42
CA VAL L 7 -25.33 7.50 -0.34
C VAL L 7 -25.21 6.79 -1.72
N VAL L 8 -24.00 6.33 -2.02
CA VAL L 8 -23.69 5.69 -3.29
C VAL L 8 -23.40 4.21 -3.04
N ASN L 9 -24.07 3.33 -3.76
CA ASN L 9 -23.71 1.90 -3.67
C ASN L 9 -23.84 1.11 -4.99
N LYS L 10 -24.05 1.81 -6.11
CA LYS L 10 -24.05 1.17 -7.41
C LYS L 10 -22.72 1.42 -8.08
N HIS L 11 -22.26 0.40 -8.82
CA HIS L 11 -21.09 0.53 -9.70
C HIS L 11 -21.25 1.81 -10.53
N SER L 12 -20.32 2.75 -10.36
CA SER L 12 -20.53 4.10 -10.87
C SER L 12 -19.27 4.93 -10.97
N LYS L 13 -19.42 6.10 -11.56
CA LYS L 13 -18.32 7.02 -11.75
C LYS L 13 -18.71 8.45 -11.34
N LEU L 14 -18.08 8.93 -10.27
CA LEU L 14 -18.33 10.27 -9.77
C LEU L 14 -17.34 11.26 -10.36
N SER L 15 -17.85 12.42 -10.76
CA SER L 15 -17.04 13.48 -11.33
C SER L 15 -17.53 14.82 -10.83
N TYR L 16 -16.96 15.89 -11.38
CA TYR L 16 -17.40 17.25 -11.06
C TYR L 16 -17.64 18.04 -12.33
N LYS L 17 -18.71 18.81 -12.32
CA LYS L 17 -19.02 19.71 -13.42
C LYS L 17 -19.92 20.83 -12.92
N ASN L 18 -19.56 22.05 -13.25
CA ASN L 18 -20.43 23.15 -12.99
C ASN L 18 -21.03 23.13 -11.54
N ASN L 19 -20.21 23.03 -10.50
CA ASN L 19 -20.69 23.08 -9.11
C ASN L 19 -21.59 21.90 -8.75
N HIS L 20 -21.59 20.89 -9.59
CA HIS L 20 -22.37 19.71 -9.33
C HIS L 20 -21.49 18.50 -9.14
N LEU L 21 -21.93 17.63 -8.26
CA LEU L 21 -21.48 16.26 -8.27
C LEU L 21 -22.12 15.62 -9.45
N VAL L 22 -21.38 14.78 -10.17
CA VAL L 22 -21.94 14.06 -11.30
C VAL L 22 -21.83 12.55 -11.09
N PHE L 23 -22.98 11.89 -11.09
CA PHE L 23 -23.06 10.47 -10.84
C PHE L 23 -23.44 9.75 -12.13
N LYS L 24 -22.63 8.78 -12.56
CA LYS L 24 -22.93 8.01 -13.76
C LYS L 24 -22.84 6.52 -13.55
N ALA L 25 -23.96 5.83 -13.76
CA ALA L 25 -23.99 4.38 -13.79
C ALA L 25 -24.70 3.97 -15.07
N ILE L 26 -25.00 2.68 -15.19
CA ILE L 26 -25.84 2.24 -16.23
C ILE L 26 -27.00 1.56 -15.47
N ASP L 27 -28.24 1.94 -15.78
CA ASP L 27 -28.57 2.70 -16.98
C ASP L 27 -28.61 4.19 -16.73
N HIS L 28 -28.66 4.66 -15.48
CA HIS L 28 -28.92 6.06 -15.20
C HIS L 28 -27.79 6.99 -14.70
N GLN L 29 -28.17 8.25 -14.68
CA GLN L 29 -27.26 9.35 -14.42
C GLN L 29 -27.94 10.38 -13.52
N GLU L 30 -27.15 11.12 -12.76
CA GLU L 30 -27.67 12.15 -11.86
C GLU L 30 -26.70 13.27 -11.49
N LEU L 31 -27.23 14.50 -11.44
CA LEU L 31 -26.45 15.67 -11.12
C LEU L 31 -27.00 16.23 -9.82
N ILE L 32 -26.12 16.57 -8.88
CA ILE L 32 -26.54 17.12 -7.59
C ILE L 32 -25.64 18.28 -7.22
N HIS L 33 -26.24 19.39 -6.86
CA HIS L 33 -25.48 20.59 -6.63
C HIS L 33 -24.78 20.50 -5.29
N LEU L 34 -23.49 20.76 -5.28
CA LEU L 34 -22.68 20.62 -4.05
C LEU L 34 -23.23 21.39 -2.85
N SER L 35 -23.70 22.61 -3.08
CA SER L 35 -24.30 23.42 -2.02
C SER L 35 -25.44 22.73 -1.29
N GLU L 36 -26.06 21.74 -1.93
CA GLU L 36 -27.13 20.98 -1.29
C GLU L 36 -26.62 19.83 -0.44
N ILE L 37 -25.34 19.49 -0.57
CA ILE L 37 -24.80 18.24 0.02
C ILE L 37 -24.15 18.50 1.37
N ASP L 38 -24.57 17.73 2.35
CA ASP L 38 -24.01 17.78 3.70
C ASP L 38 -23.01 16.65 3.84
N VAL L 39 -23.38 15.46 3.37
CA VAL L 39 -22.58 14.25 3.50
C VAL L 39 -22.57 13.38 2.25
N LEU L 40 -21.41 12.83 1.91
CA LEU L 40 -21.27 11.88 0.79
C LEU L 40 -20.72 10.61 1.34
N LEU L 41 -21.53 9.57 1.31
CA LEU L 41 -21.13 8.25 1.82
C LEU L 41 -20.90 7.25 0.70
N LEU L 42 -19.67 6.76 0.59
CA LEU L 42 -19.26 5.82 -0.46
C LEU L 42 -19.28 4.40 0.07
N GLU L 43 -20.44 3.76 -0.09
CA GLU L 43 -20.79 2.54 0.62
C GLU L 43 -20.06 1.33 0.07
N THR L 44 -19.72 1.36 -1.21
CA THR L 44 -19.17 0.18 -1.86
C THR L 44 -17.82 0.39 -2.53
N THR L 45 -17.24 -0.73 -2.95
CA THR L 45 -15.92 -0.75 -3.55
C THR L 45 -15.97 -0.65 -5.07
N ASP L 46 -17.18 -0.56 -5.64
CA ASP L 46 -17.36 -0.53 -7.11
C ASP L 46 -17.42 0.88 -7.67
N ILE L 47 -17.14 1.86 -6.83
CA ILE L 47 -17.26 3.28 -7.21
C ILE L 47 -15.93 3.89 -7.58
N SER L 48 -15.93 4.67 -8.64
CA SER L 48 -14.74 5.34 -9.10
C SER L 48 -14.95 6.86 -9.07
N LEU L 49 -13.98 7.62 -8.55
CA LEU L 49 -14.12 9.07 -8.47
C LEU L 49 -12.82 9.85 -8.81
N THR L 50 -12.94 11.17 -9.03
CA THR L 50 -11.82 12.02 -9.49
C THR L 50 -11.30 12.97 -8.41
N THR L 51 -10.00 13.24 -8.47
CA THR L 51 -9.37 14.17 -7.52
C THR L 51 -9.93 15.58 -7.63
N MET L 52 -10.41 15.92 -8.81
CA MET L 52 -11.05 17.20 -9.02
C MET L 52 -12.24 17.27 -8.09
N LEU L 53 -13.09 16.26 -8.17
CA LEU L 53 -14.30 16.22 -7.33
C LEU L 53 -13.91 16.30 -5.86
N LEU L 54 -12.92 15.52 -5.45
CA LEU L 54 -12.51 15.49 -4.05
C LEU L 54 -12.02 16.85 -3.57
N LYS L 55 -11.29 17.56 -4.42
CA LYS L 55 -10.86 18.93 -4.07
C LYS L 55 -12.08 19.76 -3.74
N ARG L 56 -13.07 19.69 -4.63
CA ARG L 56 -14.28 20.52 -4.52
C ARG L 56 -15.14 20.08 -3.33
N LEU L 57 -15.20 18.78 -3.10
CA LEU L 57 -15.84 18.28 -1.91
C LEU L 57 -15.19 18.80 -0.64
N ILE L 58 -13.92 19.12 -0.69
CA ILE L 58 -13.22 19.63 0.51
C ILE L 58 -13.48 21.13 0.65
N ASP L 59 -13.53 21.80 -0.50
CA ASP L 59 -13.79 23.23 -0.54
C ASP L 59 -15.13 23.55 0.14
N GLU L 60 -16.19 22.95 -0.38
CA GLU L 60 -17.50 22.98 0.31
C GLU L 60 -17.37 21.90 1.37
N LYS L 61 -17.51 22.24 2.63
CA LYS L 61 -16.93 21.41 3.63
C LYS L 61 -17.76 20.16 3.87
N ILE L 62 -17.75 19.29 2.86
CA ILE L 62 -18.59 18.10 2.82
C ILE L 62 -17.91 16.91 3.45
N LEU L 63 -18.65 16.20 4.28
CA LEU L 63 -18.13 15.03 4.97
C LEU L 63 -18.15 13.89 3.98
N VAL L 64 -16.98 13.34 3.73
CA VAL L 64 -16.85 12.21 2.81
C VAL L 64 -16.42 10.96 3.59
N LEU L 65 -17.21 9.90 3.50
CA LEU L 65 -16.94 8.65 4.22
C LEU L 65 -16.65 7.51 3.25
N PHE L 66 -15.65 6.69 3.59
CA PHE L 66 -15.30 5.52 2.80
C PHE L 66 -15.62 4.26 3.55
N CYS L 67 -15.92 3.22 2.80
CA CYS L 67 -16.31 1.97 3.41
C CYS L 67 -15.52 0.84 2.83
N ASP L 68 -15.54 -0.25 3.60
CA ASP L 68 -14.99 -1.53 3.21
C ASP L 68 -16.02 -2.37 2.46
N ASP L 69 -15.64 -3.62 2.15
CA ASP L 69 -16.46 -4.50 1.28
C ASP L 69 -17.67 -5.08 2.00
N LYS L 70 -17.66 -5.07 3.33
CA LYS L 70 -18.86 -5.35 4.14
C LYS L 70 -19.73 -4.09 4.35
N ARG L 71 -19.45 -3.03 3.60
CA ARG L 71 -20.17 -1.74 3.75
C ARG L 71 -20.16 -1.11 5.15
N LEU L 72 -19.07 -1.28 5.87
CA LEU L 72 -18.87 -0.55 7.11
C LEU L 72 -17.93 0.61 6.83
N PRO L 73 -18.09 1.71 7.55
CA PRO L 73 -17.19 2.82 7.39
C PRO L 73 -15.82 2.55 8.01
N ILE L 74 -14.77 2.95 7.30
CA ILE L 74 -13.39 2.70 7.73
C ILE L 74 -12.53 3.96 7.75
N GLY L 75 -13.02 5.02 7.12
CA GLY L 75 -12.36 6.30 7.21
C GLY L 75 -13.11 7.45 6.57
N LYS L 76 -12.54 8.63 6.70
CA LYS L 76 -13.11 9.85 6.14
C LYS L 76 -12.00 10.76 5.65
N ILE L 77 -12.38 11.74 4.82
CA ILE L 77 -11.44 12.77 4.43
C ILE L 77 -11.30 13.75 5.56
N LEU L 78 -10.05 14.05 5.90
CA LEU L 78 -9.76 15.01 6.96
C LEU L 78 -9.06 16.20 6.33
N PRO L 79 -9.77 17.31 6.20
CA PRO L 79 -9.12 18.48 5.64
C PRO L 79 -8.09 18.99 6.64
N PHE L 80 -7.03 19.63 6.16
CA PHE L 80 -5.98 20.17 7.03
C PHE L 80 -6.31 21.56 7.52
N TYR L 81 -7.06 22.30 6.71
CA TYR L 81 -7.25 23.70 6.96
C TYR L 81 -8.73 23.98 7.04
N GLY L 82 -9.21 24.35 8.21
CA GLY L 82 -10.64 24.27 8.39
C GLY L 82 -11.32 25.52 8.00
N ARG L 83 -10.68 26.66 8.21
CA ARG L 83 -11.27 27.89 7.80
C ARG L 83 -10.26 29.02 7.69
N HIS L 84 -10.72 30.05 7.03
CA HIS L 84 -10.04 31.31 6.99
C HIS L 84 -10.16 31.87 8.36
N ASP L 85 -9.10 32.53 8.84
CA ASP L 85 -9.10 33.21 10.16
C ASP L 85 -8.95 32.22 11.33
N SER L 86 -9.06 30.93 11.04
CA SER L 86 -8.96 29.89 12.05
C SER L 86 -7.55 29.55 12.48
N SER L 87 -6.52 30.21 11.93
CA SER L 87 -5.12 29.99 12.37
C SER L 87 -4.98 30.21 13.84
N LEU L 88 -5.76 31.17 14.33
CA LEU L 88 -5.68 31.67 15.69
C LEU L 88 -6.12 30.66 16.70
N GLN L 89 -7.09 29.81 16.34
CA GLN L 89 -7.64 28.84 17.27
C GLN L 89 -6.60 27.81 17.66
N LEU L 90 -5.70 27.51 16.74
CA LEU L 90 -4.64 26.61 17.05
C LEU L 90 -3.77 27.10 18.22
N THR L 91 -3.30 28.34 18.16
CA THR L 91 -2.45 28.88 19.24
C THR L 91 -3.23 28.85 20.59
N ARG L 92 -4.55 29.02 20.53
CA ARG L 92 -5.42 28.97 21.71
C ARG L 92 -5.62 27.57 22.27
N GLN L 93 -5.70 26.60 21.37
CA GLN L 93 -5.91 25.20 21.78
C GLN L 93 -4.71 24.69 22.52
N LEU L 94 -3.53 25.01 21.99
CA LEU L 94 -2.27 24.70 22.64
C LEU L 94 -2.20 25.34 24.02
N ALA L 95 -2.92 26.44 24.22
CA ALA L 95 -2.97 27.14 25.51
C ALA L 95 -4.01 26.62 26.50
N TRP L 96 -4.79 25.63 26.09
CA TRP L 96 -5.86 25.12 26.95
C TRP L 96 -5.31 24.59 28.27
N THR L 97 -5.71 25.20 29.38
CA THR L 97 -5.23 24.79 30.70
C THR L 97 -5.69 23.38 31.07
N GLU L 98 -4.84 22.64 31.76
CA GLU L 98 -5.16 21.28 32.19
C GLU L 98 -6.40 21.28 33.08
N GLU L 99 -6.48 22.28 33.95
CA GLU L 99 -7.61 22.40 34.85
C GLU L 99 -8.91 22.56 34.08
N ARG L 100 -8.87 23.38 33.04
CA ARG L 100 -10.09 23.68 32.27
C ARG L 100 -10.55 22.55 31.40
N LYS L 101 -9.60 21.94 30.70
CA LYS L 101 -9.87 20.70 29.98
C LYS L 101 -10.65 19.74 30.89
N GLY L 102 -10.19 19.61 32.13
CA GLY L 102 -10.85 18.76 33.13
C GLY L 102 -12.29 19.14 33.37
N GLN L 103 -12.53 20.42 33.64
CA GLN L 103 -13.87 20.90 33.91
C GLN L 103 -14.80 20.58 32.76
N VAL L 104 -14.32 20.86 31.54
CA VAL L 104 -15.12 20.65 30.33
C VAL L 104 -15.37 19.17 30.02
N TRP L 105 -14.32 18.38 30.04
CA TRP L 105 -14.47 16.95 29.79
C TRP L 105 -15.46 16.32 30.75
N THR L 106 -15.32 16.66 32.03
CA THR L 106 -16.14 16.09 33.06
C THR L 106 -17.59 16.55 32.87
N ALA L 107 -17.74 17.83 32.57
CA ALA L 107 -19.08 18.41 32.32
C ALA L 107 -19.78 17.67 31.20
N ILE L 108 -19.00 17.28 30.21
CA ILE L 108 -19.49 16.61 29.01
C ILE L 108 -19.83 15.17 29.31
N ILE L 109 -18.92 14.48 29.99
CA ILE L 109 -19.15 13.09 30.38
C ILE L 109 -20.41 12.99 31.26
N ALA L 110 -20.59 14.00 32.10
CA ALA L 110 -21.79 14.12 32.93
C ALA L 110 -23.10 14.21 32.10
N GLN L 111 -23.07 14.99 31.02
CA GLN L 111 -24.22 15.08 30.14
C GLN L 111 -24.54 13.73 29.55
N LYS L 112 -23.51 12.94 29.26
CA LYS L 112 -23.70 11.61 28.66
C LYS L 112 -24.45 10.70 29.62
N ILE L 113 -23.98 10.68 30.86
CA ILE L 113 -24.56 9.82 31.88
C ILE L 113 -26.02 10.21 32.09
N THR L 114 -26.24 11.51 32.19
CA THR L 114 -27.59 12.05 32.29
C THR L 114 -28.47 11.50 31.17
N ASN L 115 -27.99 11.63 29.94
CA ASN L 115 -28.74 11.16 28.77
C ASN L 115 -28.94 9.65 28.76
N GLN L 116 -27.95 8.91 29.26
CA GLN L 116 -28.08 7.45 29.45
C GLN L 116 -29.23 7.17 30.42
N SER L 117 -29.27 7.93 31.51
CA SER L 117 -30.34 7.83 32.50
C SER L 117 -31.71 8.16 31.91
N LEU L 118 -31.81 9.27 31.20
CA LEU L 118 -33.07 9.67 30.57
C LEU L 118 -33.55 8.57 29.64
N HIS L 119 -32.62 7.96 28.93
CA HIS L 119 -32.93 6.88 28.02
C HIS L 119 -33.51 5.70 28.77
N LEU L 120 -32.89 5.35 29.90
CA LEU L 120 -33.41 4.25 30.72
C LEU L 120 -34.83 4.55 31.21
N ALA L 121 -35.04 5.78 31.68
CA ALA L 121 -36.31 6.21 32.23
C ALA L 121 -37.38 6.07 31.17
N GLN L 122 -37.03 6.50 29.98
CA GLN L 122 -37.88 6.41 28.79
C GLN L 122 -38.28 4.96 28.45
N ARG L 123 -37.50 3.99 28.92
CA ARG L 123 -37.85 2.54 28.77
C ARG L 123 -38.46 1.91 30.04
N ASP L 124 -38.90 2.77 30.96
CA ASP L 124 -39.56 2.37 32.21
C ASP L 124 -38.66 1.59 33.15
N TYR L 125 -37.41 2.02 33.24
CA TYR L 125 -36.48 1.59 34.29
C TYR L 125 -36.23 2.76 35.23
N GLY L 126 -37.32 3.37 35.74
CA GLY L 126 -37.22 4.50 36.68
C GLY L 126 -36.10 4.29 37.69
N GLN L 127 -35.94 3.04 38.13
CA GLN L 127 -34.99 2.69 39.18
C GLN L 127 -33.54 2.75 38.75
N LYS L 128 -33.17 1.93 37.76
CA LYS L 128 -31.79 1.88 37.29
C LYS L 128 -31.32 3.26 36.85
N ALA L 129 -32.22 3.98 36.19
CA ALA L 129 -31.99 5.37 35.76
C ALA L 129 -31.55 6.28 36.90
N ALA L 130 -32.33 6.30 37.98
CA ALA L 130 -32.00 7.10 39.15
C ALA L 130 -30.63 6.76 39.71
N ALA L 131 -30.25 5.47 39.60
CA ALA L 131 -28.95 5.00 40.07
C ALA L 131 -27.79 5.66 39.32
N LEU L 132 -27.99 5.93 38.02
CA LEU L 132 -26.97 6.57 37.18
C LEU L 132 -26.83 8.04 37.53
N LEU L 133 -27.90 8.68 37.97
CA LEU L 133 -27.81 10.06 38.45
C LEU L 133 -26.96 10.13 39.69
N ALA L 134 -27.06 9.10 40.54
CA ALA L 134 -26.23 8.98 41.74
C ALA L 134 -24.76 8.97 41.36
N MET L 135 -24.45 8.17 40.35
CA MET L 135 -23.08 8.07 39.83
C MET L 135 -22.62 9.41 39.29
N ARG L 136 -23.48 10.09 38.54
CA ARG L 136 -23.15 11.40 38.00
C ARG L 136 -22.72 12.34 39.12
N ALA L 137 -23.48 12.36 40.21
CA ALA L 137 -23.23 13.26 41.34
C ALA L 137 -21.87 13.01 41.99
N GLU L 138 -21.33 11.80 41.86
CA GLU L 138 -20.04 11.44 42.46
C GLU L 138 -18.86 11.61 41.51
N LEU L 139 -19.07 12.34 40.43
CA LEU L 139 -17.99 12.62 39.47
C LEU L 139 -17.01 13.61 40.05
N ARG L 140 -15.73 13.37 39.84
CA ARG L 140 -14.70 14.36 40.14
C ARG L 140 -13.94 14.63 38.85
N LEU L 141 -13.11 15.68 38.86
CA LEU L 141 -12.33 16.06 37.68
C LEU L 141 -11.68 14.86 37.04
N PHE L 142 -11.90 14.71 35.74
CA PHE L 142 -11.35 13.61 34.95
C PHE L 142 -11.74 12.20 35.43
N ASP L 143 -12.81 12.11 36.20
CA ASP L 143 -13.40 10.83 36.60
C ASP L 143 -12.39 9.75 36.94
N PRO L 144 -11.62 9.96 38.01
CA PRO L 144 -10.61 8.98 38.36
C PRO L 144 -11.23 7.70 38.92
N ALA L 145 -12.45 7.84 39.47
CA ALA L 145 -13.23 6.71 40.02
C ALA L 145 -13.97 5.91 38.97
N ASN L 146 -13.86 6.34 37.72
CA ASN L 146 -14.47 5.62 36.58
C ASN L 146 -15.95 5.38 36.75
N ARG L 147 -16.66 6.40 37.21
CA ARG L 147 -18.14 6.37 37.28
C ARG L 147 -18.72 6.18 35.87
N GLU L 148 -18.02 6.75 34.90
CA GLU L 148 -18.41 6.65 33.51
C GLU L 148 -18.63 5.18 33.12
N GLY L 149 -17.64 4.36 33.43
CA GLY L 149 -17.61 2.97 33.01
C GLY L 149 -18.61 2.14 33.76
N HIS L 150 -18.84 2.51 35.01
CA HIS L 150 -19.86 1.84 35.83
C HIS L 150 -21.28 2.14 35.38
N ALA L 151 -21.52 3.42 35.12
CA ALA L 151 -22.75 3.87 34.47
C ALA L 151 -22.96 3.11 33.16
N ALA L 152 -21.91 3.05 32.35
CA ALA L 152 -21.97 2.38 31.07
C ALA L 152 -22.36 0.91 31.18
N ARG L 153 -21.76 0.19 32.12
CA ARG L 153 -22.11 -1.21 32.26
C ARG L 153 -23.56 -1.40 32.64
N SER L 154 -23.96 -0.77 33.75
CA SER L 154 -25.33 -0.85 34.26
C SER L 154 -26.35 -0.46 33.18
N TYR L 155 -26.07 0.65 32.49
CA TYR L 155 -26.86 1.14 31.37
C TYR L 155 -27.11 0.05 30.34
N PHE L 156 -26.06 -0.51 29.80
CA PHE L 156 -26.22 -1.53 28.76
C PHE L 156 -26.83 -2.82 29.30
N ASN L 157 -26.51 -3.16 30.55
CA ASN L 157 -27.06 -4.38 31.16
C ASN L 157 -28.57 -4.28 31.20
N THR L 158 -29.07 -3.14 31.67
CA THR L 158 -30.50 -2.95 31.79
C THR L 158 -31.19 -2.89 30.45
N LEU L 159 -30.52 -2.36 29.45
CA LEU L 159 -31.10 -2.23 28.11
C LEU L 159 -31.09 -3.54 27.34
N PHE L 160 -29.98 -4.28 27.38
CA PHE L 160 -29.84 -5.48 26.55
C PHE L 160 -29.59 -6.78 27.33
N GLY L 161 -29.66 -6.74 28.66
CA GLY L 161 -29.56 -7.96 29.49
C GLY L 161 -28.23 -8.09 30.20
N ASN L 162 -28.19 -8.89 31.26
CA ASN L 162 -26.96 -9.10 32.05
C ASN L 162 -25.92 -9.91 31.31
N ASP L 163 -26.40 -10.73 30.38
CA ASP L 163 -25.57 -11.49 29.46
C ASP L 163 -24.82 -10.61 28.48
N PHE L 164 -25.32 -9.40 28.27
CA PHE L 164 -24.76 -8.48 27.28
C PHE L 164 -23.53 -7.75 27.74
N THR L 165 -22.57 -7.65 26.83
CA THR L 165 -21.38 -6.89 27.09
C THR L 165 -20.92 -6.28 25.78
N ARG L 166 -19.95 -5.37 25.88
CA ARG L 166 -19.07 -5.03 24.76
C ARG L 166 -17.58 -5.53 25.04
N GLU L 167 -16.97 -6.17 24.06
CA GLU L 167 -17.52 -6.41 22.76
C GLU L 167 -18.01 -7.82 22.77
N GLN L 168 -19.18 -8.05 22.15
CA GLN L 168 -19.72 -9.36 22.00
C GLN L 168 -19.77 -9.80 20.58
N GLU L 169 -19.32 -8.99 19.65
CA GLU L 169 -19.45 -9.40 18.28
C GLU L 169 -20.82 -9.97 17.95
N ASN L 170 -21.82 -9.14 18.16
CA ASN L 170 -23.19 -9.45 17.77
C ASN L 170 -23.76 -8.31 16.94
N ASP L 171 -24.99 -8.48 16.46
CA ASP L 171 -25.60 -7.44 15.63
C ASP L 171 -25.79 -6.11 16.38
N ILE L 172 -26.15 -6.19 17.64
CA ILE L 172 -26.44 -4.98 18.42
C ILE L 172 -25.22 -4.10 18.52
N ASN L 173 -24.07 -4.68 18.88
CA ASN L 173 -22.82 -3.91 18.94
C ASN L 173 -22.39 -3.38 17.58
N ALA L 174 -22.54 -4.18 16.55
CA ALA L 174 -22.13 -3.77 15.19
C ALA L 174 -22.81 -2.50 14.81
N GLY L 175 -24.10 -2.43 15.12
CA GLY L 175 -24.91 -1.23 14.86
C GLY L 175 -24.52 -0.05 15.73
N LEU L 176 -24.38 -0.30 17.03
CA LEU L 176 -23.90 0.72 17.98
C LEU L 176 -22.61 1.39 17.49
N ASN L 177 -21.67 0.56 17.03
CA ASN L 177 -20.39 1.03 16.54
C ASN L 177 -20.50 1.80 15.24
N TYR L 178 -21.33 1.30 14.33
CA TYR L 178 -21.61 2.02 13.08
C TYR L 178 -22.12 3.42 13.40
N GLY L 179 -23.14 3.47 14.25
CA GLY L 179 -23.70 4.74 14.70
C GLY L 179 -22.68 5.68 15.33
N TYR L 180 -21.88 5.16 16.24
CA TYR L 180 -20.85 5.98 16.88
C TYR L 180 -19.83 6.55 15.89
N THR L 181 -19.44 5.74 14.92
CA THR L 181 -18.55 6.24 13.88
C THR L 181 -19.16 7.40 13.10
N LEU L 182 -20.45 7.30 12.82
CA LEU L 182 -21.18 8.40 12.18
C LEU L 182 -21.08 9.67 13.03
N LEU L 183 -21.40 9.55 14.31
CA LEU L 183 -21.29 10.68 15.20
C LEU L 183 -19.84 11.21 15.21
N LEU L 184 -18.88 10.31 15.22
CA LEU L 184 -17.48 10.72 15.28
C LEU L 184 -17.11 11.59 14.11
N SER L 185 -17.46 11.12 12.91
CA SER L 185 -17.09 11.84 11.70
C SER L 185 -17.71 13.24 11.64
N ILE L 186 -18.89 13.37 12.23
CA ILE L 186 -19.57 14.67 12.27
C ILE L 186 -18.78 15.68 13.09
N PHE L 187 -18.39 15.27 14.29
CA PHE L 187 -17.74 16.18 15.21
C PHE L 187 -16.29 16.41 14.81
N ALA L 188 -15.72 15.39 14.19
CA ALA L 188 -14.38 15.53 13.65
C ALA L 188 -14.40 16.71 12.68
N ARG L 189 -15.31 16.64 11.72
CA ARG L 189 -15.49 17.74 10.77
C ARG L 189 -15.61 19.09 11.42
N GLU L 190 -16.53 19.21 12.38
CA GLU L 190 -16.83 20.52 12.97
C GLU L 190 -15.63 21.07 13.68
N LEU L 191 -14.95 20.19 14.41
CA LEU L 191 -13.78 20.59 15.16
C LEU L 191 -12.73 21.20 14.26
N VAL L 192 -12.48 20.55 13.13
CA VAL L 192 -11.45 21.02 12.22
C VAL L 192 -11.82 22.37 11.71
N GLN L 193 -13.10 22.53 11.38
CA GLN L 193 -13.62 23.80 10.86
C GLN L 193 -13.36 24.93 11.81
N THR L 194 -13.49 24.68 13.11
CA THR L 194 -13.25 25.72 14.11
C THR L 194 -11.79 26.10 14.21
N GLY L 195 -10.90 25.32 13.59
CA GLY L 195 -9.47 25.60 13.64
C GLY L 195 -8.73 24.75 14.67
N CYS L 196 -9.39 23.71 15.19
CA CYS L 196 -8.78 22.79 16.16
C CYS L 196 -8.21 21.55 15.48
N PHE L 197 -7.41 20.84 16.25
CA PHE L 197 -6.93 19.55 15.83
C PHE L 197 -7.71 18.50 16.54
N THR L 198 -8.15 17.48 15.81
CA THR L 198 -8.91 16.41 16.42
C THR L 198 -8.08 15.44 17.20
N GLN L 199 -6.79 15.47 16.97
CA GLN L 199 -5.91 14.46 17.52
C GLN L 199 -5.88 14.56 19.04
N LEU L 200 -6.10 15.77 19.57
CA LEU L 200 -5.88 16.04 21.00
C LEU L 200 -7.07 15.98 21.93
N GLY L 201 -7.33 14.83 22.53
CA GLY L 201 -8.43 14.68 23.47
C GLY L 201 -8.19 15.48 24.72
N LEU L 202 -9.26 15.77 25.44
CA LEU L 202 -9.16 16.60 26.61
C LEU L 202 -8.49 15.84 27.76
N LYS L 203 -8.70 14.52 27.78
CA LYS L 203 -8.20 13.66 28.86
C LYS L 203 -6.98 12.86 28.45
N HIS L 204 -6.99 12.26 27.26
CA HIS L 204 -5.88 11.41 26.76
C HIS L 204 -5.15 11.96 25.57
N ALA L 205 -5.40 13.20 25.18
CA ALA L 205 -4.71 13.76 24.03
C ALA L 205 -4.72 12.74 22.88
N ASN L 206 -3.62 12.53 22.22
CA ASN L 206 -3.62 11.63 21.05
C ASN L 206 -2.94 10.29 21.33
N GLN L 207 -2.92 9.87 22.60
CA GLN L 207 -2.23 8.65 22.98
C GLN L 207 -2.74 7.47 22.23
N PHE L 208 -4.06 7.33 22.11
CA PHE L 208 -4.66 6.20 21.46
C PHE L 208 -5.13 6.45 20.00
N ASN L 209 -5.58 7.68 19.72
CA ASN L 209 -6.39 8.01 18.55
C ASN L 209 -5.86 9.21 17.81
N ASP L 210 -6.08 9.28 16.51
CA ASP L 210 -5.98 10.58 15.83
C ASP L 210 -7.27 11.44 15.93
N PHE L 211 -8.30 10.95 16.62
CA PHE L 211 -9.58 11.66 16.69
C PHE L 211 -10.22 11.76 18.07
N ASN L 212 -9.40 11.58 19.09
CA ASN L 212 -9.88 11.61 20.48
C ASN L 212 -10.77 12.79 20.85
N LEU L 213 -10.50 13.96 20.28
CA LEU L 213 -11.23 15.16 20.65
C LEU L 213 -12.66 15.11 20.11
N ALA L 214 -12.81 14.60 18.90
CA ALA L 214 -14.14 14.35 18.36
C ALA L 214 -14.84 13.31 19.23
N SER L 215 -14.14 12.23 19.50
CA SER L 215 -14.62 11.20 20.39
C SER L 215 -15.17 11.80 21.71
N ASP L 216 -14.45 12.77 22.25
CA ASP L 216 -14.81 13.42 23.52
C ASP L 216 -16.08 14.25 23.34
N LEU L 217 -16.14 15.06 22.29
CA LEU L 217 -17.28 15.98 22.09
C LEU L 217 -18.58 15.27 21.78
N MET L 218 -18.51 14.12 21.12
CA MET L 218 -19.71 13.38 20.74
C MET L 218 -20.33 12.57 21.86
N GLU L 219 -19.69 12.55 23.02
CA GLU L 219 -20.13 11.69 24.11
C GLU L 219 -21.63 11.81 24.45
N PRO L 220 -22.13 13.05 24.66
CA PRO L 220 -23.50 13.16 25.09
C PRO L 220 -24.49 12.73 24.02
N PHE L 221 -24.04 12.61 22.78
CA PHE L 221 -24.92 12.28 21.66
C PHE L 221 -25.01 10.80 21.43
N ARG L 222 -24.22 10.02 22.15
CA ARG L 222 -24.19 8.57 21.98
C ARG L 222 -25.58 7.97 22.17
N PRO L 223 -26.30 8.37 23.22
CA PRO L 223 -27.62 7.78 23.41
C PRO L 223 -28.59 7.95 22.22
N LEU L 224 -28.38 8.93 21.37
CA LEU L 224 -29.17 9.04 20.15
C LEU L 224 -29.09 7.78 19.32
N VAL L 225 -27.89 7.21 19.23
CA VAL L 225 -27.70 5.94 18.56
C VAL L 225 -28.33 4.83 19.40
N ASP L 226 -28.04 4.85 20.69
CA ASP L 226 -28.50 3.81 21.61
C ASP L 226 -30.00 3.63 21.45
N GLN L 227 -30.73 4.73 21.36
CA GLN L 227 -32.19 4.68 21.18
C GLN L 227 -32.56 3.92 19.94
N ILE L 228 -31.97 4.33 18.83
CA ILE L 228 -32.32 3.76 17.53
C ILE L 228 -32.02 2.27 17.51
N ILE L 229 -30.89 1.90 18.06
CA ILE L 229 -30.51 0.50 18.04
C ILE L 229 -31.36 -0.33 19.00
N TYR L 230 -31.62 0.20 20.20
CA TYR L 230 -32.53 -0.45 21.14
C TYR L 230 -33.88 -0.78 20.47
N GLU L 231 -34.49 0.24 19.85
CA GLU L 231 -35.75 0.09 19.13
C GLU L 231 -35.70 -0.98 18.04
N ASN L 232 -34.56 -1.13 17.38
CA ASN L 232 -34.39 -2.13 16.34
C ASN L 232 -33.47 -3.27 16.79
N ARG L 233 -33.41 -3.54 18.10
CA ARG L 233 -32.52 -4.58 18.64
C ARG L 233 -32.87 -6.00 18.15
N LYS L 234 -34.11 -6.17 17.73
CA LYS L 234 -34.61 -7.43 17.19
C LYS L 234 -34.20 -7.65 15.73
N GLU L 235 -33.85 -6.59 15.02
CA GLU L 235 -33.68 -6.65 13.56
C GLU L 235 -32.29 -7.08 13.12
N ALA L 236 -32.17 -7.41 11.84
CA ALA L 236 -30.87 -7.76 11.26
C ALA L 236 -30.06 -6.48 11.12
N PHE L 237 -28.74 -6.63 11.02
CA PHE L 237 -27.83 -5.49 10.96
C PHE L 237 -28.22 -4.49 9.87
N PRO L 238 -28.51 -4.96 8.63
CA PRO L 238 -28.80 -4.03 7.54
C PRO L 238 -29.97 -3.09 7.81
N ILE L 239 -30.89 -3.54 8.65
CA ILE L 239 -32.06 -2.74 8.99
C ILE L 239 -31.69 -1.70 10.03
N MET L 240 -30.77 -2.05 10.93
CA MET L 240 -30.27 -1.09 11.93
C MET L 240 -29.50 0.02 11.24
N LYS L 241 -28.69 -0.37 10.27
CA LYS L 241 -27.88 0.58 9.53
C LYS L 241 -28.78 1.63 8.89
N ARG L 242 -29.88 1.21 8.26
CA ARG L 242 -30.79 2.16 7.58
C ARG L 242 -31.49 3.02 8.60
N LYS L 243 -32.01 2.40 9.63
CA LYS L 243 -32.75 3.13 10.65
C LYS L 243 -31.88 4.18 11.33
N LEU L 244 -30.57 4.01 11.24
CA LEU L 244 -29.61 4.93 11.84
C LEU L 244 -29.46 6.22 11.05
N PHE L 245 -29.82 6.20 9.76
CA PHE L 245 -29.70 7.39 8.93
C PHE L 245 -30.67 8.45 9.42
N ALA L 246 -31.61 8.01 10.25
CA ALA L 246 -32.53 8.90 10.92
C ALA L 246 -31.83 10.10 11.52
N LEU L 247 -30.64 9.87 12.05
CA LEU L 247 -29.83 10.94 12.68
C LEU L 247 -29.66 12.16 11.75
N PHE L 248 -29.51 11.88 10.47
CA PHE L 248 -29.34 12.93 9.47
C PHE L 248 -30.65 13.52 8.95
N MET L 249 -31.76 12.86 9.22
CA MET L 249 -33.06 13.43 8.83
C MET L 249 -33.89 14.00 9.98
N ASN L 250 -33.93 13.31 11.10
CA ASN L 250 -34.70 13.77 12.24
C ASN L 250 -34.24 15.11 12.75
N THR L 251 -35.07 15.68 13.62
CA THR L 251 -34.75 16.93 14.34
C THR L 251 -34.81 16.61 15.84
N TYR L 252 -33.92 17.28 16.57
CA TYR L 252 -33.72 17.03 18.01
C TYR L 252 -33.75 18.31 18.81
N MET L 253 -34.33 18.25 20.00
CA MET L 253 -34.45 19.43 20.85
C MET L 253 -33.05 19.88 21.26
N TYR L 254 -32.73 21.14 20.98
CA TYR L 254 -31.46 21.73 21.38
C TYR L 254 -31.62 23.24 21.54
N LYS L 255 -31.15 23.80 22.65
CA LYS L 255 -31.33 25.25 22.94
C LYS L 255 -32.73 25.76 22.64
N LYS L 256 -33.73 24.99 23.08
CA LYS L 256 -35.13 25.37 22.98
C LYS L 256 -35.73 25.29 21.56
N LYS L 257 -34.96 24.88 20.56
CA LYS L 257 -35.45 24.80 19.20
C LYS L 257 -35.24 23.40 18.68
N GLN L 258 -36.14 22.94 17.82
CA GLN L 258 -35.92 21.68 17.08
C GLN L 258 -34.93 21.95 15.97
N MET L 259 -33.78 21.29 16.03
CA MET L 259 -32.73 21.46 15.02
C MET L 259 -32.27 20.13 14.46
N PHE L 260 -31.65 20.21 13.29
CA PHE L 260 -31.06 19.03 12.66
C PHE L 260 -29.71 18.73 13.31
N LEU L 261 -29.32 17.47 13.27
CA LEU L 261 -28.19 17.00 14.09
C LEU L 261 -26.88 17.73 13.77
N THR L 262 -26.56 17.87 12.49
CA THR L 262 -25.33 18.53 12.09
C THR L 262 -25.31 19.99 12.46
N ASN L 263 -26.46 20.65 12.44
CA ASN L 263 -26.53 22.06 12.86
C ASN L 263 -26.25 22.16 14.37
N ILE L 264 -26.76 21.18 15.11
CA ILE L 264 -26.53 21.12 16.56
C ILE L 264 -25.05 20.98 16.82
N ALA L 265 -24.48 20.02 16.11
CA ALA L 265 -23.07 19.68 16.25
C ALA L 265 -22.18 20.86 16.00
N THR L 266 -22.52 21.64 14.99
CA THR L 266 -21.78 22.88 14.69
C THR L 266 -21.86 23.88 15.85
N ASP L 267 -23.06 24.16 16.34
CA ASP L 267 -23.25 25.10 17.45
C ASP L 267 -22.55 24.58 18.68
N TYR L 268 -22.88 23.35 19.05
CA TYR L 268 -22.32 22.67 20.23
C TYR L 268 -20.79 22.73 20.24
N THR L 269 -20.19 22.30 19.13
CA THR L 269 -18.74 22.29 18.98
C THR L 269 -18.17 23.68 19.13
N LYS L 270 -18.66 24.61 18.32
CA LYS L 270 -18.13 26.00 18.29
C LYS L 270 -18.22 26.67 19.67
N HIS L 271 -19.30 26.37 20.37
CA HIS L 271 -19.57 26.90 21.70
C HIS L 271 -18.67 26.21 22.75
N VAL L 272 -18.55 24.88 22.69
CA VAL L 272 -17.60 24.17 23.59
C VAL L 272 -16.19 24.72 23.44
N VAL L 273 -15.76 24.91 22.19
CA VAL L 273 -14.43 25.44 21.90
C VAL L 273 -14.26 26.80 22.56
N LYS L 274 -15.30 27.62 22.53
CA LYS L 274 -15.24 28.94 23.19
C LYS L 274 -14.92 28.80 24.66
N VAL L 275 -15.63 27.92 25.38
CA VAL L 275 -15.43 27.80 26.84
C VAL L 275 -14.10 27.11 27.18
N LEU L 276 -13.54 26.40 26.23
CA LEU L 276 -12.19 25.87 26.39
C LEU L 276 -11.14 26.99 26.25
N ASN L 277 -11.39 27.94 25.35
CA ASN L 277 -10.53 29.11 25.18
C ASN L 277 -10.69 30.11 26.31
N GLN L 278 -11.74 29.95 27.11
CA GLN L 278 -12.07 30.85 28.21
C GLN L 278 -12.61 32.21 27.73
N GLU L 279 -13.36 32.15 26.64
CA GLU L 279 -14.05 33.33 26.11
C GLU L 279 -15.45 33.31 26.65
N GLU L 280 -15.80 32.22 27.32
CA GLU L 280 -17.15 31.98 27.78
C GLU L 280 -17.04 31.10 29.00
N GLU L 281 -18.09 31.10 29.81
CA GLU L 281 -18.20 30.17 30.91
C GLU L 281 -19.41 29.34 30.53
N GLY L 282 -19.49 28.13 31.05
CA GLY L 282 -20.68 27.33 30.85
C GLY L 282 -20.77 26.57 29.53
N VAL L 283 -20.41 25.30 29.62
CA VAL L 283 -20.55 24.34 28.54
C VAL L 283 -21.99 24.29 28.02
N PRO L 284 -22.18 24.20 26.70
CA PRO L 284 -23.53 24.03 26.17
C PRO L 284 -24.07 22.67 26.50
N GLU L 285 -25.38 22.55 26.50
CA GLU L 285 -25.99 21.29 26.92
C GLU L 285 -26.79 20.57 25.85
N PHE L 286 -26.54 19.28 25.70
CA PHE L 286 -27.40 18.43 24.90
C PHE L 286 -28.08 17.40 25.78
N GLY L 287 -29.40 17.38 25.68
CA GLY L 287 -30.23 16.44 26.43
C GLY L 287 -31.10 15.73 25.42
N ILE L 288 -31.54 14.54 25.79
CA ILE L 288 -32.31 13.73 24.88
C ILE L 288 -33.77 13.70 25.33
N MET M 1 -50.55 31.27 2.32
CA MET M 1 -51.78 30.99 3.13
C MET M 1 -53.23 31.24 2.53
N SER M 2 -53.46 32.28 1.70
CA SER M 2 -54.83 32.54 1.15
C SER M 2 -54.90 32.33 -0.35
N TYR M 3 -55.76 31.42 -0.77
CA TYR M 3 -55.98 31.19 -2.17
C TYR M 3 -57.23 31.94 -2.61
N ARG M 4 -57.55 33.03 -1.94
CA ARG M 4 -58.44 34.02 -2.51
C ARG M 4 -57.66 34.84 -3.51
N TYR M 5 -58.36 35.27 -4.55
CA TYR M 5 -57.79 36.00 -5.70
C TYR M 5 -56.41 35.45 -6.05
N MET M 6 -56.44 34.13 -5.95
CA MET M 6 -55.31 33.26 -6.17
C MET M 6 -55.16 33.23 -7.65
N ARG M 7 -54.05 32.68 -8.12
CA ARG M 7 -53.78 32.59 -9.53
C ARG M 7 -53.19 31.26 -9.89
N LEU M 8 -53.82 30.61 -10.84
CA LEU M 8 -53.39 29.31 -11.33
C LEU M 8 -52.34 29.57 -12.39
N LEU M 9 -51.21 28.88 -12.28
CA LEU M 9 -50.13 29.08 -13.23
C LEU M 9 -50.00 27.86 -14.10
N LEU M 10 -50.23 28.03 -15.39
CA LEU M 10 -50.26 26.92 -16.31
C LEU M 10 -49.12 27.01 -17.26
N MET M 11 -48.36 25.92 -17.34
CA MET M 11 -47.13 25.90 -18.11
C MET M 11 -47.10 24.71 -19.03
N PHE M 12 -46.92 24.97 -20.32
CA PHE M 12 -46.81 23.86 -21.25
C PHE M 12 -45.55 23.88 -22.10
N ASP M 13 -45.18 22.66 -22.51
CA ASP M 13 -44.29 22.40 -23.63
C ASP M 13 -44.97 21.34 -24.45
N MET M 14 -45.45 21.71 -25.64
CA MET M 14 -46.28 20.83 -26.45
C MET M 14 -45.61 20.64 -27.79
N PRO M 15 -45.71 19.44 -28.34
CA PRO M 15 -45.13 19.12 -29.62
C PRO M 15 -45.83 19.81 -30.78
N THR M 16 -45.02 20.14 -31.78
CA THR M 16 -45.44 20.77 -33.04
C THR M 16 -45.16 19.83 -34.23
N ASP M 17 -44.63 18.63 -33.95
CA ASP M 17 -44.07 17.75 -34.98
C ASP M 17 -45.02 17.49 -36.13
N THR M 18 -46.25 17.14 -35.83
CA THR M 18 -47.23 16.76 -36.85
C THR M 18 -48.43 17.69 -36.84
N ALA M 19 -49.27 17.60 -37.86
CA ALA M 19 -50.36 18.54 -38.00
C ALA M 19 -51.50 18.25 -37.03
N SER M 20 -51.62 17.01 -36.55
CA SER M 20 -52.55 16.76 -35.43
C SER M 20 -52.08 17.43 -34.16
N ASP M 21 -50.77 17.31 -33.91
CA ASP M 21 -50.10 17.95 -32.76
C ASP M 21 -50.37 19.44 -32.70
N ARG M 22 -50.28 20.09 -33.85
CA ARG M 22 -50.44 21.54 -33.91
C ARG M 22 -51.85 21.88 -33.72
N LYS M 23 -52.72 21.17 -34.41
CA LYS M 23 -54.16 21.39 -34.24
C LYS M 23 -54.56 21.30 -32.75
N ALA M 24 -54.05 20.26 -32.08
CA ALA M 24 -54.31 20.03 -30.66
C ALA M 24 -53.89 21.19 -29.78
N TYR M 25 -52.72 21.74 -30.09
CA TYR M 25 -52.17 22.91 -29.41
C TYR M 25 -53.10 24.13 -29.62
N ARG M 26 -53.41 24.43 -30.88
CA ARG M 26 -54.27 25.59 -31.16
C ARG M 26 -55.62 25.47 -30.46
N LYS M 27 -56.19 24.27 -30.46
CA LYS M 27 -57.42 24.01 -29.73
C LYS M 27 -57.21 24.33 -28.24
N PHE M 28 -56.13 23.81 -27.69
CA PHE M 28 -55.87 23.97 -26.27
C PHE M 28 -55.63 25.44 -25.95
N ARG M 29 -54.76 26.08 -26.71
CA ARG M 29 -54.51 27.50 -26.46
C ARG M 29 -55.79 28.34 -26.59
N LYS M 30 -56.68 27.96 -27.51
CA LYS M 30 -57.94 28.65 -27.64
C LYS M 30 -58.69 28.47 -26.34
N PHE M 31 -58.88 27.22 -25.92
CA PHE M 31 -59.59 26.93 -24.68
C PHE M 31 -59.10 27.85 -23.60
N LEU M 32 -57.78 28.01 -23.50
CA LEU M 32 -57.16 28.82 -22.48
C LEU M 32 -57.55 30.28 -22.58
N ILE M 33 -57.58 30.82 -23.79
CA ILE M 33 -57.92 32.22 -23.94
C ILE M 33 -59.38 32.44 -23.60
N ASN M 34 -60.25 31.66 -24.23
CA ASN M 34 -61.66 31.67 -23.93
C ASN M 34 -61.93 31.50 -22.43
N GLU M 35 -61.12 30.72 -21.75
CA GLU M 35 -61.31 30.49 -20.30
C GLU M 35 -60.77 31.64 -19.44
N GLY M 36 -60.14 32.62 -20.09
CA GLY M 36 -59.71 33.86 -19.42
C GLY M 36 -58.31 33.80 -18.88
N PHE M 37 -57.48 32.91 -19.42
CA PHE M 37 -56.10 32.85 -19.04
C PHE M 37 -55.39 33.99 -19.73
N ILE M 38 -54.37 34.51 -19.07
CA ILE M 38 -53.53 35.56 -19.60
C ILE M 38 -52.13 35.03 -19.85
N MET M 39 -51.63 35.26 -21.05
CA MET M 39 -50.25 34.96 -21.32
C MET M 39 -49.39 35.91 -20.49
N HIS M 40 -48.65 35.35 -19.55
CA HIS M 40 -47.63 36.10 -18.81
C HIS M 40 -46.34 36.09 -19.58
N GLN M 41 -46.12 35.00 -20.27
CA GLN M 41 -44.88 34.76 -20.95
C GLN M 41 -45.15 33.56 -21.89
N PHE M 42 -44.33 33.38 -22.91
CA PHE M 42 -44.67 32.45 -23.96
C PHE M 42 -44.71 31.07 -23.33
N SER M 43 -45.77 30.30 -23.55
CA SER M 43 -45.86 28.95 -22.99
C SER M 43 -46.38 28.99 -21.58
N VAL M 44 -46.54 30.18 -21.01
CA VAL M 44 -46.84 30.35 -19.58
C VAL M 44 -48.05 31.22 -19.32
N TYR M 45 -49.09 30.65 -18.75
CA TYR M 45 -50.38 31.34 -18.64
C TYR M 45 -50.86 31.38 -17.21
N SER M 46 -51.70 32.36 -16.91
CA SER M 46 -52.23 32.53 -15.57
C SER M 46 -53.67 32.96 -15.59
N LYS M 47 -54.48 32.29 -14.78
CA LYS M 47 -55.89 32.64 -14.65
C LYS M 47 -56.09 33.00 -13.22
N ILE M 48 -56.62 34.19 -12.97
CA ILE M 48 -57.09 34.51 -11.61
C ILE M 48 -58.30 33.69 -11.26
N LEU M 49 -58.32 33.17 -10.05
CA LEU M 49 -59.45 32.44 -9.53
C LEU M 49 -59.88 33.02 -8.18
N LEU M 50 -61.16 32.92 -7.87
CA LEU M 50 -61.73 33.59 -6.70
C LEU M 50 -61.46 32.84 -5.39
N ASN M 51 -61.76 31.54 -5.42
CA ASN M 51 -61.77 30.66 -4.26
C ASN M 51 -61.15 29.33 -4.61
N ASP M 52 -61.01 28.43 -3.65
CA ASP M 52 -60.71 27.03 -3.94
C ASP M 52 -61.81 26.39 -4.83
N THR M 53 -63.07 26.66 -4.56
CA THR M 53 -64.16 26.04 -5.34
C THR M 53 -64.00 26.32 -6.84
N ALA M 54 -63.71 27.57 -7.18
CA ALA M 54 -63.48 27.98 -8.59
C ALA M 54 -62.36 27.16 -9.23
N ASN M 55 -61.36 26.88 -8.41
CA ASN M 55 -60.20 26.12 -8.83
C ASN M 55 -60.57 24.68 -9.14
N LYS M 56 -61.13 23.97 -8.18
CA LYS M 56 -61.47 22.57 -8.44
C LYS M 56 -62.37 22.47 -9.68
N ALA M 57 -63.17 23.52 -9.91
CA ALA M 57 -64.04 23.61 -11.08
C ALA M 57 -63.22 23.75 -12.36
N MET M 58 -62.31 24.71 -12.32
CA MET M 58 -61.38 25.00 -13.45
C MET M 58 -60.52 23.80 -13.79
N LEU M 59 -60.10 23.08 -12.77
CA LEU M 59 -59.28 21.89 -12.98
C LEU M 59 -60.07 20.83 -13.72
N ALA M 60 -61.31 20.63 -13.30
CA ALA M 60 -62.20 19.70 -13.99
C ALA M 60 -62.41 20.08 -15.46
N ARG M 61 -62.54 21.38 -15.74
CA ARG M 61 -62.72 21.85 -17.11
C ARG M 61 -61.47 21.62 -17.92
N LEU M 62 -60.33 21.84 -17.29
CA LEU M 62 -59.04 21.61 -17.95
C LEU M 62 -58.87 20.17 -18.32
N LYS M 63 -59.17 19.29 -17.38
CA LYS M 63 -59.11 17.85 -17.61
C LYS M 63 -60.00 17.43 -18.80
N GLN M 64 -61.16 18.06 -18.93
CA GLN M 64 -62.05 17.72 -20.03
C GLN M 64 -61.49 18.17 -21.34
N ASN M 65 -60.80 19.28 -21.35
CA ASN M 65 -60.17 19.80 -22.58
C ASN M 65 -58.69 19.45 -22.74
N ASN M 66 -58.31 18.36 -22.09
CA ASN M 66 -56.94 17.96 -22.10
C ASN M 66 -56.53 17.52 -23.49
N PRO M 67 -55.51 18.16 -24.06
CA PRO M 67 -54.98 17.63 -25.32
C PRO M 67 -54.02 16.59 -24.91
N GLN M 68 -54.19 15.32 -25.21
CA GLN M 68 -53.27 14.38 -24.57
C GLN M 68 -51.81 14.44 -25.11
N ARG M 69 -51.21 15.63 -25.15
CA ARG M 69 -49.89 15.88 -25.73
C ARG M 69 -48.97 16.47 -24.67
N GLY M 70 -47.67 16.33 -24.89
CA GLY M 70 -46.66 17.19 -24.25
C GLY M 70 -46.58 17.20 -22.73
N LEU M 71 -46.03 18.26 -22.18
CA LEU M 71 -45.90 18.44 -20.75
C LEU M 71 -46.71 19.67 -20.38
N ILE M 72 -47.79 19.45 -19.65
CA ILE M 72 -48.67 20.51 -19.27
C ILE M 72 -48.81 20.42 -17.76
N THR M 73 -48.66 21.54 -17.10
CA THR M 73 -48.36 21.53 -15.70
C THR M 73 -49.05 22.68 -15.01
N LEU M 74 -49.61 22.44 -13.82
CA LEU M 74 -50.29 23.51 -13.09
C LEU M 74 -49.78 23.72 -11.68
N LEU M 75 -49.77 24.98 -11.27
CA LEU M 75 -49.28 25.39 -9.96
C LEU M 75 -50.26 26.39 -9.38
N ASN M 76 -50.47 26.35 -8.08
CA ASN M 76 -51.29 27.37 -7.42
C ASN M 76 -50.47 28.39 -6.69
N VAL M 77 -50.48 29.63 -7.16
CA VAL M 77 -49.81 30.70 -6.48
C VAL M 77 -50.82 31.61 -5.74
N THR M 78 -50.45 32.09 -4.55
CA THR M 78 -51.34 32.97 -3.80
C THR M 78 -51.21 34.35 -4.39
N GLU M 79 -52.27 35.13 -4.27
CA GLU M 79 -52.26 36.51 -4.75
C GLU M 79 -51.03 37.25 -4.26
N LYS M 80 -50.77 37.11 -2.96
CA LYS M 80 -49.61 37.72 -2.29
C LYS M 80 -48.34 37.41 -3.07
N GLN M 81 -48.15 36.13 -3.36
CA GLN M 81 -46.93 35.67 -4.05
C GLN M 81 -46.86 36.27 -5.43
N PHE M 82 -47.98 36.23 -6.15
CA PHE M 82 -48.01 36.64 -7.53
C PHE M 82 -47.81 38.13 -7.69
N SER M 83 -48.37 38.92 -6.79
CA SER M 83 -48.15 40.37 -6.87
C SER M 83 -46.73 40.75 -6.45
N ARG M 84 -46.05 39.88 -5.71
CA ARG M 84 -44.63 40.10 -5.30
C ARG M 84 -43.62 39.67 -6.35
N MET M 85 -44.13 39.19 -7.46
CA MET M 85 -43.29 38.78 -8.56
C MET M 85 -42.22 39.81 -8.84
N ILE M 86 -40.97 39.40 -8.72
CA ILE M 86 -39.85 40.29 -9.00
C ILE M 86 -39.58 40.30 -10.48
N TYR M 87 -39.52 41.49 -11.06
CA TYR M 87 -39.24 41.62 -12.48
C TYR M 87 -37.79 41.96 -12.64
N LEU M 88 -36.97 40.93 -12.81
CA LEU M 88 -35.55 41.14 -12.98
C LEU M 88 -35.26 42.02 -14.18
N HIS M 89 -36.03 41.88 -15.25
CA HIS M 89 -35.96 42.81 -16.37
C HIS M 89 -37.24 42.80 -17.20
N GLY M 90 -37.61 43.96 -17.73
CA GLY M 90 -38.92 44.17 -18.38
C GLY M 90 -39.90 44.66 -17.32
N GLU M 91 -41.13 44.99 -17.71
CA GLU M 91 -42.10 45.53 -16.73
C GLU M 91 -43.45 44.83 -16.78
N GLN M 92 -44.27 45.03 -15.74
CA GLN M 92 -45.56 44.36 -15.61
C GLN M 92 -46.59 44.77 -16.64
N ASP M 93 -47.58 43.91 -16.84
CA ASP M 93 -48.76 44.15 -17.68
C ASP M 93 -49.83 44.74 -16.77
N ASN M 94 -50.29 45.95 -17.07
CA ASN M 94 -51.19 46.66 -16.17
C ASN M 94 -52.67 46.59 -16.53
N ARG M 95 -53.06 45.67 -17.39
CA ARG M 95 -54.47 45.52 -17.71
C ARG M 95 -55.24 45.09 -16.48
N VAL M 96 -56.53 45.44 -16.48
CA VAL M 96 -57.42 45.19 -15.38
C VAL M 96 -57.54 43.70 -15.20
N ALA M 97 -57.60 43.00 -16.33
CA ALA M 97 -57.73 41.52 -16.35
C ALA M 97 -56.74 40.85 -15.42
N ASN M 98 -55.60 41.53 -15.22
CA ASN M 98 -54.45 41.07 -14.44
C ASN M 98 -54.39 41.55 -12.98
N SER M 99 -55.29 42.46 -12.60
CA SER M 99 -55.46 42.84 -11.19
C SER M 99 -56.53 41.94 -10.56
N ASP M 100 -56.68 42.04 -9.26
CA ASP M 100 -57.65 41.22 -8.57
C ASP M 100 -58.67 42.07 -7.87
N GLU M 101 -58.80 43.33 -8.30
CA GLU M 101 -59.67 44.23 -7.56
C GLU M 101 -61.11 44.15 -8.08
N ARG M 102 -62.03 44.12 -7.11
CA ARG M 102 -63.46 43.90 -7.31
C ARG M 102 -64.12 45.01 -8.11
N ILE M 103 -63.79 46.25 -7.77
CA ILE M 103 -64.33 47.38 -8.49
C ILE M 103 -63.30 47.93 -9.44
N VAL M 104 -63.76 48.22 -10.65
CA VAL M 104 -62.90 48.56 -11.77
C VAL M 104 -63.47 49.74 -12.53
N PHE M 105 -62.66 50.72 -12.81
CA PHE M 105 -63.14 51.86 -13.57
C PHE M 105 -62.48 51.88 -14.92
N LEU M 106 -63.26 52.14 -15.94
CA LEU M 106 -62.69 52.38 -17.25
C LEU M 106 -62.70 53.90 -17.41
N GLY M 107 -61.72 54.50 -16.69
CA GLY M 107 -61.53 55.95 -16.54
C GLY M 107 -62.27 56.51 -15.32
N GLU M 108 -61.62 56.62 -14.16
CA GLU M 108 -62.33 56.84 -12.84
C GLU M 108 -63.29 58.04 -12.79
N TYR N 5 -38.08 27.46 3.71
CA TYR N 5 -38.17 26.22 2.85
C TYR N 5 -38.94 26.46 1.54
N MET N 6 -38.26 26.99 0.51
CA MET N 6 -38.91 27.44 -0.72
C MET N 6 -38.40 26.83 -2.00
N ARG N 7 -39.13 27.10 -3.08
CA ARG N 7 -38.61 26.91 -4.41
C ARG N 7 -38.85 28.16 -5.31
N LEU N 8 -37.78 28.66 -5.91
CA LEU N 8 -37.82 29.88 -6.66
C LEU N 8 -38.11 29.51 -8.07
N LEU N 9 -39.06 30.18 -8.68
CA LEU N 9 -39.45 29.90 -10.05
C LEU N 9 -39.04 31.04 -10.96
N LEU N 10 -38.14 30.75 -11.89
CA LEU N 10 -37.59 31.78 -12.76
C LEU N 10 -38.04 31.55 -14.19
N MET N 11 -38.62 32.60 -14.78
CA MET N 11 -39.24 32.49 -16.07
C MET N 11 -38.73 33.58 -16.98
N PHE N 12 -38.18 33.18 -18.12
CA PHE N 12 -37.74 34.18 -19.08
C PHE N 12 -38.31 34.05 -20.50
N ASP N 13 -38.36 35.20 -21.16
CA ASP N 13 -38.50 35.32 -22.61
C ASP N 13 -37.45 36.31 -23.01
N MET N 14 -36.43 35.84 -23.70
CA MET N 14 -35.30 36.68 -24.01
C MET N 14 -35.15 36.71 -25.49
N PRO N 15 -34.74 37.87 -26.01
CA PRO N 15 -34.52 38.04 -27.44
C PRO N 15 -33.32 37.26 -27.97
N THR N 16 -33.48 36.82 -29.21
CA THR N 16 -32.51 36.07 -29.98
C THR N 16 -32.08 36.88 -31.22
N ASP N 17 -32.65 38.07 -31.39
CA ASP N 17 -32.56 38.82 -32.65
C ASP N 17 -31.14 38.99 -33.12
N THR N 18 -30.23 39.44 -32.23
CA THR N 18 -28.84 39.76 -32.60
C THR N 18 -27.83 38.93 -31.81
N ALA N 19 -26.57 38.90 -32.22
CA ALA N 19 -25.61 38.00 -31.59
C ALA N 19 -25.20 38.44 -30.21
N SER N 20 -25.32 39.72 -29.90
CA SER N 20 -25.11 40.17 -28.51
C SER N 20 -26.21 39.60 -27.63
N ASP N 21 -27.44 39.68 -28.13
CA ASP N 21 -28.62 39.12 -27.48
C ASP N 21 -28.44 37.64 -27.15
N ARG N 22 -27.93 36.89 -28.11
CA ARG N 22 -27.77 35.47 -27.95
C ARG N 22 -26.67 35.19 -26.95
N LYS N 23 -25.55 35.88 -27.09
CA LYS N 23 -24.43 35.73 -26.15
C LYS N 23 -24.89 35.96 -24.71
N ALA N 24 -25.66 37.03 -24.52
CA ALA N 24 -26.19 37.40 -23.21
C ALA N 24 -27.04 36.30 -22.59
N TYR N 25 -27.86 35.67 -23.44
CA TYR N 25 -28.70 34.55 -23.04
C TYR N 25 -27.83 33.36 -22.62
N ARG N 26 -26.90 32.95 -23.46
CA ARG N 26 -26.05 31.80 -23.13
C ARG N 26 -25.28 32.01 -21.82
N LYS N 27 -24.76 33.23 -21.63
CA LYS N 27 -24.16 33.59 -20.36
C LYS N 27 -25.15 33.43 -19.21
N PHE N 28 -26.36 33.96 -19.39
CA PHE N 28 -27.38 33.93 -18.34
C PHE N 28 -27.77 32.51 -18.03
N ARG N 29 -28.06 31.75 -19.08
CA ARG N 29 -28.45 30.37 -18.88
C ARG N 29 -27.33 29.55 -18.23
N LYS N 30 -26.09 29.88 -18.54
CA LYS N 30 -24.97 29.25 -17.85
C LYS N 30 -25.00 29.60 -16.36
N PHE N 31 -25.05 30.88 -16.05
CA PHE N 31 -25.20 31.31 -14.67
C PHE N 31 -26.22 30.45 -13.95
N LEU N 32 -27.38 30.26 -14.58
CA LEU N 32 -28.46 29.51 -13.98
C LEU N 32 -28.07 28.09 -13.69
N ILE N 33 -27.36 27.46 -14.61
CA ILE N 33 -27.04 26.04 -14.45
C ILE N 33 -26.01 25.89 -13.34
N ASN N 34 -24.95 26.66 -13.46
CA ASN N 34 -23.93 26.74 -12.39
C ASN N 34 -24.54 27.02 -11.03
N GLU N 35 -25.60 27.83 -11.00
CA GLU N 35 -26.23 28.13 -9.73
C GLU N 35 -27.17 27.02 -9.21
N GLY N 36 -27.38 26.00 -10.01
CA GLY N 36 -28.14 24.83 -9.59
C GLY N 36 -29.61 24.92 -9.90
N PHE N 37 -29.98 25.72 -10.88
CA PHE N 37 -31.36 25.80 -11.31
C PHE N 37 -31.58 24.58 -12.15
N ILE N 38 -32.81 24.10 -12.11
CA ILE N 38 -33.24 22.99 -12.94
C ILE N 38 -34.28 23.45 -13.97
N MET N 39 -34.04 23.10 -15.24
CA MET N 39 -35.05 23.32 -16.25
C MET N 39 -36.22 22.42 -15.94
N HIS N 40 -37.35 23.00 -15.59
CA HIS N 40 -38.58 22.27 -15.46
C HIS N 40 -39.26 22.15 -16.82
N GLN N 41 -39.08 23.19 -17.60
CA GLN N 41 -39.77 23.36 -18.84
C GLN N 41 -39.08 24.55 -19.58
N PHE N 42 -39.24 24.67 -20.88
CA PHE N 42 -38.28 25.42 -21.66
C PHE N 42 -37.76 26.78 -21.24
N SER N 43 -38.60 27.72 -21.00
CA SER N 43 -38.07 29.00 -20.62
C SER N 43 -38.23 29.13 -19.10
N VAL N 44 -38.37 28.00 -18.43
CA VAL N 44 -38.83 27.95 -17.03
C VAL N 44 -37.92 27.14 -16.10
N TYR N 45 -37.33 27.79 -15.10
CA TYR N 45 -36.34 27.18 -14.25
C TYR N 45 -36.73 27.26 -12.79
N SER N 46 -36.21 26.35 -11.99
CA SER N 46 -36.50 26.33 -10.56
C SER N 46 -35.27 25.97 -9.77
N LYS N 47 -35.01 26.72 -8.71
CA LYS N 47 -33.91 26.44 -7.78
C LYS N 47 -34.54 26.24 -6.40
N ILE N 48 -34.28 25.09 -5.79
CA ILE N 48 -34.66 24.87 -4.39
C ILE N 48 -33.76 25.72 -3.47
N LEU N 49 -34.37 26.46 -2.54
CA LEU N 49 -33.64 27.34 -1.61
C LEU N 49 -34.08 27.10 -0.20
N LEU N 50 -33.11 27.06 0.71
CA LEU N 50 -33.35 26.42 1.98
C LEU N 50 -33.99 27.33 3.03
N ASN N 51 -33.44 28.53 3.18
CA ASN N 51 -33.90 29.47 4.21
C ASN N 51 -33.90 30.84 3.56
N ASP N 52 -34.23 31.86 4.34
CA ASP N 52 -34.36 33.21 3.79
C ASP N 52 -33.02 33.82 3.37
N THR N 53 -31.96 33.56 4.13
CA THR N 53 -30.64 34.04 3.76
C THR N 53 -30.25 33.60 2.37
N ALA N 54 -30.42 32.30 2.08
CA ALA N 54 -30.09 31.72 0.77
C ALA N 54 -30.80 32.50 -0.33
N ASN N 55 -32.04 32.87 -0.06
CA ASN N 55 -32.87 33.57 -1.00
C ASN N 55 -32.34 34.98 -1.25
N LYS N 56 -32.25 35.80 -0.21
CA LYS N 56 -31.80 37.19 -0.41
C LYS N 56 -30.45 37.16 -1.13
N ALA N 57 -29.68 36.10 -0.84
CA ALA N 57 -28.34 35.92 -1.41
C ALA N 57 -28.44 35.65 -2.89
N MET N 58 -29.28 34.68 -3.23
CA MET N 58 -29.56 34.29 -4.63
C MET N 58 -30.10 35.44 -5.46
N LEU N 59 -30.98 36.23 -4.86
CA LEU N 59 -31.58 37.36 -5.54
C LEU N 59 -30.49 38.37 -5.88
N ALA N 60 -29.61 38.65 -4.91
CA ALA N 60 -28.51 39.56 -5.14
C ALA N 60 -27.59 39.08 -6.27
N ARG N 61 -27.34 37.78 -6.33
CA ARG N 61 -26.47 37.22 -7.36
C ARG N 61 -27.12 37.34 -8.73
N LEU N 62 -28.44 37.11 -8.76
CA LEU N 62 -29.19 37.21 -9.99
C LEU N 62 -29.11 38.62 -10.53
N LYS N 63 -29.36 39.58 -9.63
CA LYS N 63 -29.28 41.01 -9.99
C LYS N 63 -27.92 41.39 -10.56
N GLN N 64 -26.85 40.82 -10.01
CA GLN N 64 -25.53 41.09 -10.53
C GLN N 64 -25.31 40.50 -11.91
N ASN N 65 -25.89 39.34 -12.17
CA ASN N 65 -25.74 38.69 -13.47
C ASN N 65 -26.91 38.96 -14.42
N ASN N 66 -27.58 40.07 -14.17
CA ASN N 66 -28.76 40.41 -14.93
C ASN N 66 -28.35 40.73 -16.36
N PRO N 67 -28.94 40.04 -17.34
CA PRO N 67 -28.52 40.31 -18.72
C PRO N 67 -29.10 41.55 -19.35
N GLN N 68 -29.98 42.23 -18.65
CA GLN N 68 -30.64 43.43 -19.16
C GLN N 68 -31.43 43.30 -20.48
N ARG N 69 -31.86 42.10 -20.80
CA ARG N 69 -32.43 41.84 -22.11
C ARG N 69 -33.93 41.75 -22.10
N GLY N 70 -34.47 40.62 -21.67
CA GLY N 70 -35.84 40.37 -22.06
C GLY N 70 -36.86 40.61 -20.97
N LEU N 71 -37.73 39.63 -20.79
CA LEU N 71 -38.67 39.64 -19.71
C LEU N 71 -38.26 38.47 -18.82
N ILE N 72 -37.74 38.79 -17.64
CA ILE N 72 -37.20 37.81 -16.74
C ILE N 72 -37.90 38.06 -15.44
N THR N 73 -38.41 37.00 -14.84
CA THR N 73 -39.42 37.14 -13.82
C THR N 73 -39.25 36.06 -12.77
N LEU N 74 -39.41 36.43 -11.50
CA LEU N 74 -39.22 35.46 -10.40
C LEU N 74 -40.41 35.36 -9.47
N LEU N 75 -40.67 34.14 -9.01
CA LEU N 75 -41.78 33.87 -8.13
C LEU N 75 -41.28 33.00 -7.01
N ASN N 76 -41.74 33.23 -5.77
CA ASN N 76 -41.42 32.34 -4.63
C ASN N 76 -42.56 31.43 -4.23
N VAL N 77 -42.42 30.17 -4.54
CA VAL N 77 -43.45 29.22 -4.23
C VAL N 77 -42.95 28.45 -3.01
N THR N 78 -43.85 28.04 -2.12
CA THR N 78 -43.41 27.21 -1.00
C THR N 78 -43.21 25.79 -1.51
N GLU N 79 -42.26 25.06 -0.93
CA GLU N 79 -41.99 23.74 -1.48
C GLU N 79 -43.24 22.89 -1.39
N LYS N 80 -44.04 23.09 -0.34
CA LYS N 80 -45.29 22.39 -0.26
C LYS N 80 -46.17 22.66 -1.47
N GLN N 81 -46.25 23.92 -1.89
CA GLN N 81 -47.07 24.29 -3.04
C GLN N 81 -46.53 23.62 -4.29
N PHE N 82 -45.23 23.68 -4.43
CA PHE N 82 -44.58 23.15 -5.61
C PHE N 82 -44.66 21.63 -5.67
N SER N 83 -44.58 20.96 -4.52
CA SER N 83 -44.72 19.53 -4.48
C SER N 83 -46.08 19.18 -5.04
N ARG N 84 -47.07 19.99 -4.68
CA ARG N 84 -48.47 19.65 -4.96
C ARG N 84 -48.82 19.83 -6.44
N MET N 85 -47.81 20.22 -7.22
CA MET N 85 -47.95 20.47 -8.66
C MET N 85 -48.67 19.38 -9.39
N ILE N 86 -49.63 19.82 -10.20
CA ILE N 86 -50.52 18.93 -10.92
C ILE N 86 -50.05 18.75 -12.33
N TYR N 87 -49.89 17.49 -12.72
CA TYR N 87 -49.38 17.19 -14.03
C TYR N 87 -50.55 16.89 -14.91
N LEU N 88 -51.06 17.91 -15.59
CA LEU N 88 -52.20 17.72 -16.47
C LEU N 88 -51.87 16.73 -17.58
N HIS N 89 -50.65 16.77 -18.10
CA HIS N 89 -50.16 15.69 -18.95
C HIS N 89 -48.63 15.64 -18.88
N GLY N 90 -48.10 14.43 -18.99
CA GLY N 90 -46.66 14.19 -18.94
C GLY N 90 -46.40 13.79 -17.54
N GLU N 91 -45.16 13.44 -17.23
CA GLU N 91 -44.87 12.91 -15.90
C GLU N 91 -43.72 13.62 -15.25
N GLN N 92 -43.62 13.46 -13.94
CA GLN N 92 -42.68 14.21 -13.14
C GLN N 92 -41.23 13.87 -13.42
N ASP N 93 -40.38 14.83 -13.08
CA ASP N 93 -38.95 14.76 -13.18
C ASP N 93 -38.51 14.19 -11.87
N ASN N 94 -37.99 12.97 -11.90
CA ASN N 94 -37.65 12.26 -10.67
C ASN N 94 -36.19 12.40 -10.25
N ARG N 95 -35.46 13.33 -10.81
CA ARG N 95 -34.10 13.50 -10.38
C ARG N 95 -34.10 13.91 -8.96
N VAL N 96 -33.01 13.57 -8.28
CA VAL N 96 -32.89 13.81 -6.85
C VAL N 96 -32.83 15.30 -6.63
N ALA N 97 -32.10 15.96 -7.53
CA ALA N 97 -31.94 17.41 -7.51
C ALA N 97 -33.26 18.19 -7.32
N ASN N 98 -34.33 17.54 -7.79
CA ASN N 98 -35.69 18.07 -7.79
C ASN N 98 -36.60 17.65 -6.61
N SER N 99 -36.12 16.74 -5.76
CA SER N 99 -36.81 16.42 -4.52
C SER N 99 -36.25 17.30 -3.40
N ASP N 100 -36.85 17.21 -2.23
CA ASP N 100 -36.39 17.96 -1.07
C ASP N 100 -35.98 17.04 0.03
N GLU N 101 -35.64 15.80 -0.32
CA GLU N 101 -35.36 14.82 0.67
C GLU N 101 -33.91 14.86 1.13
N ARG N 102 -33.76 14.78 2.45
CA ARG N 102 -32.50 14.84 3.18
C ARG N 102 -31.62 13.66 2.84
N ILE N 103 -32.21 12.48 2.88
CA ILE N 103 -31.49 11.26 2.62
C ILE N 103 -31.76 10.78 1.21
N VAL N 104 -30.68 10.46 0.51
CA VAL N 104 -30.72 10.18 -0.92
C VAL N 104 -29.85 8.98 -1.21
N PHE N 105 -30.37 8.02 -1.94
CA PHE N 105 -29.56 6.88 -2.31
C PHE N 105 -29.30 6.90 -3.81
N LEU N 106 -28.07 6.63 -4.20
CA LEU N 106 -27.76 6.44 -5.61
C LEU N 106 -27.72 4.95 -5.84
N GLY N 107 -28.95 4.40 -5.90
CA GLY N 107 -29.26 2.98 -6.12
C GLY N 107 -29.43 2.22 -4.83
N GLU N 108 -30.60 1.73 -4.48
CA GLU N 108 -30.62 1.02 -3.21
C GLU N 108 -31.61 -0.14 -3.17
MG MG Q . 47.96 -28.75 -7.69
MG MG R . 53.15 -30.85 -6.16
MG MG S . -42.67 26.33 -22.59
MG MG T . -40.56 31.64 -22.22
#